data_6RQT
#
_entry.id   6RQT
#
_cell.length_a   1.00
_cell.length_b   1.00
_cell.length_c   1.00
_cell.angle_alpha   90.00
_cell.angle_beta   90.00
_cell.angle_gamma   90.00
#
_symmetry.space_group_name_H-M   'P 1'
#
loop_
_entity.id
_entity.type
_entity.pdbx_description
1 polymer 'Template strand'
2 polymer 'Nontemplate strand'
3 polymer 'DNA-directed RNA polymerase I subunit RPA190'
4 polymer 'DNA-directed RNA polymerase I subunit RPA135'
5 polymer 'DNA-directed RNA polymerases I and III subunit RPAC1'
6 polymer 'DNA-directed RNA polymerase I subunit RPA14'
7 polymer 'DNA-directed RNA polymerases I, II, and III subunit RPABC1'
8 polymer 'DNA-directed RNA polymerases I, II, and III subunit RPABC2'
9 polymer 'DNA-directed RNA polymerase I subunit RPA43'
10 polymer 'DNA-directed RNA polymerases I, II, and III subunit RPABC3'
11 polymer 'DNA-directed RNA polymerase I subunit RPA12'
12 polymer 'DNA-directed RNA polymerases I, II, and III subunit RPABC5'
13 polymer 'DNA-directed RNA polymerases I and III subunit RPAC2'
14 polymer 'DNA-directed RNA polymerases I, II, and III subunit RPABC4'
15 polymer 'DNA-directed RNA polymerase I subunit RPA49'
16 polymer 'DNA-directed RNA polymerase I subunit RPA34'
17 polymer 'RNA polymerase I-specific transcription initiation factor RRN3'
18 non-polymer 'ZINC ION'
#
loop_
_entity_poly.entity_id
_entity_poly.type
_entity_poly.pdbx_seq_one_letter_code
_entity_poly.pdbx_strand_id
1 'polydeoxyribonucleotide'
;(DG)(DT)(DC)(DT)(DT)(DC)(DA)(DA)(DC)(DT)(DG)(DC)(DT)(DT)(DT)(DC)(DG)(DC)(DA)(DT)
(DG)(DA)(DA)(DG)(DT)(DA)(DC)(DC)(DT)(DC)(DC)(DC)(DA)(DA)(DC)(DT)(DA)(DC)(DT)(DT)
(DT)(DT)(DC)(DC)(DT)(DC)(DA)(DC)(DA)(DC)(DT)(DT)(DG)(DT)(DA)(DC)(DT)(DC)(DC)(DA)
(DT)(DG)(DA)(DC)(DT)(DA)(DA)(DA)(DC)(DC)
;
T
2 'polydeoxyribonucleotide'
;(DG)(DG)(DT)(DT)(DT)(DA)(DG)(DT)(DC)(DA)(DT)(DG)(DG)(DA)(DG)(DT)(DA)(DC)(DA)(DA)
(DG)(DT)(DG)(DT)(DG)(DA)(DG)(DG)(DA)(DA)(DA)(DA)(DG)(DT)(DA)(DG)(DT)(DT)(DG)(DG)
(DC)(DG)(DT)(DA)(DG)(DC)(DA)(DG)(DG)(DA)(DG)(DA)(DA)(DG)(DT)(DA)(DA)(DA)(DG)(DC)
(DA)(DG)(DT)(DT)(DG)(DA)(DA)(DG)(DA)(DC)
;
U
3 'polypeptide(L)'
;MDISKPVGSEITSVDFGILTAKEIRNLSAKQITNPTVLDNLGHPVSGGLYDLALGAFLRNLCSTCGLDEKFCPGHQGHIE
LPVPCYNPLFFNQLYIYLRASCLFCHHFRLKSVEVHRYACKLRLLQYGLIDESYKLDEITLGSLNSSMYTDDEAIEDNED
EMDGEGSKQSKDISSTLLNELKSKRSEYVDMAIAKALSDGRTTERGSFTATVNDERKKLVHEFHKKLLSRGKCDNCGMFS
PKFRKDGFTKIFETALNEKQITNNRVKGFIRQDMIKKQKQAKKLDGSNEASANDEESFDVGRNPTTRPKTGSTYILSTEV
KNILDTVFRKEQCVLQYVFHSRPNLSRKLVKADSFFMDVLVVPPTRFRLPSKLGEEVHENSQNQLLSKVLTTSLLIRDLN
DDLSKLQKDKVSLEDRRVIFSRLMNAFVTIQNDVNAFIDSTKAQGRTSGKVPIPGVKQALEKKEGLFRKHMMGKRVNYAA
RSVISPDPNIETNEIGVPPVFAVKLTYPEPVTAYNIAELRQAVINGPDKWPGATQIQNEDGSLVSLIGMSVEQRKALANQ
LLTPSSNVSTHTLNKKVYRHIKNRDVVLMNRQPTLHKASMMGHKVRVLPNEKTLRLHYANTGAYNADFDGDEMNMHFPQN
ENARAEALNLANTDSQYLTPTSGSPVRGLIQDHISAGVWLTSKDSFFTREQYQQYIYGCIRPEDGHTTRSKIVTLPPTIF
KPYPLWTGKQIITTVLLNVTPPDMPGINLISKNKIKNEYWGKGSLENEVLFKDGALLCGILDKSQYGASKYGIVHSLHEV
YGPEVAAKVLSVLGRLFTNYITATAFTCGMDDLRLTAEGNKWRTDILKTSVDTGREAAAEVTNLDKDTPADDPELLKRLQ
EILRDNNKSGILDAVTSSKVNAITSQVVSKCVPDGTMKKFPCNSMQAMALSGAKGSNVNVSQIMCLLGQQALEGRRVPVM
VSGKTLPSFKPYETDAMAGGYVKGRFYSGIKPQEYYFHCMAGREGLIDTAVKTSRSGYLQRCLTKQLEGVHVSYDNSIRD
ADGTLVQFMYGGDAIDITKESHMTQFEFCLDNYYALLKKYNPSALIEHLDVESALKYSKKTLKYRKKHSKEPHYKQSVKY
DPVLAKYNPAKYLGSVSENFQDKLESFLDKNSKLFKSSDGVNEKKFRALMQLKYMRSLINPGEAVGIIASQSVGEPSTQM
TLNTFHFAGHGAANVTLGIPRLREIVMTASAAIKTPQMTLPIWNDVSDEQADTFCKSISKVLLSEVIDKVIVTETTGTSN
TAGGNAARSYVIHMRFFDNNEYSEEYDVSKEELQNVISNQFIHLLEAAIVKEIKKQKRTTGPDIGVAVPRLQTDVANSSS
NSKRLEEDNDEEQSHKKTKQAVSYDEPDEDEIETMREAEKSSDEEGIDSDKESDSDSEDEDVDMNEQINKSIVEANNNMN
KVQRDRQSAIISHHRFITKYNFDDESGKWCEFKLELAADTEKLLMVNIVEEICRKSIIRQIPHIDRCVHPEPENGKRVLV
TEGVNFQAMWDQEAFIDVDGITSNDVAAVLKTYGVEAARNTIVNEINNVFSRYAISVSFRHLDLIADMMTRQGTYLAFNR
QGMETSTSSFMKMSYETTCQFLTKAVLDNEREQLDSPSARIVVGKLNNVGTGSFDVLAKVPNAA
;
A
4 'polypeptide(L)'
;MSKVIKPPGQARTADFRTLERESRFINPPKDKSAFPLLQEAVQPHIGSFNALTEGPDGGLLNLGVKDIGEKVIFDGKPLN
SEDEISNSGYLGNKLSVSVEQVSIAKPMSNDGVSSAVERKVYPSESRQRLTSYRGKLLLKLKWSVNNGEENLFEVRDCGG
LPVMLQSNRCHLNKMSPYELVQHKEESDEIGGYFIVNGIEKLIRMLIVQRRNHPMAIIRPSFANRGASYSHYGIQIRSVR
PDQTSQTNVLHYLNDGQVTFRFSWRKNEYLVPVVMILKALCHTSDREIFDGIIGNDVKDSFLTDRLELLLRGFKKRYPHL
QNRTQVLQYLGDKFRVVFQASPDQSDLEVGQEVLDRIVLVHLGKDGSQDKFRMLLFMIRKLYSLVAGECSPDNPDATQHQ
EVLLGGFLYGMILKEKIDEYLQNIIAQVRMDINRGMAINFKDKRYMSRVLMRVNENIGSKMQYFLSTGNLVSQSGLDLQQ
VSGYTVVAEKINFYRFISHFRMVHRGSFFAQLKTTTVRKLLPESWGFLCPVHTPDGSPCGLLNHFAHKCRISTQQSDVSR
IPSILYSLGVAPASHTFAAGPSLCCVQIDGKIIGWVSHEQGKIIADTLRYWKVEGKTPGLPIDLEIGYVPPSTRGQYPGL
YLFGGHSRMLRPVRYLPLDKEDIVGPFEQVYMNIAVTPQEIQNNVHTHVEFTPTNILSILANLTPFSDFNQSPRNMYQCQ
MGKQTMGTPGVALCHRSDNKLYRLQTGQTPIVKANLYDDYGMDNFPNGFNAVVAVISYTGYDMDDAMIINKSADERGFGY
GTMYKTEKVDLALNRNRGDPITQHFGFGNDEWPKEWLEKLDEDGLPYIGTYVEEGDPICAYFDDTLNKTKIKTYHSSEPA
YIEEVNLIGDESNKFQELQTVSIKYRIRRTPQIGDKFSSRHGQKGVCSRKWPTIDMPFSETGIQPDIIINPHAFPSRMTI
GMFVESLAGKAGALHGIAQDSTPWIFNEDDTPADYFGEQLAKAGYNYHGNEPMYSGATGEELRADIYVGVVYYQRLRHMV
NDKFQVRSTGPVNSLTMQPVKGRKRHGGIRVGEMERDALIGHGTSFLLQDRLLNSSDYTQASVCRECGSILTTQQSVPRI
GSISTVCCRRCSMRFEDAKKLLTKSEDGEKIFIDDSQIWEDGQGNKFVGGNETTTVAIPFVLKYLDSELSAMGIRLRYNV
EPK
;
B
5 'polypeptide(L)'
;MSNIVGIEYNRVTNTTSTDFPGFSKDAENEWNVEKFKKDFEVNISSLDAREANFDLINIDTSIANAFRRIMISEVPSVAA
EYVYFFNNTSVIQDEVLAHRIGLVPLKVDPDMLTWVDSNLPDDEKFTDENTIVLSLNVKCTRNPDAPKGSTDPKELYNNA
HVYARDLKFEPQGRQSTTFADCPVVPADPDILLAKLRPGQEISLKAHCILGIGGDHAKFSPVSTASYRLLPQINILQPIK
GESARRFQKCFPPGVIGIDEGSDEAYVKDARKDTVSREVLRYEEFADKVKLGRVRNHFIFNVESAGAMTPEEIFFKSVRI
LKNKAEYLKNCPITQ
;
C
6 'polypeptide(L)'
;MMKGSRRTGNNTATTLNTPVVIHATQLPQHVSTDEVLQFLESFIDEKENIIDSTTMNTISGNAADADAAAVANTSLNIDT
NLSSSISQLKRIQRDFKGLPPAQDFSAAPIQVSTTEKKETSIGVSATGGKKTTFADE
;
D
7 'polypeptide(L)'
;MDQENERNISRLWRAFRTVKEMVKDRGYFITQEEVELPLEDFKAKYCDSMGRPQRKMMSFQANPTEESISKFPDMGSLWV
EFCDEPSVGVKTMKTFVIHIQEKNFQTGIFVYQNNITPSAMKLVPSIPPATIETFNEAALVVNITHHELVPKHIRLSSDE
KRELLKRYRLKESQLPRIQRADPVALYLGLKRGEVVKIIRKSETSGRYASYRICM
;
E
8 'polypeptide(L)'
;MSDYEEAFNDGNENFEDFDVEHFSDEETYEEKPQFKDGETTDANGKTIVTGGNGPEDFQQHEQIRRKTLKEKAIPKDQRA
TTPYMTKYERARILGTRALQISMNAPVFVDLEGETDPLRIAMKELAEKKIPLVIRRYLPDGSFEDWSVEELIVDL
;
F
9 'polypeptide(L)'
;MSQVKRANENRETARFIKKHKKQVTNPIDEKNGTSNCIVRVPIALYVSLAPMYLENPLQGVMKQHLNPLVMKYNNKVGGV
VLGYEGLKILDADPLSKEDTSEKLIKITPDTPFGFTWCHVNLYVWQPQVGDVLEGYIFIQSASHIGLLIHDAFNASIKKN
NIPVDWTFVHNDVEEDADVINTDENNGNNNNEDNKDSNGGSNSLGKFSFGNRSLGHWVDSNGEPIDGKLRFTVRNVHTTG
RVVSVDGTLISDADEEGNGYNSSRSQAESLPIVSNKKIVFDDEVSIENKESHKELDLPEVKEDNGSEIVYEENTSESNDG
ESSDSD
;
G
10 'polypeptide(L)'
;MSNTLFDDIFQVSEVDPGRYNKVCRIEAASTTQDQCKLTLDINVELFPVAAQDSLTVTIASSLNLEDTPANDSSATRSWR
PPQAGDRSLADDYDYVMYGTAYKFEEVSKDLIAVYYSFGGLLMRLEGNYRNLNNLKQENAYLLIRR
;
H
11 'polypeptide(L)'
;MSVVGSLIFCLDCGDLLENPNAVLGSNVECSQCKAIYPKSQFSNLKVVTTTADDAFPSSLRAKKSVVKTSLKKNELKDGA
TIKEKCPQCGNEEMNYHTLQLRSADEGATVFYTCTSCGYKFRTNN
;
I
12 'polypeptide(L)' MIVPVRCFSCGKVVGDKWESYLNLLQEDELDEGTALSRLGLKRYCCRRMILTHVDLIEKFLRYNPLEKRD J
13 'polypeptide(L)'
;MTEDIEQKKTATEVTPQEPKHIQEEEEQDVDMTGDEEQEEEPDREKIKLLTQATSEDGTSASFQIVEEDHTLGNALRYVI
MKNPDVEFCGYSIPHPSENLLNIRIQTYGETTAVDALQKGLKDLMDLCDVVESKFTEKIKSM
;
K
14 'polypeptide(L)' MSREGFQIPTNLDAAAAGTSQARTATLKYICAECSSKLSLSRTDAVRCKDCGHRILLKARTKRLVQFEAR L
15 'polypeptide(L)'
;MSVKRSVSEIEIESVQDQPSVAVGSFFKGFRAPSDTTFDLYKKKKSEKDEFVLHGENERLEYEGYTDSSSQASNQYVVGL
FNPEKKSIQLYKAPVLVSKVVSKSSKNLRGPKIKSKSDTRPSALRNALGEAFGTKKAKKAIADLERNRIDSDKLTDSAID
IVDSVRTASKDLPTRAQLDEITSNDRPTPLANIDATDVEQIYPIESIIPKKELQFIRVSSILKEADKEKKLELFPYQNNS
KYVAKKLDSLTQPSQMTKLQLLYYLSLLLGVYENRRVNNKTKLLERLNSPPEILVDGILSRFTVIKPGQFGRSKDRSYFI
DPQNEDKILCYILAIIMHLDNFIVEITPLAHELNLKPSKVVSLFRVLGAIVKGATVAQAEAFGIPKSTAASYKIATMKVP
FKLPEMTRRGRGPRR
;
M
16 'polypeptide(L)'
;MSKLSKDYVSDSDSDDEVISNEFSIPDGFKKCKHLKNFPLNGDNKKKAKQQQVWLIKFPSNVDISKLKSLPVDFESSTTM
TIDKHDYKIMDDTDIESSLTQDNLSNMTLLVPSESKESLKIASTAKDNAPLQFDKVFSVSETAKIPAIDYSKVRVPRKDV
PKVEGLKLEHFATGYDAEDFHVAEEVKENKKEPKKRSHHDDEEESSEKKKKKKEKREKREKKDKKDKKKKHRD
;
N
17 'polypeptide(L)'
;MMAFENTSKRPPQDFVAPIDQKKRKVQFSDSTGLVTLQPEEIKDEVFSAAMYSRFVKSALDDLDKNDSTQIGIIANQVAL
PSKNPERINDKNLNILLDILSSNINRIESSRGTFLIQSIINFEKWWELPPHTLSKYIYFIKILCSSIPKWWQDVSMILVS
CFILPIKQTVCHHDMLKYFLRMIPSSMGFIDTYLAKFFPNKNDTRRKLVNYTSNLLKLRGYCSELGFQIWSLLIEKIISI
DVELQNELDELDDDVDDDDLEEVDLEDDDDLDDDSGDDDDENCGNSNEELRSGAADGSQSDSEDMDIIEGMDGTEEYNVE
LTQGIKELSTKLDSILTLVSTHVEEQVTPESLESGEGVGVFNTLTTLFKTHVLPTYYTRSIQYIMFHVSQQQLELMDSFL
VTLIDISFAVNEAAEKKIKSLQYLGSYIARAKKLSRTQIIFVASYLTSWLNRYVIEREEEVDQRGGMERFKHFYAAFQAL
CYIFCFRHNIFRDTDGNWECELDKFFQRMVISKFNPLKFCNENVMLMFARIAQQESVAYCFSIIENNNNERLRGIIGKAD
SDKKENSAQANTTSSSWSLATRQQFIDLQSYFPYDPLFLKNYKILMKEYYIEWSEASGEYESDGSDD
;
O
#
loop_
_chem_comp.id
_chem_comp.type
_chem_comp.name
_chem_comp.formula
DA DNA linking 2'-DEOXYADENOSINE-5'-MONOPHOSPHATE 'C10 H14 N5 O6 P'
DC DNA linking 2'-DEOXYCYTIDINE-5'-MONOPHOSPHATE 'C9 H14 N3 O7 P'
DG DNA linking 2'-DEOXYGUANOSINE-5'-MONOPHOSPHATE 'C10 H14 N5 O7 P'
DT DNA linking THYMIDINE-5'-MONOPHOSPHATE 'C10 H15 N2 O8 P'
ZN non-polymer 'ZINC ION' 'Zn 2'
#
# COMPACT_ATOMS: atom_id res chain seq x y z
N MET C 1 24.15 -2.89 -8.21
CA MET C 1 25.14 -1.90 -8.56
C MET C 1 26.27 -1.81 -7.56
N ASP C 2 27.49 -2.00 -8.03
CA ASP C 2 28.66 -1.92 -7.19
C ASP C 2 29.65 -0.92 -7.79
N ILE C 3 30.45 -0.34 -6.90
CA ILE C 3 31.54 0.52 -7.34
C ILE C 3 32.61 -0.26 -8.08
N SER C 4 32.78 -1.54 -7.79
CA SER C 4 33.82 -2.33 -8.43
C SER C 4 33.48 -2.72 -9.85
N LYS C 5 32.26 -2.46 -10.30
CA LYS C 5 31.90 -2.63 -11.70
C LYS C 5 31.54 -1.30 -12.32
N PRO C 6 32.33 -0.79 -13.25
CA PRO C 6 31.97 0.44 -13.97
C PRO C 6 31.03 0.12 -15.14
N VAL C 7 30.73 1.16 -15.91
CA VAL C 7 29.97 1.02 -17.14
C VAL C 7 30.44 2.12 -18.09
N GLY C 8 30.74 1.74 -19.33
CA GLY C 8 31.42 2.66 -20.21
C GLY C 8 30.52 3.36 -21.21
N SER C 9 29.20 3.32 -21.00
CA SER C 9 28.26 3.95 -21.90
C SER C 9 26.96 4.23 -21.16
N GLU C 10 26.02 4.83 -21.87
CA GLU C 10 24.75 5.28 -21.29
C GLU C 10 23.64 4.97 -22.28
N ILE C 11 22.47 5.56 -22.05
CA ILE C 11 21.34 5.55 -22.98
C ILE C 11 20.86 6.99 -23.13
N THR C 12 20.61 7.41 -24.37
CA THR C 12 20.16 8.79 -24.61
C THR C 12 18.68 8.95 -24.87
N SER C 13 18.02 8.01 -25.53
CA SER C 13 16.73 8.34 -26.11
C SER C 13 15.94 7.08 -26.39
N VAL C 14 14.88 7.23 -27.20
CA VAL C 14 13.98 6.14 -27.54
C VAL C 14 13.66 6.30 -29.02
N ASP C 15 13.13 5.24 -29.61
CA ASP C 15 12.67 5.28 -30.99
C ASP C 15 11.62 4.20 -31.16
N PHE C 16 10.68 4.43 -32.07
CA PHE C 16 9.52 3.57 -32.23
C PHE C 16 9.55 2.89 -33.61
N GLY C 17 8.56 2.05 -33.85
CA GLY C 17 8.47 1.29 -35.08
C GLY C 17 7.23 0.42 -35.06
N ILE C 18 7.05 -0.32 -36.15
CA ILE C 18 5.82 -1.08 -36.41
C ILE C 18 6.16 -2.28 -37.27
N LEU C 19 5.58 -3.43 -36.93
CA LEU C 19 6.14 -4.75 -37.29
C LEU C 19 5.96 -5.08 -38.77
N THR C 20 7.08 -5.18 -39.47
CA THR C 20 7.15 -5.44 -40.89
C THR C 20 7.69 -6.85 -41.11
N ALA C 21 7.35 -7.44 -42.25
CA ALA C 21 7.82 -8.78 -42.57
C ALA C 21 9.32 -8.83 -42.89
N LYS C 22 9.97 -7.70 -43.17
CA LYS C 22 11.40 -7.75 -43.46
C LYS C 22 12.20 -8.08 -42.21
N GLU C 23 11.77 -7.55 -41.07
CA GLU C 23 12.50 -7.73 -39.82
C GLU C 23 12.08 -8.99 -39.08
N ILE C 24 11.47 -9.95 -39.77
CA ILE C 24 11.24 -11.26 -39.19
C ILE C 24 12.33 -12.25 -39.60
N ARG C 25 13.26 -11.84 -40.47
CA ARG C 25 14.24 -12.79 -40.95
C ARG C 25 15.30 -13.05 -39.90
N ASN C 26 15.89 -11.98 -39.35
CA ASN C 26 17.01 -12.10 -38.44
C ASN C 26 16.62 -11.90 -36.99
N LEU C 27 15.34 -11.87 -36.67
CA LEU C 27 14.97 -11.51 -35.31
C LEU C 27 14.99 -12.71 -34.36
N SER C 28 15.01 -13.94 -34.89
CA SER C 28 14.82 -15.10 -34.02
C SER C 28 15.76 -16.24 -34.36
N ALA C 29 15.45 -17.43 -33.81
CA ALA C 29 16.20 -18.64 -34.07
C ALA C 29 15.38 -19.77 -34.66
N LYS C 30 14.07 -19.85 -34.38
CA LYS C 30 13.27 -20.94 -34.93
C LYS C 30 11.81 -20.52 -34.96
N GLN C 31 11.09 -21.08 -35.93
CA GLN C 31 9.64 -20.92 -36.06
C GLN C 31 8.92 -21.51 -34.86
N ILE C 32 7.67 -21.09 -34.71
CA ILE C 32 6.73 -21.68 -33.75
C ILE C 32 5.39 -21.83 -34.47
N THR C 33 4.98 -23.07 -34.72
CA THR C 33 3.70 -23.34 -35.39
C THR C 33 2.93 -24.51 -34.78
N ASN C 34 3.58 -25.44 -34.05
CA ASN C 34 2.87 -26.59 -33.49
C ASN C 34 2.00 -26.17 -32.32
N PRO C 35 0.75 -26.67 -32.23
CA PRO C 35 -0.24 -26.10 -31.30
C PRO C 35 0.06 -26.27 -29.82
N THR C 36 0.17 -27.51 -29.35
CA THR C 36 0.43 -27.72 -27.95
C THR C 36 1.91 -27.46 -27.66
N VAL C 37 2.24 -27.37 -26.38
CA VAL C 37 3.53 -26.86 -25.95
C VAL C 37 4.45 -27.98 -25.47
N LEU C 38 3.92 -28.94 -24.73
CA LEU C 38 4.66 -30.15 -24.39
C LEU C 38 3.66 -31.26 -24.17
N ASP C 39 4.01 -32.44 -24.61
CA ASP C 39 3.15 -33.61 -24.52
C ASP C 39 3.33 -34.27 -23.16
N ASN C 40 2.97 -35.54 -23.08
CA ASN C 40 3.31 -36.38 -21.95
C ASN C 40 4.83 -36.63 -21.90
N LEU C 41 5.29 -37.42 -20.93
CA LEU C 41 6.71 -37.87 -20.93
C LEU C 41 7.66 -36.81 -20.33
N GLY C 42 7.20 -35.56 -20.24
CA GLY C 42 7.94 -34.52 -19.56
C GLY C 42 8.80 -33.64 -20.44
N HIS C 43 9.06 -34.02 -21.66
CA HIS C 43 9.92 -33.17 -22.46
C HIS C 43 9.13 -32.00 -23.04
N PRO C 44 9.74 -30.82 -23.12
CA PRO C 44 9.21 -29.77 -23.99
C PRO C 44 9.58 -30.11 -25.42
N VAL C 45 8.61 -30.00 -26.33
CA VAL C 45 8.85 -30.43 -27.70
C VAL C 45 9.75 -29.42 -28.39
N SER C 46 10.60 -29.89 -29.30
CA SER C 46 11.47 -28.96 -30.00
C SER C 46 10.76 -28.44 -31.24
N GLY C 47 11.12 -27.23 -31.64
CA GLY C 47 10.30 -26.49 -32.57
C GLY C 47 8.95 -26.18 -31.96
N GLY C 48 8.91 -26.00 -30.65
CA GLY C 48 7.67 -25.93 -29.91
C GLY C 48 7.53 -24.64 -29.16
N LEU C 49 6.43 -24.53 -28.43
CA LEU C 49 6.15 -23.27 -27.77
C LEU C 49 7.04 -23.07 -26.55
N TYR C 50 7.43 -24.15 -25.88
CA TYR C 50 8.63 -24.13 -25.04
C TYR C 50 9.79 -24.84 -25.75
N ASP C 51 10.20 -24.30 -26.88
CA ASP C 51 11.39 -24.85 -27.50
C ASP C 51 12.61 -24.47 -26.68
N LEU C 52 13.65 -25.28 -26.79
CA LEU C 52 14.93 -24.88 -26.23
C LEU C 52 15.66 -23.93 -27.17
N ALA C 53 15.15 -23.72 -28.37
CA ALA C 53 15.77 -22.84 -29.34
C ALA C 53 15.15 -21.46 -29.34
N LEU C 54 14.40 -21.24 -28.26
CA LEU C 54 13.61 -20.03 -27.92
C LEU C 54 13.88 -19.64 -26.45
N GLY C 55 14.94 -20.16 -25.83
CA GLY C 55 15.27 -19.81 -24.47
C GLY C 55 15.82 -21.03 -23.76
N ALA C 56 15.41 -21.21 -22.51
CA ALA C 56 15.81 -22.40 -21.76
C ALA C 56 14.71 -22.67 -20.74
N PHE C 57 13.92 -23.70 -21.00
CA PHE C 57 12.80 -24.05 -20.15
C PHE C 57 13.16 -25.25 -19.29
N LEU C 58 12.96 -25.08 -17.99
CA LEU C 58 12.92 -26.15 -16.99
C LEU C 58 14.27 -26.87 -16.92
N ARG C 59 15.28 -26.07 -16.54
CA ARG C 59 16.67 -26.45 -16.21
C ARG C 59 17.40 -27.23 -17.31
N ASN C 60 16.87 -27.25 -18.53
CA ASN C 60 17.63 -27.81 -19.63
C ASN C 60 18.75 -26.85 -20.04
N LEU C 61 19.67 -27.36 -20.85
CA LEU C 61 20.67 -26.47 -21.41
C LEU C 61 20.05 -25.64 -22.52
N CYS C 62 20.49 -24.40 -22.63
CA CYS C 62 19.97 -23.49 -23.66
C CYS C 62 20.66 -23.77 -24.99
N SER C 63 19.86 -24.15 -25.99
CA SER C 63 20.36 -24.46 -27.31
C SER C 63 20.52 -23.22 -28.19
N THR C 64 20.70 -22.06 -27.57
CA THR C 64 21.04 -20.85 -28.29
C THR C 64 22.31 -20.25 -27.71
N CYS C 65 22.50 -20.36 -26.39
CA CYS C 65 23.69 -19.78 -25.78
C CYS C 65 24.67 -20.80 -25.21
N GLY C 66 24.25 -22.04 -25.02
CA GLY C 66 25.18 -23.09 -24.65
C GLY C 66 25.54 -23.17 -23.17
N LEU C 67 25.14 -22.19 -22.38
CA LEU C 67 25.34 -22.22 -20.93
C LEU C 67 23.98 -22.26 -20.24
N ASP C 68 24.01 -22.35 -18.91
CA ASP C 68 22.83 -22.71 -18.12
C ASP C 68 21.84 -21.55 -18.03
N GLU C 69 20.77 -21.76 -17.25
CA GLU C 69 19.72 -20.76 -17.12
C GLU C 69 20.10 -19.61 -16.21
N LYS C 70 21.23 -19.71 -15.50
CA LYS C 70 21.79 -18.58 -14.77
C LYS C 70 22.48 -17.58 -15.68
N PHE C 71 22.55 -17.87 -16.97
CA PHE C 71 23.11 -16.93 -17.94
C PHE C 71 22.26 -16.89 -19.22
N CYS C 72 21.01 -17.29 -19.14
CA CYS C 72 20.16 -17.30 -20.32
C CYS C 72 19.05 -16.28 -20.18
N PRO C 73 18.93 -15.34 -21.11
CA PRO C 73 17.81 -14.40 -21.07
C PRO C 73 16.54 -14.96 -21.71
N GLY C 74 16.69 -15.86 -22.66
CA GLY C 74 15.54 -16.28 -23.43
C GLY C 74 15.35 -15.38 -24.65
N HIS C 75 15.07 -15.96 -25.80
CA HIS C 75 15.18 -15.28 -27.08
C HIS C 75 13.82 -15.10 -27.73
N GLN C 76 13.80 -14.24 -28.74
CA GLN C 76 12.59 -13.89 -29.45
C GLN C 76 12.16 -15.05 -30.35
N GLY C 77 10.85 -15.24 -30.49
CA GLY C 77 10.31 -16.15 -31.48
C GLY C 77 9.19 -15.49 -32.27
N HIS C 78 8.58 -16.26 -33.16
CA HIS C 78 7.55 -15.72 -34.05
C HIS C 78 6.67 -16.80 -34.65
N ILE C 79 5.38 -16.50 -34.75
CA ILE C 79 4.35 -17.27 -35.45
C ILE C 79 4.42 -16.86 -36.92
N GLU C 80 3.68 -17.55 -37.79
CA GLU C 80 3.32 -17.02 -39.11
C GLU C 80 1.81 -17.17 -39.26
N LEU C 81 1.11 -16.05 -39.40
CA LEU C 81 -0.35 -16.09 -39.55
C LEU C 81 -0.75 -16.67 -40.91
N PRO C 82 -1.97 -17.27 -41.00
CA PRO C 82 -2.45 -17.75 -42.30
C PRO C 82 -2.75 -16.62 -43.25
N VAL C 83 -3.38 -15.57 -42.75
CA VAL C 83 -3.52 -14.33 -43.51
C VAL C 83 -2.95 -13.20 -42.68
N PRO C 84 -2.30 -12.24 -43.30
CA PRO C 84 -1.80 -11.08 -42.56
C PRO C 84 -2.94 -10.23 -42.02
N CYS C 85 -3.09 -10.19 -40.71
CA CYS C 85 -4.29 -9.63 -40.10
C CYS C 85 -4.02 -8.26 -39.53
N TYR C 86 -5.04 -7.71 -38.86
CA TYR C 86 -5.01 -6.37 -38.33
C TYR C 86 -4.15 -6.34 -37.07
N ASN C 87 -3.83 -5.14 -36.61
CA ASN C 87 -3.36 -4.91 -35.25
C ASN C 87 -4.42 -4.00 -34.65
N PRO C 88 -5.19 -4.48 -33.66
CA PRO C 88 -6.37 -3.74 -33.18
C PRO C 88 -6.02 -2.46 -32.45
N LEU C 89 -4.77 -2.36 -31.98
CA LEU C 89 -4.15 -1.11 -31.59
C LEU C 89 -4.32 -0.05 -32.66
N PHE C 90 -3.76 -0.32 -33.83
CA PHE C 90 -3.75 0.64 -34.92
C PHE C 90 -5.02 0.63 -35.72
N PHE C 91 -6.05 -0.12 -35.29
CA PHE C 91 -7.33 -0.10 -35.95
C PHE C 91 -8.02 1.26 -35.86
N ASN C 92 -7.64 2.09 -34.90
CA ASN C 92 -8.22 3.41 -34.81
C ASN C 92 -7.54 4.42 -35.71
N GLN C 93 -6.45 4.06 -36.39
CA GLN C 93 -5.73 5.04 -37.18
C GLN C 93 -5.80 4.76 -38.67
N LEU C 94 -5.34 3.61 -39.14
CA LEU C 94 -5.44 3.34 -40.57
C LEU C 94 -6.77 2.74 -40.96
N TYR C 95 -7.78 2.82 -40.10
CA TYR C 95 -9.15 2.71 -40.58
C TYR C 95 -9.51 3.91 -41.42
N ILE C 96 -9.09 5.09 -41.00
CA ILE C 96 -9.58 6.32 -41.61
C ILE C 96 -8.73 6.73 -42.81
N TYR C 97 -7.42 6.55 -42.71
CA TYR C 97 -6.53 6.74 -43.86
C TYR C 97 -6.88 5.79 -45.00
N LEU C 98 -7.41 4.62 -44.66
CA LEU C 98 -8.07 3.78 -45.65
C LEU C 98 -9.43 4.35 -46.04
N ARG C 99 -10.19 4.90 -45.09
CA ARG C 99 -11.56 5.28 -45.39
C ARG C 99 -11.64 6.53 -46.26
N ALA C 100 -10.58 7.32 -46.31
CA ALA C 100 -10.52 8.53 -47.12
C ALA C 100 -10.18 8.25 -48.58
N SER C 101 -9.81 7.02 -48.92
CA SER C 101 -9.29 6.70 -50.23
C SER C 101 -10.42 6.28 -51.15
N CYS C 102 -10.55 6.96 -52.28
CA CYS C 102 -11.31 6.39 -53.37
C CYS C 102 -10.55 5.18 -53.88
N LEU C 103 -11.27 4.10 -54.14
CA LEU C 103 -10.66 2.90 -54.69
C LEU C 103 -10.86 2.80 -56.20
N PHE C 104 -11.61 3.73 -56.79
CA PHE C 104 -11.67 3.78 -58.25
C PHE C 104 -10.41 4.39 -58.83
N CYS C 105 -9.83 5.37 -58.13
CA CYS C 105 -8.58 5.98 -58.59
C CYS C 105 -7.39 5.66 -57.70
N HIS C 106 -7.60 5.03 -56.55
CA HIS C 106 -6.57 4.74 -55.54
C HIS C 106 -5.83 6.00 -55.12
N HIS C 107 -6.61 7.04 -54.89
CA HIS C 107 -6.13 8.30 -54.39
C HIS C 107 -6.89 8.70 -53.14
N PHE C 108 -6.35 9.66 -52.43
CA PHE C 108 -7.10 10.42 -51.45
C PHE C 108 -8.25 11.13 -52.17
N ARG C 109 -9.40 11.23 -51.52
CA ARG C 109 -10.57 11.76 -52.21
C ARG C 109 -10.60 13.28 -52.31
N LEU C 110 -9.56 13.98 -51.85
CA LEU C 110 -9.44 15.41 -52.04
C LEU C 110 -9.06 15.71 -53.49
N LYS C 111 -8.89 16.99 -53.80
CA LYS C 111 -8.03 17.32 -54.91
C LYS C 111 -6.60 17.27 -54.41
N SER C 112 -5.68 16.97 -55.32
CA SER C 112 -4.28 16.87 -54.94
C SER C 112 -3.67 18.22 -54.60
N VAL C 113 -4.35 19.32 -54.92
CA VAL C 113 -3.86 20.64 -54.59
C VAL C 113 -3.89 20.85 -53.08
N GLU C 114 -5.06 20.64 -52.47
CA GLU C 114 -5.17 20.81 -51.02
C GLU C 114 -4.46 19.70 -50.28
N VAL C 115 -4.31 18.53 -50.92
CA VAL C 115 -3.36 17.54 -50.46
C VAL C 115 -1.95 18.11 -50.49
N HIS C 116 -1.57 18.73 -51.61
CA HIS C 116 -0.26 19.36 -51.69
C HIS C 116 -0.15 20.57 -50.78
N ARG C 117 -1.29 21.19 -50.44
CA ARG C 117 -1.28 22.27 -49.46
C ARG C 117 -0.81 21.75 -48.11
N TYR C 118 -1.47 20.71 -47.60
CA TYR C 118 -1.10 20.15 -46.31
C TYR C 118 0.23 19.42 -46.38
N ALA C 119 0.59 18.93 -47.56
CA ALA C 119 1.95 18.44 -47.76
C ALA C 119 2.95 19.56 -47.62
N CYS C 120 2.58 20.75 -48.08
CA CYS C 120 3.43 21.92 -47.93
C CYS C 120 3.24 22.60 -46.58
N LYS C 121 2.01 22.60 -46.06
CA LYS C 121 1.74 23.36 -44.83
C LYS C 121 2.37 22.68 -43.63
N LEU C 122 2.15 21.39 -43.47
CA LEU C 122 2.71 20.66 -42.36
C LEU C 122 4.19 20.38 -42.54
N ARG C 123 4.76 20.70 -43.71
CA ARG C 123 6.16 20.42 -44.01
C ARG C 123 7.12 21.19 -43.13
N LEU C 124 7.11 22.51 -43.25
CA LEU C 124 8.07 23.35 -42.53
C LEU C 124 7.66 23.40 -41.07
N LEU C 125 7.97 22.33 -40.34
CA LEU C 125 7.36 22.24 -39.02
C LEU C 125 8.32 21.57 -38.04
N GLN C 126 9.61 21.57 -38.34
CA GLN C 126 10.58 20.68 -37.74
C GLN C 126 11.63 21.40 -36.91
N TYR C 127 11.83 22.69 -37.14
CA TYR C 127 12.67 23.49 -36.28
C TYR C 127 11.79 24.57 -35.68
N GLY C 128 12.40 25.52 -34.99
CA GLY C 128 11.64 26.62 -34.43
C GLY C 128 11.21 27.61 -35.50
N LEU C 129 10.31 27.18 -36.38
CA LEU C 129 9.86 27.98 -37.51
C LEU C 129 8.35 27.89 -37.64
N ILE C 130 7.64 28.07 -36.53
CA ILE C 130 6.18 28.12 -36.57
C ILE C 130 5.67 29.46 -37.10
N ASP C 131 6.56 30.43 -37.27
CA ASP C 131 6.16 31.74 -37.78
C ASP C 131 5.63 31.63 -39.21
N GLU C 132 6.30 30.84 -40.03
CA GLU C 132 5.87 30.66 -41.41
C GLU C 132 4.65 29.77 -41.54
N SER C 133 4.20 29.14 -40.46
CA SER C 133 3.22 28.05 -40.55
C SER C 133 1.85 28.53 -41.02
N TYR C 134 1.53 29.81 -40.82
CA TYR C 134 0.37 30.37 -41.49
C TYR C 134 0.74 31.29 -42.62
N LYS C 135 2.03 31.61 -42.76
CA LYS C 135 2.54 32.34 -43.92
C LYS C 135 2.95 31.41 -45.04
N LEU C 136 2.33 30.24 -45.11
CA LEU C 136 2.34 29.40 -46.30
C LEU C 136 1.02 29.40 -47.02
N ASP C 137 -0.08 29.66 -46.33
CA ASP C 137 -1.40 29.77 -46.92
C ASP C 137 -1.60 31.09 -47.65
N GLU C 138 -0.68 32.05 -47.49
CA GLU C 138 -0.88 33.39 -48.02
C GLU C 138 -0.48 33.53 -49.49
N ILE C 139 -0.43 32.44 -50.25
CA ILE C 139 -0.18 32.49 -51.69
C ILE C 139 -1.35 31.83 -52.39
N THR C 140 -2.27 32.65 -52.93
CA THR C 140 -3.39 32.14 -53.74
C THR C 140 -3.63 33.17 -54.85
N LEU C 141 -3.11 32.88 -56.04
CA LEU C 141 -3.11 33.84 -57.14
C LEU C 141 -3.22 33.08 -58.46
N GLY C 142 -2.95 33.79 -59.55
CA GLY C 142 -3.00 33.19 -60.88
C GLY C 142 -2.40 34.05 -61.96
N ASP C 172 -13.52 22.44 -64.36
CA ASP C 172 -14.15 23.46 -65.19
C ASP C 172 -13.14 24.32 -65.93
N ILE C 173 -11.87 24.26 -65.51
CA ILE C 173 -10.80 25.04 -66.12
C ILE C 173 -9.52 24.22 -66.01
N SER C 174 -8.52 24.58 -66.84
CA SER C 174 -7.30 23.81 -66.94
C SER C 174 -6.44 23.95 -65.70
N SER C 175 -5.49 23.03 -65.56
CA SER C 175 -4.60 22.99 -64.40
C SER C 175 -3.26 23.64 -64.67
N THR C 176 -3.23 24.65 -65.54
CA THR C 176 -1.97 25.30 -65.88
C THR C 176 -1.41 26.08 -64.70
N LEU C 177 -2.25 26.86 -64.04
CA LEU C 177 -1.87 27.51 -62.79
C LEU C 177 -1.91 26.56 -61.60
N LEU C 178 -2.49 25.38 -61.77
CA LEU C 178 -2.58 24.43 -60.66
C LEU C 178 -1.29 23.65 -60.52
N ASN C 179 -0.71 23.21 -61.64
CA ASN C 179 0.43 22.31 -61.58
C ASN C 179 1.74 23.00 -61.23
N GLU C 180 1.82 24.33 -61.34
CA GLU C 180 3.04 25.01 -60.97
C GLU C 180 3.13 25.30 -59.48
N LEU C 181 2.08 24.97 -58.72
CA LEU C 181 2.10 25.15 -57.28
C LEU C 181 3.05 24.17 -56.61
N LYS C 182 3.36 23.06 -57.27
CA LYS C 182 4.32 22.09 -56.77
C LYS C 182 5.71 22.69 -56.63
N SER C 183 6.27 23.18 -57.75
CA SER C 183 7.63 23.67 -57.75
C SER C 183 7.77 24.99 -57.02
N LYS C 184 6.71 25.79 -57.00
CA LYS C 184 6.82 27.14 -56.48
C LYS C 184 6.66 27.20 -54.97
N ARG C 185 5.79 26.39 -54.38
CA ARG C 185 5.69 26.34 -52.93
C ARG C 185 6.89 25.67 -52.27
N SER C 186 7.69 24.92 -53.03
CA SER C 186 8.83 24.23 -52.45
C SER C 186 9.93 25.21 -52.06
N GLU C 187 10.35 26.06 -53.00
CA GLU C 187 11.34 27.09 -52.72
C GLU C 187 10.74 28.29 -52.01
N TYR C 188 9.43 28.30 -51.86
CA TYR C 188 8.73 29.17 -50.91
C TYR C 188 8.83 28.62 -49.49
N VAL C 189 9.25 27.37 -49.35
CA VAL C 189 9.47 26.72 -48.06
C VAL C 189 10.95 26.52 -47.79
N ASP C 190 11.70 26.02 -48.79
CA ASP C 190 13.10 25.71 -48.60
C ASP C 190 13.96 26.96 -48.41
N MET C 191 13.48 28.11 -48.87
CA MET C 191 14.24 29.35 -48.68
C MET C 191 14.30 29.73 -47.21
N ALA C 192 13.21 29.53 -46.48
CA ALA C 192 13.16 29.92 -45.08
C ALA C 192 13.97 28.99 -44.19
N ILE C 193 14.37 27.83 -44.69
CA ILE C 193 15.07 26.86 -43.86
C ILE C 193 16.47 27.32 -43.56
N ALA C 194 17.25 27.65 -44.60
CA ALA C 194 18.67 27.98 -44.45
C ALA C 194 18.89 29.30 -43.72
N LYS C 195 17.86 30.11 -43.57
CA LYS C 195 17.93 31.27 -42.68
C LYS C 195 18.19 30.82 -41.25
N ALA C 196 17.43 29.84 -40.79
CA ALA C 196 17.70 29.22 -39.50
C ALA C 196 19.00 28.45 -39.51
N LEU C 197 19.34 27.84 -40.63
CA LEU C 197 20.38 26.83 -40.71
C LEU C 197 21.74 27.42 -41.01
N SER C 198 21.90 28.73 -40.85
CA SER C 198 23.21 29.38 -40.95
C SER C 198 23.60 30.11 -39.68
N ASP C 199 22.66 30.85 -39.08
CA ASP C 199 22.97 31.63 -37.87
C ASP C 199 23.16 30.72 -36.67
N GLY C 200 22.28 29.75 -36.48
CA GLY C 200 22.29 28.98 -35.26
C GLY C 200 20.96 29.00 -34.53
N ARG C 201 19.87 29.15 -35.28
CA ARG C 201 18.54 28.97 -34.69
C ARG C 201 18.34 27.53 -34.20
N THR C 202 18.93 26.56 -34.89
CA THR C 202 18.72 25.15 -34.57
C THR C 202 19.97 24.35 -34.93
N THR C 203 19.85 23.03 -34.89
CA THR C 203 20.81 22.10 -35.48
C THR C 203 20.08 21.33 -36.59
N GLU C 204 20.76 20.32 -37.15
CA GLU C 204 20.15 19.52 -38.21
C GLU C 204 19.04 18.63 -37.66
N ARG C 205 19.12 18.30 -36.37
CA ARG C 205 18.38 17.19 -35.78
C ARG C 205 16.88 17.44 -35.76
N GLY C 206 16.47 18.70 -35.66
CA GLY C 206 15.07 19.00 -35.52
C GLY C 206 14.69 19.36 -34.11
N SER C 207 14.41 20.64 -33.88
CA SER C 207 14.02 21.11 -32.56
C SER C 207 12.53 20.88 -32.36
N PHE C 208 12.17 20.45 -31.16
CA PHE C 208 10.79 20.08 -30.86
C PHE C 208 10.43 20.64 -29.50
N THR C 209 9.46 21.54 -29.46
CA THR C 209 9.00 22.14 -28.21
C THR C 209 7.51 21.94 -28.04
N ALA C 210 6.95 22.63 -27.07
CA ALA C 210 5.64 22.31 -26.52
C ALA C 210 4.48 22.72 -27.41
N THR C 211 4.71 23.23 -28.60
CA THR C 211 3.59 23.61 -29.45
C THR C 211 3.77 23.24 -30.91
N VAL C 212 4.94 22.71 -31.29
CA VAL C 212 5.16 22.28 -32.66
C VAL C 212 4.63 20.86 -32.80
N ASN C 213 4.15 20.29 -31.69
CA ASN C 213 3.20 19.20 -31.73
C ASN C 213 1.77 19.68 -31.87
N ASP C 214 1.45 20.82 -31.27
CA ASP C 214 0.09 21.32 -31.27
C ASP C 214 -0.36 21.66 -32.66
N GLU C 215 0.49 22.30 -33.43
CA GLU C 215 0.19 22.59 -34.82
C GLU C 215 0.38 21.37 -35.72
N ARG C 216 0.81 20.25 -35.18
CA ARG C 216 0.56 18.97 -35.81
C ARG C 216 -0.73 18.38 -35.31
N LYS C 217 -0.93 18.40 -33.99
CA LYS C 217 -2.15 17.86 -33.39
C LYS C 217 -3.36 18.74 -33.62
N LYS C 218 -3.20 19.94 -34.13
CA LYS C 218 -4.33 20.64 -34.70
C LYS C 218 -4.49 20.33 -36.18
N LEU C 219 -3.40 19.94 -36.85
CA LEU C 219 -3.39 19.71 -38.29
C LEU C 219 -3.54 18.24 -38.66
N VAL C 220 -2.89 17.34 -37.93
CA VAL C 220 -3.10 15.93 -38.22
C VAL C 220 -4.48 15.52 -37.75
N HIS C 221 -5.04 16.26 -36.80
CA HIS C 221 -6.44 16.13 -36.41
C HIS C 221 -7.33 17.03 -37.25
N GLU C 222 -6.84 17.49 -38.39
CA GLU C 222 -7.64 18.27 -39.32
C GLU C 222 -7.83 17.58 -40.66
N PHE C 223 -7.02 16.55 -40.96
CA PHE C 223 -7.28 15.71 -42.14
C PHE C 223 -8.64 15.03 -42.03
N HIS C 224 -9.02 14.67 -40.81
CA HIS C 224 -10.21 13.87 -40.60
C HIS C 224 -11.48 14.68 -40.74
N LYS C 225 -11.43 15.97 -40.48
CA LYS C 225 -12.58 16.84 -40.69
C LYS C 225 -12.65 17.39 -42.10
N LYS C 226 -11.82 16.88 -43.01
CA LYS C 226 -11.76 17.40 -44.37
C LYS C 226 -12.80 16.66 -45.21
N LEU C 227 -12.67 16.69 -46.56
CA LEU C 227 -13.64 16.20 -47.56
C LEU C 227 -14.16 14.78 -47.30
N LEU C 228 -13.50 14.02 -46.44
CA LEU C 228 -13.95 12.82 -45.75
C LEU C 228 -15.39 12.89 -45.25
N SER C 229 -15.84 14.08 -44.88
CA SER C 229 -17.22 14.33 -44.54
C SER C 229 -18.17 14.35 -45.75
N ARG C 230 -17.66 14.50 -46.97
CA ARG C 230 -18.55 14.56 -48.14
C ARG C 230 -18.15 13.45 -49.13
N GLY C 231 -18.78 13.46 -50.29
CA GLY C 231 -18.94 12.32 -51.17
C GLY C 231 -17.86 12.30 -52.23
N LYS C 232 -18.12 12.92 -53.39
CA LYS C 232 -17.32 12.92 -54.62
C LYS C 232 -15.82 13.04 -54.40
N CYS C 233 -15.08 12.13 -55.03
CA CYS C 233 -13.65 12.30 -55.17
C CYS C 233 -13.40 13.40 -56.20
N ASP C 234 -12.45 14.28 -55.91
CA ASP C 234 -12.14 15.35 -56.86
C ASP C 234 -11.41 14.81 -58.07
N ASN C 235 -10.68 13.70 -57.89
CA ASN C 235 -9.91 13.12 -58.99
C ASN C 235 -10.81 12.46 -60.01
N CYS C 236 -11.92 11.90 -59.56
CA CYS C 236 -12.88 11.26 -60.46
C CYS C 236 -14.26 11.35 -59.81
N GLY C 237 -15.22 11.90 -60.53
CA GLY C 237 -16.46 12.31 -59.92
C GLY C 237 -17.55 11.25 -59.84
N MET C 238 -17.28 10.16 -59.13
CA MET C 238 -18.30 9.17 -58.88
C MET C 238 -18.06 8.54 -57.52
N PHE C 239 -19.12 7.94 -56.99
CA PHE C 239 -19.21 7.59 -55.58
C PHE C 239 -18.30 6.42 -55.25
N SER C 240 -17.29 6.66 -54.42
CA SER C 240 -16.53 5.57 -53.82
C SER C 240 -17.44 4.83 -52.84
N PRO C 241 -17.24 3.52 -52.67
CA PRO C 241 -18.23 2.72 -51.92
C PRO C 241 -18.22 3.04 -50.42
N LYS C 242 -19.35 2.73 -49.80
CA LYS C 242 -19.62 3.12 -48.41
C LYS C 242 -19.31 1.99 -47.43
N PHE C 243 -18.85 2.37 -46.25
CA PHE C 243 -18.43 1.41 -45.25
C PHE C 243 -19.47 1.28 -44.13
N ARG C 244 -19.17 0.42 -43.16
CA ARG C 244 -20.00 0.17 -42.00
C ARG C 244 -19.18 -0.51 -40.91
N LYS C 245 -19.04 0.13 -39.75
CA LYS C 245 -18.09 -0.29 -38.74
C LYS C 245 -18.58 -1.53 -37.99
N ASP C 246 -17.65 -2.18 -37.29
CA ASP C 246 -18.02 -3.24 -36.36
C ASP C 246 -17.22 -3.23 -35.06
N GLY C 247 -16.14 -2.46 -34.95
CA GLY C 247 -15.36 -2.53 -33.73
C GLY C 247 -14.33 -3.63 -33.68
N PHE C 248 -13.27 -3.46 -34.49
CA PHE C 248 -12.00 -4.19 -34.51
C PHE C 248 -12.13 -5.57 -35.13
N THR C 249 -13.31 -5.94 -35.63
CA THR C 249 -13.54 -7.25 -36.24
C THR C 249 -14.26 -7.06 -37.57
N LYS C 250 -13.48 -7.07 -38.65
CA LYS C 250 -13.96 -7.26 -40.01
C LYS C 250 -14.94 -6.17 -40.43
N ILE C 251 -14.35 -4.97 -40.61
CA ILE C 251 -14.99 -3.90 -41.38
C ILE C 251 -15.53 -4.45 -42.69
N PHE C 252 -16.79 -4.16 -42.97
CA PHE C 252 -17.46 -4.74 -44.13
C PHE C 252 -18.21 -3.65 -44.88
N GLU C 253 -19.05 -4.08 -45.82
CA GLU C 253 -19.55 -3.23 -46.90
C GLU C 253 -21.08 -3.09 -46.85
N THR C 254 -21.55 -1.90 -47.18
CA THR C 254 -22.97 -1.63 -47.40
C THR C 254 -23.18 -1.14 -48.84
N ALA C 255 -24.43 -1.25 -49.29
CA ALA C 255 -24.75 -1.10 -50.70
C ALA C 255 -25.05 0.36 -51.05
N LEU C 256 -25.52 0.59 -52.27
CA LEU C 256 -25.77 1.93 -52.81
C LEU C 256 -27.19 2.02 -53.35
N ASN C 257 -27.72 3.25 -53.39
CA ASN C 257 -29.02 3.52 -53.97
C ASN C 257 -28.84 3.69 -55.48
N GLU C 258 -29.94 3.96 -56.19
CA GLU C 258 -29.90 4.11 -57.63
C GLU C 258 -29.29 5.43 -58.08
N LYS C 259 -29.07 6.38 -57.18
CA LYS C 259 -28.43 7.61 -57.58
C LYS C 259 -26.91 7.50 -57.62
N GLN C 260 -26.34 6.44 -57.04
CA GLN C 260 -24.93 6.17 -57.27
C GLN C 260 -24.68 5.59 -58.65
N ILE C 261 -25.50 4.63 -59.06
CA ILE C 261 -25.27 3.88 -60.27
C ILE C 261 -25.87 4.59 -61.48
N THR C 262 -26.31 5.82 -61.31
CA THR C 262 -26.39 6.74 -62.44
C THR C 262 -25.05 7.40 -62.70
N ASN C 263 -24.03 7.11 -61.90
CA ASN C 263 -22.69 7.62 -62.14
C ASN C 263 -21.69 6.49 -62.31
N ASN C 264 -22.14 5.31 -62.68
CA ASN C 264 -21.28 4.30 -63.29
C ASN C 264 -21.69 4.01 -64.72
N ARG C 265 -23.00 4.04 -65.00
CA ARG C 265 -23.49 3.87 -66.36
C ARG C 265 -23.02 5.01 -67.26
N VAL C 266 -22.83 6.21 -66.71
CA VAL C 266 -22.48 7.36 -67.52
C VAL C 266 -20.98 7.49 -67.74
N LYS C 267 -20.16 6.89 -66.87
CA LYS C 267 -18.70 6.98 -67.00
C LYS C 267 -18.11 5.86 -67.86
N GLY C 268 -18.90 5.31 -68.80
CA GLY C 268 -18.41 4.22 -69.62
C GLY C 268 -17.36 4.62 -70.64
N PHE C 269 -17.43 5.86 -71.14
CA PHE C 269 -16.47 6.29 -72.15
C PHE C 269 -15.10 6.59 -71.57
N ILE C 270 -14.98 6.75 -70.25
CA ILE C 270 -13.70 6.88 -69.60
C ILE C 270 -13.37 5.59 -68.85
N SER C 312 -25.03 -5.79 -49.44
CA SER C 312 -23.99 -5.76 -48.42
C SER C 312 -23.14 -7.02 -48.47
N THR C 313 -21.82 -6.85 -48.36
CA THR C 313 -20.90 -7.97 -48.34
C THR C 313 -20.00 -7.85 -47.12
N TYR C 314 -19.06 -8.79 -47.01
CA TYR C 314 -17.89 -8.53 -46.21
C TYR C 314 -16.89 -7.72 -47.00
N ILE C 315 -15.92 -7.14 -46.29
CA ILE C 315 -14.67 -6.70 -46.88
C ILE C 315 -13.60 -7.44 -46.10
N LEU C 316 -13.13 -8.55 -46.64
CA LEU C 316 -12.32 -9.43 -45.82
C LEU C 316 -10.90 -8.88 -45.71
N SER C 317 -10.13 -9.50 -44.81
CA SER C 317 -8.79 -9.04 -44.47
C SER C 317 -7.78 -9.22 -45.59
N THR C 318 -8.14 -9.93 -46.66
CA THR C 318 -7.30 -10.00 -47.84
C THR C 318 -7.82 -9.09 -48.96
N GLU C 319 -8.72 -8.16 -48.63
CA GLU C 319 -9.17 -7.17 -49.59
C GLU C 319 -8.54 -5.81 -49.35
N VAL C 320 -8.12 -5.51 -48.13
CA VAL C 320 -7.51 -4.22 -47.81
C VAL C 320 -6.00 -4.27 -47.98
N LYS C 321 -5.44 -5.36 -48.49
CA LYS C 321 -4.01 -5.43 -48.72
C LYS C 321 -3.61 -4.82 -50.05
N ASN C 322 -4.44 -4.99 -51.08
CA ASN C 322 -4.15 -4.39 -52.37
C ASN C 322 -4.40 -2.89 -52.35
N ILE C 323 -5.28 -2.40 -51.48
CA ILE C 323 -5.65 -0.99 -51.50
C ILE C 323 -4.54 -0.14 -50.91
N LEU C 324 -3.92 -0.61 -49.83
CA LEU C 324 -2.80 0.10 -49.21
C LEU C 324 -1.47 -0.14 -49.94
N ASP C 325 -1.45 -1.03 -50.93
CA ASP C 325 -0.31 -1.12 -51.84
C ASP C 325 -0.11 0.19 -52.59
N THR C 326 -1.21 0.84 -52.98
CA THR C 326 -1.11 2.09 -53.71
C THR C 326 -0.90 3.27 -52.76
N VAL C 327 -1.89 3.53 -51.92
CA VAL C 327 -2.06 4.84 -51.29
C VAL C 327 -1.03 5.11 -50.19
N PHE C 328 -0.14 4.16 -49.92
CA PHE C 328 1.05 4.46 -49.14
C PHE C 328 2.32 4.56 -49.96
N ARG C 329 2.33 4.07 -51.20
CA ARG C 329 3.47 4.32 -52.08
C ARG C 329 3.12 5.18 -53.30
N LYS C 330 1.86 5.26 -53.68
CA LYS C 330 1.46 6.23 -54.70
C LYS C 330 1.55 7.64 -54.15
N GLU C 331 1.03 7.85 -52.95
CA GLU C 331 0.93 9.20 -52.37
C GLU C 331 1.81 9.28 -51.15
N GLN C 332 3.02 8.74 -51.29
CA GLN C 332 4.04 8.77 -50.25
C GLN C 332 4.45 10.19 -49.89
N CYS C 333 4.41 11.12 -50.85
CA CYS C 333 5.05 12.43 -50.68
C CYS C 333 4.35 13.29 -49.64
N VAL C 334 3.06 13.05 -49.38
CA VAL C 334 2.41 13.72 -48.27
C VAL C 334 2.72 13.02 -46.95
N LEU C 335 3.18 11.76 -47.01
CA LEU C 335 3.25 10.90 -45.84
C LEU C 335 4.68 10.68 -45.36
N GLN C 336 5.66 11.14 -46.13
CA GLN C 336 7.08 10.96 -45.80
C GLN C 336 7.44 11.69 -44.51
N TYR C 337 6.71 12.72 -44.17
CA TYR C 337 6.98 13.51 -42.97
C TYR C 337 5.80 13.62 -42.02
N VAL C 338 4.56 13.40 -42.47
CA VAL C 338 3.41 13.57 -41.59
C VAL C 338 3.27 12.41 -40.61
N PHE C 339 3.98 11.30 -40.83
CA PHE C 339 4.21 10.30 -39.79
C PHE C 339 5.63 10.39 -39.26
N HIS C 340 6.12 11.62 -39.14
CA HIS C 340 7.43 11.89 -38.58
C HIS C 340 7.33 13.17 -37.76
N SER C 341 8.15 13.24 -36.72
CA SER C 341 8.21 14.44 -35.89
C SER C 341 9.57 15.09 -35.98
N ARG C 342 10.39 14.64 -36.92
CA ARG C 342 11.74 15.13 -37.08
C ARG C 342 12.03 15.24 -38.56
N PRO C 343 13.07 15.98 -38.92
CA PRO C 343 13.71 15.72 -40.22
C PRO C 343 14.34 14.34 -40.21
N ASN C 344 13.93 13.53 -41.19
CA ASN C 344 14.29 12.11 -41.28
C ASN C 344 15.73 12.00 -41.78
N LEU C 345 16.67 11.78 -40.84
CA LEU C 345 18.09 11.70 -41.21
C LEU C 345 18.43 10.46 -42.02
N SER C 346 17.68 9.37 -41.87
CA SER C 346 18.00 8.14 -42.58
C SER C 346 17.26 8.00 -43.90
N ARG C 347 16.22 8.83 -44.13
CA ARG C 347 15.36 8.82 -45.31
C ARG C 347 14.74 7.43 -45.51
N LYS C 348 13.86 7.09 -44.58
CA LYS C 348 13.17 5.80 -44.60
C LYS C 348 11.78 5.95 -45.20
N LEU C 349 11.46 5.09 -46.16
CA LEU C 349 10.12 5.02 -46.72
C LEU C 349 9.17 4.47 -45.68
N VAL C 350 7.95 4.99 -45.63
CA VAL C 350 6.91 4.30 -44.87
C VAL C 350 6.17 3.36 -45.81
N LYS C 351 5.85 2.18 -45.32
CA LYS C 351 5.25 1.13 -46.13
C LYS C 351 4.01 0.60 -45.43
N ALA C 352 3.12 0.02 -46.20
CA ALA C 352 1.90 -0.54 -45.63
C ALA C 352 2.13 -1.86 -44.91
N ASP C 353 3.24 -2.55 -45.23
CA ASP C 353 3.50 -3.89 -44.71
C ASP C 353 3.70 -3.92 -43.20
N SER C 354 4.07 -2.80 -42.60
CA SER C 354 4.22 -2.74 -41.16
C SER C 354 2.86 -2.74 -40.46
N PHE C 355 1.88 -2.04 -41.02
CA PHE C 355 0.58 -1.87 -40.39
C PHE C 355 -0.29 -3.10 -40.46
N PHE C 356 0.10 -4.09 -41.25
CA PHE C 356 -0.51 -5.41 -41.19
C PHE C 356 0.28 -6.28 -40.22
N MET C 357 -0.45 -7.13 -39.49
CA MET C 357 0.19 -8.13 -38.63
C MET C 357 0.50 -9.36 -39.47
N ASP C 358 1.75 -9.47 -39.91
CA ASP C 358 2.24 -10.72 -40.48
C ASP C 358 2.55 -11.70 -39.37
N VAL C 359 3.53 -11.36 -38.57
CA VAL C 359 3.91 -12.18 -37.44
C VAL C 359 3.28 -11.60 -36.18
N LEU C 360 3.06 -12.48 -35.20
CA LEU C 360 2.79 -12.13 -33.81
C LEU C 360 3.98 -12.73 -33.08
N VAL C 361 4.98 -11.91 -32.78
CA VAL C 361 6.25 -12.45 -32.29
C VAL C 361 6.04 -12.97 -30.87
N VAL C 362 6.47 -14.22 -30.64
CA VAL C 362 6.09 -14.87 -29.39
C VAL C 362 7.15 -14.56 -28.35
N PRO C 363 6.76 -14.31 -27.11
CA PRO C 363 7.70 -13.86 -26.09
C PRO C 363 8.64 -14.98 -25.68
N PRO C 364 9.79 -14.64 -25.11
CA PRO C 364 10.77 -15.68 -24.76
C PRO C 364 10.36 -16.63 -23.65
N THR C 365 11.27 -17.54 -23.34
CA THR C 365 11.01 -18.59 -22.36
C THR C 365 10.95 -18.05 -20.95
N ARG C 366 11.92 -17.22 -20.58
CA ARG C 366 12.04 -16.66 -19.24
C ARG C 366 10.91 -15.67 -18.91
N PHE C 367 10.09 -15.29 -19.88
CA PHE C 367 8.99 -14.36 -19.66
C PHE C 367 7.64 -15.04 -19.74
N ARG C 368 7.60 -16.37 -19.85
CA ARG C 368 6.35 -17.11 -19.93
C ARG C 368 6.32 -18.26 -18.93
N LEU C 369 7.17 -18.20 -17.93
CA LEU C 369 7.54 -19.38 -17.15
C LEU C 369 6.40 -19.78 -16.22
N PRO C 370 5.95 -21.03 -16.25
CA PRO C 370 4.93 -21.50 -15.33
C PRO C 370 5.50 -21.85 -13.96
N SER C 371 5.09 -21.10 -12.95
CA SER C 371 5.42 -21.45 -11.57
C SER C 371 4.32 -22.32 -11.00
N LYS C 372 4.52 -22.77 -9.77
CA LYS C 372 3.53 -23.59 -9.07
C LYS C 372 2.87 -22.75 -7.97
N LEU C 373 1.54 -22.66 -8.01
CA LEU C 373 0.80 -21.84 -7.05
C LEU C 373 -0.60 -22.40 -6.87
N GLY C 374 -0.94 -22.74 -5.63
CA GLY C 374 -2.24 -23.27 -5.30
C GLY C 374 -2.25 -24.79 -5.27
N GLU C 375 -3.47 -25.33 -5.22
CA GLU C 375 -3.65 -26.78 -5.34
C GLU C 375 -3.34 -27.26 -6.75
N GLU C 376 -3.60 -26.42 -7.75
CA GLU C 376 -3.48 -26.76 -9.16
C GLU C 376 -2.33 -25.99 -9.79
N VAL C 377 -1.81 -26.52 -10.90
CA VAL C 377 -0.76 -25.87 -11.67
C VAL C 377 -1.11 -25.91 -13.15
N HIS C 378 -0.97 -24.78 -13.83
CA HIS C 378 -1.19 -24.66 -15.25
C HIS C 378 -0.32 -23.52 -15.75
N GLU C 379 0.00 -23.52 -17.05
CA GLU C 379 1.05 -22.65 -17.53
C GLU C 379 0.53 -21.22 -17.73
N ASN C 380 1.36 -20.38 -18.36
CA ASN C 380 1.08 -18.97 -18.60
C ASN C 380 -0.22 -18.77 -19.37
N SER C 381 -0.93 -17.71 -19.01
CA SER C 381 -2.12 -17.30 -19.71
C SER C 381 -1.83 -16.58 -21.02
N GLN C 382 -0.57 -16.27 -21.31
CA GLN C 382 -0.19 -15.84 -22.65
C GLN C 382 -0.22 -17.02 -23.60
N ASN C 383 0.37 -18.14 -23.18
CA ASN C 383 0.42 -19.33 -24.01
C ASN C 383 -0.94 -19.94 -24.22
N GLN C 384 -1.90 -19.66 -23.35
CA GLN C 384 -3.27 -20.06 -23.61
C GLN C 384 -3.91 -19.20 -24.69
N LEU C 385 -3.48 -17.95 -24.83
CA LEU C 385 -3.92 -17.17 -25.98
C LEU C 385 -3.24 -17.63 -27.27
N LEU C 386 -1.95 -17.94 -27.19
CA LEU C 386 -1.21 -18.37 -28.37
C LEU C 386 -1.72 -19.73 -28.86
N SER C 387 -1.89 -20.69 -27.96
CA SER C 387 -2.42 -21.99 -28.33
C SER C 387 -3.94 -21.99 -28.57
N LYS C 388 -4.58 -20.82 -28.59
CA LYS C 388 -5.88 -20.67 -29.22
C LYS C 388 -5.76 -20.26 -30.67
N VAL C 389 -4.69 -19.51 -31.01
CA VAL C 389 -4.54 -18.99 -32.37
C VAL C 389 -4.04 -20.08 -33.32
N LEU C 390 -3.07 -20.90 -32.86
CA LEU C 390 -2.41 -21.86 -33.74
C LEU C 390 -3.38 -22.91 -34.26
N THR C 391 -4.15 -23.53 -33.38
CA THR C 391 -5.14 -24.50 -33.82
C THR C 391 -6.35 -23.85 -34.48
N THR C 392 -6.44 -22.54 -34.47
CA THR C 392 -7.36 -21.82 -35.35
C THR C 392 -6.67 -21.42 -36.66
N SER C 393 -5.38 -21.07 -36.59
CA SER C 393 -4.58 -20.93 -37.79
C SER C 393 -4.49 -22.24 -38.56
N LEU C 394 -4.03 -23.30 -37.90
CA LEU C 394 -3.78 -24.56 -38.57
C LEU C 394 -5.06 -25.29 -38.93
N LEU C 395 -6.23 -24.84 -38.47
CA LEU C 395 -7.46 -25.32 -39.06
C LEU C 395 -7.70 -24.68 -40.41
N ILE C 396 -7.42 -23.38 -40.56
CA ILE C 396 -7.64 -22.70 -41.82
C ILE C 396 -6.39 -22.74 -42.70
N ARG C 397 -5.24 -23.10 -42.14
CA ARG C 397 -4.03 -23.32 -42.93
C ARG C 397 -4.20 -24.48 -43.89
N ASP C 398 -4.95 -25.51 -43.51
CA ASP C 398 -4.94 -26.76 -44.24
C ASP C 398 -6.23 -26.91 -45.05
N LEU C 399 -6.84 -25.80 -45.44
CA LEU C 399 -7.99 -25.84 -46.33
C LEU C 399 -7.61 -25.58 -47.79
N ASN C 400 -6.53 -24.87 -48.08
CA ASN C 400 -6.09 -24.67 -49.45
C ASN C 400 -5.66 -25.97 -50.13
N ASP C 401 -5.41 -27.01 -49.33
CA ASP C 401 -5.43 -28.39 -49.77
C ASP C 401 -6.75 -28.80 -50.40
N ASP C 402 -7.87 -28.26 -49.93
CA ASP C 402 -9.21 -28.75 -50.28
C ASP C 402 -9.86 -27.86 -51.34
N LEU C 403 -9.09 -26.97 -51.95
CA LEU C 403 -9.61 -26.21 -53.07
C LEU C 403 -8.66 -26.27 -54.26
N SER C 404 -7.36 -26.17 -54.00
CA SER C 404 -6.40 -26.05 -55.08
C SER C 404 -5.96 -27.42 -55.59
N LYS C 405 -5.97 -28.42 -54.72
CA LYS C 405 -5.79 -29.82 -55.15
C LYS C 405 -7.16 -30.41 -55.52
N LEU C 406 -7.70 -29.91 -56.63
CA LEU C 406 -8.99 -30.39 -57.11
C LEU C 406 -8.82 -31.42 -58.21
N ARG C 417 -21.60 -24.90 -52.22
CA ARG C 417 -20.85 -25.81 -51.36
C ARG C 417 -20.52 -25.17 -50.01
N VAL C 418 -20.36 -26.02 -49.00
CA VAL C 418 -20.22 -25.56 -47.62
C VAL C 418 -18.74 -25.47 -47.23
N ILE C 419 -17.85 -26.09 -48.01
CA ILE C 419 -16.42 -26.07 -47.70
C ILE C 419 -15.82 -24.68 -47.79
N PHE C 420 -16.46 -23.78 -48.55
CA PHE C 420 -16.02 -22.40 -48.57
C PHE C 420 -16.38 -21.68 -47.28
N SER C 421 -17.40 -22.13 -46.55
CA SER C 421 -17.71 -21.56 -45.26
C SER C 421 -16.75 -22.01 -44.16
N ARG C 422 -15.87 -22.97 -44.45
CA ARG C 422 -14.80 -23.32 -43.52
C ARG C 422 -13.76 -22.20 -43.40
N LEU C 423 -13.67 -21.31 -44.37
CA LEU C 423 -12.68 -20.25 -44.31
C LEU C 423 -13.25 -18.89 -43.94
N MET C 424 -14.43 -18.54 -44.45
CA MET C 424 -14.96 -17.19 -44.28
C MET C 424 -15.53 -16.99 -42.88
N ASN C 425 -16.37 -17.92 -42.44
CA ASN C 425 -16.89 -17.89 -41.08
C ASN C 425 -15.88 -18.42 -40.07
N ALA C 426 -14.69 -18.82 -40.52
CA ALA C 426 -13.56 -18.93 -39.61
C ALA C 426 -12.59 -17.77 -39.71
N PHE C 427 -12.61 -17.01 -40.81
CA PHE C 427 -11.86 -15.74 -40.85
C PHE C 427 -12.35 -14.75 -39.81
N VAL C 428 -13.62 -14.82 -39.42
CA VAL C 428 -14.10 -14.00 -38.32
C VAL C 428 -13.46 -14.44 -37.01
N THR C 429 -13.04 -15.70 -36.93
CA THR C 429 -12.25 -16.17 -35.81
C THR C 429 -10.75 -16.06 -36.04
N ILE C 430 -10.30 -16.04 -37.29
CA ILE C 430 -8.93 -15.64 -37.56
C ILE C 430 -8.72 -14.20 -37.14
N GLN C 431 -9.71 -13.35 -37.38
CA GLN C 431 -9.73 -12.00 -36.85
C GLN C 431 -9.75 -12.02 -35.32
N ASN C 432 -10.56 -12.91 -34.75
CA ASN C 432 -10.74 -12.98 -33.32
C ASN C 432 -9.59 -13.73 -32.64
N ASP C 433 -8.64 -14.25 -33.41
CA ASP C 433 -7.41 -14.80 -32.84
C ASP C 433 -6.55 -13.71 -32.23
N VAL C 434 -6.07 -12.80 -33.08
CA VAL C 434 -5.02 -11.87 -32.72
C VAL C 434 -5.50 -10.82 -31.73
N ASN C 435 -6.78 -10.48 -31.78
CA ASN C 435 -7.27 -9.32 -31.04
C ASN C 435 -7.39 -9.61 -29.55
N ALA C 436 -8.02 -10.73 -29.20
CA ALA C 436 -8.15 -11.12 -27.81
C ALA C 436 -6.82 -11.53 -27.20
N PHE C 437 -5.81 -11.81 -28.02
CA PHE C 437 -4.45 -11.83 -27.51
C PHE C 437 -4.06 -10.46 -26.99
N ILE C 438 -4.48 -9.40 -27.67
CA ILE C 438 -4.01 -8.07 -27.30
C ILE C 438 -5.06 -7.38 -26.45
N ASP C 439 -6.31 -7.47 -26.87
CA ASP C 439 -7.37 -6.63 -26.33
C ASP C 439 -8.68 -7.37 -26.45
N SER C 440 -9.28 -7.73 -25.31
CA SER C 440 -10.43 -8.63 -25.28
C SER C 440 -11.71 -7.91 -24.89
N THR C 441 -11.91 -6.72 -25.43
CA THR C 441 -13.08 -5.94 -25.09
C THR C 441 -14.33 -6.36 -25.86
N LYS C 442 -14.21 -7.27 -26.82
CA LYS C 442 -15.20 -7.36 -27.89
C LYS C 442 -15.42 -8.78 -28.41
N ALA C 443 -14.93 -9.80 -27.71
CA ALA C 443 -14.95 -11.16 -28.22
C ALA C 443 -16.37 -11.73 -28.13
N GLN C 444 -16.49 -13.04 -28.37
CA GLN C 444 -17.78 -13.70 -28.39
C GLN C 444 -18.41 -13.69 -27.00
N GLY C 445 -19.74 -13.69 -26.97
CA GLY C 445 -20.50 -13.51 -25.75
C GLY C 445 -20.26 -14.54 -24.67
N ARG C 446 -19.54 -14.13 -23.64
CA ARG C 446 -19.18 -14.99 -22.52
C ARG C 446 -20.22 -14.83 -21.42
N THR C 447 -20.60 -15.95 -20.81
CA THR C 447 -21.53 -15.98 -19.70
C THR C 447 -20.78 -15.51 -18.44
N SER C 448 -21.50 -15.32 -17.33
CA SER C 448 -20.86 -14.89 -16.09
C SER C 448 -20.02 -16.02 -15.52
N GLY C 449 -18.82 -16.19 -16.05
CA GLY C 449 -17.88 -17.20 -15.58
C GLY C 449 -16.76 -16.56 -14.79
N LYS C 450 -17.05 -15.36 -14.27
CA LYS C 450 -16.29 -14.58 -13.30
C LYS C 450 -15.00 -13.98 -13.87
N VAL C 451 -14.57 -14.39 -15.05
CA VAL C 451 -13.28 -14.00 -15.62
C VAL C 451 -13.19 -14.26 -17.12
N PRO C 452 -12.90 -13.23 -17.93
CA PRO C 452 -12.26 -13.48 -19.23
C PRO C 452 -10.75 -13.30 -19.10
N ILE C 453 -9.98 -13.96 -19.96
CA ILE C 453 -8.54 -14.10 -19.70
C ILE C 453 -7.82 -12.80 -20.09
N PRO C 454 -6.88 -12.32 -19.27
CA PRO C 454 -6.13 -11.09 -19.60
C PRO C 454 -4.91 -11.32 -20.48
N GLY C 455 -4.92 -10.79 -21.71
CA GLY C 455 -3.85 -11.07 -22.65
C GLY C 455 -2.52 -10.39 -22.46
N VAL C 456 -2.41 -9.10 -22.83
CA VAL C 456 -1.17 -8.37 -22.57
C VAL C 456 -1.47 -7.02 -21.91
N LYS C 457 -2.32 -6.21 -22.53
CA LYS C 457 -2.50 -4.85 -22.03
C LYS C 457 -3.35 -4.84 -20.77
N GLN C 458 -4.39 -5.67 -20.74
CA GLN C 458 -5.08 -5.92 -19.49
C GLN C 458 -4.17 -6.68 -18.53
N ALA C 459 -3.28 -7.51 -19.09
CA ALA C 459 -2.37 -8.30 -18.27
C ALA C 459 -1.13 -7.51 -17.85
N LEU C 460 -0.85 -6.39 -18.53
CA LEU C 460 0.05 -5.42 -17.94
C LEU C 460 -0.55 -4.94 -16.64
N GLU C 461 -1.66 -4.22 -16.72
CA GLU C 461 -2.17 -3.41 -15.62
C GLU C 461 -3.26 -4.15 -14.88
N LYS C 462 -2.94 -4.59 -13.66
CA LYS C 462 -3.83 -5.46 -12.91
C LYS C 462 -5.02 -4.70 -12.30
N LYS C 463 -4.78 -3.94 -11.23
CA LYS C 463 -5.71 -2.91 -10.81
C LYS C 463 -5.21 -1.56 -11.31
N GLU C 464 -5.01 -1.46 -12.63
CA GLU C 464 -4.18 -0.45 -13.30
C GLU C 464 -2.91 -0.13 -12.50
N GLY C 465 -2.12 -1.17 -12.24
CA GLY C 465 -0.94 -1.07 -11.40
C GLY C 465 0.33 -1.73 -11.91
N LEU C 466 0.54 -1.80 -13.24
CA LEU C 466 1.83 -2.40 -13.67
C LEU C 466 2.94 -1.37 -13.43
N PHE C 467 2.90 -0.24 -14.13
CA PHE C 467 3.89 0.80 -13.87
C PHE C 467 3.83 1.27 -12.43
N ARG C 468 2.65 1.20 -11.84
CA ARG C 468 2.39 1.61 -10.48
C ARG C 468 2.87 0.59 -9.45
N LYS C 469 3.31 -0.61 -9.88
CA LYS C 469 3.95 -1.52 -8.94
C LYS C 469 5.24 -2.13 -9.50
N HIS C 470 5.46 -2.07 -10.80
CA HIS C 470 6.65 -2.73 -11.30
C HIS C 470 7.66 -1.74 -11.86
N MET C 471 7.23 -0.85 -12.73
CA MET C 471 8.15 0.08 -13.35
C MET C 471 8.47 1.26 -12.44
N MET C 472 7.45 2.03 -12.05
CA MET C 472 7.70 3.19 -11.21
C MET C 472 7.69 2.82 -9.74
N GLY C 473 6.57 2.28 -9.28
CA GLY C 473 6.46 1.98 -7.87
C GLY C 473 7.02 0.63 -7.48
N LYS C 474 8.34 0.49 -7.51
CA LYS C 474 8.96 -0.83 -7.40
C LYS C 474 8.86 -1.40 -6.00
N ARG C 475 8.82 -2.73 -5.93
CA ARG C 475 9.04 -3.45 -4.68
C ARG C 475 10.55 -3.50 -4.46
N VAL C 476 11.01 -3.14 -3.26
CA VAL C 476 12.40 -2.75 -3.09
C VAL C 476 13.08 -3.69 -2.10
N ASN C 477 14.32 -4.06 -2.41
CA ASN C 477 15.17 -4.76 -1.48
C ASN C 477 15.81 -3.76 -0.51
N TYR C 478 16.44 -4.29 0.55
CA TYR C 478 17.07 -3.53 1.64
C TYR C 478 16.06 -2.59 2.32
N ALA C 479 15.11 -3.22 3.01
CA ALA C 479 14.00 -2.55 3.67
C ALA C 479 13.90 -2.97 5.13
N ALA C 480 12.91 -2.39 5.81
CA ALA C 480 12.41 -2.83 7.11
C ALA C 480 11.04 -2.20 7.39
N ARG C 481 10.02 -3.05 7.58
CA ARG C 481 8.70 -2.65 8.06
C ARG C 481 8.60 -3.02 9.52
N SER C 482 8.13 -2.10 10.35
CA SER C 482 8.18 -2.33 11.78
C SER C 482 7.19 -1.45 12.50
N VAL C 483 6.83 -1.86 13.70
CA VAL C 483 5.96 -1.05 14.54
C VAL C 483 6.81 -0.03 15.28
N ILE C 484 6.26 1.16 15.43
CA ILE C 484 6.99 2.30 15.95
C ILE C 484 6.87 2.35 17.46
N SER C 485 7.76 3.14 18.09
CA SER C 485 7.71 3.35 19.53
C SER C 485 8.33 4.69 19.84
N PRO C 486 7.86 5.38 20.89
CA PRO C 486 8.52 6.63 21.28
C PRO C 486 9.52 6.42 22.41
N ASP C 487 10.64 7.15 22.40
CA ASP C 487 11.72 6.95 23.36
C ASP C 487 12.59 8.20 23.45
N PRO C 488 13.18 8.51 24.63
CA PRO C 488 13.90 9.77 24.80
C PRO C 488 15.33 9.64 24.34
N ASN C 489 16.11 10.66 24.67
CA ASN C 489 17.56 10.65 24.64
C ASN C 489 18.08 10.45 23.22
N ILE C 490 17.29 10.96 22.28
CA ILE C 490 17.50 10.92 20.85
C ILE C 490 17.36 12.35 20.38
N GLU C 491 18.37 12.88 19.70
CA GLU C 491 18.20 14.30 19.35
C GLU C 491 17.59 14.48 17.96
N THR C 492 16.44 13.81 17.76
CA THR C 492 15.43 14.02 16.71
C THR C 492 15.93 13.51 15.35
N ASN C 493 17.17 13.04 15.27
CA ASN C 493 17.65 12.40 14.05
C ASN C 493 18.53 11.20 14.37
N GLU C 494 18.26 10.55 15.50
CA GLU C 494 18.74 9.20 15.71
C GLU C 494 17.56 8.25 15.69
N ILE C 495 17.86 6.97 15.53
CA ILE C 495 16.89 5.90 15.72
C ILE C 495 17.58 4.80 16.50
N GLY C 496 17.04 4.47 17.66
CA GLY C 496 17.50 3.29 18.36
C GLY C 496 16.99 2.04 17.66
N VAL C 497 17.87 1.07 17.50
CA VAL C 497 17.58 -0.12 16.71
C VAL C 497 17.85 -1.39 17.50
N PRO C 498 17.08 -2.45 17.31
CA PRO C 498 17.41 -3.73 17.92
C PRO C 498 18.66 -4.31 17.27
N PRO C 499 19.40 -5.18 17.95
CA PRO C 499 20.56 -5.82 17.31
C PRO C 499 20.19 -6.76 16.17
N VAL C 500 18.93 -7.21 16.10
CA VAL C 500 18.44 -8.06 15.01
C VAL C 500 18.12 -7.28 13.75
N PHE C 501 18.08 -5.96 13.82
CA PHE C 501 18.22 -5.15 12.61
C PHE C 501 19.60 -4.57 12.49
N ALA C 502 20.45 -4.78 13.50
CA ALA C 502 21.85 -4.40 13.44
C ALA C 502 22.74 -5.56 13.05
N VAL C 503 22.15 -6.61 12.49
CA VAL C 503 22.94 -7.73 12.02
C VAL C 503 22.47 -8.12 10.63
N LYS C 504 21.28 -7.67 10.25
CA LYS C 504 20.66 -8.10 8.99
C LYS C 504 20.93 -7.11 7.86
N LEU C 505 20.53 -5.87 8.01
CA LEU C 505 20.85 -4.86 7.00
C LEU C 505 22.33 -4.53 7.11
N THR C 506 23.09 -4.90 6.08
CA THR C 506 24.51 -4.62 6.02
C THR C 506 24.79 -3.46 5.07
N TYR C 507 26.03 -3.01 5.07
CA TYR C 507 26.46 -1.82 4.32
C TYR C 507 27.75 -2.10 3.57
N PRO C 508 27.82 -1.83 2.27
CA PRO C 508 29.09 -2.06 1.55
C PRO C 508 30.09 -0.98 1.88
N GLU C 509 31.32 -1.40 2.10
CA GLU C 509 32.36 -0.46 2.48
C GLU C 509 33.70 -1.07 2.10
N PRO C 510 34.60 -0.32 1.47
CA PRO C 510 35.84 -0.91 1.00
C PRO C 510 36.87 -1.00 2.10
N VAL C 511 37.86 -1.86 1.86
CA VAL C 511 39.08 -1.78 2.64
C VAL C 511 39.92 -0.72 1.98
N THR C 512 40.88 -0.18 2.71
CA THR C 512 41.84 0.75 2.14
C THR C 512 43.13 0.47 2.91
N ALA C 513 44.12 1.34 2.78
CA ALA C 513 45.16 1.51 3.79
C ALA C 513 44.74 2.53 4.84
N TYR C 514 43.46 2.64 5.06
CA TYR C 514 42.71 3.58 5.87
C TYR C 514 41.68 2.92 6.77
N ASN C 515 41.00 1.89 6.29
CA ASN C 515 40.02 1.16 7.08
C ASN C 515 40.55 -0.25 7.28
N ILE C 516 41.40 -0.43 8.28
CA ILE C 516 41.88 -1.75 8.65
C ILE C 516 41.61 -2.05 10.12
N ALA C 517 41.86 -1.09 11.01
CA ALA C 517 41.87 -1.37 12.43
C ALA C 517 40.47 -1.57 12.96
N GLU C 518 39.55 -0.69 12.59
CA GLU C 518 38.15 -0.92 12.87
C GLU C 518 37.56 -1.97 11.96
N LEU C 519 38.06 -2.10 10.74
CA LEU C 519 37.39 -2.98 9.80
C LEU C 519 37.77 -4.44 10.00
N ARG C 520 38.93 -4.73 10.59
CA ARG C 520 39.23 -6.12 10.97
C ARG C 520 38.39 -6.58 12.14
N GLN C 521 37.83 -5.64 12.92
CA GLN C 521 36.92 -6.01 13.99
C GLN C 521 35.59 -6.49 13.45
N ALA C 522 35.19 -5.99 12.28
CA ALA C 522 33.99 -6.49 11.64
C ALA C 522 34.18 -7.91 11.14
N VAL C 523 35.38 -8.23 10.65
CA VAL C 523 35.62 -9.55 10.09
C VAL C 523 35.70 -10.59 11.20
N ILE C 524 36.27 -10.21 12.35
CA ILE C 524 36.50 -11.19 13.40
C ILE C 524 35.21 -11.48 14.18
N ASN C 525 34.25 -10.55 14.18
CA ASN C 525 32.94 -10.91 14.71
C ASN C 525 32.15 -11.69 13.70
N GLY C 526 31.94 -11.10 12.53
CA GLY C 526 31.08 -11.70 11.55
C GLY C 526 29.63 -11.44 11.91
N PRO C 527 28.76 -12.35 11.57
CA PRO C 527 27.33 -12.11 11.74
C PRO C 527 26.84 -12.45 13.13
N ASP C 528 27.75 -12.52 14.10
CA ASP C 528 27.39 -13.06 15.40
C ASP C 528 26.77 -11.99 16.29
N LYS C 529 27.37 -10.82 16.35
CA LYS C 529 27.15 -9.90 17.46
C LYS C 529 27.25 -8.46 17.01
N TRP C 530 27.79 -7.67 17.98
CA TRP C 530 28.19 -6.23 17.86
C TRP C 530 28.51 -6.09 16.38
N PRO C 531 28.23 -4.99 15.66
CA PRO C 531 28.23 -5.22 14.21
C PRO C 531 29.53 -5.71 13.58
N GLY C 532 29.39 -6.70 12.71
CA GLY C 532 30.49 -7.45 12.13
C GLY C 532 30.53 -7.43 10.62
N ALA C 533 30.88 -8.55 9.96
CA ALA C 533 31.01 -8.60 8.51
C ALA C 533 30.42 -9.91 7.98
N THR C 534 29.45 -9.81 7.06
CA THR C 534 28.70 -10.98 6.64
C THR C 534 29.09 -11.53 5.27
N GLN C 535 29.35 -10.67 4.27
CA GLN C 535 29.65 -11.16 2.91
C GLN C 535 30.93 -10.50 2.41
N ILE C 536 32.07 -11.14 2.68
CA ILE C 536 33.34 -10.65 2.20
C ILE C 536 33.47 -10.99 0.72
N GLN C 537 33.86 -10.01 -0.07
CA GLN C 537 34.08 -10.20 -1.50
C GLN C 537 35.57 -10.00 -1.78
N ASN C 538 35.97 -10.21 -3.03
CA ASN C 538 37.39 -10.19 -3.37
C ASN C 538 37.59 -9.34 -4.62
N GLU C 539 38.80 -9.42 -5.20
CA GLU C 539 39.19 -8.51 -6.28
C GLU C 539 38.42 -8.73 -7.57
N ASP C 540 37.73 -9.86 -7.69
CA ASP C 540 36.99 -10.20 -8.90
C ASP C 540 35.49 -10.20 -8.74
N GLY C 541 34.99 -10.28 -7.51
CA GLY C 541 33.56 -10.34 -7.31
C GLY C 541 33.07 -11.64 -6.71
N SER C 542 33.89 -12.24 -5.84
CA SER C 542 33.47 -13.45 -5.15
C SER C 542 32.43 -13.11 -4.08
N LEU C 543 31.85 -14.16 -3.49
CA LEU C 543 30.88 -14.00 -2.41
C LEU C 543 31.29 -14.97 -1.31
N VAL C 544 32.27 -14.58 -0.50
CA VAL C 544 32.78 -15.41 0.59
C VAL C 544 31.97 -15.05 1.82
N SER C 545 30.97 -15.87 2.13
CA SER C 545 30.17 -15.65 3.31
C SER C 545 30.96 -16.02 4.56
N LEU C 546 30.37 -15.75 5.73
CA LEU C 546 30.97 -16.12 6.99
C LEU C 546 29.90 -16.60 7.97
N ILE C 547 28.71 -16.95 7.47
CA ILE C 547 27.61 -17.31 8.35
C ILE C 547 27.76 -18.71 8.93
N GLY C 548 28.77 -19.46 8.50
CA GLY C 548 29.06 -20.75 9.09
C GLY C 548 30.55 -20.93 9.32
N MET C 549 31.34 -19.93 8.93
CA MET C 549 32.77 -20.05 9.09
C MET C 549 33.17 -19.69 10.51
N SER C 550 34.06 -20.50 11.08
CA SER C 550 34.34 -20.45 12.51
C SER C 550 35.21 -19.26 12.85
N VAL C 551 35.52 -19.14 14.14
CA VAL C 551 36.37 -18.05 14.62
C VAL C 551 37.82 -18.27 14.21
N GLU C 552 38.19 -19.48 13.82
CA GLU C 552 39.46 -19.65 13.14
C GLU C 552 39.44 -18.97 11.78
N GLN C 553 38.31 -19.06 11.08
CA GLN C 553 38.11 -18.38 9.81
C GLN C 553 37.56 -16.97 9.97
N ARG C 554 37.42 -16.50 11.21
CA ARG C 554 37.17 -15.10 11.48
C ARG C 554 38.42 -14.34 11.84
N LYS C 555 39.37 -14.99 12.52
CA LYS C 555 40.69 -14.40 12.70
C LYS C 555 41.55 -14.53 11.46
N ALA C 556 41.21 -15.44 10.56
CA ALA C 556 42.04 -15.64 9.38
C ALA C 556 41.84 -14.53 8.36
N LEU C 557 40.60 -14.34 7.93
CA LEU C 557 40.29 -13.49 6.79
C LEU C 557 40.56 -12.02 7.07
N ALA C 558 40.62 -11.63 8.34
CA ALA C 558 40.99 -10.27 8.70
C ALA C 558 42.47 -9.98 8.47
N ASN C 559 43.30 -11.01 8.37
CA ASN C 559 44.69 -10.85 7.97
C ASN C 559 44.88 -11.05 6.47
N GLN C 560 43.83 -10.83 5.67
CA GLN C 560 43.83 -11.25 4.28
C GLN C 560 43.26 -10.17 3.37
N LEU C 561 42.40 -9.32 3.95
CA LEU C 561 41.48 -8.50 3.17
C LEU C 561 42.17 -7.42 2.35
N LEU C 562 43.33 -6.95 2.77
CA LEU C 562 44.05 -5.92 2.03
C LEU C 562 45.20 -6.62 1.31
N THR C 563 44.99 -6.93 0.03
CA THR C 563 45.93 -7.66 -0.79
C THR C 563 45.75 -7.15 -2.22
N PRO C 564 46.84 -6.81 -2.91
CA PRO C 564 46.73 -6.49 -4.33
C PRO C 564 46.35 -7.72 -5.13
N SER C 565 45.69 -7.47 -6.26
CA SER C 565 45.07 -8.54 -7.04
C SER C 565 46.10 -9.41 -7.73
N SER C 566 45.74 -10.69 -7.89
CA SER C 566 46.57 -11.59 -8.68
C SER C 566 46.56 -11.18 -10.15
N ASN C 567 45.36 -10.99 -10.71
CA ASN C 567 45.26 -10.36 -12.02
C ASN C 567 45.66 -8.90 -11.89
N VAL C 568 46.74 -8.52 -12.58
CA VAL C 568 47.10 -7.10 -12.63
C VAL C 568 46.24 -6.32 -13.59
N SER C 569 45.23 -6.94 -14.21
CA SER C 569 44.23 -6.20 -14.95
C SER C 569 43.18 -5.58 -14.04
N THR C 570 43.09 -6.02 -12.78
CA THR C 570 42.23 -5.39 -11.79
C THR C 570 43.17 -4.92 -10.68
N HIS C 571 44.24 -4.24 -11.08
CA HIS C 571 45.37 -3.98 -10.18
C HIS C 571 45.04 -2.95 -9.11
N THR C 572 44.09 -2.07 -9.36
CA THR C 572 43.81 -0.97 -8.43
C THR C 572 42.74 -1.30 -7.41
N LEU C 573 41.91 -2.31 -7.67
CA LEU C 573 40.77 -2.58 -6.81
C LEU C 573 41.22 -3.21 -5.49
N ASN C 574 40.27 -3.37 -4.59
CA ASN C 574 40.50 -3.90 -3.25
C ASN C 574 39.19 -4.44 -2.70
N LYS C 575 39.30 -5.28 -1.68
CA LYS C 575 38.16 -6.07 -1.20
C LYS C 575 37.18 -5.19 -0.44
N LYS C 576 35.91 -5.56 -0.47
CA LYS C 576 34.87 -4.74 0.13
C LYS C 576 34.28 -5.49 1.31
N VAL C 577 34.66 -5.12 2.53
CA VAL C 577 34.15 -5.74 3.74
C VAL C 577 32.79 -5.14 4.05
N TYR C 578 31.74 -5.95 3.98
CA TYR C 578 30.38 -5.46 4.11
C TYR C 578 30.01 -5.44 5.59
N ARG C 579 30.18 -4.30 6.24
CA ARG C 579 29.86 -4.27 7.65
C ARG C 579 28.36 -4.02 7.84
N HIS C 580 27.88 -4.20 9.07
CA HIS C 580 26.44 -4.27 9.26
C HIS C 580 25.82 -2.87 9.25
N ILE C 581 26.08 -2.12 10.31
CA ILE C 581 25.47 -0.81 10.53
C ILE C 581 26.26 -0.22 11.70
N LYS C 582 26.27 1.09 11.84
CA LYS C 582 27.09 1.68 12.89
C LYS C 582 26.34 2.83 13.53
N ASN C 583 27.09 3.57 14.34
CA ASN C 583 26.77 4.91 14.77
C ASN C 583 27.17 5.97 13.75
N ARG C 584 27.61 5.55 12.55
CA ARG C 584 28.20 6.48 11.62
C ARG C 584 27.57 6.39 10.24
N ASP C 585 26.33 5.90 10.14
CA ASP C 585 25.62 5.88 8.89
C ASP C 585 24.17 6.24 9.13
N VAL C 586 23.43 6.36 8.04
CA VAL C 586 22.16 7.07 8.02
C VAL C 586 21.08 6.10 7.63
N VAL C 587 20.00 6.09 8.37
CA VAL C 587 18.80 5.36 8.00
C VAL C 587 17.76 6.36 7.53
N LEU C 588 17.29 6.16 6.32
CA LEU C 588 16.11 6.86 5.86
C LEU C 588 14.88 6.07 6.29
N MET C 589 13.82 6.79 6.62
CA MET C 589 12.57 6.22 7.12
C MET C 589 11.41 7.01 6.55
N ASN C 590 10.35 6.32 6.14
CA ASN C 590 9.19 7.06 5.71
C ASN C 590 7.91 6.28 5.98
N ARG C 591 6.86 7.05 6.27
CA ARG C 591 5.52 6.58 6.52
C ARG C 591 4.83 6.26 5.21
N GLN C 592 3.94 5.27 5.21
CA GLN C 592 3.35 4.77 3.99
C GLN C 592 2.19 5.62 3.44
N PRO C 593 1.17 6.07 4.24
CA PRO C 593 0.10 6.86 3.59
C PRO C 593 0.38 8.35 3.49
N THR C 594 1.66 8.76 3.56
CA THR C 594 1.99 10.18 3.55
C THR C 594 1.62 10.85 2.24
N LEU C 595 1.36 12.16 2.32
CA LEU C 595 0.86 12.94 1.20
C LEU C 595 1.54 14.30 1.15
N HIS C 596 2.83 14.36 1.48
CA HIS C 596 3.54 15.63 1.47
C HIS C 596 5.04 15.37 1.30
N LYS C 597 5.83 16.42 1.49
CA LYS C 597 7.26 16.40 1.17
C LYS C 597 8.14 16.09 2.37
N ALA C 598 7.77 16.51 3.57
CA ALA C 598 8.61 16.44 4.76
C ALA C 598 8.48 15.12 5.49
N SER C 599 8.18 14.04 4.77
CA SER C 599 7.98 12.75 5.40
C SER C 599 9.16 11.81 5.19
N MET C 600 10.00 12.06 4.21
CA MET C 600 11.13 11.21 3.89
C MET C 600 12.32 11.75 4.67
N MET C 601 12.24 11.70 5.99
CA MET C 601 13.21 12.37 6.84
C MET C 601 14.25 11.38 7.31
N GLY C 602 15.50 11.59 6.87
CA GLY C 602 16.58 10.72 7.25
C GLY C 602 17.00 10.92 8.68
N HIS C 603 17.64 9.89 9.23
CA HIS C 603 18.11 9.90 10.60
C HIS C 603 19.41 9.12 10.64
N LYS C 604 20.24 9.39 11.63
CA LYS C 604 21.30 8.42 11.86
C LYS C 604 20.77 7.38 12.83
N VAL C 605 21.64 6.45 13.25
CA VAL C 605 21.22 5.36 14.13
C VAL C 605 22.28 5.08 15.17
N ARG C 606 21.83 4.82 16.39
CA ARG C 606 22.65 4.31 17.46
C ARG C 606 22.09 2.94 17.84
N VAL C 607 22.98 1.94 17.94
CA VAL C 607 22.54 0.60 18.28
C VAL C 607 22.00 0.57 19.71
N LEU C 608 20.91 -0.17 19.88
CA LEU C 608 20.09 -0.06 21.10
C LEU C 608 19.72 -1.45 21.57
N PRO C 609 20.48 -2.02 22.50
CA PRO C 609 20.27 -3.43 22.86
C PRO C 609 18.99 -3.61 23.64
N ASN C 610 17.93 -3.99 22.95
CA ASN C 610 16.56 -4.00 23.46
C ASN C 610 15.71 -4.85 22.53
N GLU C 611 14.40 -4.74 22.70
CA GLU C 611 13.45 -5.62 22.06
C GLU C 611 13.21 -5.17 20.62
N LYS C 612 12.25 -5.81 19.96
CA LYS C 612 12.16 -5.83 18.51
C LYS C 612 11.07 -4.86 18.05
N THR C 613 11.41 -3.58 18.02
CA THR C 613 10.59 -2.54 17.42
C THR C 613 11.51 -1.38 17.08
N LEU C 614 10.95 -0.39 16.40
CA LEU C 614 11.73 0.77 15.98
C LEU C 614 11.28 2.00 16.73
N ARG C 615 12.26 2.85 17.04
CA ARG C 615 12.14 3.87 18.06
C ARG C 615 12.13 5.23 17.41
N LEU C 616 10.95 5.82 17.31
CA LEU C 616 10.85 7.21 16.86
C LEU C 616 11.13 8.16 18.01
N HIS C 617 11.66 9.33 17.68
CA HIS C 617 11.80 10.32 18.72
C HIS C 617 10.49 11.06 18.93
N TYR C 618 10.34 11.56 20.16
CA TYR C 618 9.21 12.34 20.65
C TYR C 618 8.77 13.43 19.68
N ALA C 619 9.69 14.34 19.33
CA ALA C 619 9.33 15.52 18.57
C ALA C 619 9.02 15.23 17.12
N ASN C 620 9.49 14.09 16.61
CA ASN C 620 9.40 13.82 15.20
C ASN C 620 8.00 13.41 14.75
N THR C 621 7.08 13.19 15.68
CA THR C 621 5.75 12.74 15.30
C THR C 621 4.91 13.81 14.64
N GLY C 622 5.35 15.07 14.67
CA GLY C 622 4.60 16.11 14.00
C GLY C 622 4.69 16.04 12.50
N ALA C 623 5.80 15.56 11.98
CA ALA C 623 5.97 15.50 10.53
C ALA C 623 5.16 14.36 9.94
N TYR C 624 5.25 13.18 10.55
CA TYR C 624 4.79 11.94 9.94
C TYR C 624 3.29 11.77 10.00
N ASN C 625 2.58 12.64 10.72
CA ASN C 625 1.17 12.50 11.10
C ASN C 625 0.93 11.12 11.73
N ALA C 626 1.57 10.93 12.87
CA ALA C 626 1.63 9.63 13.50
C ALA C 626 0.72 9.54 14.72
N ASP C 627 0.37 8.31 15.06
CA ASP C 627 -0.27 7.96 16.32
C ASP C 627 0.60 6.91 16.99
N PHE C 628 0.07 6.23 17.99
CA PHE C 628 0.61 4.95 18.40
C PHE C 628 -0.49 3.92 18.62
N ASP C 629 -1.63 4.07 17.94
CA ASP C 629 -2.77 3.17 18.10
C ASP C 629 -2.72 1.97 17.15
N GLY C 630 -1.52 1.49 16.85
CA GLY C 630 -1.31 0.40 15.90
C GLY C 630 -0.61 0.83 14.63
N ASP C 631 -0.44 2.13 14.41
CA ASP C 631 0.14 2.62 13.18
C ASP C 631 1.64 2.34 13.17
N GLU C 632 2.17 2.12 11.96
CA GLU C 632 3.54 1.65 11.84
C GLU C 632 4.10 2.00 10.47
N MET C 633 5.35 2.45 10.45
CA MET C 633 5.98 3.02 9.26
C MET C 633 7.25 2.25 8.91
N ASN C 634 7.79 2.56 7.72
CA ASN C 634 8.85 1.74 7.13
C ASN C 634 10.21 2.09 7.72
N MET C 635 11.24 1.65 7.01
CA MET C 635 12.65 1.94 7.23
C MET C 635 13.39 1.49 6.00
N HIS C 636 14.26 2.35 5.46
CA HIS C 636 15.04 1.94 4.32
C HIS C 636 16.51 2.13 4.65
N PHE C 637 17.39 1.98 3.66
CA PHE C 637 18.82 2.12 3.93
C PHE C 637 19.50 2.49 2.63
N PRO C 638 20.55 3.30 2.69
CA PRO C 638 21.36 3.52 1.48
C PRO C 638 22.52 2.54 1.32
N GLN C 639 22.49 1.75 0.25
CA GLN C 639 23.50 0.74 -0.02
C GLN C 639 24.64 1.27 -0.86
N ASN C 640 24.92 2.56 -0.77
CA ASN C 640 26.13 3.14 -1.32
C ASN C 640 26.67 4.09 -0.26
N GLU C 641 27.71 4.84 -0.62
CA GLU C 641 28.18 5.86 0.30
C GLU C 641 27.78 7.27 -0.12
N ASN C 642 27.53 7.50 -1.41
CA ASN C 642 27.23 8.85 -1.86
C ASN C 642 25.82 9.25 -1.44
N ALA C 643 24.99 8.27 -1.07
CA ALA C 643 23.70 8.57 -0.48
C ALA C 643 23.80 8.76 1.02
N ARG C 644 24.93 8.41 1.62
CA ARG C 644 25.19 8.85 2.99
C ARG C 644 25.57 10.31 3.02
N ALA C 645 26.13 10.82 1.92
CA ALA C 645 26.47 12.24 1.85
C ALA C 645 25.22 13.10 1.90
N GLU C 646 24.22 12.74 1.11
CA GLU C 646 23.05 13.59 0.96
C GLU C 646 21.98 13.31 2.02
N ALA C 647 21.79 12.07 2.44
CA ALA C 647 20.73 11.81 3.41
C ALA C 647 21.12 12.22 4.82
N LEU C 648 22.41 12.41 5.08
CA LEU C 648 22.85 13.06 6.30
C LEU C 648 22.78 14.58 6.19
N ASN C 649 22.65 15.11 4.97
CA ASN C 649 22.78 16.54 4.76
C ASN C 649 21.61 17.13 3.96
N LEU C 650 20.64 16.33 3.54
CA LEU C 650 19.44 16.89 2.93
C LEU C 650 18.14 16.31 3.46
N ALA C 651 18.08 15.03 3.81
CA ALA C 651 16.90 14.49 4.45
C ALA C 651 16.98 14.59 5.97
N ASN C 652 17.95 15.33 6.48
CA ASN C 652 18.18 15.47 7.91
C ASN C 652 17.08 16.31 8.55
N THR C 653 16.86 16.10 9.85
CA THR C 653 15.78 16.80 10.55
C THR C 653 16.09 18.27 10.80
N ASP C 654 17.34 18.71 10.61
CA ASP C 654 17.63 20.12 10.77
C ASP C 654 16.99 20.94 9.66
N SER C 655 16.91 20.37 8.46
CA SER C 655 16.49 21.09 7.27
C SER C 655 15.03 20.87 6.93
N GLN C 656 14.25 20.30 7.85
CA GLN C 656 12.82 20.18 7.57
C GLN C 656 12.00 20.74 8.73
N TYR C 657 12.53 21.73 9.44
CA TYR C 657 11.76 22.42 10.47
C TYR C 657 10.56 23.12 9.87
N LEU C 658 10.83 24.15 9.09
CA LEU C 658 9.77 24.94 8.50
C LEU C 658 9.29 24.20 7.27
N THR C 659 8.06 23.74 7.30
CA THR C 659 7.61 23.01 6.13
C THR C 659 7.20 23.99 5.03
N PRO C 660 7.47 23.66 3.77
CA PRO C 660 7.04 24.53 2.68
C PRO C 660 5.62 24.20 2.24
N THR C 661 4.68 24.51 3.08
CA THR C 661 3.32 24.50 2.62
C THR C 661 2.64 25.83 2.88
N SER C 662 2.87 26.43 4.04
CA SER C 662 2.41 27.77 4.32
C SER C 662 3.54 28.59 4.92
N GLY C 663 4.40 27.92 5.67
CA GLY C 663 5.25 28.57 6.65
C GLY C 663 4.80 28.35 8.07
N SER C 664 3.86 27.44 8.32
CA SER C 664 3.50 27.06 9.67
C SER C 664 4.33 25.84 10.07
N PRO C 665 5.19 25.95 11.08
CA PRO C 665 6.10 24.84 11.38
C PRO C 665 5.37 23.67 12.02
N VAL C 666 5.82 22.47 11.70
CA VAL C 666 5.32 21.25 12.32
C VAL C 666 6.52 20.45 12.80
N ARG C 667 6.98 20.75 14.01
CA ARG C 667 8.07 20.08 14.71
C ARG C 667 8.14 20.66 16.12
N GLY C 668 8.21 19.79 17.12
CA GLY C 668 8.26 20.24 18.50
C GLY C 668 7.49 19.35 19.45
N LEU C 669 7.80 19.47 20.74
CA LEU C 669 7.22 18.61 21.77
C LEU C 669 5.86 19.18 22.12
N ILE C 670 4.78 18.52 21.70
CA ILE C 670 3.49 19.18 21.74
C ILE C 670 2.48 18.49 22.64
N GLN C 671 2.87 17.44 23.35
CA GLN C 671 1.88 16.73 24.16
C GLN C 671 2.13 16.82 25.66
N ASP C 672 3.26 16.32 26.15
CA ASP C 672 3.42 16.25 27.60
C ASP C 672 4.45 17.20 28.15
N HIS C 673 5.53 17.45 27.41
CA HIS C 673 6.57 18.36 27.86
C HIS C 673 6.15 19.79 27.75
N ILE C 674 4.96 20.08 27.23
CA ILE C 674 4.51 21.45 27.07
C ILE C 674 3.32 21.78 27.95
N SER C 675 2.51 20.82 28.38
CA SER C 675 1.63 21.10 29.49
C SER C 675 2.36 20.99 30.81
N ALA C 676 3.57 20.44 30.81
CA ALA C 676 4.50 20.53 31.93
C ALA C 676 5.46 21.69 31.77
N GLY C 677 5.33 22.48 30.71
CA GLY C 677 6.03 23.74 30.66
C GLY C 677 5.35 24.79 31.50
N VAL C 678 4.04 24.64 31.71
CA VAL C 678 3.29 25.58 32.54
C VAL C 678 3.71 25.46 34.00
N TRP C 679 3.90 24.24 34.49
CA TRP C 679 4.24 23.96 35.87
C TRP C 679 5.73 23.95 36.12
N LEU C 680 6.53 24.42 35.17
CA LEU C 680 7.97 24.52 35.35
C LEU C 680 8.40 25.97 35.55
N THR C 681 8.08 26.83 34.59
CA THR C 681 8.69 28.14 34.59
C THR C 681 7.88 29.18 35.34
N SER C 682 6.64 28.87 35.74
CA SER C 682 5.85 29.81 36.52
C SER C 682 6.40 29.93 37.93
N LYS C 683 5.91 30.94 38.65
CA LYS C 683 6.44 31.22 39.98
C LYS C 683 5.90 30.30 41.05
N ASP C 684 4.97 29.41 40.72
CA ASP C 684 4.58 28.37 41.65
C ASP C 684 5.50 27.16 41.59
N SER C 685 6.61 27.27 40.88
CA SER C 685 7.63 26.22 40.77
C SER C 685 8.97 26.85 41.10
N PHE C 686 9.29 26.89 42.37
CA PHE C 686 10.54 27.47 42.86
C PHE C 686 11.52 26.37 43.22
N PHE C 687 12.79 26.59 42.93
CA PHE C 687 13.79 25.53 42.95
C PHE C 687 14.95 25.86 43.87
N THR C 688 15.49 24.82 44.49
CA THR C 688 16.68 24.97 45.29
C THR C 688 17.91 24.76 44.43
N ARG C 689 19.08 24.84 45.07
CA ARG C 689 20.34 24.65 44.36
C ARG C 689 20.46 23.23 43.84
N GLU C 690 20.03 22.25 44.64
CA GLU C 690 20.09 20.86 44.18
C GLU C 690 19.10 20.57 43.09
N GLN C 691 17.97 21.28 43.03
CA GLN C 691 17.10 21.10 41.89
C GLN C 691 17.63 21.79 40.66
N TYR C 692 18.16 23.00 40.83
CA TYR C 692 18.73 23.74 39.70
C TYR C 692 19.98 23.05 39.17
N GLN C 693 20.73 22.37 40.03
CA GLN C 693 21.94 21.72 39.54
C GLN C 693 21.62 20.45 38.76
N GLN C 694 20.70 19.62 39.27
CA GLN C 694 20.39 18.38 38.59
C GLN C 694 19.59 18.62 37.32
N TYR C 695 18.78 19.65 37.28
CA TYR C 695 17.94 19.89 36.12
C TYR C 695 18.68 20.46 34.93
N ILE C 696 20.00 20.59 34.96
CA ILE C 696 20.67 21.01 33.73
C ILE C 696 21.61 19.89 33.30
N TYR C 697 22.14 19.14 34.27
CA TYR C 697 23.05 18.08 33.90
C TYR C 697 22.31 16.88 33.35
N GLY C 698 21.02 16.79 33.62
CA GLY C 698 20.22 15.87 32.87
C GLY C 698 19.84 16.35 31.48
N CYS C 699 20.35 17.49 31.05
CA CYS C 699 20.05 18.05 29.74
C CYS C 699 21.30 18.21 28.88
N ILE C 700 22.36 18.79 29.45
CA ILE C 700 23.51 19.19 28.66
C ILE C 700 24.31 17.97 28.23
N ARG C 701 24.79 17.21 29.20
CA ARG C 701 25.64 16.03 29.07
C ARG C 701 26.91 16.40 28.32
N PRO C 702 27.83 17.14 28.95
CA PRO C 702 29.00 17.68 28.23
C PRO C 702 30.00 16.62 27.79
N GLU C 703 29.86 15.38 28.24
CA GLU C 703 30.72 14.32 27.74
C GLU C 703 30.42 14.01 26.28
N ASP C 704 29.18 14.17 25.85
CA ASP C 704 28.90 14.11 24.43
C ASP C 704 29.37 15.35 23.70
N GLY C 705 29.55 16.45 24.42
CA GLY C 705 30.03 17.68 23.83
C GLY C 705 28.88 18.63 23.60
N HIS C 706 28.65 19.50 24.58
CA HIS C 706 27.69 20.57 24.43
C HIS C 706 28.18 21.87 25.07
N THR C 707 29.33 21.85 25.74
CA THR C 707 29.96 23.08 26.20
C THR C 707 30.82 23.66 25.10
N THR C 708 31.17 24.92 25.28
CA THR C 708 31.91 25.62 24.23
C THR C 708 33.05 26.49 24.72
N ARG C 709 33.14 26.83 26.00
CA ARG C 709 34.24 27.68 26.45
C ARG C 709 35.34 26.88 27.15
N SER C 710 35.03 26.20 28.26
CA SER C 710 35.81 25.06 28.72
C SER C 710 34.97 23.96 29.34
N LYS C 711 33.79 24.28 29.85
CA LYS C 711 33.04 23.47 30.80
C LYS C 711 31.66 24.10 30.89
N ILE C 712 30.88 23.72 31.89
CA ILE C 712 29.60 24.34 32.12
C ILE C 712 29.72 25.39 33.19
N VAL C 713 28.86 26.41 33.11
CA VAL C 713 28.73 27.46 34.11
C VAL C 713 27.25 27.75 34.30
N THR C 714 26.92 28.34 35.45
CA THR C 714 25.56 28.78 35.76
C THR C 714 25.55 30.24 36.14
N LEU C 715 24.38 30.71 36.56
CA LEU C 715 24.19 32.10 36.93
C LEU C 715 24.26 32.24 38.45
N PRO C 716 24.33 33.46 38.98
CA PRO C 716 24.13 33.64 40.41
C PRO C 716 22.67 33.38 40.78
N PRO C 717 22.41 33.03 42.04
CA PRO C 717 21.04 32.73 42.44
C PRO C 717 20.21 33.99 42.51
N THR C 718 18.90 33.79 42.38
CA THR C 718 17.99 34.91 42.45
C THR C 718 17.92 35.43 43.88
N ILE C 719 17.43 34.64 44.81
CA ILE C 719 17.25 35.07 46.18
C ILE C 719 18.51 34.75 46.98
N PHE C 720 18.98 35.72 47.75
CA PHE C 720 20.13 35.52 48.64
C PHE C 720 19.63 35.50 50.07
N LYS C 721 19.95 34.41 50.76
CA LYS C 721 19.26 33.94 51.95
C LYS C 721 19.96 32.65 52.38
N PRO C 722 19.81 32.23 53.64
CA PRO C 722 20.36 30.91 54.04
C PRO C 722 19.92 29.70 53.23
N TYR C 723 18.90 29.80 52.39
CA TYR C 723 18.85 28.93 51.21
C TYR C 723 18.68 29.81 49.98
N PRO C 724 19.59 29.73 49.01
CA PRO C 724 19.36 30.42 47.74
C PRO C 724 18.31 29.68 46.93
N LEU C 725 17.19 30.35 46.69
CA LEU C 725 16.17 29.79 45.82
C LEU C 725 16.57 30.01 44.36
N TRP C 726 15.85 29.35 43.45
CA TRP C 726 15.99 29.60 42.03
C TRP C 726 14.59 29.68 41.45
N THR C 727 14.50 29.89 40.15
CA THR C 727 13.24 30.13 39.51
C THR C 727 13.16 29.30 38.24
N GLY C 728 11.95 28.88 37.87
CA GLY C 728 11.77 28.19 36.61
C GLY C 728 12.03 29.06 35.39
N LYS C 729 11.89 30.37 35.54
CA LYS C 729 12.39 31.30 34.53
C LYS C 729 13.91 31.17 34.39
N GLN C 730 14.61 30.96 35.50
CA GLN C 730 16.05 30.80 35.46
C GLN C 730 16.44 29.46 34.82
N ILE C 731 15.54 28.46 34.87
CA ILE C 731 15.83 27.13 34.35
C ILE C 731 16.01 27.16 32.85
N ILE C 732 15.04 27.73 32.13
CA ILE C 732 15.08 27.77 30.68
C ILE C 732 16.21 28.64 30.17
N THR C 733 16.72 29.54 30.99
CA THR C 733 17.78 30.44 30.55
C THR C 733 19.09 29.71 30.39
N THR C 734 19.55 29.04 31.45
CA THR C 734 20.92 28.55 31.47
C THR C 734 21.12 27.35 30.55
N VAL C 735 20.05 26.62 30.22
CA VAL C 735 20.14 25.59 29.18
C VAL C 735 20.18 26.21 27.81
N LEU C 736 19.62 27.42 27.71
CA LEU C 736 19.59 28.22 26.47
C LEU C 736 20.87 29.07 26.42
N LEU C 737 21.72 28.92 27.43
CA LEU C 737 22.97 29.64 27.52
C LEU C 737 24.19 28.74 27.41
N ASN C 738 24.10 27.47 27.81
CA ASN C 738 25.27 26.62 27.92
C ASN C 738 25.54 25.82 26.65
N VAL C 739 25.00 26.24 25.51
CA VAL C 739 25.23 25.47 24.28
C VAL C 739 25.69 26.39 23.16
N THR C 740 25.28 27.66 23.20
CA THR C 740 25.61 28.62 22.15
C THR C 740 27.06 29.04 22.29
N PRO C 741 27.85 29.01 21.22
CA PRO C 741 29.25 29.40 21.32
C PRO C 741 29.39 30.87 21.64
N PRO C 742 30.52 31.30 22.20
CA PRO C 742 30.70 32.73 22.47
C PRO C 742 31.00 33.52 21.21
N ASP C 743 31.33 34.81 21.38
CA ASP C 743 31.24 35.82 20.33
C ASP C 743 29.87 35.77 19.67
N MET C 744 28.84 35.76 20.49
CA MET C 744 27.48 35.63 20.01
C MET C 744 26.54 36.24 21.03
N PRO C 745 25.82 37.30 20.68
CA PRO C 745 24.87 37.87 21.62
C PRO C 745 23.65 36.98 21.79
N GLY C 746 23.00 37.14 22.93
CA GLY C 746 21.76 36.45 23.16
C GLY C 746 20.64 36.99 22.30
N ILE C 747 19.61 36.24 22.21
CA ILE C 747 18.50 36.54 21.32
C ILE C 747 17.42 37.29 22.07
N ASN C 748 16.58 38.00 21.34
CA ASN C 748 15.55 38.84 21.95
C ASN C 748 14.22 38.62 21.27
N LEU C 749 13.31 37.99 21.99
CA LEU C 749 11.97 37.74 21.49
C LEU C 749 10.98 38.62 22.21
N ILE C 750 9.93 38.99 21.47
CA ILE C 750 8.71 39.52 22.04
C ILE C 750 7.58 38.79 21.34
N SER C 751 6.79 38.05 22.10
CA SER C 751 5.75 37.23 21.51
C SER C 751 4.62 37.05 22.52
N LYS C 752 3.72 36.11 22.25
CA LYS C 752 2.53 35.92 23.08
C LYS C 752 2.42 34.50 23.59
N ASN C 753 1.27 34.19 24.20
CA ASN C 753 0.93 32.83 24.61
C ASN C 753 -0.56 32.61 24.41
N LYS C 754 -1.08 31.56 25.02
CA LYS C 754 -2.51 31.29 24.92
C LYS C 754 -3.14 31.28 26.31
N ILE C 755 -2.55 31.98 27.28
CA ILE C 755 -2.88 31.79 28.69
C ILE C 755 -3.80 32.90 29.20
N LYS C 756 -3.68 34.11 28.63
CA LYS C 756 -4.56 35.26 28.83
C LYS C 756 -4.80 35.63 30.30
N ASN C 757 -3.85 36.38 30.89
CA ASN C 757 -3.57 36.62 32.31
C ASN C 757 -4.74 36.76 33.28
N GLU C 758 -5.94 37.03 32.78
CA GLU C 758 -7.18 36.91 33.55
C GLU C 758 -7.36 35.55 34.21
N TYR C 759 -6.67 34.50 33.76
CA TYR C 759 -6.61 33.24 34.46
C TYR C 759 -5.46 33.15 35.45
N TRP C 760 -4.54 34.12 35.46
CA TRP C 760 -3.60 34.21 36.57
C TRP C 760 -4.08 35.14 37.66
N GLY C 761 -5.37 35.50 37.67
CA GLY C 761 -5.90 36.34 38.72
C GLY C 761 -6.28 37.73 38.25
N LYS C 762 -5.57 38.74 38.75
CA LYS C 762 -5.77 40.11 38.29
C LYS C 762 -4.42 40.80 38.14
N GLY C 763 -4.32 41.60 37.08
CA GLY C 763 -3.27 42.59 36.93
C GLY C 763 -1.83 42.12 36.74
N SER C 764 -1.55 40.85 37.00
CA SER C 764 -0.22 40.32 36.78
C SER C 764 -0.09 39.94 35.32
N LEU C 765 0.87 40.54 34.63
CA LEU C 765 1.02 40.36 33.19
C LEU C 765 2.10 39.31 32.94
N GLU C 766 1.67 38.09 32.63
CA GLU C 766 2.60 37.04 32.25
C GLU C 766 2.11 36.26 31.02
N ASN C 767 1.21 36.85 30.24
CA ASN C 767 0.91 36.35 28.91
C ASN C 767 2.03 36.73 27.94
N GLU C 768 2.88 37.68 28.33
CA GLU C 768 3.82 38.31 27.44
C GLU C 768 5.22 37.78 27.72
N VAL C 769 5.92 37.37 26.67
CA VAL C 769 7.26 36.84 26.81
C VAL C 769 8.27 37.87 26.35
N LEU C 770 9.47 37.78 26.89
CA LEU C 770 10.53 38.73 26.59
C LEU C 770 11.88 38.11 26.94
N PHE C 771 12.80 38.13 25.99
CA PHE C 771 14.09 37.49 26.17
C PHE C 771 15.17 38.56 26.16
N LYS C 772 15.37 39.21 27.29
CA LYS C 772 16.53 40.08 27.42
C LYS C 772 17.76 39.19 27.56
N ASP C 773 18.64 39.25 26.56
CA ASP C 773 19.82 38.39 26.44
C ASP C 773 19.43 36.91 26.45
N GLY C 774 18.26 36.59 25.91
CA GLY C 774 17.80 35.22 25.86
C GLY C 774 17.50 34.63 27.22
N ALA C 775 16.48 35.15 27.88
CA ALA C 775 16.09 34.66 29.19
C ALA C 775 14.62 34.94 29.36
N LEU C 776 13.84 33.95 29.80
CA LEU C 776 12.39 34.15 29.95
C LEU C 776 12.20 35.08 31.12
N LEU C 777 12.28 36.37 30.83
CA LEU C 777 12.43 37.37 31.84
C LEU C 777 11.07 37.85 32.30
N CYS C 778 10.02 37.58 31.54
CA CYS C 778 8.65 37.73 31.95
C CYS C 778 7.79 36.76 31.15
N GLY C 779 6.76 36.23 31.80
CA GLY C 779 5.77 35.42 31.13
C GLY C 779 6.02 33.94 31.24
N ILE C 780 4.96 33.16 31.04
CA ILE C 780 5.03 31.70 31.07
C ILE C 780 4.90 31.18 29.65
N LEU C 781 5.95 30.47 29.23
CA LEU C 781 5.98 29.67 28.00
C LEU C 781 4.82 28.70 27.89
N ASP C 782 4.29 28.56 26.67
CA ASP C 782 3.18 27.65 26.42
C ASP C 782 3.21 27.18 24.96
N LYS C 783 2.05 26.74 24.44
CA LYS C 783 1.88 26.16 23.11
C LYS C 783 2.44 27.03 22.00
N SER C 784 2.15 28.32 22.05
CA SER C 784 2.60 29.23 21.01
C SER C 784 4.07 29.59 21.12
N GLN C 785 4.82 28.98 22.03
CA GLN C 785 6.23 29.32 22.18
C GLN C 785 7.13 28.31 21.48
N TYR C 786 6.92 27.02 21.70
CA TYR C 786 7.60 26.00 20.92
C TYR C 786 6.59 24.95 20.49
N GLY C 787 6.98 24.15 19.51
CA GLY C 787 6.07 23.23 18.87
C GLY C 787 5.59 23.82 17.56
N ALA C 788 4.31 23.66 17.25
CA ALA C 788 3.76 24.21 16.02
C ALA C 788 3.56 25.71 16.16
N SER C 789 4.65 26.47 16.18
CA SER C 789 4.61 27.87 16.54
C SER C 789 5.26 28.71 15.45
N LYS C 790 4.45 29.38 14.65
CA LYS C 790 4.92 30.52 13.88
C LYS C 790 5.42 31.57 14.86
N TYR C 791 6.66 32.01 14.66
CA TYR C 791 7.29 33.10 15.42
C TYR C 791 7.40 32.76 16.91
N GLY C 792 7.93 31.58 17.19
CA GLY C 792 8.10 31.11 18.56
C GLY C 792 9.52 31.33 19.05
N ILE C 793 10.01 30.38 19.84
CA ILE C 793 11.43 30.35 20.17
C ILE C 793 12.20 29.36 19.32
N VAL C 794 11.65 28.16 19.05
CA VAL C 794 12.29 27.27 18.09
C VAL C 794 12.19 27.84 16.69
N HIS C 795 11.11 28.57 16.41
CA HIS C 795 11.00 29.25 15.13
C HIS C 795 11.99 30.39 15.03
N SER C 796 12.27 31.05 16.13
CA SER C 796 13.16 32.19 16.06
C SER C 796 14.60 31.77 16.05
N LEU C 797 14.97 30.76 16.84
CA LEU C 797 16.33 30.27 16.82
C LEU C 797 16.66 29.52 15.55
N HIS C 798 15.65 29.18 14.73
CA HIS C 798 15.88 28.57 13.44
C HIS C 798 16.65 29.49 12.51
N GLU C 799 16.53 30.80 12.68
CA GLU C 799 17.32 31.72 11.88
C GLU C 799 18.58 32.18 12.59
N VAL C 800 18.43 32.72 13.80
CA VAL C 800 19.50 33.52 14.39
C VAL C 800 20.64 32.65 14.88
N TYR C 801 20.37 31.39 15.20
CA TYR C 801 21.43 30.48 15.57
C TYR C 801 21.62 29.38 14.54
N GLY C 802 20.85 29.40 13.46
CA GLY C 802 20.97 28.40 12.44
C GLY C 802 19.85 27.39 12.52
N PRO C 803 19.72 26.54 11.51
CA PRO C 803 18.74 25.46 11.58
C PRO C 803 19.22 24.25 12.34
N GLU C 804 20.53 24.14 12.57
CA GLU C 804 21.12 22.97 13.18
C GLU C 804 21.13 23.05 14.71
N VAL C 805 21.65 24.16 15.25
CA VAL C 805 21.67 24.34 16.69
C VAL C 805 20.25 24.46 17.22
N ALA C 806 19.36 25.03 16.43
CA ALA C 806 17.93 25.01 16.74
C ALA C 806 17.37 23.61 16.75
N ALA C 807 17.95 22.67 16.02
CA ALA C 807 17.54 21.28 16.16
C ALA C 807 18.21 20.61 17.35
N LYS C 808 19.20 21.25 17.96
CA LYS C 808 19.85 20.67 19.12
C LYS C 808 19.16 21.04 20.42
N VAL C 809 18.79 22.32 20.57
CA VAL C 809 18.13 22.75 21.80
C VAL C 809 16.68 22.33 21.87
N LEU C 810 16.15 21.70 20.84
CA LEU C 810 14.82 21.11 20.91
C LEU C 810 14.88 19.61 21.15
N SER C 811 15.97 19.18 21.77
CA SER C 811 16.01 17.89 22.43
C SER C 811 16.68 17.94 23.80
N VAL C 812 17.49 18.96 24.10
CA VAL C 812 17.78 19.25 25.50
C VAL C 812 16.60 19.96 26.15
N LEU C 813 15.67 20.36 25.28
CA LEU C 813 14.32 20.75 25.73
C LEU C 813 13.66 19.45 26.17
N GLY C 814 13.94 18.36 25.43
CA GLY C 814 13.29 17.10 25.70
C GLY C 814 13.89 16.46 26.91
N ARG C 815 15.21 16.56 27.04
CA ARG C 815 15.91 16.06 28.23
C ARG C 815 15.75 16.98 29.43
N LEU C 816 15.04 18.08 29.29
CA LEU C 816 14.69 18.89 30.46
C LEU C 816 13.44 18.37 31.14
N PHE C 817 12.31 18.43 30.43
CA PHE C 817 11.03 18.19 31.10
C PHE C 817 10.87 16.76 31.55
N THR C 818 11.43 15.81 30.80
CA THR C 818 11.35 14.42 31.24
C THR C 818 12.24 14.17 32.45
N ASN C 819 13.21 15.05 32.73
CA ASN C 819 13.87 15.01 34.01
C ASN C 819 13.09 15.72 35.09
N TYR C 820 12.23 16.66 34.70
CA TYR C 820 11.38 17.35 35.66
C TYR C 820 10.09 16.58 35.90
N ILE C 821 9.48 16.03 34.85
CA ILE C 821 8.19 15.39 35.01
C ILE C 821 8.31 14.07 35.74
N THR C 822 9.51 13.49 35.80
CA THR C 822 9.69 12.30 36.61
C THR C 822 9.88 12.67 38.08
N ALA C 823 10.29 13.91 38.38
CA ALA C 823 10.48 14.30 39.77
C ALA C 823 9.25 14.97 40.35
N THR C 824 8.34 15.42 39.51
CA THR C 824 6.97 15.74 39.89
C THR C 824 6.09 15.54 38.68
N ALA C 825 5.08 14.72 38.82
CA ALA C 825 4.36 14.29 37.64
C ALA C 825 3.21 15.24 37.36
N PHE C 826 2.33 14.81 36.48
CA PHE C 826 1.25 15.65 35.97
C PHE C 826 0.02 14.75 35.85
N THR C 827 -0.83 14.79 36.87
CA THR C 827 -1.98 13.92 36.94
C THR C 827 -3.14 14.48 36.13
N CYS C 828 -4.31 13.88 36.31
CA CYS C 828 -5.56 14.46 35.88
C CYS C 828 -6.63 13.96 36.83
N GLY C 829 -7.88 14.06 36.44
CA GLY C 829 -8.86 13.23 37.10
C GLY C 829 -10.03 13.92 37.72
N MET C 830 -10.57 13.28 38.75
CA MET C 830 -11.92 13.52 39.20
C MET C 830 -12.05 14.83 39.95
N ASP C 831 -10.94 15.36 40.45
CA ASP C 831 -10.92 16.71 41.01
C ASP C 831 -11.31 17.75 39.97
N ASP C 832 -10.98 17.48 38.72
CA ASP C 832 -11.16 18.45 37.66
C ASP C 832 -12.56 18.37 37.04
N LEU C 833 -13.19 17.20 37.06
CA LEU C 833 -14.39 17.01 36.25
C LEU C 833 -15.64 17.67 36.81
N ARG C 834 -15.60 18.22 38.01
CA ARG C 834 -16.82 18.72 38.62
C ARG C 834 -16.96 20.22 38.41
N LEU C 835 -17.94 20.80 39.10
CA LEU C 835 -18.17 22.23 39.18
C LEU C 835 -18.94 22.42 40.48
N THR C 836 -18.76 23.58 41.13
CA THR C 836 -19.15 23.71 42.53
C THR C 836 -20.67 23.67 42.69
N ALA C 837 -21.07 23.26 43.90
CA ALA C 837 -22.47 23.38 44.30
C ALA C 837 -22.91 24.83 44.32
N GLU C 838 -21.97 25.73 44.58
CA GLU C 838 -22.16 27.14 44.26
C GLU C 838 -22.42 27.33 42.77
N GLY C 839 -21.61 26.70 41.91
CA GLY C 839 -21.66 27.01 40.49
C GLY C 839 -22.54 26.11 39.65
N ASN C 840 -22.82 24.89 40.10
CA ASN C 840 -23.64 24.00 39.28
C ASN C 840 -25.09 24.46 39.23
N LYS C 841 -25.52 25.28 40.19
CA LYS C 841 -26.83 25.88 40.14
C LYS C 841 -26.96 26.78 38.91
N TRP C 842 -25.86 27.41 38.49
CA TRP C 842 -25.88 28.09 37.22
C TRP C 842 -25.83 27.13 36.04
N ARG C 843 -25.23 25.95 36.22
CA ARG C 843 -25.31 24.96 35.15
C ARG C 843 -26.74 24.47 34.99
N THR C 844 -27.48 24.41 36.09
CA THR C 844 -28.89 24.07 36.02
C THR C 844 -29.76 25.25 35.63
N ASP C 845 -29.20 26.46 35.63
CA ASP C 845 -30.03 27.66 35.60
C ASP C 845 -30.62 27.89 34.21
N ILE C 846 -29.78 27.90 33.18
CA ILE C 846 -30.21 28.33 31.87
C ILE C 846 -30.83 27.16 31.10
N LEU C 847 -30.61 25.92 31.55
CA LEU C 847 -31.24 24.78 30.90
C LEU C 847 -32.74 24.73 31.10
N LYS C 848 -33.25 25.39 32.15
CA LYS C 848 -34.67 25.30 32.47
C LYS C 848 -35.53 26.08 31.50
N THR C 849 -35.01 27.15 30.92
CA THR C 849 -35.81 28.00 30.07
C THR C 849 -35.95 27.46 28.66
N SER C 850 -35.43 26.26 28.39
CA SER C 850 -35.54 25.67 27.07
C SER C 850 -36.80 24.82 26.92
N VAL C 851 -37.86 25.15 27.65
CA VAL C 851 -39.09 24.37 27.56
C VAL C 851 -39.85 24.69 26.28
N ASP C 852 -39.65 25.87 25.71
CA ASP C 852 -40.32 26.27 24.48
C ASP C 852 -39.38 27.05 23.57
N THR C 853 -38.07 26.91 23.78
CA THR C 853 -37.10 27.51 22.86
C THR C 853 -37.20 26.86 21.49
N GLY C 854 -37.54 25.58 21.45
CA GLY C 854 -37.97 24.98 20.20
C GLY C 854 -39.27 25.58 19.71
N ARG C 855 -40.22 25.83 20.62
CA ARG C 855 -41.49 26.39 20.20
C ARG C 855 -41.35 27.86 19.82
N GLU C 856 -40.38 28.55 20.41
CA GLU C 856 -40.01 29.87 19.91
C GLU C 856 -39.49 29.78 18.48
N ALA C 857 -38.71 28.76 18.17
CA ALA C 857 -38.32 28.52 16.79
C ALA C 857 -39.51 28.05 15.97
N ALA C 858 -40.41 27.27 16.58
CA ALA C 858 -41.56 26.78 15.85
C ALA C 858 -42.56 27.88 15.56
N ALA C 859 -42.66 28.88 16.45
CA ALA C 859 -43.53 30.02 16.20
C ALA C 859 -42.93 31.00 15.20
N GLU C 860 -41.67 30.83 14.84
CA GLU C 860 -40.97 31.81 14.04
C GLU C 860 -41.06 31.51 12.55
N VAL C 861 -41.19 30.25 12.15
CA VAL C 861 -41.35 29.93 10.75
C VAL C 861 -42.75 29.40 10.45
N THR C 862 -43.65 29.44 11.42
CA THR C 862 -45.03 29.03 11.17
C THR C 862 -45.89 30.19 10.71
N ASN C 863 -45.32 31.39 10.64
CA ASN C 863 -45.94 32.67 10.30
C ASN C 863 -46.99 33.11 11.31
N LEU C 864 -47.02 32.51 12.49
CA LEU C 864 -47.93 32.87 13.57
C LEU C 864 -47.08 33.07 14.81
N ASP C 865 -47.10 34.29 15.36
CA ASP C 865 -46.00 34.76 16.19
C ASP C 865 -45.95 34.09 17.56
N LYS C 866 -47.10 33.86 18.18
CA LYS C 866 -47.07 33.41 19.57
C LYS C 866 -48.39 32.75 19.92
N ASP C 867 -48.39 32.13 21.11
CA ASP C 867 -49.59 31.63 21.80
C ASP C 867 -50.29 30.53 21.02
N THR C 868 -49.50 29.70 20.34
CA THR C 868 -50.02 28.53 19.63
C THR C 868 -49.30 27.30 20.17
N PRO C 869 -49.90 26.58 21.11
CA PRO C 869 -49.29 25.35 21.60
C PRO C 869 -49.43 24.22 20.59
N ALA C 870 -48.85 23.07 20.93
CA ALA C 870 -48.69 22.00 19.96
C ALA C 870 -49.95 21.15 19.81
N ASP C 871 -51.08 21.80 19.58
CA ASP C 871 -52.33 21.09 19.36
C ASP C 871 -53.22 21.74 18.32
N ASP C 872 -52.86 22.89 17.82
CA ASP C 872 -53.85 23.58 17.02
C ASP C 872 -53.79 23.08 15.58
N PRO C 873 -54.94 22.95 14.90
CA PRO C 873 -54.92 22.48 13.51
C PRO C 873 -54.25 23.45 12.57
N GLU C 874 -54.47 24.76 12.77
CA GLU C 874 -53.73 25.77 12.03
C GLU C 874 -52.24 25.71 12.34
N LEU C 875 -51.92 25.31 13.57
CA LEU C 875 -50.54 25.14 14.08
C LEU C 875 -49.89 23.87 13.51
N LEU C 876 -50.69 22.95 12.97
CA LEU C 876 -50.16 21.69 12.51
C LEU C 876 -50.12 21.55 10.99
N LYS C 877 -50.94 22.31 10.26
CA LYS C 877 -50.84 22.34 8.81
C LYS C 877 -49.51 22.89 8.35
N ARG C 878 -48.95 23.82 9.11
CA ARG C 878 -47.65 24.39 8.74
C ARG C 878 -46.54 23.37 8.98
N LEU C 879 -46.48 22.80 10.19
CA LEU C 879 -45.33 22.00 10.58
C LEU C 879 -45.30 20.61 9.96
N GLN C 880 -46.35 20.21 9.25
CA GLN C 880 -46.16 19.03 8.41
C GLN C 880 -45.35 19.36 7.18
N GLU C 881 -45.32 20.63 6.79
CA GLU C 881 -44.67 21.06 5.57
C GLU C 881 -43.27 21.58 5.82
N ILE C 882 -42.81 21.58 7.07
CA ILE C 882 -41.51 22.15 7.41
C ILE C 882 -40.45 21.06 7.35
N LEU C 883 -40.85 19.87 6.95
CA LEU C 883 -39.91 18.76 6.88
C LEU C 883 -40.11 17.84 5.68
N ARG C 884 -41.04 18.15 4.78
CA ARG C 884 -41.19 17.34 3.58
C ARG C 884 -40.18 17.75 2.51
N ASP C 885 -40.32 18.96 2.00
CA ASP C 885 -39.34 19.46 1.07
C ASP C 885 -38.07 19.86 1.80
N ASN C 886 -36.99 19.98 1.02
CA ASN C 886 -35.66 20.16 1.61
C ASN C 886 -35.47 21.55 2.18
N ASN C 887 -36.04 22.57 1.53
CA ASN C 887 -35.78 23.95 1.93
C ASN C 887 -36.47 24.29 3.25
N LYS C 888 -37.66 23.76 3.48
CA LYS C 888 -38.34 24.04 4.73
C LYS C 888 -37.73 23.29 5.90
N SER C 889 -37.09 22.15 5.65
CA SER C 889 -36.19 21.53 6.61
C SER C 889 -34.75 22.00 6.41
N GLY C 890 -34.55 22.94 5.48
CA GLY C 890 -33.27 23.61 5.33
C GLY C 890 -33.26 25.03 5.82
N ILE C 891 -34.32 25.49 6.51
CA ILE C 891 -34.31 26.78 7.18
C ILE C 891 -34.24 26.62 8.69
N LEU C 892 -34.90 25.61 9.25
CA LEU C 892 -34.84 25.37 10.69
C LEU C 892 -33.74 24.40 11.07
N ASP C 893 -32.80 24.17 10.16
CA ASP C 893 -31.52 23.55 10.50
C ASP C 893 -30.52 24.56 11.03
N ALA C 894 -30.84 25.85 10.98
CA ALA C 894 -30.04 26.87 11.62
C ALA C 894 -30.91 27.84 12.42
N VAL C 895 -32.14 28.11 11.96
CA VAL C 895 -32.95 29.11 12.67
C VAL C 895 -33.54 28.53 13.94
N THR C 896 -33.52 27.21 14.07
CA THR C 896 -33.62 26.58 15.38
C THR C 896 -32.25 26.36 15.98
N SER C 897 -31.25 26.07 15.16
CA SER C 897 -29.91 25.74 15.65
C SER C 897 -29.05 26.98 15.89
N SER C 898 -29.66 28.13 16.15
CA SER C 898 -28.94 29.29 16.62
C SER C 898 -29.41 29.75 17.97
N LYS C 899 -30.72 29.96 18.15
CA LYS C 899 -31.27 30.39 19.42
C LYS C 899 -31.09 29.32 20.48
N VAL C 900 -31.35 28.07 20.08
CA VAL C 900 -31.03 26.94 20.95
C VAL C 900 -29.53 26.87 21.15
N ASN C 901 -28.77 27.13 20.10
CA ASN C 901 -27.32 27.15 20.19
C ASN C 901 -26.82 28.36 20.96
N ALA C 902 -27.64 29.42 21.06
CA ALA C 902 -27.25 30.58 21.84
C ALA C 902 -27.24 30.30 23.34
N ILE C 903 -27.91 29.25 23.77
CA ILE C 903 -28.00 28.95 25.20
C ILE C 903 -26.64 28.47 25.71
N THR C 904 -25.91 27.71 24.89
CA THR C 904 -24.61 27.21 25.34
C THR C 904 -23.56 28.29 25.38
N SER C 905 -23.79 29.40 24.68
CA SER C 905 -22.79 30.46 24.61
C SER C 905 -22.62 31.22 25.92
N GLN C 906 -23.60 31.14 26.82
CA GLN C 906 -23.37 31.66 28.16
C GLN C 906 -22.57 30.66 28.99
N VAL C 907 -23.06 29.41 29.04
CA VAL C 907 -22.49 28.42 29.97
C VAL C 907 -21.14 27.92 29.53
N VAL C 908 -20.72 28.21 28.29
CA VAL C 908 -19.34 27.94 27.89
C VAL C 908 -18.39 28.94 28.54
N SER C 909 -18.90 30.09 28.96
CA SER C 909 -18.08 31.15 29.51
C SER C 909 -18.53 31.53 30.91
N LYS C 910 -19.23 30.63 31.60
CA LYS C 910 -19.52 30.88 33.00
C LYS C 910 -18.98 29.72 33.81
N CYS C 911 -18.99 28.53 33.19
CA CYS C 911 -18.44 27.31 33.83
C CYS C 911 -16.93 27.29 33.56
N VAL C 912 -16.34 28.49 33.47
CA VAL C 912 -14.90 28.69 33.20
C VAL C 912 -14.13 28.76 34.53
N PRO C 913 -12.80 29.06 34.52
CA PRO C 913 -11.99 29.13 35.74
C PRO C 913 -12.64 29.81 36.96
N ASP C 914 -13.87 30.30 36.83
CA ASP C 914 -14.53 30.91 37.98
C ASP C 914 -15.92 30.28 38.11
N GLY C 915 -15.96 29.15 38.81
CA GLY C 915 -17.15 28.33 38.82
C GLY C 915 -16.89 26.84 38.87
N THR C 916 -15.62 26.44 38.77
CA THR C 916 -15.29 25.03 38.93
C THR C 916 -14.82 24.76 40.35
N MET C 917 -14.73 23.47 40.69
CA MET C 917 -14.31 23.13 42.04
C MET C 917 -12.81 23.32 42.22
N LYS C 918 -12.01 22.95 41.23
CA LYS C 918 -10.59 23.18 41.33
C LYS C 918 -10.10 24.05 40.18
N LYS C 919 -9.56 25.20 40.60
CA LYS C 919 -9.12 26.37 39.79
C LYS C 919 -7.94 26.05 38.87
N PHE C 920 -7.73 26.91 37.87
CA PHE C 920 -6.77 26.68 36.78
C PHE C 920 -5.36 26.29 37.22
N PRO C 921 -4.56 27.11 37.94
CA PRO C 921 -3.19 26.64 38.18
C PRO C 921 -3.11 25.78 39.44
N CYS C 922 -4.12 24.96 39.64
CA CYS C 922 -4.13 23.95 40.68
C CYS C 922 -4.89 22.71 40.23
N ASN C 923 -5.37 22.72 38.99
CA ASN C 923 -5.78 21.46 38.35
C ASN C 923 -4.95 21.26 37.10
N SER C 924 -5.37 20.31 36.28
CA SER C 924 -4.54 19.93 35.14
C SER C 924 -5.23 20.08 33.80
N MET C 925 -6.52 19.77 33.71
CA MET C 925 -7.15 19.61 32.41
C MET C 925 -7.53 20.94 31.77
N GLN C 926 -7.63 22.02 32.56
CA GLN C 926 -7.60 23.35 31.98
C GLN C 926 -6.18 23.90 31.86
N ALA C 927 -5.19 23.26 32.47
CA ALA C 927 -3.81 23.60 32.19
C ALA C 927 -3.27 22.82 31.01
N MET C 928 -4.14 22.13 30.30
CA MET C 928 -3.81 21.26 29.20
C MET C 928 -4.65 21.55 27.96
N ALA C 929 -5.95 21.77 28.13
CA ALA C 929 -6.85 22.05 27.01
C ALA C 929 -6.99 23.52 26.71
N LEU C 930 -6.73 24.32 27.75
CA LEU C 930 -6.69 25.80 27.76
C LEU C 930 -5.23 26.27 27.64
N SER C 931 -4.28 25.34 27.60
CA SER C 931 -2.89 25.66 27.33
C SER C 931 -2.54 25.51 25.86
N GLY C 932 -3.41 24.89 25.07
CA GLY C 932 -3.18 24.68 23.66
C GLY C 932 -2.52 23.35 23.35
N ALA C 933 -2.12 22.60 24.38
CA ALA C 933 -1.40 21.35 24.17
C ALA C 933 -2.29 20.29 23.55
N LYS C 934 -3.49 20.11 24.08
CA LYS C 934 -4.38 19.08 23.57
C LYS C 934 -5.80 19.39 23.97
N GLY C 935 -6.69 19.50 23.00
CA GLY C 935 -8.09 19.79 23.27
C GLY C 935 -8.40 21.26 23.14
N SER C 936 -9.69 21.56 23.09
CA SER C 936 -10.14 22.92 22.81
C SER C 936 -10.87 23.53 24.00
N ASN C 937 -11.37 24.75 23.82
CA ASN C 937 -12.34 25.30 24.74
C ASN C 937 -13.77 25.07 24.26
N VAL C 938 -13.92 24.30 23.19
CA VAL C 938 -15.20 23.64 22.91
C VAL C 938 -15.15 22.17 23.27
N ASN C 939 -13.95 21.60 23.44
CA ASN C 939 -13.80 20.25 23.98
C ASN C 939 -13.89 20.22 25.50
N VAL C 940 -13.97 21.37 26.17
CA VAL C 940 -14.20 21.40 27.60
C VAL C 940 -15.57 21.94 27.96
N SER C 941 -16.26 22.62 27.04
CA SER C 941 -17.71 22.70 27.16
C SER C 941 -18.32 21.32 27.11
N GLN C 942 -17.74 20.45 26.27
CA GLN C 942 -17.97 19.03 26.31
C GLN C 942 -17.65 18.42 27.67
N ILE C 943 -16.63 18.92 28.37
CA ILE C 943 -16.16 18.28 29.59
C ILE C 943 -16.86 18.82 30.85
N MET C 944 -17.52 19.97 30.79
CA MET C 944 -18.23 20.52 31.93
C MET C 944 -19.74 20.50 31.77
N CYS C 945 -20.25 21.11 30.71
CA CYS C 945 -21.62 21.61 30.70
C CYS C 945 -22.49 21.06 29.58
N LEU C 946 -22.02 21.15 28.34
CA LEU C 946 -22.87 20.84 27.20
C LEU C 946 -21.93 20.55 26.04
N LEU C 947 -22.08 19.39 25.41
CA LEU C 947 -21.08 19.04 24.41
C LEU C 947 -21.36 19.62 23.03
N GLY C 948 -22.50 20.27 22.83
CA GLY C 948 -22.83 20.83 21.53
C GLY C 948 -24.04 20.14 20.94
N GLN C 949 -24.78 20.83 20.09
CA GLN C 949 -26.04 20.31 19.59
C GLN C 949 -25.74 19.23 18.57
N GLN C 950 -25.98 17.99 18.96
CA GLN C 950 -25.68 16.82 18.16
C GLN C 950 -26.67 16.75 17.01
N ALA C 951 -26.23 17.18 15.83
CA ALA C 951 -27.02 17.06 14.61
C ALA C 951 -26.06 16.95 13.45
N LEU C 952 -26.59 17.00 12.24
CA LEU C 952 -25.82 16.59 11.08
C LEU C 952 -25.28 17.81 10.34
N GLU C 953 -24.61 17.56 9.21
CA GLU C 953 -23.74 18.55 8.58
C GLU C 953 -24.57 19.68 7.96
N GLY C 954 -24.54 20.83 8.61
CA GLY C 954 -25.44 21.93 8.30
C GLY C 954 -26.90 21.55 8.40
N ARG C 955 -27.22 20.62 9.30
CA ARG C 955 -28.46 19.87 9.14
C ARG C 955 -28.99 19.50 10.50
N ARG C 956 -30.28 19.75 10.70
CA ARG C 956 -31.01 19.24 11.84
C ARG C 956 -31.42 17.80 11.56
N VAL C 957 -31.30 16.95 12.59
CA VAL C 957 -31.44 15.50 12.64
C VAL C 957 -32.56 14.95 11.75
N PRO C 958 -32.31 13.89 10.97
CA PRO C 958 -33.33 13.41 10.03
C PRO C 958 -34.55 12.84 10.74
N VAL C 959 -35.68 13.47 10.51
CA VAL C 959 -36.93 12.93 10.99
C VAL C 959 -37.26 11.66 10.23
N MET C 960 -38.14 10.88 10.81
CA MET C 960 -38.65 9.69 10.16
C MET C 960 -39.91 10.09 9.42
N VAL C 961 -40.70 9.10 8.99
CA VAL C 961 -41.80 9.42 8.10
C VAL C 961 -42.96 10.08 8.85
N SER C 962 -43.24 9.64 10.06
CA SER C 962 -44.37 10.19 10.80
C SER C 962 -44.05 11.50 11.51
N GLY C 963 -42.92 12.12 11.27
CA GLY C 963 -42.61 13.34 11.96
C GLY C 963 -41.99 13.16 13.32
N LYS C 964 -41.80 11.92 13.76
CA LYS C 964 -40.94 11.69 14.90
C LYS C 964 -39.50 11.97 14.51
N THR C 965 -38.70 12.26 15.53
CA THR C 965 -37.27 12.12 15.40
C THR C 965 -36.76 10.86 16.04
N LEU C 966 -37.60 10.20 16.82
CA LEU C 966 -37.37 8.98 17.56
C LEU C 966 -38.72 8.66 18.16
N PRO C 967 -39.14 7.39 18.27
CA PRO C 967 -40.50 7.10 18.75
C PRO C 967 -40.72 7.35 20.23
N SER C 968 -39.74 7.87 20.96
CA SER C 968 -39.94 8.32 22.33
C SER C 968 -40.55 9.69 22.41
N PHE C 969 -41.04 10.23 21.31
CA PHE C 969 -41.44 11.62 21.19
C PHE C 969 -42.85 11.74 20.68
N LYS C 970 -43.26 12.98 20.50
CA LYS C 970 -44.60 13.27 20.05
C LYS C 970 -44.69 13.00 18.56
N PRO C 971 -45.89 12.76 18.06
CA PRO C 971 -46.14 12.99 16.65
C PRO C 971 -45.97 14.47 16.37
N TYR C 972 -45.05 14.79 15.44
CA TYR C 972 -44.58 16.15 15.17
C TYR C 972 -44.00 16.77 16.43
N GLU C 973 -42.87 16.21 16.84
CA GLU C 973 -42.07 16.70 17.95
C GLU C 973 -41.76 18.19 17.80
N THR C 974 -41.85 18.93 18.89
CA THR C 974 -41.77 20.39 18.84
C THR C 974 -40.52 20.95 19.52
N ASP C 975 -40.22 20.49 20.72
CA ASP C 975 -39.10 21.02 21.47
C ASP C 975 -37.77 20.56 20.89
N ALA C 976 -36.76 21.43 21.01
CA ALA C 976 -35.41 21.09 20.59
C ALA C 976 -34.80 20.02 21.48
N MET C 977 -35.36 19.84 22.69
CA MET C 977 -35.24 18.59 23.44
C MET C 977 -35.40 17.36 22.57
N ALA C 978 -36.43 17.34 21.74
CA ALA C 978 -36.62 16.29 20.74
C ALA C 978 -36.01 16.65 19.41
N GLY C 979 -35.18 17.69 19.37
CA GLY C 979 -34.59 18.14 18.13
C GLY C 979 -33.10 17.97 18.16
N GLY C 980 -32.63 16.87 18.73
CA GLY C 980 -31.22 16.56 18.75
C GLY C 980 -30.37 17.44 19.63
N TYR C 981 -30.98 18.29 20.45
CA TYR C 981 -30.21 19.17 21.30
C TYR C 981 -30.00 18.53 22.66
N VAL C 982 -28.76 18.63 23.15
CA VAL C 982 -28.33 17.94 24.36
C VAL C 982 -28.88 18.72 25.55
N LYS C 983 -29.58 18.04 26.45
CA LYS C 983 -29.89 18.64 27.73
C LYS C 983 -28.76 18.41 28.73
N GLY C 984 -28.20 17.21 28.75
CA GLY C 984 -27.21 16.84 29.73
C GLY C 984 -25.80 17.14 29.25
N ARG C 985 -24.89 16.36 29.84
CA ARG C 985 -23.43 16.32 29.54
C ARG C 985 -22.98 14.87 29.74
N PHE C 986 -21.92 14.44 29.05
CA PHE C 986 -21.49 13.06 29.21
C PHE C 986 -20.89 12.74 30.58
N TYR C 987 -21.03 13.60 31.59
CA TYR C 987 -20.61 13.33 32.96
C TYR C 987 -21.77 13.14 33.92
N SER C 988 -22.70 14.09 33.95
CA SER C 988 -23.81 14.05 34.88
C SER C 988 -25.03 13.34 34.31
N GLY C 989 -24.83 12.39 33.40
CA GLY C 989 -25.92 11.60 32.87
C GLY C 989 -26.70 12.32 31.81
N ILE C 990 -26.98 11.64 30.73
CA ILE C 990 -27.63 12.27 29.60
C ILE C 990 -29.08 11.83 29.53
N LYS C 991 -29.86 12.63 28.81
CA LYS C 991 -31.25 12.36 28.51
C LYS C 991 -31.38 11.00 27.80
N PRO C 992 -32.48 10.25 28.04
CA PRO C 992 -32.55 8.89 27.51
C PRO C 992 -32.78 8.74 26.01
N GLN C 993 -32.70 9.82 25.25
CA GLN C 993 -32.63 9.73 23.80
C GLN C 993 -31.31 10.26 23.26
N GLU C 994 -30.46 10.79 24.12
CA GLU C 994 -29.24 11.42 23.66
C GLU C 994 -28.20 10.45 23.18
N TYR C 995 -28.11 9.27 23.79
CA TYR C 995 -27.07 8.36 23.34
C TYR C 995 -27.40 7.73 22.01
N TYR C 996 -28.67 7.59 21.68
CA TYR C 996 -29.02 7.24 20.30
C TYR C 996 -28.71 8.38 19.35
N PHE C 997 -28.65 9.62 19.85
CA PHE C 997 -28.39 10.77 19.02
C PHE C 997 -26.96 11.28 19.07
N HIS C 998 -26.13 10.76 19.96
CA HIS C 998 -24.72 11.02 19.75
C HIS C 998 -24.10 10.00 18.81
N CYS C 999 -24.81 8.93 18.52
CA CYS C 999 -24.39 8.02 17.48
C CYS C 999 -24.80 8.48 16.09
N MET C 1000 -25.72 9.45 15.98
CA MET C 1000 -25.97 10.15 14.71
C MET C 1000 -24.72 10.82 14.22
N ALA C 1001 -24.32 11.87 14.92
CA ALA C 1001 -23.16 12.67 14.57
C ALA C 1001 -21.88 12.16 15.20
N GLY C 1002 -21.85 10.89 15.55
CA GLY C 1002 -20.60 10.28 15.92
C GLY C 1002 -20.16 9.38 14.79
N ARG C 1003 -21.14 8.78 14.11
CA ARG C 1003 -20.84 7.84 13.03
C ARG C 1003 -20.30 8.56 11.80
N GLU C 1004 -20.88 9.70 11.45
CA GLU C 1004 -20.35 10.43 10.31
C GLU C 1004 -19.05 11.13 10.62
N GLY C 1005 -18.65 11.19 11.89
CA GLY C 1005 -17.27 11.49 12.21
C GLY C 1005 -16.29 10.45 11.68
N LEU C 1006 -16.73 9.21 11.54
CA LEU C 1006 -15.88 8.21 10.92
C LEU C 1006 -16.46 7.60 9.64
N ILE C 1007 -17.61 8.08 9.17
CA ILE C 1007 -17.94 7.83 7.77
C ILE C 1007 -16.94 8.53 6.87
N ASP C 1008 -16.71 9.80 7.12
CA ASP C 1008 -15.87 10.63 6.27
C ASP C 1008 -14.40 10.54 6.65
N THR C 1009 -14.05 9.73 7.65
CA THR C 1009 -12.64 9.49 7.95
C THR C 1009 -11.98 8.68 6.86
N ALA C 1010 -12.62 7.60 6.42
CA ALA C 1010 -12.08 6.80 5.33
C ALA C 1010 -12.46 7.33 3.95
N VAL C 1011 -13.32 8.34 3.87
CA VAL C 1011 -13.57 9.03 2.60
C VAL C 1011 -12.36 9.89 2.22
N LYS C 1012 -11.55 10.29 3.21
CA LYS C 1012 -10.31 11.02 2.97
C LYS C 1012 -9.36 10.24 2.07
N THR C 1013 -9.34 8.92 2.20
CA THR C 1013 -8.56 8.08 1.30
C THR C 1013 -9.11 8.14 -0.11
N SER C 1014 -10.43 8.13 -0.25
CA SER C 1014 -11.08 8.07 -1.55
C SER C 1014 -11.33 9.43 -2.18
N ARG C 1015 -10.82 10.50 -1.59
CA ARG C 1015 -11.15 11.82 -2.13
C ARG C 1015 -9.93 12.68 -2.45
N SER C 1016 -8.92 12.72 -1.58
CA SER C 1016 -7.77 13.59 -1.79
C SER C 1016 -6.54 12.82 -2.25
N GLY C 1017 -6.71 11.57 -2.64
CA GLY C 1017 -5.62 10.85 -3.28
C GLY C 1017 -5.76 10.98 -4.78
N TYR C 1018 -7.02 11.13 -5.22
CA TYR C 1018 -7.33 11.29 -6.64
C TYR C 1018 -6.75 12.58 -7.20
N LEU C 1019 -6.75 13.63 -6.38
CA LEU C 1019 -6.02 14.84 -6.75
C LEU C 1019 -4.52 14.62 -6.67
N GLN C 1020 -4.07 13.89 -5.65
CA GLN C 1020 -2.64 13.67 -5.50
C GLN C 1020 -2.10 12.71 -6.56
N ARG C 1021 -2.93 11.79 -7.03
CA ARG C 1021 -2.49 10.88 -8.09
C ARG C 1021 -2.31 11.62 -9.40
N CYS C 1022 -3.06 12.71 -9.61
CA CYS C 1022 -3.04 13.39 -10.89
C CYS C 1022 -1.94 14.43 -11.00
N LEU C 1023 -1.87 15.34 -10.06
CA LEU C 1023 -0.96 16.48 -10.21
C LEU C 1023 0.45 16.20 -9.73
N THR C 1024 0.71 15.01 -9.20
CA THR C 1024 2.07 14.69 -8.81
C THR C 1024 2.98 14.56 -10.02
N LYS C 1025 2.47 13.97 -11.09
CA LYS C 1025 3.29 13.62 -12.25
C LYS C 1025 3.08 14.51 -13.46
N GLN C 1026 2.02 15.30 -13.50
CA GLN C 1026 1.89 16.23 -14.62
C GLN C 1026 2.90 17.35 -14.49
N LEU C 1027 2.78 18.14 -13.43
CA LEU C 1027 3.75 19.17 -13.10
C LEU C 1027 4.92 18.51 -12.37
N GLU C 1028 5.70 17.77 -13.15
CA GLU C 1028 6.54 16.73 -12.59
C GLU C 1028 7.86 17.27 -12.05
N GLY C 1029 8.69 17.77 -12.96
CA GLY C 1029 10.08 17.97 -12.60
C GLY C 1029 10.56 19.38 -12.85
N VAL C 1030 9.74 20.37 -12.53
CA VAL C 1030 10.10 21.74 -12.86
C VAL C 1030 11.17 22.22 -11.88
N HIS C 1031 12.42 22.09 -12.29
CA HIS C 1031 13.51 22.44 -11.41
C HIS C 1031 13.88 23.89 -11.63
N VAL C 1032 14.42 24.51 -10.60
CA VAL C 1032 14.82 25.91 -10.71
C VAL C 1032 16.10 25.96 -11.53
N SER C 1033 16.01 26.53 -12.72
CA SER C 1033 17.17 26.63 -13.59
C SER C 1033 18.15 27.65 -13.03
N TYR C 1034 19.39 27.60 -13.53
CA TYR C 1034 20.47 28.37 -12.97
C TYR C 1034 20.49 29.82 -13.44
N ASP C 1035 19.40 30.31 -13.97
CA ASP C 1035 19.24 31.73 -14.27
C ASP C 1035 18.07 32.30 -13.48
N ASN C 1036 17.68 31.60 -12.43
CA ASN C 1036 16.61 31.97 -11.48
C ASN C 1036 15.26 32.09 -12.16
N SER C 1037 15.10 31.40 -13.28
CA SER C 1037 13.84 31.33 -14.00
C SER C 1037 13.53 29.85 -14.13
N ILE C 1038 12.42 29.40 -13.54
CA ILE C 1038 12.16 27.98 -13.48
C ILE C 1038 11.79 27.47 -14.86
N ARG C 1039 12.33 26.31 -15.20
CA ARG C 1039 12.02 25.69 -16.47
C ARG C 1039 11.13 24.49 -16.23
N ASP C 1040 10.47 24.05 -17.30
CA ASP C 1040 9.63 22.87 -17.30
C ASP C 1040 10.53 21.64 -17.47
N ALA C 1041 9.98 20.51 -17.88
CA ALA C 1041 10.64 19.22 -17.98
C ALA C 1041 11.97 19.26 -18.74
N ASP C 1042 11.95 19.60 -20.02
CA ASP C 1042 13.20 19.54 -20.80
C ASP C 1042 14.05 20.80 -20.67
N GLY C 1043 13.65 21.87 -21.35
CA GLY C 1043 14.33 23.16 -21.20
C GLY C 1043 13.38 24.32 -21.38
N THR C 1044 12.13 24.03 -21.73
CA THR C 1044 11.12 25.05 -21.86
C THR C 1044 10.71 25.55 -20.48
N LEU C 1045 10.05 26.70 -20.43
CA LEU C 1045 9.75 27.30 -19.15
C LEU C 1045 8.30 27.77 -19.11
N VAL C 1046 7.72 27.73 -17.91
CA VAL C 1046 6.29 28.03 -17.74
C VAL C 1046 6.11 29.28 -16.90
N GLN C 1047 6.48 29.23 -15.62
CA GLN C 1047 6.60 30.45 -14.83
C GLN C 1047 7.95 31.08 -15.04
N PHE C 1048 7.92 32.40 -15.14
CA PHE C 1048 9.09 33.12 -15.57
C PHE C 1048 10.05 33.36 -14.42
N MET C 1049 9.55 33.32 -13.20
CA MET C 1049 10.33 33.56 -12.00
C MET C 1049 9.53 32.94 -10.87
N TYR C 1050 10.20 32.61 -9.77
CA TYR C 1050 9.49 31.99 -8.67
C TYR C 1050 8.60 33.01 -7.99
N GLY C 1051 7.38 33.15 -8.49
CA GLY C 1051 6.41 34.07 -7.93
C GLY C 1051 6.74 35.54 -8.07
N GLY C 1052 7.87 35.90 -8.66
CA GLY C 1052 8.37 37.24 -8.65
C GLY C 1052 9.31 37.46 -7.49
N ASP C 1053 8.85 37.14 -6.28
CA ASP C 1053 9.62 37.43 -5.09
C ASP C 1053 10.85 36.55 -4.98
N ALA C 1054 10.82 35.37 -5.63
CA ALA C 1054 12.01 34.63 -6.04
C ALA C 1054 12.86 34.16 -4.87
N ILE C 1055 12.27 33.94 -3.71
CA ILE C 1055 12.98 33.43 -2.55
C ILE C 1055 12.21 32.24 -2.01
N ASP C 1056 12.86 31.49 -1.14
CA ASP C 1056 12.29 30.23 -0.66
C ASP C 1056 11.36 30.46 0.52
N ILE C 1057 10.39 29.55 0.67
CA ILE C 1057 9.54 29.54 1.85
C ILE C 1057 10.35 29.23 3.10
N THR C 1058 11.42 28.44 2.97
CA THR C 1058 12.19 27.97 4.12
C THR C 1058 12.90 29.09 4.87
N LYS C 1059 13.08 30.26 4.25
CA LYS C 1059 13.59 31.41 4.98
C LYS C 1059 12.67 32.62 4.81
N GLU C 1060 11.41 32.41 4.42
CA GLU C 1060 10.45 33.49 4.30
C GLU C 1060 9.67 33.62 5.62
N SER C 1061 10.41 33.94 6.66
CA SER C 1061 9.83 34.14 7.97
C SER C 1061 9.95 35.55 8.48
N HIS C 1062 11.10 36.18 8.31
CA HIS C 1062 11.36 37.51 8.84
C HIS C 1062 11.57 38.49 7.71
N MET C 1063 10.73 38.41 6.69
CA MET C 1063 10.72 39.40 5.64
C MET C 1063 9.91 40.63 6.02
N THR C 1064 9.26 40.63 7.17
CA THR C 1064 8.68 41.83 7.76
C THR C 1064 9.02 42.06 9.22
N GLN C 1065 9.51 41.04 9.93
CA GLN C 1065 9.88 41.25 11.34
C GLN C 1065 11.38 41.48 11.45
N PHE C 1066 11.80 42.60 10.86
CA PHE C 1066 13.16 43.08 11.07
C PHE C 1066 13.37 43.63 12.46
N GLU C 1067 12.29 44.03 13.14
CA GLU C 1067 12.32 44.45 14.53
C GLU C 1067 12.94 43.39 15.41
N PHE C 1068 12.70 42.13 15.07
CA PHE C 1068 13.38 41.02 15.70
C PHE C 1068 14.87 41.01 15.42
N CYS C 1069 15.29 41.37 14.21
CA CYS C 1069 16.71 41.32 13.88
C CYS C 1069 17.39 42.67 13.93
N LEU C 1070 16.64 43.77 13.93
CA LEU C 1070 17.23 45.04 14.33
C LEU C 1070 17.55 45.03 15.82
N ASP C 1071 16.83 44.22 16.59
CA ASP C 1071 17.20 43.93 17.96
C ASP C 1071 18.27 42.85 18.03
N ASN C 1072 18.82 42.42 16.89
CA ASN C 1072 19.88 41.44 16.82
C ASN C 1072 21.02 41.92 15.93
N TYR C 1073 21.21 43.24 15.88
CA TYR C 1073 22.11 43.86 14.91
C TYR C 1073 23.57 43.55 15.16
N TYR C 1074 23.92 43.05 16.35
CA TYR C 1074 25.20 42.38 16.53
C TYR C 1074 25.11 40.88 16.32
N ALA C 1075 23.93 40.31 16.44
CA ALA C 1075 23.83 38.86 16.58
C ALA C 1075 24.01 38.17 15.23
N LEU C 1076 23.12 38.43 14.28
CA LEU C 1076 23.27 37.81 12.98
C LEU C 1076 24.20 38.58 12.06
N LEU C 1077 24.99 39.51 12.60
CA LEU C 1077 26.11 40.09 11.87
C LEU C 1077 27.15 39.05 11.53
N LYS C 1078 27.48 38.19 12.50
CA LYS C 1078 28.50 37.19 12.27
C LYS C 1078 27.99 36.04 11.41
N LYS C 1079 26.68 35.94 11.19
CA LYS C 1079 26.13 34.86 10.38
C LYS C 1079 25.96 35.24 8.92
N TYR C 1080 25.31 36.36 8.64
CA TYR C 1080 25.19 36.79 7.26
C TYR C 1080 26.50 37.33 6.72
N ASN C 1081 27.31 37.96 7.57
CA ASN C 1081 28.74 38.22 7.40
C ASN C 1081 29.11 38.95 6.11
N PRO C 1082 28.87 40.25 5.98
CA PRO C 1082 29.26 40.96 4.75
C PRO C 1082 30.77 41.11 4.55
N SER C 1083 31.60 40.67 5.51
CA SER C 1083 33.05 40.71 5.35
C SER C 1083 33.58 39.70 4.34
N ALA C 1084 32.75 38.77 3.87
CA ALA C 1084 33.16 37.80 2.87
C ALA C 1084 32.32 37.85 1.61
N LEU C 1085 31.45 38.85 1.46
CA LEU C 1085 30.58 38.94 0.30
C LEU C 1085 30.69 40.28 -0.43
N ILE C 1086 31.72 41.07 -0.13
CA ILE C 1086 31.94 42.35 -0.78
C ILE C 1086 32.98 42.26 -1.89
N GLU C 1087 33.37 41.05 -2.28
CA GLU C 1087 34.45 40.85 -3.23
C GLU C 1087 34.12 39.88 -4.34
N HIS C 1088 33.05 39.11 -4.22
CA HIS C 1088 32.72 38.08 -5.19
C HIS C 1088 31.53 38.46 -6.05
N LEU C 1089 30.69 39.37 -5.58
CA LEU C 1089 29.65 39.98 -6.41
C LEU C 1089 29.79 41.49 -6.32
N ASP C 1090 29.29 42.16 -7.36
CA ASP C 1090 29.24 43.62 -7.35
C ASP C 1090 28.24 44.08 -6.31
N VAL C 1091 28.53 45.22 -5.68
CA VAL C 1091 27.94 45.57 -4.40
C VAL C 1091 27.09 46.83 -4.44
N GLU C 1092 26.95 47.49 -5.59
CA GLU C 1092 26.18 48.73 -5.59
C GLU C 1092 25.31 48.92 -6.81
N SER C 1093 25.37 48.05 -7.81
CA SER C 1093 24.90 48.42 -9.15
C SER C 1093 23.38 48.43 -9.25
N ALA C 1094 22.71 47.46 -8.63
CA ALA C 1094 21.26 47.39 -8.74
C ALA C 1094 20.57 48.49 -7.95
N LEU C 1095 21.14 48.87 -6.81
CA LEU C 1095 20.56 49.96 -6.03
C LEU C 1095 20.65 51.29 -6.76
N LYS C 1096 21.75 51.49 -7.48
CA LYS C 1096 21.89 52.65 -8.34
C LYS C 1096 20.86 52.61 -9.46
N TYR C 1097 20.51 51.41 -9.92
CA TYR C 1097 19.38 51.28 -10.81
C TYR C 1097 18.05 51.38 -10.06
N SER C 1098 18.00 50.93 -8.81
CA SER C 1098 16.73 50.90 -8.09
C SER C 1098 16.23 52.30 -7.76
N LYS C 1099 17.15 53.24 -7.51
CA LYS C 1099 16.75 54.62 -7.30
C LYS C 1099 16.28 55.30 -8.57
N LYS C 1100 16.63 54.77 -9.73
CA LYS C 1100 16.01 55.20 -10.98
C LYS C 1100 14.63 54.61 -11.18
N THR C 1101 14.18 53.74 -10.28
CA THR C 1101 12.87 53.10 -10.39
C THR C 1101 11.91 53.58 -9.31
N LEU C 1102 12.37 53.61 -8.06
CA LEU C 1102 11.50 54.01 -6.96
C LEU C 1102 11.17 55.48 -7.03
N LYS C 1103 12.14 56.30 -7.39
CA LYS C 1103 11.90 57.72 -7.63
C LYS C 1103 10.99 57.90 -8.83
N TYR C 1104 11.11 57.05 -9.84
CA TYR C 1104 10.12 57.04 -10.90
C TYR C 1104 8.77 56.56 -10.40
N ARG C 1105 8.79 55.65 -9.42
CA ARG C 1105 7.53 55.17 -8.89
C ARG C 1105 6.94 56.16 -7.89
N LYS C 1106 7.74 56.59 -6.91
CA LYS C 1106 7.21 57.46 -5.87
C LYS C 1106 6.84 58.84 -6.38
N LYS C 1107 7.41 59.27 -7.51
CA LYS C 1107 6.84 60.43 -8.17
C LYS C 1107 5.47 60.10 -8.74
N HIS C 1108 5.33 58.93 -9.36
CA HIS C 1108 4.01 58.68 -9.92
C HIS C 1108 3.07 58.14 -8.86
N SER C 1109 3.18 56.84 -8.54
CA SER C 1109 2.50 56.16 -7.44
C SER C 1109 0.99 56.37 -7.27
N LYS C 1110 0.28 56.91 -8.27
CA LYS C 1110 -1.08 57.35 -8.00
C LYS C 1110 -2.12 56.84 -8.98
N GLU C 1111 -1.74 56.49 -10.20
CA GLU C 1111 -2.71 56.16 -11.22
C GLU C 1111 -2.54 54.70 -11.60
N PRO C 1112 -3.60 53.91 -11.61
CA PRO C 1112 -3.46 52.47 -11.78
C PRO C 1112 -3.13 52.04 -13.19
N HIS C 1113 -3.17 50.73 -13.43
CA HIS C 1113 -2.58 50.14 -14.63
C HIS C 1113 -3.48 50.14 -15.86
N TYR C 1114 -4.41 51.08 -15.97
CA TYR C 1114 -5.02 51.29 -17.26
C TYR C 1114 -4.36 52.42 -18.04
N LYS C 1115 -3.51 53.21 -17.38
CA LYS C 1115 -2.69 54.19 -18.08
C LYS C 1115 -1.26 54.26 -17.54
N GLN C 1116 -0.82 53.29 -16.75
CA GLN C 1116 0.46 53.41 -16.06
C GLN C 1116 1.60 53.31 -17.08
N SER C 1117 2.43 54.33 -17.14
CA SER C 1117 3.54 54.32 -18.07
C SER C 1117 4.65 53.40 -17.57
N VAL C 1118 5.16 52.59 -18.49
CA VAL C 1118 6.09 51.54 -18.11
C VAL C 1118 7.42 51.91 -18.76
N LYS C 1119 7.69 53.22 -18.81
CA LYS C 1119 8.96 53.68 -19.38
C LYS C 1119 10.15 53.33 -18.51
N TYR C 1120 9.96 53.06 -17.23
CA TYR C 1120 10.99 52.45 -16.41
C TYR C 1120 10.42 51.19 -15.79
N ASP C 1121 10.98 50.06 -16.17
CA ASP C 1121 10.52 48.76 -15.75
C ASP C 1121 10.86 48.51 -14.28
N PRO C 1122 10.31 47.45 -13.69
CA PRO C 1122 10.87 46.95 -12.42
C PRO C 1122 12.24 46.30 -12.60
N VAL C 1123 12.78 45.74 -11.52
CA VAL C 1123 14.16 45.28 -11.45
C VAL C 1123 14.40 43.96 -12.18
N LEU C 1124 13.38 43.49 -12.91
CA LEU C 1124 13.46 42.22 -13.63
C LEU C 1124 14.53 42.26 -14.72
N ALA C 1125 14.34 43.11 -15.72
CA ALA C 1125 14.94 42.95 -17.04
C ALA C 1125 16.45 43.08 -17.10
N LYS C 1126 17.10 43.58 -16.04
CA LYS C 1126 18.55 43.59 -16.01
C LYS C 1126 19.14 43.05 -14.72
N TYR C 1127 18.32 42.58 -13.79
CA TYR C 1127 18.85 42.15 -12.50
C TYR C 1127 18.10 40.92 -12.04
N ASN C 1128 18.85 39.87 -11.72
CA ASN C 1128 18.20 38.74 -11.07
C ASN C 1128 18.51 38.83 -9.59
N PRO C 1129 17.72 38.18 -8.72
CA PRO C 1129 17.94 38.35 -7.27
C PRO C 1129 19.21 37.71 -6.72
N ALA C 1130 20.09 37.16 -7.55
CA ALA C 1130 21.36 36.63 -7.07
C ALA C 1130 22.57 37.27 -7.72
N LYS C 1131 22.47 37.72 -8.98
CA LYS C 1131 23.66 38.13 -9.70
C LYS C 1131 24.26 39.45 -9.22
N TYR C 1132 23.61 40.16 -8.29
CA TYR C 1132 24.20 41.35 -7.71
C TYR C 1132 23.74 41.51 -6.28
N LEU C 1133 24.43 42.39 -5.57
CA LEU C 1133 23.90 42.98 -4.35
C LEU C 1133 23.01 44.15 -4.73
N GLY C 1134 21.81 44.20 -4.15
CA GLY C 1134 20.86 45.25 -4.42
C GLY C 1134 19.56 44.76 -5.02
N SER C 1135 19.59 43.63 -5.71
CA SER C 1135 18.42 43.15 -6.43
C SER C 1135 17.39 42.65 -5.43
N VAL C 1136 16.27 43.34 -5.34
CA VAL C 1136 15.24 43.08 -4.34
C VAL C 1136 13.92 42.81 -5.04
N SER C 1137 12.87 42.63 -4.25
CA SER C 1137 11.52 42.61 -4.79
C SER C 1137 10.93 44.00 -4.73
N GLU C 1138 9.68 44.12 -5.14
CA GLU C 1138 9.02 45.41 -5.05
C GLU C 1138 8.45 45.64 -3.66
N ASN C 1139 7.73 44.65 -3.12
CA ASN C 1139 7.19 44.77 -1.78
C ASN C 1139 8.22 44.44 -0.70
N PHE C 1140 9.49 44.29 -1.06
CA PHE C 1140 10.54 44.24 -0.08
C PHE C 1140 11.10 45.61 0.25
N GLN C 1141 11.15 46.53 -0.72
CA GLN C 1141 11.45 47.91 -0.40
C GLN C 1141 10.25 48.82 -0.63
N ASP C 1142 9.05 48.28 -0.47
CA ASP C 1142 7.88 49.08 -0.17
C ASP C 1142 7.39 48.89 1.25
N LYS C 1143 7.49 47.67 1.79
CA LYS C 1143 7.37 47.45 3.21
C LYS C 1143 8.67 47.71 3.95
N LEU C 1144 9.67 48.24 3.25
CA LEU C 1144 10.78 48.90 3.91
C LEU C 1144 10.57 50.39 4.01
N GLU C 1145 9.80 50.96 3.08
CA GLU C 1145 9.46 52.37 3.13
C GLU C 1145 8.51 52.70 4.27
N SER C 1146 7.89 51.69 4.87
CA SER C 1146 7.18 51.87 6.12
C SER C 1146 8.03 51.48 7.32
N PHE C 1147 9.35 51.37 7.13
CA PHE C 1147 10.23 51.07 8.24
C PHE C 1147 11.17 52.20 8.58
N LEU C 1148 11.46 53.10 7.64
CA LEU C 1148 12.09 54.36 8.00
C LEU C 1148 11.12 55.27 8.77
N ASP C 1149 9.83 54.91 8.78
CA ASP C 1149 8.82 55.46 9.67
C ASP C 1149 9.31 55.60 11.11
N LYS C 1150 9.85 54.53 11.69
CA LYS C 1150 9.84 54.41 13.13
C LYS C 1150 11.18 53.90 13.67
N ASN C 1151 12.28 54.30 13.06
CA ASN C 1151 13.59 53.98 13.61
C ASN C 1151 14.04 55.13 14.49
N SER C 1152 14.51 54.80 15.69
CA SER C 1152 14.99 55.82 16.61
C SER C 1152 16.08 55.21 17.49
N LYS C 1153 17.32 55.32 17.03
CA LYS C 1153 18.48 54.82 17.77
C LYS C 1153 19.58 55.86 17.83
N GLY C 1160 24.24 51.60 18.77
CA GLY C 1160 23.06 51.21 18.02
C GLY C 1160 23.35 50.94 16.56
N VAL C 1161 22.33 51.13 15.72
CA VAL C 1161 22.47 50.94 14.29
C VAL C 1161 21.53 51.89 13.56
N ASN C 1162 22.05 52.53 12.52
CA ASN C 1162 21.28 53.53 11.78
C ASN C 1162 20.46 52.84 10.71
N GLU C 1163 19.88 53.60 9.79
CA GLU C 1163 19.25 53.02 8.62
C GLU C 1163 20.28 52.68 7.55
N LYS C 1164 21.51 53.19 7.68
CA LYS C 1164 22.51 53.06 6.63
C LYS C 1164 23.12 51.66 6.62
N LYS C 1165 23.88 51.31 7.64
CA LYS C 1165 24.58 50.04 7.67
C LYS C 1165 23.75 48.92 8.26
N PHE C 1166 22.46 49.17 8.46
CA PHE C 1166 21.48 48.11 8.62
C PHE C 1166 20.94 47.65 7.28
N ARG C 1167 21.01 48.52 6.27
CA ARG C 1167 20.53 48.14 4.96
C ARG C 1167 21.41 47.09 4.33
N ALA C 1168 22.73 47.16 4.55
CA ALA C 1168 23.68 46.17 4.05
C ALA C 1168 23.60 44.83 4.76
N LEU C 1169 22.71 44.71 5.74
CA LEU C 1169 22.33 43.44 6.31
C LEU C 1169 21.07 42.89 5.64
N MET C 1170 19.99 43.68 5.65
CA MET C 1170 18.72 43.22 5.11
C MET C 1170 18.74 43.08 3.60
N GLN C 1171 19.67 43.76 2.93
CA GLN C 1171 19.91 43.48 1.51
C GLN C 1171 20.48 42.08 1.35
N LEU C 1172 21.46 41.74 2.18
CA LEU C 1172 22.13 40.46 2.08
C LEU C 1172 21.23 39.32 2.51
N LYS C 1173 20.28 39.58 3.42
CA LYS C 1173 19.33 38.55 3.82
C LYS C 1173 18.39 38.20 2.69
N TYR C 1174 18.07 39.14 1.81
CA TYR C 1174 17.24 38.82 0.68
C TYR C 1174 18.02 38.17 -0.45
N MET C 1175 19.35 38.30 -0.43
CA MET C 1175 20.19 37.57 -1.37
C MET C 1175 20.48 36.16 -0.89
N ARG C 1176 20.59 35.94 0.42
CA ARG C 1176 20.88 34.60 0.87
C ARG C 1176 19.64 33.71 0.86
N SER C 1177 18.47 34.29 1.03
CA SER C 1177 17.24 33.50 1.02
C SER C 1177 16.75 33.18 -0.38
N LEU C 1178 17.57 33.52 -1.39
CA LEU C 1178 17.28 33.23 -2.81
C LEU C 1178 17.24 31.71 -2.99
N ILE C 1179 16.33 31.22 -3.83
CA ILE C 1179 16.17 29.78 -4.02
C ILE C 1179 17.42 29.21 -4.68
N ASN C 1180 18.02 28.23 -4.03
CA ASN C 1180 19.06 27.41 -4.63
C ASN C 1180 18.50 26.76 -5.88
N PRO C 1181 19.06 27.05 -7.05
CA PRO C 1181 18.54 26.47 -8.28
C PRO C 1181 18.76 24.98 -8.36
N GLY C 1182 17.90 24.32 -9.13
CA GLY C 1182 17.83 22.88 -9.15
C GLY C 1182 16.90 22.30 -8.13
N GLU C 1183 16.41 23.12 -7.21
CA GLU C 1183 15.41 22.68 -6.26
C GLU C 1183 14.11 22.39 -6.99
N ALA C 1184 13.43 21.33 -6.58
CA ALA C 1184 12.24 20.91 -7.29
C ALA C 1184 11.04 21.74 -6.88
N VAL C 1185 10.39 22.33 -7.86
CA VAL C 1185 9.13 23.00 -7.58
C VAL C 1185 7.98 22.04 -7.81
N GLY C 1186 8.23 20.94 -8.50
CA GLY C 1186 7.14 20.14 -9.05
C GLY C 1186 6.33 19.41 -7.99
N ILE C 1187 6.99 18.96 -6.94
CA ILE C 1187 6.26 18.30 -5.89
C ILE C 1187 5.53 19.31 -5.01
N ILE C 1188 6.27 20.35 -4.58
CA ILE C 1188 5.78 21.27 -3.58
C ILE C 1188 4.68 22.15 -4.13
N ALA C 1189 4.61 22.30 -5.45
CA ALA C 1189 3.47 22.96 -6.04
C ALA C 1189 2.21 22.12 -5.89
N SER C 1190 2.28 20.84 -6.25
CA SER C 1190 1.13 19.97 -6.10
C SER C 1190 1.02 19.39 -4.70
N GLN C 1191 1.99 19.64 -3.84
CA GLN C 1191 1.85 19.24 -2.45
C GLN C 1191 0.87 20.13 -1.71
N SER C 1192 1.07 21.44 -1.81
CA SER C 1192 0.39 22.40 -0.95
C SER C 1192 -1.06 22.62 -1.33
N VAL C 1193 -1.56 21.93 -2.36
CA VAL C 1193 -2.99 21.86 -2.59
C VAL C 1193 -3.53 20.47 -2.30
N GLY C 1194 -2.67 19.53 -1.94
CA GLY C 1194 -3.11 18.19 -1.61
C GLY C 1194 -2.97 17.81 -0.15
N GLU C 1195 -1.92 18.28 0.51
CA GLU C 1195 -1.74 17.89 1.91
C GLU C 1195 -2.75 18.61 2.81
N PRO C 1196 -3.08 19.90 2.60
CA PRO C 1196 -4.29 20.40 3.26
C PRO C 1196 -5.57 20.11 2.49
N SER C 1197 -5.55 19.18 1.53
CA SER C 1197 -6.82 18.74 0.96
C SER C 1197 -7.44 17.60 1.73
N THR C 1198 -6.62 16.69 2.28
CA THR C 1198 -7.14 15.68 3.19
C THR C 1198 -7.65 16.29 4.48
N GLN C 1199 -6.99 17.35 4.93
CA GLN C 1199 -7.34 18.09 6.12
C GLN C 1199 -8.65 18.86 5.98
N MET C 1200 -9.14 19.06 4.76
CA MET C 1200 -10.31 19.92 4.54
C MET C 1200 -11.54 19.17 4.06
N THR C 1201 -11.58 17.84 4.17
CA THR C 1201 -12.73 17.07 3.71
C THR C 1201 -13.88 17.31 4.68
N LEU C 1202 -14.59 18.41 4.43
CA LEU C 1202 -15.66 18.85 5.32
C LEU C 1202 -16.60 19.70 4.47
N ASN C 1203 -17.90 19.47 4.60
CA ASN C 1203 -18.85 20.00 3.62
C ASN C 1203 -19.12 21.48 3.85
N THR C 1204 -19.68 21.84 5.02
CA THR C 1204 -19.97 23.22 5.36
C THR C 1204 -19.35 23.53 6.70
N PHE C 1205 -18.50 24.56 6.74
CA PHE C 1205 -17.89 24.98 8.00
C PHE C 1205 -18.92 25.78 8.79
N ASN C 1214 -25.29 27.70 -1.16
CA ASN C 1214 -25.71 27.05 -2.41
C ASN C 1214 -24.58 27.02 -3.43
N VAL C 1215 -23.64 27.94 -3.29
CA VAL C 1215 -22.49 27.99 -4.17
C VAL C 1215 -21.53 26.85 -3.86
N THR C 1216 -20.76 26.41 -4.86
CA THR C 1216 -19.91 25.23 -4.71
C THR C 1216 -18.70 25.54 -3.84
N LEU C 1217 -18.56 24.80 -2.75
CA LEU C 1217 -17.34 24.87 -1.94
C LEU C 1217 -16.76 23.49 -1.70
N GLY C 1218 -15.75 23.43 -0.83
CA GLY C 1218 -15.15 22.19 -0.42
C GLY C 1218 -14.29 21.59 -1.52
N ILE C 1219 -14.24 20.26 -1.54
CA ILE C 1219 -13.61 19.55 -2.65
C ILE C 1219 -14.28 19.81 -4.00
N PRO C 1220 -15.67 19.76 -4.16
CA PRO C 1220 -16.23 19.95 -5.51
C PRO C 1220 -16.13 21.35 -6.11
N ARG C 1221 -15.34 22.24 -5.50
CA ARG C 1221 -14.77 23.36 -6.21
C ARG C 1221 -13.29 23.19 -6.47
N LEU C 1222 -12.54 22.73 -5.47
CA LEU C 1222 -11.09 22.56 -5.64
C LEU C 1222 -10.78 21.40 -6.57
N ARG C 1223 -11.60 20.34 -6.53
CA ARG C 1223 -11.48 19.31 -7.55
C ARG C 1223 -12.03 19.80 -8.87
N GLU C 1224 -12.99 20.72 -8.81
CA GLU C 1224 -13.65 21.19 -10.03
C GLU C 1224 -12.74 22.04 -10.88
N ILE C 1225 -12.06 23.01 -10.28
CA ILE C 1225 -11.26 23.95 -11.05
C ILE C 1225 -10.02 23.28 -11.60
N VAL C 1226 -9.33 22.48 -10.79
CA VAL C 1226 -8.00 21.99 -11.17
C VAL C 1226 -8.11 20.89 -12.22
N MET C 1227 -8.96 19.91 -12.00
CA MET C 1227 -8.93 18.71 -12.84
C MET C 1227 -10.09 18.59 -13.82
N THR C 1228 -11.26 19.11 -13.52
CA THR C 1228 -12.44 18.68 -14.27
C THR C 1228 -12.63 19.40 -15.58
N ALA C 1229 -11.64 20.17 -16.06
CA ALA C 1229 -11.73 20.95 -17.30
C ALA C 1229 -12.93 21.88 -17.27
N SER C 1230 -12.86 22.84 -16.34
CA SER C 1230 -14.02 23.62 -15.93
C SER C 1230 -14.62 24.40 -17.08
N ALA C 1231 -15.94 24.35 -17.15
CA ALA C 1231 -16.75 24.70 -18.31
C ALA C 1231 -18.05 25.23 -17.74
N ALA C 1232 -19.14 25.13 -18.52
CA ALA C 1232 -20.49 25.27 -18.01
C ALA C 1232 -20.66 24.52 -16.69
N ILE C 1233 -21.03 25.27 -15.65
CA ILE C 1233 -20.74 24.91 -14.27
C ILE C 1233 -22.06 24.80 -13.51
N LYS C 1234 -22.00 24.20 -12.32
CA LYS C 1234 -23.18 24.06 -11.48
C LYS C 1234 -23.62 25.41 -10.91
N THR C 1235 -22.70 26.15 -10.29
CA THR C 1235 -23.00 27.44 -9.68
C THR C 1235 -22.22 28.54 -10.38
N PRO C 1236 -22.79 29.14 -11.42
CA PRO C 1236 -22.16 30.30 -12.03
C PRO C 1236 -22.26 31.50 -11.10
N GLN C 1237 -21.27 32.38 -11.20
CA GLN C 1237 -21.09 33.40 -10.19
C GLN C 1237 -20.17 34.48 -10.72
N MET C 1238 -20.51 35.73 -10.41
CA MET C 1238 -19.62 36.86 -10.60
C MET C 1238 -20.05 37.97 -9.68
N THR C 1239 -19.11 38.82 -9.30
CA THR C 1239 -19.34 39.86 -8.31
C THR C 1239 -19.39 41.20 -9.01
N LEU C 1240 -20.46 41.96 -8.78
CA LEU C 1240 -20.67 43.24 -9.43
C LEU C 1240 -20.54 44.33 -8.38
N PRO C 1241 -19.45 45.11 -8.35
CA PRO C 1241 -19.38 46.25 -7.43
C PRO C 1241 -20.28 47.38 -7.92
N ILE C 1242 -21.06 47.92 -7.00
CA ILE C 1242 -21.92 49.03 -7.32
C ILE C 1242 -21.22 50.32 -6.94
N TRP C 1243 -21.75 51.43 -7.42
CA TRP C 1243 -21.09 52.72 -7.28
C TRP C 1243 -21.16 53.24 -5.85
N ASN C 1244 -20.54 54.40 -5.63
CA ASN C 1244 -20.51 55.02 -4.32
C ASN C 1244 -21.83 55.68 -3.97
N ASP C 1245 -22.66 55.97 -4.96
CA ASP C 1245 -23.86 56.78 -4.77
C ASP C 1245 -25.16 56.03 -4.96
N VAL C 1246 -25.14 54.95 -5.74
CA VAL C 1246 -26.35 54.18 -5.97
C VAL C 1246 -26.81 53.55 -4.67
N SER C 1247 -28.11 53.56 -4.45
CA SER C 1247 -28.68 53.37 -3.13
C SER C 1247 -28.89 51.90 -2.82
N ASP C 1248 -29.26 51.67 -1.57
CA ASP C 1248 -29.77 50.37 -1.17
C ASP C 1248 -31.08 50.07 -1.87
N GLU C 1249 -31.90 51.10 -2.07
CA GLU C 1249 -33.28 50.95 -2.48
C GLU C 1249 -33.50 51.07 -3.98
N GLN C 1250 -32.53 51.58 -4.73
CA GLN C 1250 -32.64 51.55 -6.17
C GLN C 1250 -31.89 50.40 -6.81
N ALA C 1251 -30.88 49.85 -6.13
CA ALA C 1251 -30.08 48.79 -6.72
C ALA C 1251 -30.89 47.51 -6.88
N ASP C 1252 -31.62 47.12 -5.83
CA ASP C 1252 -32.41 45.89 -5.85
C ASP C 1252 -33.58 45.94 -6.81
N THR C 1253 -34.10 47.14 -7.09
CA THR C 1253 -35.14 47.28 -8.10
C THR C 1253 -34.63 46.95 -9.49
N PHE C 1254 -33.40 47.33 -9.78
CA PHE C 1254 -32.73 46.93 -11.00
C PHE C 1254 -32.04 45.58 -10.89
N CYS C 1255 -32.04 44.98 -9.71
CA CYS C 1255 -31.72 43.56 -9.60
C CYS C 1255 -32.89 42.69 -10.02
N LYS C 1256 -34.10 43.25 -10.05
CA LYS C 1256 -35.26 42.52 -10.51
C LYS C 1256 -35.53 42.72 -11.99
N SER C 1257 -34.80 43.59 -12.66
CA SER C 1257 -34.72 43.51 -14.11
C SER C 1257 -33.73 42.46 -14.56
N ILE C 1258 -32.78 42.10 -13.69
CA ILE C 1258 -31.77 41.11 -14.01
C ILE C 1258 -32.29 39.68 -13.80
N SER C 1259 -33.10 39.48 -12.76
CA SER C 1259 -33.53 38.15 -12.33
C SER C 1259 -34.41 37.50 -13.40
N LYS C 1260 -34.01 36.31 -13.84
CA LYS C 1260 -34.67 35.62 -14.94
C LYS C 1260 -36.01 35.09 -14.45
N VAL C 1261 -37.07 35.79 -14.79
CA VAL C 1261 -38.41 35.43 -14.35
C VAL C 1261 -38.98 34.43 -15.34
N LEU C 1262 -39.53 33.34 -14.83
CA LEU C 1262 -40.17 32.37 -15.70
C LEU C 1262 -41.56 32.84 -16.09
N LEU C 1263 -42.22 32.08 -16.96
CA LEU C 1263 -43.57 32.43 -17.34
C LEU C 1263 -44.58 31.89 -16.33
N SER C 1264 -44.25 30.84 -15.61
CA SER C 1264 -45.19 30.21 -14.71
C SER C 1264 -45.38 30.97 -13.40
N GLU C 1265 -44.81 32.16 -13.28
CA GLU C 1265 -44.78 32.88 -12.02
C GLU C 1265 -46.06 33.66 -11.75
N VAL C 1266 -47.06 33.55 -12.63
CA VAL C 1266 -48.20 34.47 -12.58
C VAL C 1266 -49.53 33.75 -12.55
N ILE C 1267 -49.55 32.45 -12.27
CA ILE C 1267 -50.75 31.66 -12.42
C ILE C 1267 -51.19 31.09 -11.08
N ASP C 1268 -52.44 31.36 -10.68
CA ASP C 1268 -53.08 30.60 -9.61
C ASP C 1268 -53.39 29.18 -10.04
N LYS C 1269 -54.21 29.02 -11.08
CA LYS C 1269 -54.58 27.67 -11.50
C LYS C 1269 -54.74 27.63 -13.01
N VAL C 1270 -54.56 26.43 -13.56
CA VAL C 1270 -54.68 26.19 -14.97
C VAL C 1270 -55.77 25.14 -15.11
N ILE C 1271 -57.00 25.53 -15.34
CA ILE C 1271 -58.05 24.54 -15.53
C ILE C 1271 -58.26 24.36 -17.04
N VAL C 1272 -58.08 23.12 -17.51
CA VAL C 1272 -58.11 22.79 -18.92
C VAL C 1272 -59.10 21.66 -19.12
N THR C 1273 -59.63 21.56 -20.34
CA THR C 1273 -60.71 20.64 -20.62
C THR C 1273 -60.38 19.77 -21.83
N GLU C 1274 -61.29 18.84 -22.12
CA GLU C 1274 -61.34 18.14 -23.41
C GLU C 1274 -62.81 17.97 -23.77
N THR C 1275 -63.34 18.94 -24.49
CA THR C 1275 -64.73 18.92 -24.91
C THR C 1275 -64.83 18.36 -26.31
N THR C 1276 -66.00 18.45 -26.94
CA THR C 1276 -66.21 17.90 -28.27
C THR C 1276 -67.26 18.72 -28.99
N GLY C 1277 -66.95 19.11 -30.23
CA GLY C 1277 -67.90 19.80 -31.07
C GLY C 1277 -68.50 18.91 -32.14
N ALA C 1287 -63.96 16.72 -34.92
CA ALA C 1287 -64.62 17.83 -34.26
C ALA C 1287 -64.39 17.76 -32.75
N ARG C 1288 -63.14 17.86 -32.34
CA ARG C 1288 -62.73 17.80 -30.94
C ARG C 1288 -62.36 19.19 -30.46
N SER C 1289 -62.90 19.60 -29.32
CA SER C 1289 -62.76 20.97 -28.85
C SER C 1289 -62.02 21.02 -27.52
N TYR C 1290 -61.19 22.06 -27.35
CA TYR C 1290 -60.21 22.14 -26.28
C TYR C 1290 -60.11 23.60 -25.84
N VAL C 1291 -60.72 23.96 -24.72
CA VAL C 1291 -60.64 25.32 -24.19
C VAL C 1291 -59.75 25.33 -22.96
N ILE C 1292 -58.71 26.14 -23.00
CA ILE C 1292 -57.85 26.39 -21.87
C ILE C 1292 -58.29 27.70 -21.23
N HIS C 1293 -58.62 27.65 -19.95
CA HIS C 1293 -59.17 28.78 -19.21
C HIS C 1293 -58.24 29.04 -18.03
N MET C 1294 -57.21 29.83 -18.28
CA MET C 1294 -56.20 30.13 -17.28
C MET C 1294 -56.79 31.03 -16.18
N ARG C 1295 -56.16 31.00 -15.01
CA ARG C 1295 -56.42 31.96 -13.95
C ARG C 1295 -55.08 32.52 -13.47
N PHE C 1296 -55.02 33.83 -13.35
CA PHE C 1296 -53.82 34.51 -12.91
C PHE C 1296 -53.96 34.96 -11.47
N PHE C 1297 -53.02 35.77 -11.04
CA PHE C 1297 -53.04 36.39 -9.73
C PHE C 1297 -53.84 37.69 -9.82
N ASP C 1298 -53.81 38.43 -8.73
CA ASP C 1298 -54.08 39.85 -8.80
C ASP C 1298 -52.86 40.56 -9.38
N ASN C 1299 -53.09 41.77 -9.89
CA ASN C 1299 -52.09 42.48 -10.67
C ASN C 1299 -50.91 42.93 -9.83
N ASN C 1300 -51.15 43.29 -8.59
CA ASN C 1300 -50.19 44.01 -7.77
C ASN C 1300 -49.16 43.11 -7.10
N GLU C 1301 -48.87 41.93 -7.65
CA GLU C 1301 -47.85 41.05 -7.11
C GLU C 1301 -46.70 40.84 -8.08
N TYR C 1302 -46.99 40.35 -9.28
CA TYR C 1302 -45.95 40.25 -10.31
C TYR C 1302 -45.48 41.64 -10.72
N SER C 1303 -46.38 42.62 -10.70
CA SER C 1303 -45.99 44.02 -10.80
C SER C 1303 -45.10 44.43 -9.65
N GLU C 1304 -45.29 43.81 -8.49
CA GLU C 1304 -44.54 44.17 -7.30
C GLU C 1304 -43.28 43.32 -7.14
N GLU C 1305 -43.46 42.00 -7.00
CA GLU C 1305 -42.39 41.11 -6.57
C GLU C 1305 -41.35 40.91 -7.65
N TYR C 1306 -41.78 40.77 -8.91
CA TYR C 1306 -40.85 40.57 -10.00
C TYR C 1306 -40.89 41.71 -11.02
N ASP C 1307 -41.39 42.87 -10.60
CA ASP C 1307 -41.23 44.13 -11.37
C ASP C 1307 -41.53 43.95 -12.86
N VAL C 1308 -42.55 43.18 -13.20
CA VAL C 1308 -42.94 43.07 -14.60
C VAL C 1308 -44.46 42.92 -14.66
N SER C 1309 -45.01 43.38 -15.77
CA SER C 1309 -46.45 43.48 -15.94
C SER C 1309 -46.76 43.26 -17.40
N LYS C 1310 -47.89 43.81 -17.85
CA LYS C 1310 -48.42 43.68 -19.20
C LYS C 1310 -47.45 44.10 -20.30
N GLU C 1311 -46.34 44.80 -19.95
CA GLU C 1311 -45.34 45.24 -20.92
C GLU C 1311 -44.66 44.08 -21.63
N GLU C 1312 -44.66 42.88 -21.07
CA GLU C 1312 -44.35 41.71 -21.87
C GLU C 1312 -45.27 40.53 -21.61
N LEU C 1313 -46.26 40.64 -20.74
CA LEU C 1313 -47.19 39.54 -20.57
C LEU C 1313 -48.28 39.55 -21.63
N GLN C 1314 -48.57 40.72 -22.19
CA GLN C 1314 -49.37 40.76 -23.40
C GLN C 1314 -48.66 40.08 -24.56
N ASN C 1315 -47.39 40.41 -24.79
CA ASN C 1315 -46.67 39.88 -25.93
C ASN C 1315 -45.82 38.66 -25.60
N VAL C 1316 -46.19 37.92 -24.56
CA VAL C 1316 -45.72 36.55 -24.40
C VAL C 1316 -46.81 35.55 -24.76
N ILE C 1317 -48.06 36.00 -24.87
CA ILE C 1317 -49.23 35.13 -24.79
C ILE C 1317 -49.93 35.01 -26.12
N SER C 1318 -49.51 35.78 -27.12
CA SER C 1318 -49.80 35.48 -28.52
C SER C 1318 -48.52 35.34 -29.31
N ASN C 1319 -47.37 35.32 -28.66
CA ASN C 1319 -46.08 35.37 -29.34
C ASN C 1319 -45.12 34.26 -28.92
N GLN C 1320 -45.13 33.85 -27.66
CA GLN C 1320 -44.20 32.85 -27.19
C GLN C 1320 -44.88 31.54 -26.77
N PHE C 1321 -45.89 31.63 -25.92
CA PHE C 1321 -46.50 30.43 -25.35
C PHE C 1321 -47.32 29.68 -26.38
N ILE C 1322 -47.98 30.42 -27.27
CA ILE C 1322 -48.81 29.80 -28.31
C ILE C 1322 -47.94 29.03 -29.30
N HIS C 1323 -46.80 29.62 -29.66
CA HIS C 1323 -45.85 28.93 -30.53
C HIS C 1323 -45.32 27.66 -29.89
N LEU C 1324 -44.96 27.73 -28.61
CA LEU C 1324 -44.51 26.54 -27.91
C LEU C 1324 -45.65 25.57 -27.64
N LEU C 1325 -46.89 26.04 -27.61
CA LEU C 1325 -48.02 25.13 -27.50
C LEU C 1325 -48.23 24.37 -28.79
N GLU C 1326 -48.01 25.00 -29.94
CA GLU C 1326 -48.06 24.30 -31.21
C GLU C 1326 -46.91 23.32 -31.38
N ALA C 1327 -45.84 23.48 -30.61
CA ALA C 1327 -44.72 22.56 -30.59
C ALA C 1327 -44.92 21.41 -29.61
N ALA C 1328 -46.16 21.17 -29.17
CA ALA C 1328 -46.45 19.99 -28.37
C ALA C 1328 -47.74 19.29 -28.74
N ILE C 1329 -48.66 19.96 -29.43
CA ILE C 1329 -49.83 19.29 -29.97
C ILE C 1329 -49.53 18.61 -31.29
N VAL C 1330 -48.66 19.21 -32.11
CA VAL C 1330 -48.27 18.57 -33.36
C VAL C 1330 -47.24 17.48 -33.11
N LYS C 1331 -46.41 17.61 -32.08
CA LYS C 1331 -45.34 16.66 -31.79
C LYS C 1331 -45.83 15.37 -31.14
N GLU C 1332 -47.13 15.14 -31.08
CA GLU C 1332 -47.65 13.82 -30.77
C GLU C 1332 -48.52 13.24 -31.86
N ILE C 1333 -49.24 14.07 -32.63
CA ILE C 1333 -50.07 13.57 -33.72
C ILE C 1333 -49.19 12.89 -34.77
N LYS C 1334 -47.99 13.42 -34.97
CA LYS C 1334 -47.03 12.70 -35.80
C LYS C 1334 -46.32 11.61 -35.01
N LYS C 1335 -46.27 11.70 -33.69
CA LYS C 1335 -45.53 10.70 -32.93
C LYS C 1335 -46.41 9.53 -32.52
N GLN C 1336 -47.62 9.79 -32.06
CA GLN C 1336 -48.46 8.70 -31.57
C GLN C 1336 -48.99 7.83 -32.72
N LYS C 1337 -49.01 8.35 -33.95
CA LYS C 1337 -49.50 7.59 -35.09
C LYS C 1337 -48.38 6.88 -35.86
N ARG C 1338 -47.34 6.43 -35.17
CA ARG C 1338 -46.29 5.63 -35.82
C ARG C 1338 -46.80 4.24 -36.18
N VAL C 1433 -67.50 33.46 -12.29
CA VAL C 1433 -66.71 34.53 -12.88
C VAL C 1433 -66.69 34.37 -14.40
N GLU C 1434 -67.37 35.30 -15.08
CA GLU C 1434 -67.42 35.32 -16.53
C GLU C 1434 -66.22 36.10 -17.04
N ALA C 1435 -65.52 35.56 -18.04
CA ALA C 1435 -64.20 36.10 -18.38
C ALA C 1435 -64.32 37.42 -19.15
N ASN C 1436 -64.87 37.38 -20.36
CA ASN C 1436 -65.19 38.57 -21.14
C ASN C 1436 -66.38 38.30 -22.05
N ASN C 1437 -67.07 39.38 -22.41
CA ASN C 1437 -68.13 39.33 -23.41
C ASN C 1437 -67.97 40.60 -24.26
N ASN C 1438 -68.58 40.55 -25.46
CA ASN C 1438 -68.75 41.62 -26.47
C ASN C 1438 -67.56 42.58 -26.57
N MET C 1439 -66.40 41.98 -26.84
CA MET C 1439 -65.10 42.63 -26.71
C MET C 1439 -64.90 43.71 -27.79
N ASN C 1440 -63.92 44.58 -27.55
CA ASN C 1440 -63.67 45.71 -28.44
C ASN C 1440 -62.90 45.24 -29.67
N LYS C 1441 -62.45 46.21 -30.49
CA LYS C 1441 -61.80 45.86 -31.75
C LYS C 1441 -60.37 45.38 -31.55
N VAL C 1442 -59.64 45.95 -30.58
CA VAL C 1442 -58.27 45.52 -30.32
C VAL C 1442 -58.18 44.12 -29.74
N GLN C 1443 -59.30 43.58 -29.28
CA GLN C 1443 -59.38 42.21 -28.84
C GLN C 1443 -59.95 41.29 -29.91
N ARG C 1444 -60.71 41.85 -30.86
CA ARG C 1444 -60.98 41.16 -32.11
C ARG C 1444 -59.77 41.19 -33.02
N ASP C 1445 -58.85 42.12 -32.80
CA ASP C 1445 -57.64 42.19 -33.61
C ASP C 1445 -56.73 41.02 -33.29
N ARG C 1446 -56.42 40.83 -32.01
CA ARG C 1446 -55.53 39.77 -31.56
C ARG C 1446 -56.13 38.39 -31.72
N GLN C 1447 -57.46 38.31 -31.83
CA GLN C 1447 -58.08 37.08 -32.31
C GLN C 1447 -57.68 36.81 -33.74
N SER C 1448 -57.90 37.78 -34.62
CA SER C 1448 -57.68 37.61 -36.05
C SER C 1448 -56.20 37.53 -36.40
N ALA C 1449 -55.33 38.14 -35.59
CA ALA C 1449 -53.90 38.14 -35.88
C ALA C 1449 -53.25 36.80 -35.60
N ILE C 1450 -53.90 35.92 -34.84
CA ILE C 1450 -53.35 34.62 -34.50
C ILE C 1450 -53.98 33.50 -35.33
N ILE C 1451 -55.28 33.61 -35.62
CA ILE C 1451 -55.93 32.70 -36.55
C ILE C 1451 -55.28 32.80 -37.92
N SER C 1452 -54.91 34.03 -38.32
CA SER C 1452 -54.10 34.21 -39.51
C SER C 1452 -52.68 33.68 -39.33
N HIS C 1453 -52.16 33.69 -38.10
CA HIS C 1453 -50.78 33.27 -37.87
C HIS C 1453 -50.67 31.81 -37.44
N HIS C 1454 -51.23 31.46 -36.28
CA HIS C 1454 -51.15 30.09 -35.81
C HIS C 1454 -52.32 29.30 -36.41
N ARG C 1455 -52.46 28.03 -36.03
CA ARG C 1455 -53.31 27.13 -36.81
C ARG C 1455 -54.45 26.49 -36.03
N PHE C 1456 -54.32 26.27 -34.72
CA PHE C 1456 -55.34 25.54 -33.97
C PHE C 1456 -56.31 26.43 -33.21
N ILE C 1457 -56.01 27.71 -33.07
CA ILE C 1457 -56.77 28.58 -32.18
C ILE C 1457 -57.98 29.11 -32.92
N THR C 1458 -59.17 28.94 -32.34
CA THR C 1458 -60.39 29.50 -32.88
C THR C 1458 -61.03 30.55 -31.99
N LYS C 1459 -60.73 30.57 -30.70
CA LYS C 1459 -61.15 31.65 -29.82
C LYS C 1459 -59.94 32.13 -29.04
N TYR C 1460 -59.91 33.43 -28.79
CA TYR C 1460 -58.76 34.02 -28.11
C TYR C 1460 -59.22 35.28 -27.40
N ASN C 1461 -58.61 35.55 -26.26
CA ASN C 1461 -59.16 36.48 -25.29
C ASN C 1461 -58.05 36.78 -24.29
N PHE C 1462 -58.24 37.83 -23.49
CA PHE C 1462 -57.22 38.25 -22.53
C PHE C 1462 -57.89 39.13 -21.48
N ASP C 1463 -57.22 39.26 -20.34
CA ASP C 1463 -57.63 40.14 -19.24
C ASP C 1463 -56.65 41.30 -19.19
N ASP C 1464 -57.17 42.52 -19.27
CA ASP C 1464 -56.30 43.68 -19.38
C ASP C 1464 -56.52 44.72 -18.29
N GLU C 1465 -57.57 44.61 -17.47
CA GLU C 1465 -57.70 45.58 -16.39
C GLU C 1465 -56.80 45.21 -15.21
N SER C 1466 -56.65 43.92 -14.93
CA SER C 1466 -55.70 43.47 -13.94
C SER C 1466 -54.89 42.27 -14.40
N GLY C 1467 -55.32 41.58 -15.45
CA GLY C 1467 -54.69 40.33 -15.81
C GLY C 1467 -54.92 39.30 -14.73
N LYS C 1468 -56.18 38.89 -14.56
CA LYS C 1468 -56.54 37.91 -13.56
C LYS C 1468 -56.81 36.55 -14.19
N TRP C 1469 -56.69 36.43 -15.50
CA TRP C 1469 -56.94 35.19 -16.22
C TRP C 1469 -56.44 35.33 -17.65
N CYS C 1470 -56.32 34.18 -18.31
CA CYS C 1470 -56.17 34.08 -19.76
C CYS C 1470 -57.20 33.08 -20.28
N GLU C 1471 -57.38 33.09 -21.60
CA GLU C 1471 -58.29 32.15 -22.25
C GLU C 1471 -57.89 32.04 -23.70
N PHE C 1472 -57.82 30.80 -24.20
CA PHE C 1472 -57.73 30.52 -25.63
C PHE C 1472 -58.19 29.10 -25.89
N LYS C 1473 -59.02 28.91 -26.92
CA LYS C 1473 -59.62 27.62 -27.21
C LYS C 1473 -59.04 27.06 -28.50
N LEU C 1474 -58.56 25.82 -28.44
CA LEU C 1474 -58.07 25.13 -29.62
C LEU C 1474 -59.19 24.35 -30.29
N GLU C 1475 -58.86 23.79 -31.46
CA GLU C 1475 -59.64 22.74 -32.10
C GLU C 1475 -58.68 21.70 -32.63
N LEU C 1476 -59.18 20.47 -32.77
CA LEU C 1476 -58.32 19.37 -33.17
C LEU C 1476 -59.19 18.33 -33.85
N ALA C 1477 -58.60 17.60 -34.78
CA ALA C 1477 -59.33 16.65 -35.61
C ALA C 1477 -59.77 15.44 -34.78
N ALA C 1478 -60.60 14.60 -35.40
CA ALA C 1478 -61.26 13.53 -34.66
C ALA C 1478 -60.40 12.29 -34.47
N ASP C 1479 -59.33 12.14 -35.24
CA ASP C 1479 -58.55 10.90 -35.18
C ASP C 1479 -57.70 10.82 -33.93
N THR C 1480 -56.99 11.90 -33.58
CA THR C 1480 -56.05 11.87 -32.48
C THR C 1480 -56.79 11.88 -31.16
N GLU C 1481 -56.31 11.08 -30.23
CA GLU C 1481 -57.02 10.59 -29.06
C GLU C 1481 -56.98 11.63 -27.94
N LYS C 1482 -57.45 11.24 -26.75
CA LYS C 1482 -57.24 12.04 -25.57
C LYS C 1482 -55.75 12.12 -25.26
N LEU C 1483 -55.32 13.29 -24.82
CA LEU C 1483 -53.91 13.51 -24.50
C LEU C 1483 -53.77 14.08 -23.09
N LEU C 1484 -52.53 14.35 -22.73
CA LEU C 1484 -52.16 14.83 -21.40
C LEU C 1484 -52.44 16.34 -21.32
N MET C 1485 -53.73 16.68 -21.27
CA MET C 1485 -54.15 18.08 -21.37
C MET C 1485 -53.71 18.91 -20.17
N VAL C 1486 -53.56 18.29 -19.00
CA VAL C 1486 -52.95 19.02 -17.91
C VAL C 1486 -51.44 19.08 -18.03
N ASN C 1487 -50.83 18.13 -18.73
CA ASN C 1487 -49.39 18.17 -18.90
C ASN C 1487 -48.98 18.77 -20.24
N ILE C 1488 -49.95 19.00 -21.13
CA ILE C 1488 -49.66 19.74 -22.35
C ILE C 1488 -49.46 21.22 -22.06
N VAL C 1489 -49.78 21.67 -20.86
CA VAL C 1489 -49.56 23.04 -20.46
C VAL C 1489 -48.37 23.17 -19.50
N GLU C 1490 -48.22 22.20 -18.59
CA GLU C 1490 -47.38 22.38 -17.41
C GLU C 1490 -45.90 22.46 -17.78
N GLU C 1491 -45.44 21.52 -18.58
CA GLU C 1491 -44.04 21.49 -19.00
C GLU C 1491 -43.72 22.60 -19.99
N ILE C 1492 -44.74 23.20 -20.59
CA ILE C 1492 -44.52 24.34 -21.46
C ILE C 1492 -44.27 25.59 -20.64
N CYS C 1493 -44.97 25.73 -19.51
CA CYS C 1493 -44.90 26.94 -18.71
C CYS C 1493 -43.52 27.12 -18.09
N ARG C 1494 -42.97 26.07 -17.49
CA ARG C 1494 -41.68 26.15 -16.81
C ARG C 1494 -40.51 26.25 -17.78
N LYS C 1495 -40.73 26.03 -19.07
CA LYS C 1495 -39.74 26.38 -20.08
C LYS C 1495 -40.05 27.71 -20.76
N SER C 1496 -41.31 28.13 -20.79
CA SER C 1496 -41.65 29.43 -21.35
C SER C 1496 -41.13 30.53 -20.45
N ILE C 1497 -40.84 31.68 -21.06
CA ILE C 1497 -40.11 32.73 -20.36
C ILE C 1497 -40.75 34.08 -20.67
N ILE C 1498 -40.84 34.93 -19.65
CA ILE C 1498 -41.49 36.23 -19.80
C ILE C 1498 -40.51 37.30 -20.24
N ARG C 1499 -39.25 37.22 -19.84
CA ARG C 1499 -38.20 37.98 -20.51
C ARG C 1499 -36.96 37.11 -20.51
N GLN C 1500 -36.39 36.92 -21.68
CA GLN C 1500 -35.13 36.21 -21.76
C GLN C 1500 -34.03 37.15 -21.28
N ILE C 1501 -33.06 36.58 -20.59
CA ILE C 1501 -31.91 37.36 -20.17
C ILE C 1501 -30.73 36.37 -20.18
N PRO C 1502 -29.61 36.72 -20.83
CA PRO C 1502 -28.64 35.70 -21.25
C PRO C 1502 -27.85 35.01 -20.15
N HIS C 1503 -28.04 33.68 -20.02
CA HIS C 1503 -27.25 32.78 -19.18
C HIS C 1503 -27.27 33.17 -17.70
N ILE C 1504 -28.26 33.93 -17.28
CA ILE C 1504 -28.24 34.60 -15.99
C ILE C 1504 -29.60 34.37 -15.35
N ASP C 1505 -29.60 34.17 -14.03
CA ASP C 1505 -30.81 33.65 -13.41
C ASP C 1505 -31.41 34.56 -12.35
N ARG C 1506 -30.66 34.88 -11.29
CA ARG C 1506 -31.19 35.60 -10.14
C ARG C 1506 -30.06 36.43 -9.55
N CYS C 1507 -30.41 37.59 -9.01
CA CYS C 1507 -29.41 38.48 -8.43
C CYS C 1507 -29.64 38.62 -6.94
N VAL C 1508 -28.59 38.47 -6.17
CA VAL C 1508 -28.65 38.46 -4.71
C VAL C 1508 -27.99 39.73 -4.20
N HIS C 1509 -28.60 40.37 -3.20
CA HIS C 1509 -27.99 41.54 -2.58
C HIS C 1509 -27.33 41.13 -1.28
N PRO C 1510 -26.01 41.01 -1.21
CA PRO C 1510 -25.36 40.44 -0.03
C PRO C 1510 -24.99 41.47 1.03
N GLU C 1511 -24.25 41.02 2.03
CA GLU C 1511 -23.77 41.90 3.09
C GLU C 1511 -22.60 42.73 2.59
N PRO C 1512 -22.48 43.98 3.02
CA PRO C 1512 -21.27 44.75 2.72
C PRO C 1512 -20.10 44.21 3.53
N GLU C 1513 -18.91 44.36 2.99
CA GLU C 1513 -17.71 43.84 3.64
C GLU C 1513 -16.50 44.67 3.23
N ASN C 1514 -15.72 45.09 4.23
CA ASN C 1514 -14.37 45.59 4.07
C ASN C 1514 -14.33 46.84 3.19
N GLY C 1515 -15.13 47.83 3.57
CA GLY C 1515 -15.17 49.09 2.88
C GLY C 1515 -15.81 49.07 1.51
N LYS C 1516 -16.46 47.98 1.12
CA LYS C 1516 -17.08 47.92 -0.20
C LYS C 1516 -18.45 47.26 -0.14
N ARG C 1517 -19.44 47.95 -0.71
CA ARG C 1517 -20.71 47.35 -1.05
C ARG C 1517 -20.57 46.61 -2.36
N VAL C 1518 -21.09 45.38 -2.42
CA VAL C 1518 -21.02 44.58 -3.62
C VAL C 1518 -22.43 44.12 -3.99
N LEU C 1519 -22.49 43.31 -5.05
CA LEU C 1519 -23.77 42.82 -5.56
C LEU C 1519 -23.46 41.55 -6.36
N VAL C 1520 -23.97 40.42 -5.91
CA VAL C 1520 -23.63 39.12 -6.50
C VAL C 1520 -24.82 38.60 -7.30
N THR C 1521 -24.56 38.20 -8.55
CA THR C 1521 -25.59 37.64 -9.41
C THR C 1521 -25.14 36.25 -9.81
N GLU C 1522 -26.00 35.26 -9.55
CA GLU C 1522 -25.59 33.86 -9.49
C GLU C 1522 -25.74 33.20 -10.87
N GLY C 1523 -25.25 33.89 -11.87
CA GLY C 1523 -25.23 33.37 -13.22
C GLY C 1523 -23.96 33.87 -13.83
N VAL C 1524 -23.97 34.02 -15.14
CA VAL C 1524 -22.90 34.75 -15.82
C VAL C 1524 -23.52 35.39 -17.07
N ASN C 1525 -23.10 36.63 -17.36
CA ASN C 1525 -23.61 37.42 -18.47
C ASN C 1525 -22.72 38.64 -18.63
N PHE C 1526 -22.46 39.02 -19.86
CA PHE C 1526 -21.78 40.30 -19.95
C PHE C 1526 -22.43 41.27 -20.91
N GLN C 1527 -22.93 40.77 -22.05
CA GLN C 1527 -23.37 41.66 -23.12
C GLN C 1527 -24.72 42.30 -22.83
N ALA C 1528 -25.44 41.82 -21.81
CA ALA C 1528 -26.67 42.45 -21.38
C ALA C 1528 -26.50 43.21 -20.07
N MET C 1529 -25.31 43.22 -19.50
CA MET C 1529 -25.01 44.07 -18.36
C MET C 1529 -23.94 45.11 -18.65
N TRP C 1530 -23.16 44.93 -19.73
CA TRP C 1530 -22.23 45.95 -20.18
C TRP C 1530 -22.91 47.23 -20.64
N ASP C 1531 -24.22 47.19 -20.90
CA ASP C 1531 -25.02 48.39 -21.10
C ASP C 1531 -25.76 48.80 -19.83
N GLN C 1532 -25.45 48.15 -18.71
CA GLN C 1532 -25.98 48.55 -17.40
C GLN C 1532 -24.82 48.93 -16.49
N GLU C 1533 -23.87 49.68 -17.02
CA GLU C 1533 -22.71 50.09 -16.26
C GLU C 1533 -22.86 51.48 -15.68
N ALA C 1534 -24.06 52.05 -15.75
CA ALA C 1534 -24.36 53.22 -14.95
C ALA C 1534 -24.51 52.86 -13.48
N PHE C 1535 -24.81 51.61 -13.19
CA PHE C 1535 -24.96 51.11 -11.84
C PHE C 1535 -23.80 50.24 -11.40
N ILE C 1536 -23.02 49.73 -12.33
CA ILE C 1536 -21.98 48.77 -12.05
C ILE C 1536 -20.66 49.33 -12.58
N ASP C 1537 -19.59 49.13 -11.83
CA ASP C 1537 -18.28 49.48 -12.35
C ASP C 1537 -17.85 48.50 -13.45
N VAL C 1538 -16.82 48.89 -14.18
CA VAL C 1538 -16.21 48.05 -15.20
C VAL C 1538 -14.78 47.67 -14.83
N ASP C 1539 -14.32 48.04 -13.65
CA ASP C 1539 -13.00 47.68 -13.18
C ASP C 1539 -13.00 46.79 -11.96
N GLY C 1540 -14.13 46.67 -11.26
CA GLY C 1540 -14.25 45.73 -10.17
C GLY C 1540 -15.03 44.49 -10.52
N ILE C 1541 -15.55 44.39 -11.74
CA ILE C 1541 -16.40 43.28 -12.14
C ILE C 1541 -15.58 42.00 -12.26
N THR C 1542 -15.71 41.12 -11.28
CA THR C 1542 -14.93 39.90 -11.27
C THR C 1542 -15.74 38.78 -11.91
N SER C 1543 -15.19 37.56 -11.87
CA SER C 1543 -15.89 36.40 -12.39
C SER C 1543 -15.35 35.17 -11.70
N ASN C 1544 -16.27 34.28 -11.32
CA ASN C 1544 -15.89 33.02 -10.68
C ASN C 1544 -15.59 31.97 -11.73
N ASP C 1545 -16.49 31.79 -12.70
CA ASP C 1545 -16.31 30.77 -13.73
C ASP C 1545 -15.20 31.15 -14.70
N VAL C 1546 -14.46 30.15 -15.14
CA VAL C 1546 -13.30 30.37 -15.99
C VAL C 1546 -13.67 30.26 -17.47
N ALA C 1547 -14.94 30.04 -17.76
CA ALA C 1547 -15.44 30.13 -19.12
C ALA C 1547 -15.83 31.54 -19.49
N ALA C 1548 -15.67 32.50 -18.59
CA ALA C 1548 -15.92 33.90 -18.88
C ALA C 1548 -14.89 34.78 -18.19
N VAL C 1549 -13.64 34.33 -18.12
CA VAL C 1549 -12.54 35.19 -17.74
C VAL C 1549 -11.55 35.37 -18.86
N LEU C 1550 -11.62 34.57 -19.90
CA LEU C 1550 -10.81 34.83 -21.08
C LEU C 1550 -11.65 34.73 -22.34
N LYS C 1551 -12.91 34.35 -22.20
CA LYS C 1551 -13.84 34.49 -23.31
C LYS C 1551 -14.13 35.94 -23.61
N THR C 1552 -14.15 36.80 -22.58
CA THR C 1552 -14.31 38.22 -22.78
C THR C 1552 -13.30 39.07 -22.00
N TYR C 1553 -12.29 38.47 -21.37
CA TYR C 1553 -11.36 39.30 -20.60
C TYR C 1553 -9.89 38.94 -20.73
N GLY C 1554 -9.51 37.90 -21.44
CA GLY C 1554 -8.11 37.69 -21.71
C GLY C 1554 -7.49 36.62 -20.82
N VAL C 1555 -6.39 36.05 -21.30
CA VAL C 1555 -5.76 34.92 -20.62
C VAL C 1555 -5.13 35.35 -19.29
N GLU C 1556 -4.60 36.56 -19.20
CA GLU C 1556 -4.06 36.96 -17.92
C GLU C 1556 -5.12 37.47 -16.97
N ALA C 1557 -6.38 37.50 -17.41
CA ALA C 1557 -7.52 37.57 -16.52
C ALA C 1557 -8.00 36.19 -16.12
N ALA C 1558 -7.29 35.14 -16.51
CA ALA C 1558 -7.52 33.81 -15.98
C ALA C 1558 -6.43 33.35 -15.03
N ARG C 1559 -5.16 33.65 -15.33
CA ARG C 1559 -4.05 33.26 -14.47
C ARG C 1559 -4.05 34.03 -13.17
N ASN C 1560 -4.76 35.15 -13.11
CA ASN C 1560 -4.83 35.91 -11.87
C ASN C 1560 -6.26 36.05 -11.35
N THR C 1561 -7.20 35.31 -11.93
CA THR C 1561 -8.47 35.16 -11.24
C THR C 1561 -8.54 33.87 -10.45
N ILE C 1562 -7.77 32.85 -10.81
CA ILE C 1562 -7.92 31.56 -10.16
C ILE C 1562 -7.01 31.45 -8.95
N VAL C 1563 -5.85 32.09 -9.01
CA VAL C 1563 -4.94 32.17 -7.88
C VAL C 1563 -5.56 32.97 -6.74
N ASN C 1564 -6.58 33.76 -7.03
CA ASN C 1564 -7.49 34.26 -6.02
C ASN C 1564 -8.91 33.76 -6.28
N GLU C 1565 -9.05 32.49 -6.70
CA GLU C 1565 -10.33 31.80 -6.59
C GLU C 1565 -10.21 30.46 -5.89
N ILE C 1566 -9.13 29.72 -6.11
CA ILE C 1566 -8.88 28.57 -5.26
C ILE C 1566 -8.48 29.05 -3.88
N ASN C 1567 -7.90 30.23 -3.80
CA ASN C 1567 -7.54 30.85 -2.54
C ASN C 1567 -8.76 31.28 -1.74
N ASN C 1568 -9.95 31.32 -2.35
CA ASN C 1568 -11.18 31.45 -1.58
C ASN C 1568 -11.37 30.25 -0.66
N VAL C 1569 -11.01 29.05 -1.15
CA VAL C 1569 -11.34 27.83 -0.44
C VAL C 1569 -10.50 27.69 0.83
N PHE C 1570 -9.20 27.97 0.74
CA PHE C 1570 -8.33 27.81 1.90
C PHE C 1570 -8.61 28.85 2.97
N SER C 1571 -9.22 29.97 2.62
CA SER C 1571 -9.61 30.95 3.61
C SER C 1571 -11.00 30.70 4.18
N ARG C 1572 -11.84 29.92 3.51
CA ARG C 1572 -13.10 29.50 4.11
C ARG C 1572 -12.89 28.51 5.23
N TYR C 1573 -11.73 27.87 5.30
CA TYR C 1573 -11.43 26.88 6.33
C TYR C 1573 -10.32 27.34 7.25
N ALA C 1574 -9.92 28.61 7.16
CA ALA C 1574 -8.95 29.28 8.03
C ALA C 1574 -7.59 28.59 8.03
N ILE C 1575 -7.30 27.78 7.04
CA ILE C 1575 -6.02 27.10 6.96
C ILE C 1575 -5.07 27.99 6.17
N SER C 1576 -3.79 27.90 6.51
CA SER C 1576 -2.80 28.77 5.89
C SER C 1576 -2.13 28.05 4.73
N VAL C 1577 -1.70 28.84 3.75
CA VAL C 1577 -1.09 28.33 2.53
C VAL C 1577 -0.12 29.41 2.07
N SER C 1578 0.84 29.03 1.23
CA SER C 1578 1.73 30.01 0.62
C SER C 1578 1.01 30.69 -0.55
N PHE C 1579 1.76 31.56 -1.25
CA PHE C 1579 1.27 32.18 -2.46
C PHE C 1579 2.08 31.84 -3.69
N ARG C 1580 3.37 31.61 -3.55
CA ARG C 1580 4.21 31.52 -4.73
C ARG C 1580 4.10 30.18 -5.42
N HIS C 1581 3.66 29.15 -4.70
CA HIS C 1581 3.36 27.89 -5.35
C HIS C 1581 2.14 28.02 -6.23
N LEU C 1582 1.19 28.86 -5.88
CA LEU C 1582 -0.06 28.91 -6.62
C LEU C 1582 0.08 29.64 -7.94
N ASP C 1583 1.20 30.32 -8.16
CA ASP C 1583 1.52 30.84 -9.48
C ASP C 1583 1.89 29.72 -10.44
N LEU C 1584 2.41 28.61 -9.92
CA LEU C 1584 2.77 27.48 -10.76
C LEU C 1584 1.53 26.80 -11.28
N ILE C 1585 0.58 26.54 -10.38
CA ILE C 1585 -0.69 25.96 -10.79
C ILE C 1585 -1.49 26.95 -11.60
N ALA C 1586 -1.23 28.25 -11.45
CA ALA C 1586 -1.90 29.22 -12.31
C ALA C 1586 -1.37 29.19 -13.73
N ASP C 1587 -0.17 28.66 -13.96
CA ASP C 1587 0.53 28.90 -15.21
C ASP C 1587 0.64 27.65 -16.06
N MET C 1588 0.99 26.51 -15.47
CA MET C 1588 0.98 25.22 -16.16
C MET C 1588 -0.43 24.83 -16.61
N MET C 1589 -1.45 25.38 -15.95
CA MET C 1589 -2.84 25.15 -16.29
C MET C 1589 -3.29 26.00 -17.48
N THR C 1590 -2.66 27.16 -17.68
CA THR C 1590 -2.96 27.89 -18.91
C THR C 1590 -1.65 28.46 -19.46
N ARG C 1591 -0.68 27.58 -19.63
CA ARG C 1591 0.42 27.86 -20.54
C ARG C 1591 -0.09 27.91 -21.97
N GLN C 1592 -0.97 26.99 -22.32
CA GLN C 1592 -1.37 26.80 -23.71
C GLN C 1592 -2.63 27.59 -24.01
N GLY C 1593 -2.54 28.89 -23.78
CA GLY C 1593 -3.49 29.80 -24.37
C GLY C 1593 -4.83 29.86 -23.66
N THR C 1594 -5.67 28.83 -23.85
CA THR C 1594 -7.04 28.95 -23.41
C THR C 1594 -7.29 28.33 -22.04
N TYR C 1595 -7.14 27.02 -21.90
CA TYR C 1595 -7.36 26.33 -20.63
C TYR C 1595 -6.83 24.91 -20.69
N LEU C 1596 -5.79 24.56 -19.93
CA LEU C 1596 -5.52 23.14 -19.83
C LEU C 1596 -6.37 22.55 -18.71
N ALA C 1597 -6.46 21.23 -18.71
CA ALA C 1597 -7.47 20.54 -17.93
C ALA C 1597 -6.94 19.78 -16.73
N PHE C 1598 -5.66 19.43 -16.72
CA PHE C 1598 -5.03 18.55 -15.75
C PHE C 1598 -5.79 17.22 -15.63
N ASN C 1599 -5.94 16.54 -16.77
CA ASN C 1599 -6.50 15.19 -16.77
C ASN C 1599 -5.92 14.44 -17.96
N ARG C 1600 -6.63 13.39 -18.39
CA ARG C 1600 -6.29 12.68 -19.62
C ARG C 1600 -6.27 13.60 -20.83
N GLN C 1601 -7.14 14.61 -20.84
CA GLN C 1601 -7.25 15.52 -21.98
C GLN C 1601 -6.56 16.83 -21.72
N GLY C 1602 -5.88 16.95 -20.59
CA GLY C 1602 -5.15 18.16 -20.32
C GLY C 1602 -3.79 18.14 -20.97
N MET C 1603 -3.15 16.99 -21.00
CA MET C 1603 -1.76 16.92 -21.44
C MET C 1603 -1.55 15.81 -22.44
N GLU C 1604 -2.37 15.77 -23.49
CA GLU C 1604 -1.90 15.12 -24.70
C GLU C 1604 -0.80 15.94 -25.35
N THR C 1605 -0.81 17.25 -25.12
CA THR C 1605 0.32 18.09 -25.46
C THR C 1605 1.36 17.96 -24.36
N SER C 1606 2.45 17.25 -24.64
CA SER C 1606 3.61 17.27 -23.77
C SER C 1606 4.82 16.81 -24.57
N THR C 1607 6.00 17.03 -24.00
CA THR C 1607 7.26 16.73 -24.65
C THR C 1607 7.74 15.33 -24.32
N SER C 1608 8.05 15.08 -23.06
CA SER C 1608 8.56 13.78 -22.63
C SER C 1608 7.42 12.78 -22.60
N SER C 1609 7.62 11.63 -23.25
CA SER C 1609 6.48 10.77 -23.58
C SER C 1609 6.13 9.77 -22.49
N PHE C 1610 7.09 9.23 -21.74
CA PHE C 1610 6.71 8.21 -20.76
C PHE C 1610 5.99 8.79 -19.56
N MET C 1611 6.11 10.09 -19.31
CA MET C 1611 5.21 10.74 -18.38
C MET C 1611 3.78 10.67 -18.88
N LYS C 1612 3.59 10.78 -20.19
CA LYS C 1612 2.29 10.61 -20.79
C LYS C 1612 1.90 9.14 -20.82
N MET C 1613 2.87 8.22 -20.84
CA MET C 1613 2.56 6.81 -20.60
C MET C 1613 2.09 6.59 -19.18
N SER C 1614 2.89 7.02 -18.21
CA SER C 1614 2.77 6.53 -16.84
C SER C 1614 1.58 7.08 -16.09
N TYR C 1615 0.77 7.94 -16.70
CA TYR C 1615 -0.40 8.45 -16.02
C TYR C 1615 -1.58 7.49 -16.12
N GLU C 1616 -2.11 7.35 -17.34
CA GLU C 1616 -3.35 6.61 -17.56
C GLU C 1616 -3.52 6.47 -19.07
N THR C 1617 -4.31 5.46 -19.46
CA THR C 1617 -4.66 5.15 -20.86
C THR C 1617 -3.43 4.95 -21.73
N THR C 1618 -2.40 4.29 -21.18
CA THR C 1618 -1.19 4.05 -21.94
C THR C 1618 -1.40 3.00 -23.03
N CYS C 1619 -2.53 2.30 -23.04
CA CYS C 1619 -2.93 1.53 -24.21
C CYS C 1619 -3.26 2.46 -25.36
N GLN C 1620 -3.99 3.53 -25.08
CA GLN C 1620 -4.49 4.44 -26.09
C GLN C 1620 -3.53 5.60 -26.35
N PHE C 1621 -2.59 5.85 -25.44
CA PHE C 1621 -1.55 6.86 -25.66
C PHE C 1621 -0.32 6.29 -26.34
N LEU C 1622 -0.47 5.21 -27.10
CA LEU C 1622 0.55 4.78 -28.05
C LEU C 1622 0.07 4.75 -29.49
N THR C 1623 -1.24 4.75 -29.73
CA THR C 1623 -1.76 5.04 -31.06
C THR C 1623 -1.44 6.47 -31.49
N LYS C 1624 -1.27 7.38 -30.54
CA LYS C 1624 -0.81 8.73 -30.83
C LYS C 1624 0.67 8.91 -30.57
N ALA C 1625 1.38 7.83 -30.26
CA ALA C 1625 2.80 7.96 -29.96
C ALA C 1625 3.68 7.09 -30.84
N VAL C 1626 3.31 5.83 -31.04
CA VAL C 1626 4.09 5.00 -31.94
C VAL C 1626 3.87 5.43 -33.37
N LEU C 1627 2.64 5.87 -33.68
CA LEU C 1627 2.27 6.24 -35.04
C LEU C 1627 3.05 7.45 -35.52
N ASP C 1628 3.39 8.35 -34.61
CA ASP C 1628 4.20 9.49 -34.99
C ASP C 1628 5.68 9.13 -35.08
N ASN C 1629 6.13 8.19 -34.26
CA ASN C 1629 7.52 7.68 -34.23
C ASN C 1629 8.51 8.81 -33.95
N GLU C 1630 8.46 9.27 -32.71
CA GLU C 1630 9.19 10.47 -32.33
C GLU C 1630 10.62 10.14 -31.95
N ARG C 1631 11.30 11.16 -31.44
CA ARG C 1631 12.59 11.03 -30.77
C ARG C 1631 12.46 11.74 -29.44
N GLU C 1632 12.49 10.98 -28.34
CA GLU C 1632 12.31 11.53 -27.02
C GLU C 1632 13.62 11.56 -26.25
N GLN C 1633 13.97 12.74 -25.76
CA GLN C 1633 15.11 12.88 -24.87
C GLN C 1633 14.83 12.32 -23.49
N LEU C 1634 13.57 11.95 -23.25
CA LEU C 1634 13.04 11.36 -22.01
C LEU C 1634 13.72 11.93 -20.79
N ASP C 1635 13.63 13.24 -20.66
CA ASP C 1635 14.33 13.93 -19.57
C ASP C 1635 13.49 14.10 -18.32
N SER C 1636 12.18 13.96 -18.38
CA SER C 1636 11.38 13.95 -17.16
C SER C 1636 11.68 12.68 -16.37
N PRO C 1637 11.67 12.74 -15.04
CA PRO C 1637 11.97 11.54 -14.22
C PRO C 1637 10.93 10.44 -14.31
N SER C 1638 9.74 10.70 -14.86
CA SER C 1638 8.84 9.62 -15.29
C SER C 1638 9.26 9.00 -16.60
N ALA C 1639 10.35 9.47 -17.17
CA ALA C 1639 11.06 8.79 -18.25
C ALA C 1639 12.55 8.73 -18.02
N ARG C 1640 13.12 9.52 -17.11
CA ARG C 1640 14.56 9.50 -16.92
C ARG C 1640 15.00 8.26 -16.15
N ILE C 1641 14.21 7.83 -15.18
CA ILE C 1641 14.59 6.68 -14.37
C ILE C 1641 14.12 5.37 -14.97
N VAL C 1642 13.27 5.41 -16.00
CA VAL C 1642 12.82 4.16 -16.61
C VAL C 1642 13.96 3.52 -17.38
N VAL C 1643 14.98 4.29 -17.77
CA VAL C 1643 16.21 3.71 -18.27
C VAL C 1643 17.29 3.64 -17.21
N GLY C 1644 17.18 4.42 -16.15
CA GLY C 1644 18.14 4.37 -15.08
C GLY C 1644 19.19 5.41 -15.35
N LYS C 1645 19.06 6.56 -14.72
CA LYS C 1645 19.94 7.69 -14.98
C LYS C 1645 19.77 8.69 -13.84
N LEU C 1646 20.75 9.56 -13.66
CA LEU C 1646 20.78 10.53 -12.59
C LEU C 1646 19.86 11.67 -13.00
N ASN C 1647 19.26 12.33 -12.01
CA ASN C 1647 18.16 13.24 -12.31
C ASN C 1647 18.63 14.67 -12.55
N ASN C 1648 18.01 15.30 -13.52
CA ASN C 1648 18.16 16.71 -13.80
C ASN C 1648 17.34 17.60 -12.87
N VAL C 1649 16.56 17.01 -11.98
CA VAL C 1649 15.67 17.79 -11.11
C VAL C 1649 16.23 17.62 -9.70
N GLY C 1650 17.55 17.47 -9.61
CA GLY C 1650 18.11 17.39 -8.28
C GLY C 1650 19.61 17.50 -8.22
N THR C 1651 20.18 16.91 -7.19
CA THR C 1651 21.60 17.04 -6.85
C THR C 1651 22.52 16.36 -7.84
N GLY C 1652 22.01 15.78 -8.91
CA GLY C 1652 22.84 15.36 -10.01
C GLY C 1652 22.39 15.96 -11.32
N SER C 1653 22.09 17.27 -11.33
CA SER C 1653 21.65 17.97 -12.54
C SER C 1653 22.82 18.39 -13.43
N PHE C 1654 23.98 17.75 -13.29
CA PHE C 1654 25.24 18.10 -13.91
C PHE C 1654 26.23 16.99 -13.54
N ASP C 1655 27.49 17.16 -13.91
CA ASP C 1655 28.53 16.23 -13.46
C ASP C 1655 29.72 16.99 -12.91
N VAL C 1656 30.76 16.25 -12.57
CA VAL C 1656 31.97 16.80 -11.97
C VAL C 1656 33.13 16.50 -12.91
N LEU C 1657 34.04 17.46 -13.03
CA LEU C 1657 35.27 17.22 -13.77
C LEU C 1657 36.38 16.97 -12.77
N ALA C 1658 37.57 16.65 -13.26
CA ALA C 1658 38.64 16.24 -12.35
C ALA C 1658 39.97 16.81 -12.82
N LYS C 1659 40.58 17.64 -11.98
CA LYS C 1659 41.89 18.18 -12.28
C LYS C 1659 42.96 17.11 -12.16
N VAL C 1660 43.79 16.99 -13.18
CA VAL C 1660 44.91 16.07 -13.17
C VAL C 1660 46.17 16.90 -13.36
N PRO C 1661 47.34 16.41 -12.89
CA PRO C 1661 48.55 17.24 -12.97
C PRO C 1661 49.05 17.54 -14.37
N ASN C 1662 49.27 16.51 -15.18
CA ASN C 1662 50.05 16.69 -16.39
C ASN C 1662 49.68 15.65 -17.43
N ALA C 1663 50.15 15.88 -18.65
CA ALA C 1663 49.79 15.07 -19.81
C ALA C 1663 50.59 13.76 -19.85
N THR D 13 -27.51 -3.77 40.97
CA THR D 13 -26.69 -4.06 42.13
C THR D 13 -26.44 -5.55 42.29
N ALA D 14 -26.69 -6.30 41.22
CA ALA D 14 -26.64 -7.75 41.29
C ALA D 14 -25.22 -8.24 41.51
N ASP D 15 -25.08 -9.18 42.43
CA ASP D 15 -23.79 -9.75 42.76
C ASP D 15 -23.31 -10.63 41.62
N PHE D 16 -22.00 -10.66 41.42
CA PHE D 16 -21.43 -11.71 40.61
C PHE D 16 -21.43 -12.97 41.46
N ARG D 17 -22.05 -14.02 40.96
CA ARG D 17 -22.20 -15.21 41.76
C ARG D 17 -20.87 -15.94 41.85
N THR D 18 -20.66 -16.60 42.97
CA THR D 18 -19.47 -17.40 43.19
C THR D 18 -19.80 -18.87 43.43
N LEU D 19 -20.71 -19.15 44.36
CA LEU D 19 -21.09 -20.52 44.59
C LEU D 19 -21.92 -21.07 43.44
N GLU D 20 -22.75 -20.23 42.82
CA GLU D 20 -23.46 -20.62 41.61
C GLU D 20 -22.55 -20.64 40.39
N ARG D 21 -21.33 -20.13 40.51
CA ARG D 21 -20.39 -20.01 39.41
C ARG D 21 -19.52 -21.25 39.29
N GLU D 22 -18.80 -21.59 40.36
CA GLU D 22 -17.88 -22.72 40.30
C GLU D 22 -18.64 -24.03 40.36
N SER D 23 -19.76 -24.09 41.07
CA SER D 23 -20.52 -25.32 41.24
C SER D 23 -21.52 -25.56 40.11
N ARG D 24 -21.43 -24.80 39.02
CA ARG D 24 -22.01 -25.22 37.76
C ARG D 24 -20.90 -25.62 36.79
N PHE D 25 -19.67 -25.66 37.28
CA PHE D 25 -18.55 -26.12 36.47
C PHE D 25 -17.99 -27.46 36.91
N ILE D 26 -18.16 -27.85 38.17
CA ILE D 26 -17.91 -29.24 38.57
C ILE D 26 -18.83 -30.17 37.80
N ASN D 27 -20.12 -29.95 37.92
CA ASN D 27 -21.13 -30.77 37.28
C ASN D 27 -22.09 -29.87 36.50
N PRO D 28 -22.05 -29.93 35.18
CA PRO D 28 -22.99 -29.20 34.35
C PRO D 28 -24.42 -29.66 34.60
N PRO D 29 -25.40 -28.79 34.35
CA PRO D 29 -26.79 -29.13 34.69
C PRO D 29 -27.34 -30.26 33.85
N LYS D 30 -27.87 -31.28 34.54
CA LYS D 30 -28.43 -32.44 33.89
C LYS D 30 -29.72 -32.13 33.14
N ASP D 31 -30.42 -31.08 33.54
CA ASP D 31 -31.64 -30.67 32.87
C ASP D 31 -31.26 -29.60 31.83
N LYS D 32 -32.25 -28.86 31.33
CA LYS D 32 -32.04 -27.79 30.35
C LYS D 32 -31.06 -26.74 30.89
N SER D 33 -30.18 -26.29 30.00
CA SER D 33 -28.98 -25.55 30.38
C SER D 33 -29.29 -24.22 31.01
N ALA D 34 -28.27 -23.66 31.66
CA ALA D 34 -28.37 -22.32 32.20
C ALA D 34 -28.39 -21.30 31.05
N PHE D 35 -28.82 -20.06 31.40
CA PHE D 35 -29.00 -18.87 30.56
C PHE D 35 -29.55 -19.19 29.18
N PRO D 36 -30.82 -19.61 29.08
CA PRO D 36 -31.35 -20.07 27.79
C PRO D 36 -31.61 -18.96 26.79
N LEU D 37 -31.46 -17.70 27.18
CA LEU D 37 -31.48 -16.62 26.19
C LEU D 37 -30.32 -16.77 25.22
N LEU D 38 -29.13 -17.13 25.73
CA LEU D 38 -28.04 -17.46 24.83
C LEU D 38 -28.32 -18.74 24.06
N GLN D 39 -29.03 -19.69 24.67
CA GLN D 39 -29.44 -20.88 23.94
C GLN D 39 -30.47 -20.55 22.87
N GLU D 40 -31.29 -19.52 23.08
CA GLU D 40 -32.22 -19.06 22.07
C GLU D 40 -31.79 -17.70 21.51
N ALA D 41 -30.49 -17.48 21.46
CA ALA D 41 -29.94 -16.34 20.75
C ALA D 41 -29.86 -16.59 19.24
N VAL D 42 -30.19 -17.80 18.78
CA VAL D 42 -30.07 -18.11 17.36
C VAL D 42 -31.40 -18.63 16.84
N GLN D 43 -32.49 -18.11 17.39
CA GLN D 43 -33.84 -18.14 16.82
C GLN D 43 -33.90 -17.80 15.32
N PRO D 44 -33.04 -16.91 14.76
CA PRO D 44 -32.89 -16.91 13.30
C PRO D 44 -32.42 -18.22 12.71
N HIS D 45 -31.25 -18.71 13.11
CA HIS D 45 -30.55 -19.74 12.34
C HIS D 45 -31.15 -21.12 12.57
N ILE D 46 -31.11 -21.59 13.82
CA ILE D 46 -31.66 -22.89 14.16
C ILE D 46 -33.16 -22.86 13.99
N GLY D 47 -33.77 -21.71 14.28
CA GLY D 47 -35.19 -21.55 14.02
C GLY D 47 -35.53 -21.56 12.55
N SER D 48 -34.57 -21.26 11.68
CA SER D 48 -34.81 -21.48 10.25
C SER D 48 -34.69 -22.95 9.90
N PHE D 49 -33.50 -23.53 10.14
CA PHE D 49 -33.13 -24.80 9.53
C PHE D 49 -33.96 -25.95 10.07
N ASN D 50 -34.44 -25.82 11.31
CA ASN D 50 -35.45 -26.74 11.82
C ASN D 50 -36.75 -26.57 11.06
N ALA D 51 -37.23 -25.33 10.95
CA ALA D 51 -38.63 -25.09 10.58
C ALA D 51 -38.93 -25.32 9.11
N LEU D 52 -37.99 -25.79 8.30
CA LEU D 52 -38.32 -26.36 7.00
C LEU D 52 -38.66 -27.85 7.07
N THR D 53 -38.92 -28.36 8.28
CA THR D 53 -39.20 -29.77 8.47
C THR D 53 -40.48 -29.99 9.28
N GLU D 54 -41.10 -28.94 9.82
CA GLU D 54 -42.35 -29.08 10.55
C GLU D 54 -43.43 -28.19 9.95
N GLY D 55 -44.66 -28.43 10.41
CA GLY D 55 -45.79 -27.67 9.96
C GLY D 55 -46.62 -28.48 8.99
N PRO D 56 -47.20 -27.82 7.99
CA PRO D 56 -47.89 -28.56 6.93
C PRO D 56 -46.91 -29.27 6.01
N ASP D 57 -47.29 -30.47 5.59
CA ASP D 57 -46.53 -31.36 4.70
C ASP D 57 -45.16 -31.73 5.25
N GLY D 58 -44.96 -31.64 6.55
CA GLY D 58 -43.66 -31.94 7.12
C GLY D 58 -42.60 -30.92 6.76
N GLY D 59 -42.97 -29.64 6.69
CA GLY D 59 -41.97 -28.63 6.42
C GLY D 59 -42.10 -27.92 5.10
N LEU D 60 -41.00 -27.34 4.62
CA LEU D 60 -41.03 -26.42 3.49
C LEU D 60 -40.71 -27.10 2.17
N LEU D 61 -39.49 -27.62 2.02
CA LEU D 61 -39.05 -28.11 0.73
C LEU D 61 -39.67 -29.44 0.37
N ASN D 62 -40.29 -30.12 1.33
CA ASN D 62 -41.21 -31.19 0.97
C ASN D 62 -42.39 -30.65 0.19
N LEU D 63 -42.86 -29.50 0.70
CA LEU D 63 -44.00 -28.68 0.19
C LEU D 63 -43.48 -27.80 -0.94
N GLY D 64 -42.15 -27.79 -1.13
CA GLY D 64 -41.53 -26.95 -2.11
C GLY D 64 -41.66 -27.50 -3.51
N VAL D 65 -41.32 -28.77 -3.67
CA VAL D 65 -41.38 -29.43 -4.96
C VAL D 65 -42.67 -30.23 -5.04
N LYS D 66 -43.64 -29.87 -4.21
CA LYS D 66 -44.95 -30.51 -4.30
C LYS D 66 -45.67 -30.10 -5.57
N ASP D 67 -45.89 -28.80 -5.74
CA ASP D 67 -46.59 -28.25 -6.91
C ASP D 67 -45.68 -28.35 -8.12
N ILE D 68 -45.84 -29.40 -8.92
CA ILE D 68 -44.98 -29.55 -10.09
C ILE D 68 -45.73 -29.94 -11.36
N GLY D 69 -46.97 -30.43 -11.28
CA GLY D 69 -47.71 -30.77 -12.49
C GLY D 69 -47.34 -32.10 -13.10
N GLU D 70 -47.11 -32.12 -14.42
CA GLU D 70 -46.76 -33.34 -15.15
C GLU D 70 -45.70 -32.96 -16.20
N LYS D 71 -44.44 -33.05 -15.81
CA LYS D 71 -43.34 -32.74 -16.72
C LYS D 71 -43.21 -33.86 -17.76
N VAL D 72 -42.37 -33.64 -18.78
CA VAL D 72 -42.18 -34.61 -19.85
C VAL D 72 -40.74 -34.63 -20.33
N ILE D 73 -40.42 -35.71 -21.05
CA ILE D 73 -39.39 -35.77 -22.08
C ILE D 73 -39.82 -36.87 -23.05
N PHE D 74 -39.54 -36.68 -24.33
CA PHE D 74 -40.14 -37.52 -25.36
C PHE D 74 -39.11 -38.28 -26.17
N ASP D 75 -39.64 -39.17 -27.01
CA ASP D 75 -38.88 -40.20 -27.71
C ASP D 75 -39.21 -40.21 -29.19
N GLY D 76 -38.49 -41.05 -29.92
CA GLY D 76 -38.66 -41.18 -31.35
C GLY D 76 -39.12 -42.56 -31.78
N LYS D 77 -40.08 -43.11 -31.05
CA LYS D 77 -40.64 -44.43 -31.37
C LYS D 77 -42.12 -44.29 -31.64
N PRO D 78 -42.60 -44.58 -32.85
CA PRO D 78 -44.00 -44.28 -33.20
C PRO D 78 -45.00 -45.30 -32.64
N LEU D 79 -46.26 -45.20 -33.06
CA LEU D 79 -47.34 -46.03 -32.52
C LEU D 79 -47.87 -47.04 -33.53
N ASN D 80 -48.48 -46.58 -34.63
CA ASN D 80 -49.11 -47.49 -35.59
C ASN D 80 -49.34 -46.84 -36.95
N ILE D 85 -53.90 -39.04 -40.05
CA ILE D 85 -54.15 -37.73 -39.47
C ILE D 85 -53.16 -37.52 -38.32
N SER D 86 -53.43 -38.15 -37.18
CA SER D 86 -52.55 -38.07 -36.01
C SER D 86 -51.63 -39.28 -35.96
N ASN D 87 -51.23 -39.77 -37.13
CA ASN D 87 -50.18 -40.79 -37.17
C ASN D 87 -48.83 -40.18 -36.79
N SER D 88 -48.66 -38.88 -37.01
CA SER D 88 -47.49 -38.14 -36.55
C SER D 88 -47.85 -37.11 -35.48
N GLY D 89 -49.05 -37.17 -34.92
CA GLY D 89 -49.44 -36.26 -33.86
C GLY D 89 -49.02 -36.75 -32.49
N TYR D 90 -49.43 -37.97 -32.15
CA TYR D 90 -49.07 -38.60 -30.87
C TYR D 90 -47.72 -39.28 -31.08
N LEU D 91 -46.65 -38.56 -30.77
CA LEU D 91 -45.29 -38.95 -31.16
C LEU D 91 -44.77 -40.14 -30.39
N GLY D 92 -45.39 -40.51 -29.29
CA GLY D 92 -44.88 -41.63 -28.52
C GLY D 92 -45.36 -41.56 -27.08
N ASN D 93 -44.57 -42.14 -26.20
CA ASN D 93 -44.94 -42.31 -24.80
C ASN D 93 -44.97 -40.97 -24.08
N LYS D 94 -46.18 -40.49 -23.81
CA LYS D 94 -46.39 -39.36 -22.91
C LYS D 94 -46.02 -39.81 -21.49
N LEU D 95 -44.79 -39.53 -21.07
CA LEU D 95 -44.29 -39.98 -19.79
C LEU D 95 -43.97 -38.77 -18.93
N SER D 96 -43.76 -39.00 -17.63
CA SER D 96 -43.50 -37.89 -16.71
C SER D 96 -42.38 -38.21 -15.74
N VAL D 97 -42.06 -37.22 -14.91
CA VAL D 97 -41.09 -37.35 -13.84
C VAL D 97 -41.42 -36.31 -12.79
N SER D 98 -41.26 -36.67 -11.52
CA SER D 98 -41.64 -35.81 -10.41
C SER D 98 -40.88 -36.24 -9.17
N VAL D 99 -40.81 -35.33 -8.19
CA VAL D 99 -40.14 -35.59 -6.92
C VAL D 99 -41.14 -35.39 -5.80
N GLU D 100 -41.40 -36.44 -5.03
CA GLU D 100 -42.41 -36.35 -3.98
C GLU D 100 -41.83 -36.21 -2.59
N GLN D 101 -40.68 -36.83 -2.32
CA GLN D 101 -40.17 -36.86 -0.96
C GLN D 101 -38.66 -36.67 -0.96
N VAL D 102 -38.19 -35.82 -0.06
CA VAL D 102 -36.77 -35.58 0.14
C VAL D 102 -36.56 -35.27 1.62
N SER D 103 -35.61 -35.97 2.24
CA SER D 103 -35.35 -35.77 3.66
C SER D 103 -33.95 -36.22 4.02
N ILE D 104 -33.07 -35.28 4.33
CA ILE D 104 -31.94 -35.63 5.18
C ILE D 104 -32.47 -36.08 6.52
N ALA D 105 -31.80 -37.06 7.12
CA ALA D 105 -32.22 -37.57 8.41
C ALA D 105 -31.21 -37.29 9.50
N LYS D 106 -29.96 -37.67 9.27
CA LYS D 106 -28.97 -37.82 10.31
C LYS D 106 -27.66 -38.14 9.61
N PRO D 107 -26.51 -37.95 10.24
CA PRO D 107 -25.28 -38.50 9.68
C PRO D 107 -24.91 -39.84 10.31
N MET D 108 -23.97 -40.53 9.66
CA MET D 108 -23.41 -41.80 10.13
C MET D 108 -22.06 -41.99 9.46
N SER D 109 -21.39 -43.08 9.83
CA SER D 109 -20.12 -43.47 9.21
C SER D 109 -19.83 -44.93 9.55
N ASN D 110 -19.41 -45.70 8.55
CA ASN D 110 -18.94 -47.06 8.77
C ASN D 110 -17.77 -47.33 7.84
N ASP D 111 -17.40 -48.61 7.76
CA ASP D 111 -16.31 -49.09 6.93
C ASP D 111 -16.66 -48.90 5.44
N VAL D 117 -26.21 -52.68 9.07
CA VAL D 117 -26.28 -51.91 10.31
C VAL D 117 -25.65 -50.54 10.09
N GLU D 118 -25.83 -49.66 11.07
CA GLU D 118 -25.22 -48.34 11.04
C GLU D 118 -25.00 -47.88 12.48
N ARG D 119 -24.03 -46.99 12.66
CA ARG D 119 -23.75 -46.46 13.98
C ARG D 119 -24.01 -44.95 14.00
N LYS D 120 -23.79 -44.36 15.17
CA LYS D 120 -24.05 -42.95 15.42
C LYS D 120 -22.75 -42.18 15.45
N VAL D 121 -22.68 -41.09 14.70
CA VAL D 121 -21.47 -40.26 14.70
C VAL D 121 -21.71 -39.04 15.56
N TYR D 122 -20.70 -38.59 16.09
CA TYR D 122 -20.58 -37.40 16.91
C TYR D 122 -20.24 -36.22 16.01
N PRO D 123 -20.75 -35.05 16.29
CA PRO D 123 -20.46 -33.92 15.41
C PRO D 123 -19.09 -33.33 15.64
N SER D 124 -18.61 -33.37 16.88
CA SER D 124 -17.24 -32.98 17.14
C SER D 124 -16.26 -33.96 16.54
N GLU D 125 -16.65 -35.22 16.42
CA GLU D 125 -15.83 -36.22 15.75
C GLU D 125 -15.62 -35.87 14.29
N SER D 126 -16.60 -35.22 13.67
CA SER D 126 -16.51 -34.95 12.24
C SER D 126 -15.50 -33.85 11.92
N ARG D 127 -15.17 -33.00 12.88
CA ARG D 127 -14.08 -32.06 12.71
C ARG D 127 -12.88 -32.41 13.58
N GLN D 128 -12.91 -33.55 14.26
CA GLN D 128 -11.65 -34.18 14.67
C GLN D 128 -10.85 -34.56 13.45
N ARG D 129 -11.55 -35.06 12.44
CA ARG D 129 -10.97 -35.81 11.33
C ARG D 129 -10.54 -34.89 10.18
N LEU D 130 -10.68 -33.57 10.38
CA LEU D 130 -10.32 -32.53 9.39
C LEU D 130 -11.16 -32.67 8.14
N THR D 131 -12.44 -32.98 8.34
CA THR D 131 -13.36 -33.28 7.26
C THR D 131 -14.62 -32.44 7.35
N SER D 132 -15.62 -32.82 6.56
CA SER D 132 -16.90 -32.16 6.56
C SER D 132 -17.85 -32.84 7.53
N TYR D 133 -18.97 -32.19 7.80
CA TYR D 133 -20.07 -32.81 8.53
C TYR D 133 -21.06 -33.35 7.53
N ARG D 134 -20.63 -34.42 6.87
CA ARG D 134 -21.35 -34.99 5.75
C ARG D 134 -22.63 -35.65 6.25
N GLY D 135 -23.78 -35.13 5.85
CA GLY D 135 -25.03 -35.86 6.00
C GLY D 135 -25.22 -36.81 4.84
N LYS D 136 -26.44 -37.31 4.71
CA LYS D 136 -26.78 -38.04 3.49
C LYS D 136 -28.25 -37.83 3.18
N LEU D 137 -28.55 -37.73 1.89
CA LEU D 137 -29.80 -37.17 1.42
C LEU D 137 -30.49 -38.17 0.51
N LEU D 138 -31.77 -38.39 0.74
CA LEU D 138 -32.60 -39.23 -0.10
C LEU D 138 -33.47 -38.37 -1.01
N LEU D 139 -34.02 -39.02 -2.03
CA LEU D 139 -34.82 -38.30 -3.02
C LEU D 139 -35.77 -39.29 -3.66
N LYS D 140 -37.07 -39.07 -3.49
CA LYS D 140 -38.09 -39.92 -4.09
C LYS D 140 -38.41 -39.44 -5.50
N LEU D 141 -38.56 -40.38 -6.43
CA LEU D 141 -38.93 -40.06 -7.81
C LEU D 141 -40.24 -40.76 -8.13
N LYS D 142 -41.29 -39.99 -8.39
CA LYS D 142 -42.58 -40.54 -8.79
C LYS D 142 -42.67 -40.54 -10.31
N TRP D 143 -42.98 -41.70 -10.87
CA TRP D 143 -43.04 -41.88 -12.31
C TRP D 143 -44.49 -41.86 -12.79
N SER D 144 -44.67 -41.34 -14.00
CA SER D 144 -45.94 -41.41 -14.71
C SER D 144 -45.68 -41.62 -16.17
N VAL D 145 -46.66 -42.28 -16.81
CA VAL D 145 -46.74 -42.35 -18.26
C VAL D 145 -48.20 -42.55 -18.62
N ASN D 146 -48.65 -41.78 -19.63
CA ASN D 146 -49.98 -41.89 -20.24
C ASN D 146 -51.09 -41.73 -19.20
N ASN D 147 -51.05 -40.56 -18.53
CA ASN D 147 -51.83 -40.24 -17.34
C ASN D 147 -51.56 -41.27 -16.22
N GLY D 148 -50.29 -41.64 -16.07
CA GLY D 148 -49.85 -42.44 -14.93
C GLY D 148 -50.37 -43.86 -14.86
N GLU D 149 -50.45 -44.55 -15.99
CA GLU D 149 -51.04 -45.89 -15.99
C GLU D 149 -50.07 -46.97 -15.54
N GLU D 150 -48.76 -46.75 -15.66
CA GLU D 150 -47.78 -47.61 -15.02
C GLU D 150 -46.67 -46.75 -14.45
N ASN D 151 -46.54 -46.77 -13.14
CA ASN D 151 -45.74 -45.80 -12.39
C ASN D 151 -44.45 -46.52 -12.02
N LEU D 152 -43.47 -46.46 -12.92
CA LEU D 152 -42.24 -47.22 -12.77
C LEU D 152 -41.35 -46.50 -11.74
N PHE D 153 -41.70 -46.75 -10.49
CA PHE D 153 -41.25 -45.97 -9.36
C PHE D 153 -39.80 -46.32 -9.00
N GLU D 154 -39.13 -45.38 -8.34
CA GLU D 154 -37.74 -45.57 -7.92
C GLU D 154 -37.45 -44.57 -6.81
N VAL D 155 -36.53 -44.95 -5.92
CA VAL D 155 -36.02 -44.06 -4.88
C VAL D 155 -34.50 -44.05 -4.99
N ARG D 156 -33.92 -42.86 -5.12
CA ARG D 156 -32.49 -42.73 -5.29
C ARG D 156 -31.94 -41.67 -4.35
N ASP D 157 -30.83 -41.99 -3.70
CA ASP D 157 -30.16 -40.99 -2.89
C ASP D 157 -29.46 -39.96 -3.77
N CYS D 158 -28.98 -38.89 -3.16
CA CYS D 158 -28.25 -37.87 -3.89
C CYS D 158 -26.90 -37.54 -3.27
N GLY D 159 -26.35 -38.42 -2.45
CA GLY D 159 -25.04 -38.18 -1.87
C GLY D 159 -25.11 -37.70 -0.43
N GLY D 160 -24.92 -36.41 -0.22
CA GLY D 160 -24.91 -35.86 1.12
C GLY D 160 -25.49 -34.47 1.16
N LEU D 161 -25.65 -33.98 2.38
CA LEU D 161 -26.08 -32.61 2.65
C LEU D 161 -25.65 -32.28 4.08
N PRO D 162 -24.75 -31.33 4.28
CA PRO D 162 -24.33 -31.02 5.65
C PRO D 162 -25.36 -30.21 6.41
N VAL D 163 -25.37 -30.42 7.72
CA VAL D 163 -26.31 -29.86 8.68
C VAL D 163 -25.49 -29.09 9.71
N MET D 164 -26.05 -28.05 10.30
CA MET D 164 -25.33 -27.39 11.39
C MET D 164 -25.70 -28.00 12.73
N LEU D 165 -24.92 -27.64 13.74
CA LEU D 165 -25.06 -28.17 15.09
C LEU D 165 -26.39 -27.75 15.71
N GLN D 166 -26.87 -28.57 16.67
CA GLN D 166 -28.11 -28.37 17.42
C GLN D 166 -29.34 -28.20 16.52
N SER D 167 -29.34 -28.83 15.37
CA SER D 167 -30.43 -28.60 14.43
C SER D 167 -31.57 -29.55 14.73
N ASN D 168 -32.55 -29.58 13.83
CA ASN D 168 -33.49 -30.69 13.81
C ASN D 168 -32.78 -31.99 13.55
N ARG D 169 -32.15 -32.11 12.38
CA ARG D 169 -31.77 -33.39 11.83
C ARG D 169 -30.32 -33.73 12.11
N CYS D 170 -29.75 -33.15 13.15
CA CYS D 170 -28.47 -33.59 13.68
C CYS D 170 -28.70 -34.36 14.99
N HIS D 171 -27.62 -34.70 15.69
CA HIS D 171 -27.70 -35.49 16.90
C HIS D 171 -27.87 -34.68 18.17
N LEU D 172 -27.94 -33.37 18.07
CA LEU D 172 -27.89 -32.50 19.24
C LEU D 172 -29.21 -31.76 19.43
N ASN D 173 -30.31 -32.47 19.25
CA ASN D 173 -31.62 -31.83 19.31
C ASN D 173 -31.96 -31.45 20.75
N LYS D 174 -31.93 -32.41 21.65
CA LYS D 174 -32.28 -32.17 23.05
C LYS D 174 -31.23 -32.84 23.93
N MET D 175 -29.96 -32.63 23.63
CA MET D 175 -28.93 -33.24 24.44
C MET D 175 -28.66 -32.35 25.64
N SER D 176 -28.58 -32.96 26.81
CA SER D 176 -28.31 -32.22 28.03
C SER D 176 -26.90 -31.69 28.00
N PRO D 177 -26.65 -30.48 28.52
CA PRO D 177 -25.30 -29.88 28.43
C PRO D 177 -24.25 -30.62 29.22
N TYR D 178 -24.65 -31.43 30.20
CA TYR D 178 -23.72 -32.36 30.81
C TYR D 178 -23.28 -33.43 29.82
N GLU D 179 -24.21 -33.89 28.98
CA GLU D 179 -23.90 -34.94 28.03
C GLU D 179 -23.03 -34.43 26.89
N LEU D 180 -23.08 -33.12 26.62
CA LEU D 180 -22.17 -32.53 25.66
C LEU D 180 -20.73 -32.64 26.11
N VAL D 181 -20.49 -32.57 27.42
CA VAL D 181 -19.15 -32.76 27.96
C VAL D 181 -18.66 -34.18 27.71
N GLN D 182 -19.59 -35.12 27.59
CA GLN D 182 -19.20 -36.47 27.20
C GLN D 182 -18.96 -36.57 25.70
N HIS D 183 -19.49 -35.61 24.93
CA HIS D 183 -19.39 -35.63 23.48
C HIS D 183 -18.35 -34.66 22.93
N LYS D 184 -17.34 -34.31 23.74
CA LYS D 184 -16.18 -33.49 23.34
C LYS D 184 -16.63 -32.09 22.87
N GLU D 185 -17.39 -31.40 23.71
CA GLU D 185 -18.08 -30.18 23.31
C GLU D 185 -17.83 -28.99 24.22
N GLU D 186 -18.66 -27.97 24.05
CA GLU D 186 -18.75 -26.81 24.92
C GLU D 186 -19.85 -27.07 25.95
N SER D 187 -19.78 -26.37 27.07
CA SER D 187 -20.84 -26.48 28.08
C SER D 187 -22.16 -25.93 27.54
N ASP D 188 -22.09 -24.94 26.67
CA ASP D 188 -23.27 -24.29 26.11
C ASP D 188 -23.08 -24.08 24.61
N GLU D 189 -22.70 -25.15 23.92
CA GLU D 189 -22.40 -25.09 22.48
C GLU D 189 -23.61 -24.60 21.70
N ILE D 190 -23.39 -23.52 20.97
CA ILE D 190 -24.48 -22.67 20.51
C ILE D 190 -25.22 -23.34 19.36
N GLY D 191 -24.48 -23.75 18.34
CA GLY D 191 -25.11 -24.38 17.20
C GLY D 191 -25.56 -23.35 16.19
N GLY D 192 -25.47 -23.68 14.92
CA GLY D 192 -25.75 -22.70 13.91
C GLY D 192 -24.56 -22.42 13.03
N TYR D 193 -23.72 -23.42 12.81
CA TYR D 193 -22.59 -23.24 11.90
C TYR D 193 -22.15 -24.58 11.35
N PHE D 194 -21.58 -24.54 10.16
CA PHE D 194 -21.13 -25.72 9.45
C PHE D 194 -19.64 -25.92 9.65
N ILE D 195 -19.22 -27.18 9.75
CA ILE D 195 -17.83 -27.55 9.50
C ILE D 195 -17.78 -28.32 8.20
N VAL D 196 -17.01 -27.81 7.24
CA VAL D 196 -16.75 -28.47 5.98
C VAL D 196 -15.25 -28.37 5.75
N ASN D 197 -14.59 -29.53 5.60
CA ASN D 197 -13.16 -29.65 5.37
C ASN D 197 -12.34 -28.98 6.48
N GLY D 198 -12.49 -29.53 7.68
CA GLY D 198 -11.65 -29.16 8.80
C GLY D 198 -12.09 -28.04 9.71
N ILE D 199 -12.40 -26.87 9.17
CA ILE D 199 -12.67 -25.69 9.96
C ILE D 199 -14.16 -25.36 9.86
N GLU D 200 -14.56 -24.34 10.61
CA GLU D 200 -15.97 -23.99 10.73
C GLU D 200 -16.34 -22.79 9.88
N LYS D 201 -17.54 -22.86 9.28
CA LYS D 201 -18.01 -21.81 8.40
C LYS D 201 -19.50 -21.59 8.64
N LEU D 202 -19.99 -20.45 8.14
CA LEU D 202 -21.30 -19.94 8.53
C LEU D 202 -21.97 -19.31 7.33
N ILE D 203 -23.24 -19.67 7.10
CA ILE D 203 -24.03 -18.92 6.13
C ILE D 203 -24.51 -17.63 6.79
N ARG D 204 -24.15 -16.50 6.19
CA ARG D 204 -24.43 -15.23 6.84
C ARG D 204 -25.87 -14.83 6.62
N MET D 205 -26.28 -13.81 7.35
CA MET D 205 -27.59 -13.22 7.19
C MET D 205 -27.49 -12.21 6.04
N LEU D 206 -28.66 -11.81 5.51
CA LEU D 206 -28.63 -10.91 4.37
C LEU D 206 -29.90 -10.07 4.32
N ILE D 207 -29.73 -8.83 3.89
CA ILE D 207 -30.76 -7.79 3.91
C ILE D 207 -31.64 -7.86 2.67
N VAL D 208 -32.96 -7.82 2.88
CA VAL D 208 -33.95 -7.71 1.82
C VAL D 208 -35.09 -6.82 2.28
N GLN D 209 -35.85 -6.33 1.32
CA GLN D 209 -36.98 -5.47 1.60
C GLN D 209 -38.25 -6.30 1.70
N ARG D 210 -39.40 -5.62 1.67
CA ARG D 210 -40.62 -6.14 2.26
C ARG D 210 -41.24 -7.27 1.45
N ARG D 211 -41.43 -8.41 2.12
CA ARG D 211 -42.42 -9.38 1.71
C ARG D 211 -43.80 -8.76 1.66
N ASN D 212 -44.40 -8.79 0.47
CA ASN D 212 -45.83 -8.51 0.25
C ASN D 212 -46.21 -7.10 0.67
N HIS D 213 -45.58 -6.11 0.11
CA HIS D 213 -45.89 -4.75 0.52
C HIS D 213 -45.57 -3.83 -0.64
N PRO D 214 -46.57 -3.14 -1.19
CA PRO D 214 -46.28 -2.23 -2.30
C PRO D 214 -45.41 -1.05 -1.89
N MET D 215 -44.16 -1.07 -2.33
CA MET D 215 -43.18 -0.06 -1.97
C MET D 215 -42.91 0.84 -3.18
N ALA D 216 -43.20 2.13 -3.04
CA ALA D 216 -42.80 3.08 -4.06
C ALA D 216 -41.31 3.31 -3.98
N ILE D 217 -40.63 3.24 -5.12
CA ILE D 217 -39.23 3.65 -5.24
C ILE D 217 -39.16 4.74 -6.30
N ILE D 218 -38.29 5.72 -6.07
CA ILE D 218 -38.07 6.83 -6.98
C ILE D 218 -36.57 6.89 -7.28
N ARG D 219 -36.20 6.57 -8.51
CA ARG D 219 -34.84 6.71 -9.00
C ARG D 219 -34.98 6.90 -10.50
N PRO D 220 -34.20 7.80 -11.11
CA PRO D 220 -34.25 7.94 -12.57
C PRO D 220 -33.57 6.82 -13.32
N SER D 221 -32.96 5.84 -12.64
CA SER D 221 -32.47 4.66 -13.33
C SER D 221 -33.59 3.75 -13.79
N PHE D 222 -34.83 4.01 -13.39
CA PHE D 222 -35.97 3.31 -13.94
C PHE D 222 -36.46 3.96 -15.24
N ALA D 223 -36.03 5.18 -15.55
CA ALA D 223 -36.20 5.75 -16.88
C ALA D 223 -34.94 5.61 -17.72
N ASN D 224 -33.92 4.93 -17.18
CA ASN D 224 -32.64 4.78 -17.87
C ASN D 224 -32.71 3.75 -18.98
N ARG D 225 -33.66 2.82 -18.91
CA ARG D 225 -33.63 1.63 -19.75
C ARG D 225 -34.40 1.82 -21.04
N GLY D 226 -35.69 2.05 -20.96
CA GLY D 226 -36.51 2.21 -22.14
C GLY D 226 -36.40 3.60 -22.74
N ALA D 227 -37.47 4.02 -23.40
CA ALA D 227 -37.54 5.35 -23.98
C ALA D 227 -38.02 6.34 -22.91
N SER D 228 -37.17 6.49 -21.89
CA SER D 228 -37.33 7.46 -20.79
C SER D 228 -38.66 7.25 -20.06
N TYR D 229 -38.72 6.14 -19.30
CA TYR D 229 -39.96 5.71 -18.66
C TYR D 229 -40.54 6.70 -17.67
N SER D 230 -39.90 6.81 -16.49
CA SER D 230 -40.16 7.77 -15.42
C SER D 230 -39.20 7.47 -14.28
N HIS D 231 -39.21 8.30 -13.26
CA HIS D 231 -38.62 7.92 -11.99
C HIS D 231 -39.59 7.15 -11.12
N TYR D 232 -40.83 6.98 -11.55
CA TYR D 232 -41.87 6.41 -10.72
C TYR D 232 -41.82 4.88 -10.73
N GLY D 233 -42.31 4.28 -9.65
CA GLY D 233 -42.53 2.85 -9.62
C GLY D 233 -42.87 2.28 -8.26
N ILE D 234 -43.88 1.41 -8.18
CA ILE D 234 -44.16 0.66 -6.97
C ILE D 234 -43.97 -0.82 -7.28
N GLN D 235 -43.50 -1.58 -6.28
CA GLN D 235 -43.07 -2.94 -6.55
C GLN D 235 -43.55 -3.89 -5.47
N ILE D 236 -43.46 -5.18 -5.81
CA ILE D 236 -43.71 -6.29 -4.90
C ILE D 236 -42.54 -7.26 -5.02
N ARG D 237 -41.99 -7.69 -3.88
CA ARG D 237 -41.11 -8.86 -3.87
C ARG D 237 -41.96 -10.02 -3.39
N SER D 238 -42.76 -10.56 -4.31
CA SER D 238 -43.71 -11.61 -3.97
C SER D 238 -42.97 -12.91 -3.72
N VAL D 239 -43.51 -13.71 -2.82
CA VAL D 239 -42.77 -14.86 -2.28
C VAL D 239 -43.62 -16.10 -2.45
N ARG D 240 -43.00 -17.17 -2.87
CA ARG D 240 -43.69 -18.44 -2.93
C ARG D 240 -43.86 -18.97 -1.51
N PRO D 241 -44.81 -19.87 -1.28
CA PRO D 241 -44.94 -20.46 0.07
C PRO D 241 -43.85 -21.47 0.41
N ASP D 242 -42.85 -21.64 -0.45
CA ASP D 242 -41.60 -22.29 -0.06
C ASP D 242 -40.42 -21.33 -0.11
N GLN D 243 -40.69 -20.03 -0.14
CA GLN D 243 -39.77 -18.95 0.19
C GLN D 243 -38.68 -18.76 -0.87
N THR D 244 -38.95 -19.08 -2.13
CA THR D 244 -38.06 -18.71 -3.23
C THR D 244 -38.76 -17.69 -4.12
N SER D 245 -38.34 -16.44 -4.01
CA SER D 245 -39.16 -15.33 -4.44
C SER D 245 -38.95 -14.99 -5.92
N GLN D 246 -39.50 -13.86 -6.33
CA GLN D 246 -39.30 -13.26 -7.65
C GLN D 246 -39.40 -11.75 -7.47
N THR D 247 -39.63 -11.01 -8.56
CA THR D 247 -39.82 -9.58 -8.46
C THR D 247 -40.91 -9.14 -9.43
N ASN D 248 -41.89 -8.37 -8.95
CA ASN D 248 -42.94 -7.82 -9.81
C ASN D 248 -43.04 -6.31 -9.58
N VAL D 249 -42.23 -5.54 -10.28
CA VAL D 249 -42.32 -4.09 -10.20
C VAL D 249 -43.40 -3.64 -11.16
N LEU D 250 -43.74 -2.36 -11.08
CA LEU D 250 -44.39 -1.67 -12.17
C LEU D 250 -43.40 -0.70 -12.80
N HIS D 251 -43.82 -0.09 -13.89
CA HIS D 251 -43.10 1.05 -14.43
C HIS D 251 -44.08 2.02 -15.06
N TYR D 252 -43.85 3.29 -14.79
CA TYR D 252 -44.75 4.35 -15.23
C TYR D 252 -44.26 4.85 -16.57
N LEU D 253 -44.88 4.33 -17.63
CA LEU D 253 -44.66 4.85 -18.97
C LEU D 253 -45.21 6.25 -19.03
N ASN D 254 -44.35 7.23 -19.32
CA ASN D 254 -44.74 8.64 -19.38
C ASN D 254 -45.72 8.94 -20.49
N ASP D 255 -45.88 8.03 -21.45
CA ASP D 255 -46.92 8.14 -22.47
C ASP D 255 -48.30 8.16 -21.83
N GLY D 256 -48.55 7.25 -20.90
CA GLY D 256 -49.88 7.13 -20.32
C GLY D 256 -50.35 5.69 -20.30
N GLN D 257 -49.48 4.79 -20.73
CA GLN D 257 -49.64 3.39 -20.41
C GLN D 257 -48.82 3.06 -19.17
N VAL D 258 -48.74 1.78 -18.85
CA VAL D 258 -47.98 1.28 -17.70
C VAL D 258 -47.62 -0.16 -18.00
N THR D 259 -46.37 -0.53 -17.70
CA THR D 259 -45.87 -1.84 -18.12
C THR D 259 -45.27 -2.58 -16.92
N PHE D 260 -45.33 -3.91 -17.00
CA PHE D 260 -44.73 -4.75 -15.97
C PHE D 260 -43.22 -4.83 -16.14
N ARG D 261 -42.65 -5.67 -15.28
CA ARG D 261 -41.34 -6.25 -15.48
C ARG D 261 -41.27 -7.50 -14.64
N PHE D 262 -40.68 -8.55 -15.21
CA PHE D 262 -40.44 -9.84 -14.60
C PHE D 262 -38.96 -9.98 -14.29
N SER D 263 -38.54 -11.19 -13.96
CA SER D 263 -37.14 -11.58 -14.06
C SER D 263 -37.08 -13.07 -14.30
N TRP D 264 -35.96 -13.53 -14.82
CA TRP D 264 -35.81 -14.90 -15.26
C TRP D 264 -34.34 -15.23 -15.13
N ARG D 265 -33.79 -16.15 -15.95
CA ARG D 265 -32.39 -16.59 -15.92
C ARG D 265 -31.39 -15.44 -15.72
N LYS D 266 -31.49 -14.47 -16.61
CA LYS D 266 -30.72 -13.20 -16.54
C LYS D 266 -31.46 -12.40 -17.59
N ASN D 267 -32.80 -12.44 -17.49
CA ASN D 267 -33.49 -11.91 -18.66
C ASN D 267 -34.80 -11.24 -18.28
N GLU D 268 -34.89 -9.94 -18.49
CA GLU D 268 -36.07 -9.18 -18.11
C GLU D 268 -37.13 -9.24 -19.20
N TYR D 269 -38.39 -9.36 -18.78
CA TYR D 269 -39.52 -9.62 -19.68
C TYR D 269 -40.67 -8.64 -19.39
N LEU D 270 -40.57 -7.42 -19.90
CA LEU D 270 -41.64 -6.47 -19.67
C LEU D 270 -42.82 -6.75 -20.60
N VAL D 271 -43.98 -6.20 -20.25
CA VAL D 271 -45.24 -6.51 -20.93
C VAL D 271 -46.25 -5.43 -20.57
N PRO D 272 -47.23 -5.12 -21.41
CA PRO D 272 -48.37 -4.31 -20.94
C PRO D 272 -49.23 -5.09 -19.96
N VAL D 273 -50.10 -4.33 -19.29
CA VAL D 273 -50.71 -4.78 -18.06
C VAL D 273 -52.12 -5.32 -18.24
N VAL D 274 -52.88 -4.83 -19.21
CA VAL D 274 -54.28 -5.23 -19.33
C VAL D 274 -54.37 -6.66 -19.81
N MET D 275 -53.45 -7.06 -20.68
CA MET D 275 -53.43 -8.41 -21.22
C MET D 275 -53.16 -9.47 -20.17
N ILE D 276 -52.61 -9.12 -19.01
CA ILE D 276 -52.61 -10.02 -17.87
C ILE D 276 -53.18 -9.31 -16.66
N LEU D 277 -54.00 -8.29 -16.91
CA LEU D 277 -55.07 -7.96 -15.97
C LEU D 277 -56.29 -8.79 -16.39
N LYS D 278 -56.78 -8.57 -17.61
CA LYS D 278 -58.04 -9.23 -18.01
C LYS D 278 -57.79 -10.65 -18.53
N ALA D 279 -57.06 -11.42 -17.73
CA ALA D 279 -56.70 -12.79 -18.04
C ALA D 279 -57.10 -13.77 -16.96
N LEU D 280 -57.55 -13.30 -15.79
CA LEU D 280 -57.74 -14.21 -14.68
C LEU D 280 -59.15 -14.82 -14.70
N CYS D 281 -60.18 -14.00 -14.53
CA CYS D 281 -61.55 -14.51 -14.60
C CYS D 281 -62.39 -13.43 -15.28
N HIS D 282 -63.64 -13.76 -15.63
CA HIS D 282 -64.33 -13.09 -16.72
C HIS D 282 -64.81 -11.69 -16.31
N THR D 283 -63.94 -10.70 -16.48
CA THR D 283 -64.23 -9.31 -16.16
C THR D 283 -64.01 -8.49 -17.43
N SER D 284 -65.03 -8.39 -18.28
CA SER D 284 -64.98 -7.50 -19.43
C SER D 284 -66.24 -6.65 -19.39
N ASP D 285 -66.20 -5.61 -18.56
CA ASP D 285 -67.34 -4.77 -18.23
C ASP D 285 -66.87 -3.55 -17.46
N ARG D 286 -67.80 -2.88 -16.77
CA ARG D 286 -67.45 -1.84 -15.81
C ARG D 286 -66.53 -2.35 -14.70
N GLU D 287 -66.57 -3.64 -14.35
CA GLU D 287 -65.72 -4.19 -13.28
C GLU D 287 -64.23 -4.09 -13.58
N ILE D 288 -63.83 -3.84 -14.83
CA ILE D 288 -62.49 -3.36 -15.11
C ILE D 288 -62.31 -1.98 -14.51
N PHE D 289 -63.24 -1.08 -14.81
CA PHE D 289 -63.16 0.32 -14.40
C PHE D 289 -63.64 0.52 -12.97
N ASP D 290 -64.67 -0.23 -12.56
CA ASP D 290 -65.32 0.00 -11.28
C ASP D 290 -64.43 -0.36 -10.10
N GLY D 291 -63.36 -1.10 -10.33
CA GLY D 291 -62.39 -1.33 -9.27
C GLY D 291 -61.67 -0.08 -8.85
N ILE D 292 -61.16 0.62 -9.88
CA ILE D 292 -60.68 1.99 -9.55
C ILE D 292 -61.87 2.63 -8.82
N ILE D 293 -61.63 3.70 -8.10
CA ILE D 293 -62.61 4.08 -7.07
C ILE D 293 -64.01 4.39 -7.60
N GLY D 294 -65.00 3.72 -7.01
CA GLY D 294 -66.35 3.73 -7.50
C GLY D 294 -67.18 4.87 -6.99
N ASN D 295 -67.10 5.18 -5.70
CA ASN D 295 -67.88 6.29 -5.16
C ASN D 295 -67.10 7.59 -5.10
N ASP D 296 -65.97 7.68 -5.81
CA ASP D 296 -65.35 8.98 -6.09
C ASP D 296 -64.93 8.93 -7.56
N VAL D 297 -65.86 9.27 -8.45
CA VAL D 297 -65.57 9.39 -9.87
C VAL D 297 -65.07 10.80 -10.16
N LYS D 298 -65.41 11.75 -9.27
CA LYS D 298 -65.29 13.19 -9.46
C LYS D 298 -63.86 13.67 -9.61
N ASP D 299 -62.87 12.87 -9.18
CA ASP D 299 -61.48 13.23 -9.42
C ASP D 299 -61.16 13.21 -10.91
N SER D 300 -60.48 14.28 -11.34
CA SER D 300 -60.24 14.53 -12.75
C SER D 300 -58.86 14.11 -13.20
N PHE D 301 -58.01 13.64 -12.28
CA PHE D 301 -56.80 12.93 -12.70
C PHE D 301 -57.14 11.51 -13.14
N LEU D 302 -58.31 11.01 -12.81
CA LEU D 302 -58.62 9.62 -13.05
C LEU D 302 -58.94 9.37 -14.51
N THR D 303 -60.05 9.92 -15.00
CA THR D 303 -60.63 9.53 -16.28
C THR D 303 -59.77 9.92 -17.47
N ASP D 304 -59.01 11.01 -17.36
CA ASP D 304 -58.08 11.39 -18.42
C ASP D 304 -56.77 10.61 -18.38
N ARG D 305 -56.60 9.74 -17.40
CA ARG D 305 -55.37 8.95 -17.31
C ARG D 305 -55.58 7.47 -17.31
N LEU D 306 -56.76 6.99 -16.97
CA LEU D 306 -57.05 5.57 -17.09
C LEU D 306 -57.52 5.22 -18.49
N GLU D 307 -58.11 6.18 -19.21
CA GLU D 307 -58.56 5.94 -20.57
C GLU D 307 -57.53 6.35 -21.61
N LEU D 308 -56.25 6.29 -21.26
CA LEU D 308 -55.17 6.28 -22.23
C LEU D 308 -54.35 5.00 -22.14
N LEU D 309 -54.31 4.37 -20.96
CA LEU D 309 -53.82 2.99 -20.86
C LEU D 309 -54.82 1.99 -21.42
N LEU D 310 -56.12 2.19 -21.19
CA LEU D 310 -57.12 1.31 -21.78
C LEU D 310 -57.22 1.48 -23.28
N ARG D 311 -56.92 2.67 -23.79
CA ARG D 311 -56.74 2.86 -25.21
C ARG D 311 -55.37 2.41 -25.69
N GLY D 312 -54.44 2.17 -24.76
CA GLY D 312 -53.14 1.62 -25.09
C GLY D 312 -53.12 0.11 -25.21
N PHE D 313 -54.28 -0.52 -25.25
CA PHE D 313 -54.47 -1.96 -25.39
C PHE D 313 -55.44 -2.31 -26.50
N LYS D 314 -56.50 -1.52 -26.69
CA LYS D 314 -57.39 -1.69 -27.82
C LYS D 314 -56.70 -1.33 -29.13
N LYS D 315 -55.57 -0.61 -29.06
CA LYS D 315 -54.69 -0.45 -30.21
C LYS D 315 -54.13 -1.78 -30.69
N ARG D 316 -53.95 -2.75 -29.79
CA ARG D 316 -53.13 -3.90 -30.14
C ARG D 316 -53.96 -4.98 -30.83
N TYR D 317 -55.09 -5.36 -30.26
CA TYR D 317 -55.93 -6.39 -30.86
C TYR D 317 -57.37 -6.21 -30.39
N PRO D 318 -58.23 -5.63 -31.23
CA PRO D 318 -59.63 -5.40 -30.85
C PRO D 318 -60.52 -6.64 -30.87
N HIS D 319 -60.03 -7.77 -31.37
CA HIS D 319 -60.82 -9.00 -31.39
C HIS D 319 -60.61 -9.85 -30.14
N LEU D 320 -60.26 -9.24 -29.01
CA LEU D 320 -59.74 -9.96 -27.86
C LEU D 320 -60.63 -9.65 -26.68
N GLN D 321 -61.53 -10.57 -26.33
CA GLN D 321 -62.51 -10.21 -25.32
C GLN D 321 -62.74 -11.23 -24.21
N ASN D 322 -62.46 -12.53 -24.39
CA ASN D 322 -62.56 -13.42 -23.25
C ASN D 322 -61.22 -14.07 -22.95
N ARG D 323 -61.15 -14.62 -21.75
CA ARG D 323 -59.90 -15.11 -21.20
C ARG D 323 -59.40 -16.36 -21.88
N THR D 324 -60.25 -17.02 -22.68
CA THR D 324 -59.70 -17.99 -23.63
C THR D 324 -58.80 -17.28 -24.61
N GLN D 325 -59.32 -16.25 -25.27
CA GLN D 325 -58.63 -15.55 -26.33
C GLN D 325 -57.49 -14.69 -25.83
N VAL D 326 -57.66 -14.05 -24.67
CA VAL D 326 -56.60 -13.24 -24.08
C VAL D 326 -55.37 -14.08 -23.74
N LEU D 327 -55.58 -15.31 -23.30
CA LEU D 327 -54.37 -16.12 -23.06
C LEU D 327 -53.66 -16.39 -24.38
N GLN D 328 -54.43 -16.62 -25.45
CA GLN D 328 -53.88 -17.17 -26.68
C GLN D 328 -52.65 -16.46 -27.18
N TYR D 329 -52.40 -15.21 -26.78
CA TYR D 329 -51.17 -14.55 -27.23
C TYR D 329 -49.93 -15.17 -26.60
N LEU D 330 -50.08 -15.79 -25.43
CA LEU D 330 -48.95 -16.39 -24.75
C LEU D 330 -48.40 -17.56 -25.52
N GLY D 331 -49.26 -18.26 -26.26
CA GLY D 331 -48.85 -19.35 -27.10
C GLY D 331 -48.04 -18.96 -28.30
N ASP D 332 -47.90 -17.67 -28.59
CA ASP D 332 -46.93 -17.28 -29.61
C ASP D 332 -45.54 -17.15 -29.00
N LYS D 333 -45.46 -16.70 -27.74
CA LYS D 333 -44.18 -16.36 -27.12
C LYS D 333 -43.79 -17.29 -25.99
N PHE D 334 -44.75 -17.67 -25.14
CA PHE D 334 -44.44 -18.42 -23.93
C PHE D 334 -44.55 -19.92 -24.14
N ARG D 335 -44.37 -20.40 -25.36
CA ARG D 335 -44.28 -21.84 -25.55
C ARG D 335 -42.88 -22.35 -25.26
N VAL D 336 -41.87 -21.66 -25.75
CA VAL D 336 -40.50 -22.14 -25.66
C VAL D 336 -39.63 -21.24 -24.77
N VAL D 337 -40.26 -20.44 -23.92
CA VAL D 337 -39.48 -19.67 -22.97
C VAL D 337 -39.60 -20.20 -21.55
N PHE D 338 -40.66 -20.96 -21.23
CA PHE D 338 -40.69 -21.74 -19.99
C PHE D 338 -40.50 -23.23 -20.23
N GLN D 339 -40.01 -23.62 -21.42
CA GLN D 339 -39.63 -24.99 -21.78
C GLN D 339 -40.80 -25.97 -21.61
N ALA D 340 -41.83 -25.76 -22.41
CA ALA D 340 -43.04 -26.55 -22.34
C ALA D 340 -42.96 -27.79 -23.22
N SER D 341 -44.02 -28.57 -23.18
CA SER D 341 -44.17 -29.74 -24.04
C SER D 341 -44.71 -29.33 -25.40
N PRO D 342 -44.39 -30.08 -26.45
CA PRO D 342 -45.02 -29.82 -27.75
C PRO D 342 -46.43 -30.38 -27.89
N ASP D 343 -46.90 -31.24 -26.97
CA ASP D 343 -48.29 -31.70 -27.00
C ASP D 343 -49.22 -30.74 -26.27
N GLN D 344 -48.68 -29.91 -25.39
CA GLN D 344 -49.46 -28.93 -24.64
C GLN D 344 -49.95 -27.85 -25.59
N SER D 345 -51.27 -27.64 -25.63
CA SER D 345 -51.80 -26.41 -26.21
C SER D 345 -51.50 -25.24 -25.28
N ASP D 346 -51.75 -24.03 -25.77
CA ASP D 346 -51.37 -22.84 -25.01
C ASP D 346 -52.21 -22.63 -23.76
N LEU D 347 -53.43 -23.16 -23.73
CA LEU D 347 -54.30 -22.99 -22.56
C LEU D 347 -53.75 -23.74 -21.36
N GLU D 348 -53.03 -24.84 -21.59
CA GLU D 348 -52.37 -25.50 -20.47
C GLU D 348 -51.14 -24.74 -20.02
N VAL D 349 -50.44 -24.08 -20.94
CA VAL D 349 -49.19 -23.46 -20.54
C VAL D 349 -49.36 -21.98 -20.19
N GLY D 350 -50.36 -21.31 -20.75
CA GLY D 350 -50.50 -19.88 -20.49
C GLY D 350 -50.95 -19.58 -19.08
N GLN D 351 -51.84 -20.41 -18.55
CA GLN D 351 -52.14 -20.36 -17.12
C GLN D 351 -50.92 -20.76 -16.32
N GLU D 352 -50.13 -21.69 -16.85
CA GLU D 352 -48.93 -22.14 -16.15
C GLU D 352 -47.83 -21.10 -16.17
N VAL D 353 -47.60 -20.43 -17.31
CA VAL D 353 -46.60 -19.37 -17.34
C VAL D 353 -47.05 -18.14 -16.57
N LEU D 354 -48.35 -18.01 -16.32
CA LEU D 354 -48.86 -16.95 -15.46
C LEU D 354 -48.47 -17.20 -14.01
N ASP D 355 -48.79 -18.38 -13.50
CA ASP D 355 -48.75 -18.65 -12.07
C ASP D 355 -47.39 -19.12 -11.60
N ARG D 356 -46.33 -18.77 -12.30
CA ARG D 356 -44.97 -19.03 -11.86
C ARG D 356 -44.20 -17.76 -11.55
N ILE D 357 -44.71 -16.61 -11.96
CA ILE D 357 -43.84 -15.46 -12.14
C ILE D 357 -44.40 -14.18 -11.51
N VAL D 358 -45.71 -14.14 -11.24
CA VAL D 358 -46.34 -12.90 -10.80
C VAL D 358 -47.32 -13.16 -9.65
N LEU D 359 -47.06 -12.48 -8.52
CA LEU D 359 -47.88 -12.54 -7.28
C LEU D 359 -48.28 -13.98 -6.94
N VAL D 360 -47.30 -14.82 -6.65
CA VAL D 360 -47.62 -16.20 -6.30
C VAL D 360 -48.16 -16.29 -4.88
N HIS D 361 -47.86 -15.30 -4.02
CA HIS D 361 -48.27 -15.40 -2.63
C HIS D 361 -49.76 -15.19 -2.43
N LEU D 362 -50.48 -14.73 -3.45
CA LEU D 362 -51.92 -14.85 -3.41
C LEU D 362 -52.40 -16.25 -3.73
N GLY D 363 -51.52 -17.14 -4.15
CA GLY D 363 -51.82 -18.54 -4.20
C GLY D 363 -52.32 -18.97 -5.57
N LYS D 364 -52.11 -20.26 -5.85
CA LYS D 364 -52.67 -20.87 -7.04
C LYS D 364 -54.18 -20.98 -6.90
N ASP D 365 -54.85 -20.98 -8.05
CA ASP D 365 -56.25 -20.60 -8.19
C ASP D 365 -56.51 -19.24 -7.51
N GLY D 366 -55.85 -18.23 -8.06
CA GLY D 366 -56.05 -16.87 -7.61
C GLY D 366 -56.83 -16.06 -8.62
N SER D 367 -57.89 -16.65 -9.18
CA SER D 367 -58.64 -16.00 -10.25
C SER D 367 -59.36 -14.75 -9.74
N GLN D 368 -60.07 -14.87 -8.63
CA GLN D 368 -60.62 -13.69 -7.99
C GLN D 368 -59.50 -12.87 -7.34
N ASP D 369 -58.46 -13.57 -6.88
CA ASP D 369 -57.42 -13.00 -6.02
C ASP D 369 -56.16 -12.65 -6.79
N LYS D 370 -56.29 -12.15 -8.01
CA LYS D 370 -55.18 -11.50 -8.68
C LYS D 370 -55.60 -10.21 -9.37
N PHE D 371 -56.88 -10.05 -9.69
CA PHE D 371 -57.42 -8.71 -9.95
C PHE D 371 -57.26 -7.83 -8.74
N ARG D 372 -57.89 -8.23 -7.64
CA ARG D 372 -58.15 -7.35 -6.52
C ARG D 372 -56.87 -6.95 -5.77
N MET D 373 -55.80 -7.72 -5.91
CA MET D 373 -54.48 -7.19 -5.59
C MET D 373 -54.07 -6.16 -6.63
N LEU D 374 -54.01 -6.57 -7.90
CA LEU D 374 -53.39 -5.75 -8.94
C LEU D 374 -54.22 -4.51 -9.25
N LEU D 375 -55.53 -4.59 -9.03
CA LEU D 375 -56.38 -3.41 -9.06
C LEU D 375 -55.91 -2.37 -8.03
N PHE D 376 -55.80 -2.80 -6.78
CA PHE D 376 -55.29 -1.95 -5.71
C PHE D 376 -53.82 -1.58 -5.92
N MET D 377 -53.07 -2.46 -6.56
CA MET D 377 -51.66 -2.21 -6.80
C MET D 377 -51.43 -1.11 -7.81
N ILE D 378 -52.39 -0.84 -8.70
CA ILE D 378 -52.23 0.19 -9.72
C ILE D 378 -52.88 1.52 -9.32
N ARG D 379 -53.85 1.52 -8.42
CA ARG D 379 -54.37 2.76 -7.87
C ARG D 379 -53.31 3.46 -7.01
N LYS D 380 -52.33 2.72 -6.51
CA LYS D 380 -51.21 3.34 -5.81
C LYS D 380 -50.33 4.12 -6.78
N LEU D 381 -50.04 3.54 -7.94
CA LEU D 381 -49.04 4.13 -8.82
C LEU D 381 -49.58 5.38 -9.49
N TYR D 382 -50.89 5.40 -9.80
CA TYR D 382 -51.53 6.64 -10.20
C TYR D 382 -51.56 7.64 -9.06
N SER D 383 -51.73 7.16 -7.83
CA SER D 383 -51.69 8.09 -6.72
C SER D 383 -50.27 8.43 -6.30
N LEU D 384 -49.26 7.77 -6.87
CA LEU D 384 -47.89 8.14 -6.58
C LEU D 384 -47.34 9.14 -7.59
N VAL D 385 -48.03 9.35 -8.71
CA VAL D 385 -47.61 10.37 -9.66
C VAL D 385 -48.47 11.62 -9.48
N ALA D 386 -49.70 11.45 -9.02
CA ALA D 386 -50.57 12.60 -8.78
C ALA D 386 -50.29 13.31 -7.48
N GLY D 387 -49.39 12.78 -6.65
CA GLY D 387 -48.83 13.52 -5.55
C GLY D 387 -49.45 13.29 -4.20
N GLU D 388 -50.56 12.55 -4.11
CA GLU D 388 -51.18 12.28 -2.82
C GLU D 388 -50.53 11.11 -2.09
N CYS D 389 -49.31 10.75 -2.45
CA CYS D 389 -48.55 9.73 -1.76
C CYS D 389 -47.13 10.26 -1.58
N SER D 390 -46.22 9.37 -1.22
CA SER D 390 -44.87 9.76 -0.89
C SER D 390 -43.94 8.59 -1.15
N PRO D 391 -42.67 8.83 -1.44
CA PRO D 391 -41.73 7.73 -1.63
C PRO D 391 -41.48 6.97 -0.36
N ASP D 392 -41.15 5.70 -0.51
CA ASP D 392 -40.77 4.88 0.62
C ASP D 392 -39.25 4.87 0.80
N ASN D 393 -38.82 4.35 1.94
CA ASN D 393 -37.42 4.33 2.34
C ASN D 393 -36.96 2.89 2.41
N PRO D 394 -36.47 2.32 1.32
CA PRO D 394 -35.98 0.93 1.35
C PRO D 394 -34.67 0.79 2.09
N ASP D 395 -33.96 1.89 2.28
CA ASP D 395 -32.67 1.97 2.93
C ASP D 395 -32.75 1.94 4.46
N ALA D 396 -33.92 1.73 5.03
CA ALA D 396 -34.12 1.75 6.47
C ALA D 396 -34.75 0.45 6.96
N THR D 397 -34.90 0.36 8.28
CA THR D 397 -35.62 -0.72 8.91
C THR D 397 -37.14 -0.56 8.79
N GLN D 398 -37.58 0.55 8.19
CA GLN D 398 -38.96 0.68 7.74
C GLN D 398 -39.36 -0.46 6.83
N HIS D 399 -38.46 -0.87 5.96
CA HIS D 399 -38.76 -1.82 4.92
C HIS D 399 -37.62 -2.84 4.83
N GLN D 400 -37.32 -3.47 5.95
CA GLN D 400 -36.23 -4.41 6.03
C GLN D 400 -36.74 -5.79 6.43
N GLU D 401 -36.20 -6.83 5.80
CA GLU D 401 -36.32 -8.20 6.31
C GLU D 401 -34.97 -8.90 6.41
N VAL D 402 -35.01 -10.17 6.75
CA VAL D 402 -33.81 -10.96 6.95
C VAL D 402 -33.85 -12.13 6.00
N LEU D 403 -32.73 -12.39 5.34
CA LEU D 403 -32.49 -13.70 4.75
C LEU D 403 -31.80 -14.53 5.82
N LEU D 404 -32.48 -15.57 6.28
CA LEU D 404 -32.12 -16.21 7.54
C LEU D 404 -30.82 -16.99 7.45
N GLY D 405 -30.40 -17.37 6.24
CA GLY D 405 -29.24 -18.20 6.04
C GLY D 405 -29.57 -19.67 5.96
N GLY D 406 -30.47 -20.15 6.80
CA GLY D 406 -30.91 -21.51 6.73
C GLY D 406 -32.06 -21.63 5.77
N PHE D 407 -32.90 -20.60 5.73
CA PHE D 407 -33.94 -20.56 4.71
C PHE D 407 -33.36 -20.41 3.32
N LEU D 408 -32.27 -19.64 3.19
CA LEU D 408 -31.56 -19.54 1.92
C LEU D 408 -30.93 -20.88 1.53
N TYR D 409 -30.40 -21.58 2.52
CA TYR D 409 -29.87 -22.92 2.31
C TYR D 409 -30.98 -23.89 1.93
N GLY D 410 -32.20 -23.62 2.39
CA GLY D 410 -33.40 -24.30 1.99
C GLY D 410 -34.06 -23.73 0.75
N MET D 411 -33.49 -22.68 0.17
CA MET D 411 -33.89 -22.24 -1.15
C MET D 411 -33.12 -22.93 -2.25
N ILE D 412 -31.81 -23.16 -2.05
CA ILE D 412 -30.99 -23.76 -3.08
C ILE D 412 -31.39 -25.22 -3.28
N LEU D 413 -31.84 -25.88 -2.23
CA LEU D 413 -32.39 -27.21 -2.36
C LEU D 413 -33.84 -27.21 -2.82
N LYS D 414 -34.37 -26.08 -3.25
CA LYS D 414 -35.44 -26.12 -4.23
C LYS D 414 -34.86 -25.98 -5.63
N GLU D 415 -33.80 -25.19 -5.73
CA GLU D 415 -33.19 -24.91 -7.04
C GLU D 415 -32.37 -26.09 -7.52
N LYS D 416 -31.42 -26.56 -6.72
CA LYS D 416 -30.55 -27.61 -7.20
C LYS D 416 -31.18 -28.99 -7.16
N ILE D 417 -32.30 -29.15 -6.47
CA ILE D 417 -33.15 -30.30 -6.74
C ILE D 417 -33.71 -30.22 -8.15
N ASP D 418 -34.19 -29.04 -8.54
CA ASP D 418 -34.71 -28.88 -9.88
C ASP D 418 -33.63 -28.46 -10.89
N GLU D 419 -32.37 -28.84 -10.65
CA GLU D 419 -31.38 -28.98 -11.71
C GLU D 419 -30.91 -30.42 -11.84
N TYR D 420 -30.96 -31.21 -10.76
CA TYR D 420 -30.81 -32.66 -10.87
C TYR D 420 -31.97 -33.26 -11.63
N LEU D 421 -33.16 -32.70 -11.45
CA LEU D 421 -34.30 -33.12 -12.23
C LEU D 421 -34.21 -32.57 -13.65
N GLN D 422 -33.53 -31.43 -13.81
CA GLN D 422 -33.21 -30.87 -15.11
C GLN D 422 -31.88 -31.39 -15.66
N ASN D 423 -31.44 -32.55 -15.20
CA ASN D 423 -30.28 -33.18 -15.81
C ASN D 423 -30.50 -34.66 -16.07
N ILE D 424 -31.61 -35.26 -15.62
CA ILE D 424 -32.02 -36.55 -16.15
C ILE D 424 -32.94 -36.37 -17.35
N ILE D 425 -33.55 -35.19 -17.51
CA ILE D 425 -34.19 -34.85 -18.76
C ILE D 425 -33.24 -34.13 -19.69
N ALA D 426 -31.95 -34.14 -19.39
CA ALA D 426 -30.90 -33.81 -20.33
C ALA D 426 -30.00 -35.01 -20.59
N GLN D 427 -30.53 -36.21 -20.38
CA GLN D 427 -29.76 -37.41 -20.64
C GLN D 427 -30.60 -38.39 -21.46
N VAL D 428 -31.92 -38.31 -21.30
CA VAL D 428 -32.81 -39.14 -22.11
C VAL D 428 -32.77 -38.69 -23.55
N ARG D 429 -32.96 -37.40 -23.80
CA ARG D 429 -33.00 -36.94 -25.18
C ARG D 429 -31.63 -36.84 -25.80
N MET D 430 -30.56 -36.91 -25.01
CA MET D 430 -29.21 -37.02 -25.56
C MET D 430 -28.91 -38.48 -25.92
N ASP D 431 -29.80 -39.39 -25.57
CA ASP D 431 -29.79 -40.75 -26.07
C ASP D 431 -30.75 -40.98 -27.22
N ILE D 432 -32.01 -40.54 -27.09
CA ILE D 432 -33.02 -40.87 -28.09
C ILE D 432 -32.80 -40.08 -29.38
N ASN D 433 -32.13 -38.94 -29.31
CA ASN D 433 -31.80 -38.23 -30.53
C ASN D 433 -30.41 -38.58 -31.02
N ARG D 434 -29.55 -39.10 -30.14
CA ARG D 434 -28.44 -39.92 -30.62
C ARG D 434 -28.95 -41.23 -31.18
N GLY D 435 -30.06 -41.75 -30.65
CA GLY D 435 -30.63 -42.99 -31.12
C GLY D 435 -30.22 -44.16 -30.25
N MET D 436 -30.87 -45.29 -30.53
CA MET D 436 -30.66 -46.57 -29.85
C MET D 436 -30.92 -46.44 -28.35
N ALA D 437 -32.08 -45.89 -28.03
CA ALA D 437 -32.53 -45.72 -26.65
C ALA D 437 -33.87 -46.42 -26.53
N ILE D 438 -33.86 -47.58 -25.90
CA ILE D 438 -35.07 -48.40 -25.80
C ILE D 438 -35.99 -47.82 -24.74
N ASN D 439 -37.21 -48.35 -24.67
CA ASN D 439 -38.21 -47.80 -23.80
C ASN D 439 -37.92 -48.10 -22.33
N PHE D 440 -38.50 -47.27 -21.46
CA PHE D 440 -38.29 -47.36 -20.03
C PHE D 440 -39.01 -48.55 -19.41
N LYS D 441 -39.96 -49.16 -20.14
CA LYS D 441 -40.87 -50.14 -19.58
C LYS D 441 -40.10 -51.34 -19.04
N ASP D 442 -39.05 -51.75 -19.74
CA ASP D 442 -38.00 -52.54 -19.11
C ASP D 442 -37.24 -51.61 -18.18
N LYS D 443 -37.32 -51.90 -16.88
CA LYS D 443 -37.00 -50.92 -15.84
C LYS D 443 -35.53 -50.56 -15.79
N ARG D 444 -34.66 -51.35 -16.42
CA ARG D 444 -33.25 -51.04 -16.46
C ARG D 444 -32.91 -49.92 -17.41
N TYR D 445 -33.86 -49.48 -18.25
CA TYR D 445 -33.63 -48.26 -19.00
C TYR D 445 -33.63 -47.05 -18.10
N MET D 446 -34.42 -47.10 -17.02
CA MET D 446 -34.29 -46.10 -15.98
C MET D 446 -32.91 -46.19 -15.33
N SER D 447 -32.54 -47.39 -14.88
CA SER D 447 -31.27 -47.58 -14.21
C SER D 447 -30.06 -47.47 -15.14
N ARG D 448 -30.26 -47.37 -16.45
CA ARG D 448 -29.18 -46.95 -17.31
C ARG D 448 -29.21 -45.47 -17.62
N VAL D 449 -30.28 -44.77 -17.24
CA VAL D 449 -30.31 -43.32 -17.42
C VAL D 449 -30.32 -42.58 -16.09
N LEU D 450 -30.80 -43.21 -15.00
CA LEU D 450 -30.92 -42.47 -13.76
C LEU D 450 -29.60 -42.37 -13.01
N MET D 451 -28.58 -43.15 -13.39
CA MET D 451 -27.31 -43.10 -12.70
C MET D 451 -26.12 -42.68 -13.55
N ARG D 452 -26.27 -42.63 -14.88
CA ARG D 452 -25.20 -42.07 -15.71
C ARG D 452 -25.04 -40.57 -15.48
N VAL D 453 -26.13 -39.88 -15.10
CA VAL D 453 -26.03 -38.48 -14.68
C VAL D 453 -25.35 -38.42 -13.31
N ASN D 454 -24.48 -37.43 -13.12
CA ASN D 454 -23.81 -37.29 -11.84
C ASN D 454 -24.75 -36.70 -10.80
N GLU D 455 -24.71 -37.27 -9.60
CA GLU D 455 -25.64 -36.93 -8.53
C GLU D 455 -24.80 -36.15 -7.53
N ASN D 456 -24.67 -34.85 -7.77
CA ASN D 456 -23.73 -34.03 -7.03
C ASN D 456 -24.41 -32.76 -6.54
N ILE D 457 -25.58 -32.94 -5.92
CA ILE D 457 -26.17 -31.85 -5.18
C ILE D 457 -25.33 -31.55 -3.95
N GLY D 458 -24.83 -32.58 -3.30
CA GLY D 458 -23.99 -32.41 -2.13
C GLY D 458 -22.59 -31.95 -2.47
N SER D 459 -22.10 -32.35 -3.64
CA SER D 459 -20.75 -31.96 -4.05
C SER D 459 -20.68 -30.54 -4.60
N LYS D 460 -21.78 -29.78 -4.55
CA LYS D 460 -21.76 -28.36 -4.81
C LYS D 460 -22.20 -27.56 -3.58
N MET D 461 -22.96 -28.17 -2.66
CA MET D 461 -23.14 -27.58 -1.34
C MET D 461 -21.82 -27.43 -0.62
N GLN D 462 -20.94 -28.42 -0.77
CA GLN D 462 -19.58 -28.32 -0.26
C GLN D 462 -18.83 -27.16 -0.91
N TYR D 463 -19.06 -26.95 -2.21
CA TYR D 463 -18.50 -25.80 -2.88
C TYR D 463 -19.19 -24.52 -2.46
N PHE D 464 -20.45 -24.60 -2.05
CA PHE D 464 -21.18 -23.43 -1.61
C PHE D 464 -20.63 -22.86 -0.31
N LEU D 465 -19.92 -23.65 0.47
CA LEU D 465 -19.41 -23.11 1.73
C LEU D 465 -17.96 -22.67 1.65
N SER D 466 -17.17 -23.26 0.75
CA SER D 466 -15.75 -22.90 0.72
C SER D 466 -15.46 -21.70 -0.17
N THR D 467 -16.33 -21.42 -1.13
CA THR D 467 -16.18 -20.24 -1.98
C THR D 467 -17.39 -19.33 -1.90
N GLY D 468 -18.60 -19.87 -1.96
CA GLY D 468 -19.78 -19.10 -1.62
C GLY D 468 -20.69 -18.80 -2.77
N ASN D 469 -20.10 -18.54 -3.94
CA ASN D 469 -20.81 -17.99 -5.08
C ASN D 469 -21.77 -19.01 -5.67
N LEU D 470 -23.05 -18.86 -5.38
CA LEU D 470 -24.04 -19.71 -6.01
C LEU D 470 -24.21 -19.33 -7.47
N VAL D 471 -24.56 -20.31 -8.29
CA VAL D 471 -24.85 -20.09 -9.69
C VAL D 471 -26.24 -20.69 -9.97
N SER D 472 -27.26 -19.89 -9.76
CA SER D 472 -28.62 -20.37 -9.96
C SER D 472 -29.02 -20.27 -11.43
N GLN D 473 -30.03 -21.03 -11.78
CA GLN D 473 -30.47 -21.14 -13.16
C GLN D 473 -31.80 -20.43 -13.40
N SER D 474 -32.85 -20.82 -12.68
CA SER D 474 -34.23 -20.48 -13.04
C SER D 474 -34.76 -19.23 -12.32
N GLY D 475 -33.91 -18.27 -12.02
CA GLY D 475 -34.40 -17.00 -11.50
C GLY D 475 -34.23 -16.85 -10.00
N LEU D 476 -33.21 -16.07 -9.63
CA LEU D 476 -32.82 -15.80 -8.22
C LEU D 476 -33.50 -14.53 -7.72
N ASP D 477 -33.13 -14.08 -6.52
CA ASP D 477 -33.64 -12.83 -5.97
C ASP D 477 -32.60 -11.71 -6.01
N LEU D 478 -31.46 -11.89 -5.33
CA LEU D 478 -30.61 -10.74 -5.11
C LEU D 478 -29.61 -10.55 -6.24
N GLN D 479 -29.16 -9.30 -6.38
CA GLN D 479 -28.33 -8.88 -7.49
C GLN D 479 -26.88 -9.30 -7.33
N GLN D 480 -26.38 -9.44 -6.10
CA GLN D 480 -24.98 -9.80 -5.92
C GLN D 480 -24.86 -11.32 -5.74
N VAL D 481 -23.63 -11.81 -5.89
CA VAL D 481 -23.41 -13.25 -5.90
C VAL D 481 -22.44 -13.68 -4.80
N SER D 482 -21.21 -13.19 -4.85
CA SER D 482 -20.15 -13.88 -4.14
C SER D 482 -20.11 -13.51 -2.67
N GLY D 483 -19.41 -14.34 -1.90
CA GLY D 483 -19.17 -14.07 -0.49
C GLY D 483 -20.35 -14.26 0.45
N TYR D 484 -20.80 -15.50 0.68
CA TYR D 484 -21.88 -15.76 1.63
C TYR D 484 -21.38 -16.55 2.83
N THR D 485 -20.08 -16.50 3.11
CA THR D 485 -19.54 -17.34 4.16
C THR D 485 -18.37 -16.66 4.84
N VAL D 486 -18.13 -17.01 6.10
CA VAL D 486 -17.08 -16.42 6.91
C VAL D 486 -16.38 -17.51 7.71
N VAL D 487 -15.06 -17.39 7.81
CA VAL D 487 -14.26 -18.31 8.62
C VAL D 487 -14.17 -17.72 10.02
N ALA D 488 -15.22 -17.93 10.79
CA ALA D 488 -15.29 -17.44 12.15
C ALA D 488 -14.34 -18.22 13.03
N GLU D 489 -13.10 -17.74 13.20
CA GLU D 489 -12.05 -18.60 13.71
C GLU D 489 -12.09 -18.79 15.22
N LYS D 490 -13.18 -18.37 15.90
CA LYS D 490 -13.43 -18.64 17.32
C LYS D 490 -12.34 -18.04 18.20
N ILE D 491 -11.72 -16.96 17.75
CA ILE D 491 -10.61 -16.38 18.48
C ILE D 491 -11.13 -15.48 19.61
N ASN D 492 -12.40 -15.14 19.59
CA ASN D 492 -13.08 -14.54 20.73
C ASN D 492 -14.54 -14.96 20.65
N PHE D 493 -15.10 -15.27 21.82
CA PHE D 493 -16.49 -15.64 21.94
C PHE D 493 -17.39 -14.47 21.59
N TYR D 494 -16.90 -13.25 21.84
CA TYR D 494 -17.59 -12.04 21.43
C TYR D 494 -17.75 -11.97 19.93
N ARG D 495 -16.71 -12.38 19.19
CA ARG D 495 -16.84 -12.43 17.74
C ARG D 495 -17.84 -13.47 17.34
N PHE D 496 -17.80 -14.61 18.01
CA PHE D 496 -18.58 -15.75 17.61
C PHE D 496 -20.05 -15.64 17.98
N ILE D 497 -20.39 -14.89 19.03
CA ILE D 497 -21.79 -14.60 19.27
C ILE D 497 -22.27 -13.56 18.28
N SER D 498 -21.46 -12.54 18.02
CA SER D 498 -21.83 -11.49 17.10
C SER D 498 -22.01 -12.00 15.69
N HIS D 499 -21.20 -13.00 15.29
CA HIS D 499 -21.29 -13.61 13.96
C HIS D 499 -22.57 -14.39 13.72
N PHE D 500 -23.47 -14.47 14.69
CA PHE D 500 -24.77 -15.06 14.50
C PHE D 500 -25.86 -14.04 14.31
N ARG D 501 -25.54 -12.77 14.33
CA ARG D 501 -26.56 -11.75 14.15
C ARG D 501 -26.07 -10.56 13.32
N MET D 502 -25.04 -10.75 12.51
CA MET D 502 -24.46 -9.67 11.71
C MET D 502 -25.42 -9.29 10.60
N VAL D 503 -26.08 -8.16 10.74
CA VAL D 503 -26.94 -7.64 9.70
C VAL D 503 -26.04 -7.08 8.62
N HIS D 504 -26.24 -7.49 7.39
CA HIS D 504 -25.35 -6.99 6.36
C HIS D 504 -26.11 -6.63 5.10
N ARG D 505 -25.73 -5.48 4.54
CA ARG D 505 -26.36 -4.90 3.37
C ARG D 505 -25.88 -5.54 2.08
N GLY D 506 -24.62 -5.92 2.00
CA GLY D 506 -24.12 -6.65 0.86
C GLY D 506 -22.72 -6.20 0.49
N SER D 507 -22.16 -6.91 -0.50
CA SER D 507 -20.99 -6.45 -1.23
C SER D 507 -21.37 -5.66 -2.47
N PHE D 508 -22.66 -5.65 -2.81
CA PHE D 508 -23.17 -4.80 -3.88
C PHE D 508 -23.16 -3.34 -3.47
N PHE D 509 -23.84 -3.03 -2.37
CA PHE D 509 -23.96 -1.67 -1.88
C PHE D 509 -22.72 -1.20 -1.12
N ALA D 510 -21.68 -2.03 -1.05
CA ALA D 510 -20.45 -1.61 -0.38
C ALA D 510 -19.71 -0.54 -1.17
N GLN D 511 -19.91 -0.48 -2.48
CA GLN D 511 -19.36 0.58 -3.32
C GLN D 511 -20.42 1.13 -4.27
N LEU D 512 -21.64 1.29 -3.77
CA LEU D 512 -22.57 2.19 -4.43
C LEU D 512 -22.07 3.62 -4.20
N LYS D 513 -22.09 4.42 -5.26
CA LYS D 513 -21.25 5.62 -5.30
C LYS D 513 -21.83 6.82 -4.55
N THR D 514 -22.82 6.62 -3.68
CA THR D 514 -23.19 7.62 -2.68
C THR D 514 -23.47 6.92 -1.36
N THR D 515 -23.51 7.71 -0.29
CA THR D 515 -23.54 7.17 1.06
C THR D 515 -24.80 7.55 1.83
N THR D 516 -25.97 7.37 1.22
CA THR D 516 -27.21 7.67 1.91
C THR D 516 -27.57 6.64 2.97
N VAL D 517 -27.04 5.43 2.86
CA VAL D 517 -27.44 4.32 3.73
C VAL D 517 -26.41 4.06 4.82
N ARG D 518 -25.21 4.64 4.71
CA ARG D 518 -24.12 4.38 5.63
C ARG D 518 -24.30 5.06 6.97
N LYS D 519 -25.22 6.01 7.08
CA LYS D 519 -25.45 6.69 8.34
C LYS D 519 -26.52 5.94 9.10
N LEU D 520 -26.53 6.14 10.42
CA LEU D 520 -27.53 5.50 11.25
C LEU D 520 -28.87 6.16 10.98
N LEU D 521 -29.92 5.39 11.06
CA LEU D 521 -31.18 6.05 10.81
C LEU D 521 -32.09 5.94 12.04
N PRO D 522 -32.81 7.00 12.35
CA PRO D 522 -33.70 6.96 13.51
C PRO D 522 -35.03 6.27 13.30
N GLU D 523 -35.18 5.45 12.26
CA GLU D 523 -36.26 4.49 12.22
C GLU D 523 -35.85 3.16 12.82
N SER D 524 -34.59 3.05 13.22
CA SER D 524 -33.99 1.82 13.73
C SER D 524 -33.99 1.81 15.24
N TRP D 525 -35.08 2.25 15.84
CA TRP D 525 -35.16 2.27 17.29
C TRP D 525 -35.32 0.86 17.83
N GLY D 526 -34.21 0.20 18.10
CA GLY D 526 -34.22 -1.03 18.85
C GLY D 526 -34.22 -2.27 17.98
N PHE D 527 -33.49 -2.24 16.88
CA PHE D 527 -33.40 -3.45 16.10
C PHE D 527 -31.95 -3.77 15.79
N LEU D 528 -31.15 -2.76 15.54
CA LEU D 528 -29.74 -3.02 15.37
C LEU D 528 -28.92 -1.99 16.12
N CYS D 529 -27.63 -2.22 16.12
CA CYS D 529 -26.72 -1.52 16.99
C CYS D 529 -26.57 -0.09 16.55
N PRO D 530 -26.75 0.88 17.44
CA PRO D 530 -26.27 2.22 17.16
C PRO D 530 -24.79 2.37 17.42
N VAL D 531 -24.16 1.35 17.96
CA VAL D 531 -22.87 1.49 18.62
C VAL D 531 -21.87 0.47 18.10
N HIS D 532 -22.35 -0.70 17.69
CA HIS D 532 -21.47 -1.69 17.07
C HIS D 532 -21.50 -1.51 15.57
N THR D 533 -20.35 -1.19 15.00
CA THR D 533 -20.05 -1.05 13.59
C THR D 533 -18.54 -0.97 13.53
N PRO D 534 -17.88 -1.63 12.59
CA PRO D 534 -16.44 -1.45 12.46
C PRO D 534 -16.03 -0.06 12.01
N ASP D 535 -14.72 0.20 12.02
CA ASP D 535 -14.17 1.51 11.71
C ASP D 535 -13.44 1.45 10.37
N GLY D 536 -14.01 2.08 9.36
CA GLY D 536 -13.36 2.13 8.06
C GLY D 536 -14.26 1.82 6.89
N SER D 537 -13.90 0.79 6.13
CA SER D 537 -14.68 0.47 4.93
C SER D 537 -16.05 -0.17 5.18
N PRO D 538 -16.29 -1.03 6.20
CA PRO D 538 -17.67 -1.50 6.39
C PRO D 538 -18.51 -0.61 7.28
N CYS D 539 -18.08 0.64 7.50
CA CYS D 539 -18.84 1.59 8.31
C CYS D 539 -20.22 1.81 7.73
N GLY D 540 -21.24 1.51 8.53
CA GLY D 540 -22.60 1.66 8.08
C GLY D 540 -23.13 0.53 7.25
N LEU D 541 -22.30 -0.46 6.92
CA LEU D 541 -22.76 -1.62 6.17
C LEU D 541 -23.18 -2.72 7.11
N LEU D 542 -22.24 -3.23 7.90
CA LEU D 542 -22.46 -4.39 8.75
C LEU D 542 -22.44 -3.98 10.21
N ASN D 543 -23.52 -4.33 10.90
CA ASN D 543 -23.80 -3.84 12.25
C ASN D 543 -24.88 -4.72 12.84
N HIS D 544 -24.59 -5.40 13.94
CA HIS D 544 -25.37 -6.58 14.25
C HIS D 544 -26.70 -6.18 14.89
N PHE D 545 -27.49 -7.19 15.26
CA PHE D 545 -28.82 -6.94 15.79
C PHE D 545 -28.76 -6.38 17.21
N ALA D 546 -29.93 -6.11 17.78
CA ALA D 546 -30.01 -5.63 19.16
C ALA D 546 -30.08 -6.81 20.12
N HIS D 547 -30.32 -6.49 21.39
CA HIS D 547 -30.37 -7.48 22.45
C HIS D 547 -31.52 -8.46 22.25
N LYS D 548 -32.75 -7.96 22.33
CA LYS D 548 -33.89 -8.86 22.46
C LYS D 548 -34.78 -8.80 21.21
N CYS D 549 -34.24 -8.34 20.10
CA CYS D 549 -34.95 -8.45 18.84
C CYS D 549 -34.89 -9.89 18.34
N ARG D 550 -36.01 -10.36 17.80
CA ARG D 550 -36.13 -11.75 17.37
C ARG D 550 -36.74 -11.84 15.98
N ILE D 551 -36.66 -13.03 15.40
CA ILE D 551 -37.11 -13.28 14.04
C ILE D 551 -38.14 -14.39 14.06
N SER D 552 -39.33 -14.12 13.52
CA SER D 552 -40.34 -15.15 13.37
C SER D 552 -39.90 -16.17 12.32
N THR D 553 -40.26 -17.42 12.55
CA THR D 553 -39.80 -18.51 11.70
C THR D 553 -40.92 -19.28 11.01
N GLN D 554 -42.17 -18.94 11.27
CA GLN D 554 -43.33 -19.61 10.69
C GLN D 554 -44.55 -18.75 10.95
N GLN D 555 -45.57 -18.93 10.11
CA GLN D 555 -46.69 -17.99 10.07
C GLN D 555 -47.57 -18.07 11.30
N SER D 556 -48.48 -17.10 11.39
CA SER D 556 -49.64 -17.17 12.26
C SER D 556 -50.63 -18.15 11.63
N ASP D 557 -50.30 -19.44 11.80
CA ASP D 557 -50.90 -20.52 11.03
C ASP D 557 -52.31 -20.78 11.56
N VAL D 558 -53.20 -19.83 11.29
CA VAL D 558 -54.54 -19.84 11.84
C VAL D 558 -55.58 -19.82 10.73
N SER D 559 -55.42 -18.89 9.77
CA SER D 559 -56.43 -18.53 8.77
C SER D 559 -57.77 -18.18 9.42
N ARG D 560 -57.71 -17.54 10.60
CA ARG D 560 -58.87 -16.88 11.16
C ARG D 560 -58.53 -15.45 11.56
N ILE D 561 -57.35 -14.97 11.19
CA ILE D 561 -57.12 -13.52 11.14
C ILE D 561 -58.21 -12.80 10.34
N PRO D 562 -58.65 -13.28 9.17
CA PRO D 562 -59.82 -12.60 8.56
C PRO D 562 -61.15 -13.13 9.05
N SER D 563 -61.21 -14.33 9.59
CA SER D 563 -62.51 -14.94 9.86
C SER D 563 -63.26 -14.29 11.01
N ILE D 564 -62.57 -13.54 11.86
CA ILE D 564 -63.22 -12.63 12.80
C ILE D 564 -63.19 -11.21 12.34
N LEU D 565 -62.52 -10.93 11.22
CA LEU D 565 -62.25 -9.55 10.90
C LEU D 565 -63.42 -8.90 10.19
N TYR D 566 -64.15 -9.67 9.37
CA TYR D 566 -65.40 -9.15 8.83
C TYR D 566 -66.48 -9.04 9.90
N SER D 567 -66.36 -9.83 10.96
CA SER D 567 -67.33 -9.75 12.05
C SER D 567 -67.15 -8.46 12.80
N LEU D 568 -65.92 -8.03 12.99
CA LEU D 568 -65.59 -6.90 13.84
C LEU D 568 -65.90 -5.56 13.18
N GLY D 569 -66.41 -5.56 11.95
CA GLY D 569 -66.94 -4.34 11.36
C GLY D 569 -66.37 -3.96 10.02
N VAL D 570 -65.86 -4.92 9.26
CA VAL D 570 -65.24 -4.67 7.97
C VAL D 570 -66.15 -5.22 6.88
N ALA D 571 -66.37 -4.43 5.84
CA ALA D 571 -67.17 -4.85 4.71
C ALA D 571 -66.46 -5.99 3.96
N PRO D 572 -67.23 -6.86 3.29
CA PRO D 572 -66.62 -7.98 2.57
C PRO D 572 -65.79 -7.57 1.35
N ALA D 573 -65.30 -8.59 0.64
CA ALA D 573 -64.26 -8.34 -0.35
C ALA D 573 -64.82 -7.73 -1.62
N SER D 574 -65.61 -8.48 -2.36
CA SER D 574 -65.99 -8.12 -3.71
C SER D 574 -67.44 -7.68 -3.79
N HIS D 575 -67.87 -6.83 -2.86
CA HIS D 575 -69.25 -6.39 -2.86
C HIS D 575 -69.39 -4.87 -2.78
N THR D 576 -68.29 -4.13 -2.77
CA THR D 576 -68.46 -2.69 -2.63
C THR D 576 -67.66 -1.86 -3.63
N PHE D 577 -66.43 -2.26 -3.94
CA PHE D 577 -65.51 -1.58 -4.86
C PHE D 577 -65.21 -0.14 -4.41
N ALA D 578 -64.42 -0.06 -3.35
CA ALA D 578 -63.78 1.18 -2.97
C ALA D 578 -62.27 0.99 -2.89
N ALA D 579 -61.54 2.03 -3.31
CA ALA D 579 -60.09 1.99 -3.31
C ALA D 579 -59.54 3.41 -3.25
N GLY D 580 -58.27 3.52 -2.90
CA GLY D 580 -57.62 4.81 -2.86
C GLY D 580 -57.16 5.18 -1.46
N PRO D 581 -56.57 6.37 -1.32
CA PRO D 581 -56.21 6.86 0.01
C PRO D 581 -57.39 7.34 0.82
N SER D 582 -58.56 7.50 0.20
CA SER D 582 -59.78 7.82 0.92
C SER D 582 -60.23 6.71 1.84
N LEU D 583 -59.79 5.47 1.60
CA LEU D 583 -60.06 4.37 2.50
C LEU D 583 -58.73 3.79 2.97
N CYS D 584 -58.79 3.02 4.06
CA CYS D 584 -57.61 2.38 4.64
C CYS D 584 -57.72 0.89 4.36
N CYS D 585 -56.95 0.42 3.37
CA CYS D 585 -57.07 -0.94 2.88
C CYS D 585 -56.41 -1.91 3.85
N VAL D 586 -57.20 -2.83 4.40
CA VAL D 586 -56.70 -3.78 5.39
C VAL D 586 -55.91 -4.83 4.63
N GLN D 587 -54.60 -4.72 4.68
CA GLN D 587 -53.72 -5.71 4.10
C GLN D 587 -53.46 -6.75 5.17
N ILE D 588 -54.09 -7.92 5.01
CA ILE D 588 -53.55 -9.12 5.63
C ILE D 588 -52.24 -9.42 4.92
N ASP D 589 -51.35 -10.17 5.57
CA ASP D 589 -50.08 -10.45 4.91
C ASP D 589 -50.28 -11.30 3.66
N GLY D 590 -50.19 -10.62 2.51
CA GLY D 590 -50.62 -11.16 1.23
C GLY D 590 -52.03 -10.80 0.84
N LYS D 591 -53.00 -11.34 1.57
CA LYS D 591 -54.41 -11.27 1.18
C LYS D 591 -54.99 -9.91 1.54
N ILE D 592 -56.06 -9.52 0.85
CA ILE D 592 -56.89 -8.40 1.27
C ILE D 592 -58.35 -8.82 1.19
N ILE D 593 -59.13 -8.50 2.21
CA ILE D 593 -60.59 -8.53 2.09
C ILE D 593 -61.11 -7.26 2.72
N GLY D 594 -60.22 -6.37 3.10
CA GLY D 594 -60.63 -5.25 3.92
C GLY D 594 -60.19 -3.88 3.46
N TRP D 595 -61.14 -2.95 3.46
CA TRP D 595 -60.85 -1.53 3.46
C TRP D 595 -61.85 -0.85 4.38
N VAL D 596 -61.39 0.17 5.10
CA VAL D 596 -62.23 0.95 6.00
C VAL D 596 -61.84 2.42 5.90
N SER D 597 -62.65 3.25 6.53
CA SER D 597 -62.26 4.63 6.78
C SER D 597 -61.37 4.68 8.03
N HIS D 598 -60.80 5.85 8.30
CA HIS D 598 -59.99 6.01 9.51
C HIS D 598 -60.86 5.91 10.75
N GLU D 599 -62.13 6.28 10.65
CA GLU D 599 -63.03 6.19 11.79
C GLU D 599 -63.35 4.74 12.18
N GLN D 600 -63.00 3.77 11.36
CA GLN D 600 -62.87 2.40 11.83
C GLN D 600 -61.42 1.93 11.78
N GLY D 601 -60.51 2.83 11.45
CA GLY D 601 -59.13 2.43 11.34
C GLY D 601 -58.48 2.45 12.69
N LYS D 602 -58.66 3.54 13.45
CA LYS D 602 -58.01 3.64 14.74
C LYS D 602 -58.65 2.70 15.76
N ILE D 603 -59.92 2.33 15.55
CA ILE D 603 -60.51 1.26 16.34
C ILE D 603 -59.77 -0.04 16.10
N ILE D 604 -59.72 -0.51 14.85
CA ILE D 604 -59.09 -1.79 14.56
C ILE D 604 -57.57 -1.66 14.50
N ALA D 605 -57.03 -0.46 14.69
CA ALA D 605 -55.61 -0.33 14.95
C ALA D 605 -55.22 -0.99 16.25
N ASP D 606 -55.96 -0.69 17.31
CA ASP D 606 -55.58 -1.19 18.63
C ASP D 606 -56.69 -1.93 19.34
N THR D 607 -57.83 -2.20 18.69
CA THR D 607 -58.73 -3.21 19.23
C THR D 607 -58.04 -4.56 19.22
N LEU D 608 -57.26 -4.84 18.17
CA LEU D 608 -56.35 -5.98 18.16
C LEU D 608 -55.43 -5.95 19.36
N ARG D 609 -54.85 -4.78 19.66
CA ARG D 609 -54.01 -4.63 20.85
C ARG D 609 -54.76 -4.86 22.15
N TYR D 610 -56.09 -4.80 22.15
CA TYR D 610 -56.83 -5.37 23.27
C TYR D 610 -57.02 -6.87 23.15
N TRP D 611 -57.29 -7.40 21.96
CA TRP D 611 -57.44 -8.84 21.81
C TRP D 611 -56.10 -9.56 21.91
N LYS D 612 -55.02 -8.95 21.36
CA LYS D 612 -53.75 -9.65 21.14
C LYS D 612 -53.09 -10.06 22.45
N VAL D 613 -53.24 -9.26 23.48
CA VAL D 613 -52.71 -9.65 24.78
C VAL D 613 -53.83 -10.15 25.67
N GLU D 614 -54.91 -10.64 25.06
CA GLU D 614 -56.03 -11.21 25.81
C GLU D 614 -56.23 -12.67 25.45
N GLY D 615 -56.41 -13.50 26.48
CA GLY D 615 -56.53 -14.93 26.37
C GLY D 615 -57.83 -15.48 25.82
N LYS D 616 -58.79 -14.61 25.45
CA LYS D 616 -59.98 -15.10 24.76
C LYS D 616 -59.83 -15.06 23.26
N THR D 617 -58.61 -15.22 22.77
CA THR D 617 -58.33 -15.30 21.34
C THR D 617 -57.81 -16.68 20.98
N PRO D 618 -58.67 -17.61 20.59
CA PRO D 618 -58.19 -18.89 20.04
C PRO D 618 -57.72 -18.79 18.60
N GLY D 619 -57.89 -17.64 17.96
CA GLY D 619 -57.45 -17.48 16.59
C GLY D 619 -56.42 -16.39 16.44
N LEU D 620 -56.41 -15.44 17.36
CA LEU D 620 -55.47 -14.34 17.22
C LEU D 620 -54.24 -14.67 18.02
N PRO D 621 -53.11 -14.94 17.40
CA PRO D 621 -51.92 -15.39 18.14
C PRO D 621 -51.24 -14.22 18.84
N ILE D 622 -50.41 -14.56 19.83
CA ILE D 622 -49.65 -13.57 20.56
C ILE D 622 -48.62 -12.92 19.66
N ASP D 623 -48.13 -13.67 18.68
CA ASP D 623 -47.13 -13.21 17.73
C ASP D 623 -47.81 -12.85 16.41
N LEU D 624 -47.83 -11.55 16.10
CA LEU D 624 -48.62 -10.93 15.04
C LEU D 624 -48.19 -9.46 14.95
N GLU D 625 -48.17 -8.93 13.72
CA GLU D 625 -47.56 -7.63 13.41
C GLU D 625 -48.65 -6.69 12.89
N ILE D 626 -49.12 -5.78 13.74
CA ILE D 626 -50.19 -4.85 13.39
C ILE D 626 -49.64 -3.44 13.46
N GLY D 627 -49.47 -2.81 12.30
CA GLY D 627 -49.08 -1.42 12.22
C GLY D 627 -50.20 -0.60 11.61
N TYR D 628 -50.49 0.53 12.24
CA TYR D 628 -51.51 1.41 11.71
C TYR D 628 -50.86 2.49 10.85
N VAL D 629 -51.62 3.06 9.94
CA VAL D 629 -51.21 4.24 9.19
C VAL D 629 -52.40 5.17 8.98
N PRO D 630 -52.35 6.38 9.49
CA PRO D 630 -53.42 7.34 9.25
C PRO D 630 -53.18 8.11 7.97
N PRO D 631 -54.18 8.79 7.42
CA PRO D 631 -53.97 9.57 6.20
C PRO D 631 -53.36 10.95 6.40
N SER D 632 -52.65 11.18 7.49
CA SER D 632 -51.98 12.47 7.69
C SER D 632 -50.85 12.65 6.67
N THR D 633 -50.50 13.93 6.42
CA THR D 633 -49.28 14.42 5.78
C THR D 633 -49.29 14.19 4.26
N ARG D 634 -50.26 13.42 3.79
CA ARG D 634 -50.22 12.73 2.50
C ARG D 634 -48.87 12.05 2.32
N GLY D 635 -48.52 11.26 3.34
CA GLY D 635 -47.25 10.55 3.39
C GLY D 635 -47.38 9.12 2.94
N GLN D 636 -47.34 8.18 3.88
CA GLN D 636 -47.51 6.78 3.53
C GLN D 636 -48.95 6.52 3.11
N TYR D 637 -49.15 5.40 2.50
CA TYR D 637 -50.45 5.12 1.92
C TYR D 637 -51.39 4.61 3.01
N PRO D 638 -52.65 5.05 3.01
CA PRO D 638 -53.56 4.69 4.12
C PRO D 638 -54.02 3.24 4.05
N GLY D 639 -53.88 2.53 5.16
CA GLY D 639 -54.22 1.13 5.23
C GLY D 639 -54.40 0.68 6.66
N LEU D 640 -54.41 -0.65 6.85
CA LEU D 640 -54.47 -1.27 8.18
C LEU D 640 -53.73 -2.60 8.04
N TYR D 641 -52.46 -2.62 8.40
CA TYR D 641 -51.58 -3.61 7.84
C TYR D 641 -51.28 -4.74 8.81
N LEU D 642 -51.31 -5.97 8.29
CA LEU D 642 -51.11 -7.19 9.05
C LEU D 642 -49.96 -7.98 8.44
N PHE D 643 -49.10 -8.51 9.30
CA PHE D 643 -47.96 -9.29 8.84
C PHE D 643 -47.77 -10.45 9.79
N GLY D 644 -46.58 -11.06 9.75
CA GLY D 644 -46.25 -12.03 10.78
C GLY D 644 -45.56 -13.31 10.34
N GLY D 645 -45.30 -13.47 9.05
CA GLY D 645 -44.88 -14.76 8.53
C GLY D 645 -43.45 -15.12 8.81
N HIS D 646 -42.89 -15.93 7.90
CA HIS D 646 -41.45 -16.17 7.88
C HIS D 646 -40.72 -14.86 7.71
N SER D 647 -39.52 -14.79 8.31
CA SER D 647 -38.62 -13.64 8.28
C SER D 647 -39.21 -12.39 8.92
N ARG D 648 -40.30 -12.50 9.67
CA ARG D 648 -40.85 -11.35 10.36
C ARG D 648 -39.95 -11.03 11.55
N MET D 649 -39.73 -9.74 11.78
CA MET D 649 -38.78 -9.30 12.78
C MET D 649 -39.49 -8.75 14.01
N LEU D 650 -38.97 -9.05 15.19
CA LEU D 650 -39.67 -8.82 16.45
C LEU D 650 -38.89 -7.85 17.32
N ARG D 651 -39.60 -7.29 18.31
CA ARG D 651 -39.02 -6.86 19.58
C ARG D 651 -40.15 -6.78 20.59
N PRO D 652 -39.94 -7.23 21.83
CA PRO D 652 -41.00 -7.18 22.82
C PRO D 652 -41.04 -5.86 23.58
N VAL D 653 -42.23 -5.53 24.07
CA VAL D 653 -42.50 -4.23 24.69
C VAL D 653 -43.65 -4.41 25.68
N ARG D 654 -43.90 -3.39 26.51
CA ARG D 654 -44.92 -3.47 27.57
C ARG D 654 -46.12 -2.62 27.17
N TYR D 655 -47.20 -3.28 26.75
CA TYR D 655 -48.43 -2.59 26.42
C TYR D 655 -49.21 -2.23 27.68
N LEU D 656 -49.46 -0.93 27.86
CA LEU D 656 -49.85 -0.40 29.18
C LEU D 656 -51.27 -0.71 29.66
N PRO D 657 -52.33 -0.67 28.85
CA PRO D 657 -53.59 -1.26 29.33
C PRO D 657 -53.42 -2.75 29.50
N LEU D 658 -53.71 -3.26 30.71
CA LEU D 658 -53.47 -4.70 31.04
C LEU D 658 -51.99 -5.00 30.82
N ASP D 659 -51.12 -4.39 31.65
CA ASP D 659 -49.68 -4.43 31.41
C ASP D 659 -49.14 -5.85 31.28
N LYS D 660 -48.69 -6.18 30.09
CA LYS D 660 -48.35 -7.54 29.68
C LYS D 660 -47.26 -7.45 28.63
N GLU D 661 -46.46 -8.51 28.54
CA GLU D 661 -45.44 -8.62 27.51
C GLU D 661 -46.10 -8.62 26.12
N ASP D 662 -45.54 -7.85 25.20
CA ASP D 662 -46.11 -7.77 23.87
C ASP D 662 -45.01 -7.45 22.87
N ILE D 663 -45.05 -8.10 21.72
CA ILE D 663 -44.01 -7.94 20.71
C ILE D 663 -44.45 -6.96 19.64
N VAL D 664 -43.48 -6.19 19.13
CA VAL D 664 -43.69 -5.33 17.97
C VAL D 664 -42.47 -5.45 17.06
N GLY D 665 -42.67 -5.07 15.81
CA GLY D 665 -41.58 -4.97 14.88
C GLY D 665 -41.37 -3.52 14.53
N PRO D 666 -40.55 -3.24 13.53
CA PRO D 666 -40.23 -1.86 13.19
C PRO D 666 -41.34 -1.18 12.43
N PHE D 667 -42.30 -1.93 11.92
CA PHE D 667 -43.41 -1.35 11.21
C PHE D 667 -44.46 -0.75 12.16
N GLU D 668 -44.46 -1.18 13.42
CA GLU D 668 -45.24 -0.47 14.41
C GLU D 668 -44.62 0.88 14.77
N GLN D 669 -43.30 1.01 14.64
CA GLN D 669 -42.63 2.20 15.17
C GLN D 669 -42.85 3.46 14.35
N VAL D 670 -43.78 3.48 13.41
CA VAL D 670 -44.05 4.72 12.71
C VAL D 670 -45.19 5.40 13.44
N TYR D 671 -46.35 4.75 13.46
CA TYR D 671 -47.56 5.41 13.90
C TYR D 671 -48.09 4.85 15.23
N MET D 672 -47.24 4.18 16.01
CA MET D 672 -47.53 3.88 17.41
C MET D 672 -46.22 3.84 18.17
N ASN D 673 -46.16 4.56 19.28
CA ASN D 673 -44.92 5.00 19.89
C ASN D 673 -44.61 4.29 21.20
N ILE D 674 -43.38 4.49 21.67
CA ILE D 674 -42.81 3.78 22.82
C ILE D 674 -42.29 4.82 23.80
N ALA D 675 -42.47 4.58 25.10
CA ALA D 675 -41.75 5.36 26.09
C ALA D 675 -40.52 4.59 26.55
N VAL D 676 -39.49 5.30 26.97
CA VAL D 676 -38.20 4.66 27.21
C VAL D 676 -38.01 4.19 28.65
N THR D 677 -38.68 4.80 29.63
CA THR D 677 -38.77 4.34 31.01
C THR D 677 -39.95 5.05 31.63
N PRO D 678 -40.74 4.39 32.48
CA PRO D 678 -41.99 5.00 32.95
C PRO D 678 -41.85 6.17 33.90
N GLN D 679 -41.18 7.22 33.44
CA GLN D 679 -41.32 8.56 33.97
C GLN D 679 -41.64 9.57 32.89
N GLU D 680 -41.21 9.32 31.66
CA GLU D 680 -41.59 10.14 30.52
C GLU D 680 -42.96 9.76 29.97
N ILE D 681 -43.62 8.77 30.57
CA ILE D 681 -45.01 8.48 30.25
C ILE D 681 -45.88 9.65 30.69
N GLN D 682 -46.79 10.05 29.81
CA GLN D 682 -47.73 11.13 30.06
C GLN D 682 -48.93 10.89 29.17
N ASN D 683 -49.96 11.73 29.35
CA ASN D 683 -51.33 11.41 28.93
C ASN D 683 -51.45 11.26 27.43
N ASN D 684 -52.01 10.10 27.01
CA ASN D 684 -52.33 9.60 25.67
C ASN D 684 -51.35 10.02 24.57
N VAL D 685 -50.07 10.04 24.89
CA VAL D 685 -49.00 10.24 23.92
C VAL D 685 -48.00 9.10 23.94
N HIS D 686 -48.12 8.18 24.88
CA HIS D 686 -47.49 6.89 24.76
C HIS D 686 -48.54 5.80 24.93
N THR D 687 -48.15 4.61 24.49
CA THR D 687 -48.93 3.41 24.69
C THR D 687 -48.06 2.27 25.19
N HIS D 688 -46.75 2.34 25.01
CA HIS D 688 -45.84 1.27 25.37
C HIS D 688 -44.62 1.84 26.07
N VAL D 689 -44.17 1.16 27.11
CA VAL D 689 -42.94 1.53 27.80
C VAL D 689 -41.94 0.40 27.62
N GLU D 690 -40.71 0.69 28.05
CA GLU D 690 -39.65 -0.29 28.04
C GLU D 690 -39.36 -0.68 29.48
N PHE D 691 -39.00 -1.96 29.71
CA PHE D 691 -38.62 -2.37 31.05
C PHE D 691 -37.34 -1.70 31.50
N THR D 692 -36.39 -1.56 30.59
CA THR D 692 -35.13 -0.88 30.76
C THR D 692 -34.68 -0.58 29.35
N PRO D 693 -34.40 0.68 29.00
CA PRO D 693 -34.09 1.02 27.61
C PRO D 693 -32.73 0.55 27.14
N THR D 694 -32.04 -0.27 27.90
CA THR D 694 -30.79 -0.88 27.51
C THR D 694 -30.97 -2.03 26.52
N ASN D 695 -32.17 -2.41 26.08
CA ASN D 695 -32.26 -3.52 25.12
C ASN D 695 -32.17 -3.02 23.68
N ILE D 696 -32.04 -1.71 23.47
CA ILE D 696 -31.55 -1.26 22.18
C ILE D 696 -30.03 -1.39 22.18
N LEU D 697 -29.40 -1.12 23.32
CA LEU D 697 -27.95 -1.27 23.44
C LEU D 697 -27.59 -2.74 23.39
N SER D 698 -26.95 -3.16 22.30
CA SER D 698 -26.87 -4.58 22.02
C SER D 698 -25.76 -5.29 22.77
N ILE D 699 -25.55 -6.56 22.42
CA ILE D 699 -24.96 -7.53 23.33
C ILE D 699 -23.50 -7.21 23.59
N LEU D 700 -22.76 -6.83 22.55
CA LEU D 700 -21.39 -6.40 22.76
C LEU D 700 -21.32 -5.06 23.48
N ALA D 701 -22.33 -4.21 23.31
CA ALA D 701 -22.27 -2.87 23.89
C ALA D 701 -23.01 -2.77 25.20
N ASN D 702 -24.01 -3.62 25.42
CA ASN D 702 -24.60 -3.68 26.74
C ASN D 702 -23.63 -4.31 27.72
N LEU D 703 -22.72 -5.10 27.17
CA LEU D 703 -21.58 -5.58 27.99
C LEU D 703 -20.72 -4.35 28.30
N THR D 704 -20.59 -3.44 27.31
CA THR D 704 -19.67 -2.33 27.49
C THR D 704 -20.19 -1.42 28.59
N PRO D 705 -19.42 -1.18 29.64
CA PRO D 705 -19.91 -0.36 30.75
C PRO D 705 -19.91 1.11 30.39
N PHE D 706 -20.96 1.79 30.83
CA PHE D 706 -21.13 3.25 30.72
C PHE D 706 -21.12 3.70 29.26
N SER D 707 -22.18 3.29 28.56
CA SER D 707 -22.49 3.90 27.27
C SER D 707 -22.80 5.38 27.43
N ASP D 708 -23.36 5.75 28.58
CA ASP D 708 -23.80 7.12 28.80
C ASP D 708 -22.64 8.10 28.98
N PHE D 709 -21.41 7.62 29.17
CA PHE D 709 -20.29 8.45 29.59
C PHE D 709 -19.15 8.47 28.58
N ASN D 710 -19.43 8.25 27.31
CA ASN D 710 -18.39 8.17 26.30
C ASN D 710 -18.88 8.77 24.99
N GLN D 711 -17.94 9.21 24.16
CA GLN D 711 -18.30 9.56 22.79
C GLN D 711 -18.61 8.30 22.00
N SER D 712 -19.67 8.38 21.19
CA SER D 712 -19.93 7.34 20.21
C SER D 712 -18.77 7.05 19.26
N PRO D 713 -17.92 8.01 18.82
CA PRO D 713 -16.70 7.60 18.10
C PRO D 713 -15.62 6.92 18.94
N ARG D 714 -15.87 6.69 20.21
CA ARG D 714 -15.08 5.73 20.98
C ARG D 714 -15.85 4.45 21.23
N ASN D 715 -17.10 4.37 20.77
CA ASN D 715 -17.95 3.21 21.01
C ASN D 715 -18.04 2.26 19.83
N MET D 716 -17.74 2.72 18.61
CA MET D 716 -17.31 1.75 17.61
C MET D 716 -15.92 1.26 17.95
N TYR D 717 -15.06 2.19 18.37
CA TYR D 717 -13.64 2.02 18.45
C TYR D 717 -13.22 1.32 19.74
N GLN D 718 -14.18 0.94 20.56
CA GLN D 718 -14.02 -0.08 21.58
C GLN D 718 -14.69 -1.38 21.20
N CYS D 719 -15.81 -1.32 20.49
CA CYS D 719 -16.50 -2.55 20.10
C CYS D 719 -15.72 -3.29 19.03
N GLN D 720 -14.89 -2.59 18.28
CA GLN D 720 -13.89 -3.26 17.46
C GLN D 720 -12.73 -3.79 18.25
N MET D 721 -12.63 -3.50 19.54
CA MET D 721 -11.56 -4.08 20.31
C MET D 721 -12.01 -5.29 21.11
N GLY D 722 -13.28 -5.32 21.54
CA GLY D 722 -13.81 -6.53 22.12
C GLY D 722 -13.98 -7.63 21.09
N LYS D 723 -14.13 -7.25 19.82
CA LYS D 723 -14.25 -8.21 18.74
C LYS D 723 -12.88 -8.59 18.18
N GLN D 724 -11.82 -8.37 18.94
CA GLN D 724 -10.48 -8.69 18.45
C GLN D 724 -9.56 -9.14 19.59
N THR D 725 -10.10 -9.57 20.74
CA THR D 725 -9.28 -9.81 21.92
C THR D 725 -8.45 -11.08 21.79
N MET D 726 -7.73 -11.42 22.86
CA MET D 726 -6.99 -12.67 22.92
C MET D 726 -7.70 -13.53 23.95
N GLY D 727 -9.03 -13.55 23.88
CA GLY D 727 -9.83 -14.17 24.90
C GLY D 727 -9.77 -15.69 24.88
N THR D 728 -10.46 -16.28 25.84
CA THR D 728 -10.55 -17.74 25.88
C THR D 728 -11.50 -18.22 24.79
N PRO D 729 -11.07 -19.15 23.94
CA PRO D 729 -11.74 -19.36 22.66
C PRO D 729 -12.98 -20.25 22.71
N GLY D 730 -13.49 -20.58 23.88
CA GLY D 730 -14.51 -21.60 23.95
C GLY D 730 -13.92 -22.95 24.31
N VAL D 731 -14.36 -23.55 25.41
CA VAL D 731 -13.64 -24.67 25.98
C VAL D 731 -13.99 -25.99 25.27
N ALA D 732 -13.30 -26.23 24.17
CA ALA D 732 -13.17 -27.55 23.57
C ALA D 732 -11.76 -27.71 23.02
N LEU D 733 -10.78 -27.23 23.78
CA LEU D 733 -9.42 -27.03 23.30
C LEU D 733 -8.65 -28.33 23.10
N CYS D 734 -8.80 -29.28 24.02
CA CYS D 734 -8.06 -30.53 23.91
C CYS D 734 -8.57 -31.41 22.79
N HIS D 735 -9.82 -31.23 22.37
CA HIS D 735 -10.35 -32.07 21.33
C HIS D 735 -10.19 -31.45 19.95
N ARG D 736 -10.57 -30.18 19.80
CA ARG D 736 -10.52 -29.51 18.51
C ARG D 736 -9.07 -29.24 18.09
N SER D 737 -8.85 -29.25 16.78
CA SER D 737 -7.50 -29.07 16.25
C SER D 737 -7.49 -28.26 14.96
N ASP D 738 -8.21 -27.14 14.93
CA ASP D 738 -8.10 -26.25 13.77
C ASP D 738 -6.82 -25.44 13.88
N ASN D 739 -6.63 -24.52 12.94
CA ASN D 739 -5.31 -23.98 12.65
C ASN D 739 -4.80 -23.03 13.73
N LYS D 740 -5.51 -21.93 13.98
CA LYS D 740 -5.00 -20.84 14.79
C LYS D 740 -5.99 -20.50 15.90
N LEU D 741 -5.66 -20.89 17.12
CA LEU D 741 -6.42 -20.49 18.30
C LEU D 741 -5.48 -19.88 19.33
N TYR D 742 -6.04 -19.03 20.17
CA TYR D 742 -5.28 -18.32 21.19
C TYR D 742 -5.81 -18.66 22.57
N ARG D 743 -4.99 -18.43 23.58
CA ARG D 743 -5.45 -18.63 24.95
C ARG D 743 -4.70 -17.66 25.86
N LEU D 744 -5.46 -16.74 26.47
CA LEU D 744 -4.99 -15.99 27.61
C LEU D 744 -5.21 -16.81 28.87
N GLN D 745 -4.16 -17.09 29.62
CA GLN D 745 -4.23 -18.13 30.62
C GLN D 745 -4.39 -17.63 32.05
N THR D 746 -4.45 -16.33 32.27
CA THR D 746 -4.81 -15.79 33.59
C THR D 746 -6.03 -14.90 33.39
N GLY D 747 -7.21 -15.50 33.37
CA GLY D 747 -8.43 -14.75 33.20
C GLY D 747 -8.91 -14.10 34.48
N GLN D 748 -9.69 -13.05 34.31
CA GLN D 748 -10.30 -12.31 35.42
C GLN D 748 -11.72 -11.94 34.98
N THR D 749 -12.66 -12.00 35.90
CA THR D 749 -13.98 -11.51 35.54
C THR D 749 -14.01 -9.99 35.67
N PRO D 750 -14.85 -9.31 34.89
CA PRO D 750 -15.03 -7.88 35.09
C PRO D 750 -15.78 -7.59 36.38
N ILE D 751 -15.18 -6.75 37.23
CA ILE D 751 -15.83 -6.36 38.48
C ILE D 751 -17.08 -5.54 38.19
N VAL D 752 -16.88 -4.42 37.55
CA VAL D 752 -18.01 -3.67 37.01
C VAL D 752 -18.43 -4.38 35.73
N LYS D 753 -19.73 -4.42 35.47
CA LYS D 753 -20.30 -5.30 34.47
C LYS D 753 -21.72 -4.82 34.20
N ALA D 754 -22.48 -5.60 33.45
CA ALA D 754 -23.92 -5.41 33.34
C ALA D 754 -24.62 -6.52 34.11
N ASN D 755 -25.95 -6.45 34.19
CA ASN D 755 -26.70 -7.61 34.58
C ASN D 755 -26.88 -8.60 33.43
N LEU D 756 -26.76 -8.14 32.19
CA LEU D 756 -26.85 -9.01 31.04
C LEU D 756 -25.54 -9.67 30.69
N TYR D 757 -24.44 -9.21 31.30
CA TYR D 757 -23.24 -10.03 31.40
C TYR D 757 -23.52 -11.30 32.16
N ASP D 758 -24.27 -11.19 33.25
CA ASP D 758 -24.57 -12.31 34.11
C ASP D 758 -25.65 -13.19 33.51
N ASP D 759 -26.51 -12.63 32.67
CA ASP D 759 -27.63 -13.36 32.10
C ASP D 759 -27.27 -13.98 30.76
N TYR D 760 -26.04 -13.84 30.30
CA TYR D 760 -25.55 -14.59 29.14
C TYR D 760 -24.46 -15.58 29.49
N GLY D 761 -24.05 -15.63 30.75
CA GLY D 761 -23.03 -16.61 31.13
C GLY D 761 -21.69 -16.33 30.51
N MET D 762 -21.38 -15.05 30.30
CA MET D 762 -20.13 -14.66 29.66
C MET D 762 -18.94 -14.85 30.59
N ASP D 763 -19.19 -15.14 31.87
CA ASP D 763 -18.19 -15.48 32.86
C ASP D 763 -17.54 -16.83 32.58
N ASN D 764 -18.10 -17.61 31.66
CA ASN D 764 -17.37 -18.71 31.04
C ASN D 764 -16.06 -18.24 30.42
N PHE D 765 -16.02 -17.00 29.95
CA PHE D 765 -14.88 -16.49 29.18
C PHE D 765 -14.33 -15.22 29.82
N PRO D 766 -13.47 -15.34 30.82
CA PRO D 766 -12.70 -14.19 31.26
C PRO D 766 -11.59 -13.90 30.26
N ASN D 767 -11.76 -12.84 29.47
CA ASN D 767 -10.84 -12.60 28.37
C ASN D 767 -9.60 -11.84 28.80
N GLY D 768 -9.77 -10.65 29.37
CA GLY D 768 -8.61 -9.88 29.77
C GLY D 768 -8.41 -9.99 31.26
N PHE D 769 -8.00 -8.91 31.91
CA PHE D 769 -7.66 -8.98 33.31
C PHE D 769 -7.76 -7.60 33.92
N ASN D 770 -7.39 -7.49 35.19
CA ASN D 770 -7.49 -6.26 35.95
C ASN D 770 -6.10 -5.76 36.28
N ALA D 771 -6.00 -4.45 36.48
CA ALA D 771 -4.69 -3.87 36.64
C ALA D 771 -4.84 -2.57 37.41
N VAL D 772 -3.81 -2.25 38.21
CA VAL D 772 -3.85 -1.00 38.94
C VAL D 772 -3.47 0.13 38.00
N VAL D 773 -4.50 0.70 37.39
CA VAL D 773 -4.35 1.79 36.43
C VAL D 773 -4.02 3.05 37.21
N ALA D 774 -2.82 3.58 37.02
CA ALA D 774 -2.41 4.84 37.62
C ALA D 774 -2.44 5.89 36.52
N VAL D 775 -3.52 6.66 36.47
CA VAL D 775 -3.71 7.67 35.43
C VAL D 775 -2.73 8.80 35.72
N ILE D 776 -1.63 8.84 34.96
CA ILE D 776 -0.52 9.72 35.29
C ILE D 776 0.32 9.88 34.03
N SER D 777 0.98 11.02 33.91
CA SER D 777 2.00 11.20 32.88
C SER D 777 3.37 11.19 33.53
N TYR D 778 3.55 10.26 34.48
CA TYR D 778 4.72 10.22 35.34
C TYR D 778 6.05 10.00 34.64
N THR D 779 6.23 8.80 34.07
CA THR D 779 7.58 8.41 33.68
C THR D 779 8.00 9.04 32.37
N GLY D 780 7.05 9.49 31.56
CA GLY D 780 7.33 10.29 30.40
C GLY D 780 7.52 9.56 29.10
N TYR D 781 7.02 8.34 28.96
CA TYR D 781 6.95 7.72 27.64
C TYR D 781 5.50 7.70 27.17
N ASP D 782 4.76 8.72 27.58
CA ASP D 782 3.31 8.68 27.66
C ASP D 782 2.84 9.68 26.61
N MET D 783 2.74 9.20 25.36
CA MET D 783 2.23 10.05 24.25
C MET D 783 0.88 9.51 23.77
N ASP D 784 -0.19 10.27 24.04
CA ASP D 784 -1.60 10.03 23.63
C ASP D 784 -2.17 8.70 24.17
N ASP D 785 -1.76 7.60 23.52
CA ASP D 785 -2.22 6.21 23.81
C ASP D 785 -1.06 5.24 24.11
N ALA D 786 0.12 5.71 24.52
CA ALA D 786 1.25 4.81 24.85
C ALA D 786 1.16 4.30 26.29
N MET D 787 1.55 3.05 26.53
CA MET D 787 1.55 2.46 27.85
C MET D 787 2.98 2.14 28.26
N ILE D 788 3.26 2.22 29.56
CA ILE D 788 4.46 1.59 30.08
C ILE D 788 3.96 0.53 31.04
N ILE D 789 4.76 -0.53 31.23
CA ILE D 789 4.29 -1.69 31.95
C ILE D 789 5.30 -2.04 33.02
N ASN D 790 4.82 -2.73 34.03
CA ASN D 790 5.62 -3.29 35.11
C ASN D 790 6.39 -4.49 34.59
N LYS D 791 7.72 -4.45 34.69
CA LYS D 791 8.50 -5.64 34.37
C LYS D 791 8.38 -6.67 35.48
N SER D 792 8.32 -6.23 36.73
CA SER D 792 8.12 -7.13 37.85
C SER D 792 6.68 -7.58 38.01
N ALA D 793 5.75 -7.07 37.20
CA ALA D 793 4.54 -7.82 36.98
C ALA D 793 4.58 -8.62 35.69
N ASP D 794 5.46 -8.26 34.76
CA ASP D 794 5.67 -9.11 33.60
C ASP D 794 6.37 -10.40 34.00
N GLU D 795 7.12 -10.37 35.10
CA GLU D 795 7.70 -11.60 35.63
C GLU D 795 6.66 -12.53 36.21
N ARG D 796 5.47 -12.03 36.54
CA ARG D 796 4.34 -12.92 36.74
C ARG D 796 3.93 -13.58 35.43
N GLY D 797 4.22 -12.97 34.30
CA GLY D 797 3.55 -13.39 33.09
C GLY D 797 2.29 -12.57 32.96
N PHE D 798 2.47 -11.26 32.84
CA PHE D 798 1.40 -10.31 33.04
C PHE D 798 0.38 -10.38 31.92
N GLY D 799 -0.68 -11.16 32.13
CA GLY D 799 -1.66 -11.40 31.10
C GLY D 799 -1.08 -12.24 30.01
N TYR D 800 -0.69 -13.46 30.35
CA TYR D 800 0.10 -14.30 29.47
C TYR D 800 -0.78 -14.96 28.41
N GLY D 801 -0.51 -14.67 27.15
CA GLY D 801 -1.27 -15.23 26.06
C GLY D 801 -0.48 -16.24 25.26
N THR D 802 -1.17 -17.04 24.44
CA THR D 802 -0.55 -18.06 23.61
C THR D 802 -1.22 -18.06 22.25
N MET D 803 -0.61 -18.77 21.31
CA MET D 803 -1.21 -18.93 19.98
C MET D 803 -0.89 -20.31 19.42
N TYR D 804 -1.78 -20.78 18.55
CA TYR D 804 -1.69 -22.10 17.95
C TYR D 804 -1.40 -22.00 16.46
N LYS D 805 -0.61 -22.95 15.95
CA LYS D 805 -0.43 -23.11 14.50
C LYS D 805 -0.47 -24.61 14.20
N THR D 806 -1.67 -25.12 13.96
CA THR D 806 -1.84 -26.54 13.65
C THR D 806 -1.37 -26.79 12.23
N GLU D 807 -0.18 -27.38 12.11
CA GLU D 807 0.31 -27.74 10.79
C GLU D 807 -0.35 -29.04 10.34
N LYS D 808 0.07 -29.53 9.18
CA LYS D 808 -0.45 -30.77 8.61
C LYS D 808 0.64 -31.28 7.69
N VAL D 809 0.48 -32.52 7.22
CA VAL D 809 1.35 -33.01 6.16
C VAL D 809 0.55 -33.87 5.17
N ASP D 810 0.42 -33.35 3.94
CA ASP D 810 -0.33 -34.00 2.88
C ASP D 810 0.68 -34.60 1.91
N LEU D 811 0.40 -35.81 1.42
CA LEU D 811 1.39 -36.58 0.69
C LEU D 811 0.85 -36.97 -0.68
N ALA D 812 1.53 -36.48 -1.73
CA ALA D 812 1.28 -36.84 -3.13
C ALA D 812 -0.15 -36.53 -3.57
N LEU D 813 -0.66 -35.40 -3.10
CA LEU D 813 -1.95 -34.80 -3.52
C LEU D 813 -3.15 -35.70 -3.26
N ASP D 819 -3.90 -45.84 -8.23
CA ASP D 819 -2.51 -46.03 -7.83
C ASP D 819 -2.43 -46.54 -6.39
N PRO D 820 -1.55 -47.50 -6.15
CA PRO D 820 -1.35 -47.98 -4.77
C PRO D 820 -0.59 -46.96 -3.94
N ILE D 821 -0.77 -47.06 -2.63
CA ILE D 821 -0.20 -46.09 -1.70
C ILE D 821 1.31 -46.31 -1.59
N THR D 822 2.07 -45.24 -1.80
CA THR D 822 3.53 -45.32 -1.89
C THR D 822 4.21 -44.22 -1.08
N GLN D 823 3.64 -43.87 0.07
CA GLN D 823 4.22 -42.85 0.94
C GLN D 823 3.97 -43.29 2.38
N HIS D 824 5.05 -43.45 3.14
CA HIS D 824 4.98 -44.21 4.37
C HIS D 824 5.69 -43.48 5.51
N PHE D 825 4.99 -43.33 6.63
CA PHE D 825 5.55 -42.63 7.77
C PHE D 825 6.49 -43.53 8.54
N GLY D 826 7.54 -42.94 9.07
CA GLY D 826 8.53 -43.70 9.79
C GLY D 826 9.76 -43.95 8.97
N PHE D 827 10.50 -44.97 9.38
CA PHE D 827 11.74 -45.34 8.74
C PHE D 827 11.61 -46.75 8.18
N GLY D 828 12.36 -47.00 7.12
CA GLY D 828 12.33 -48.30 6.51
C GLY D 828 13.58 -49.08 6.85
N ASN D 829 14.57 -48.99 5.97
CA ASN D 829 15.76 -49.81 6.11
C ASN D 829 17.02 -49.14 5.58
N ASP D 830 16.94 -47.93 5.05
CA ASP D 830 18.13 -47.17 4.75
C ASP D 830 18.75 -46.62 6.02
N GLU D 831 19.94 -46.03 5.89
CA GLU D 831 20.55 -45.31 7.01
C GLU D 831 20.40 -43.82 6.77
N TRP D 832 19.49 -43.23 7.49
CA TRP D 832 19.28 -41.80 7.57
C TRP D 832 20.33 -41.18 8.49
N PRO D 833 20.81 -39.98 8.16
CA PRO D 833 21.88 -39.36 8.96
C PRO D 833 21.38 -39.01 10.35
N LYS D 834 22.09 -39.51 11.36
CA LYS D 834 21.65 -39.34 12.73
C LYS D 834 22.00 -37.97 13.28
N GLU D 835 21.94 -37.83 14.60
CA GLU D 835 21.99 -36.65 15.47
C GLU D 835 20.63 -35.94 15.50
N TRP D 836 19.69 -36.26 14.63
CA TRP D 836 18.31 -35.81 14.82
C TRP D 836 17.45 -36.94 15.37
N LEU D 837 18.06 -37.77 16.22
CA LEU D 837 17.30 -38.56 17.17
C LEU D 837 16.55 -37.69 18.15
N GLU D 838 17.05 -36.48 18.39
CA GLU D 838 16.66 -35.55 19.43
C GLU D 838 15.27 -34.96 19.22
N LYS D 839 14.58 -35.31 18.14
CA LYS D 839 13.23 -34.84 17.90
C LYS D 839 12.29 -35.93 17.43
N LEU D 840 12.79 -37.03 16.88
CA LEU D 840 11.96 -38.00 16.21
C LEU D 840 11.93 -39.33 16.94
N ASP D 841 10.73 -39.81 17.23
CA ASP D 841 10.54 -41.21 17.53
C ASP D 841 10.74 -42.02 16.25
N GLU D 842 11.06 -43.30 16.42
CA GLU D 842 11.35 -44.14 15.27
C GLU D 842 10.11 -44.49 14.45
N ASP D 843 8.92 -44.17 14.94
CA ASP D 843 7.72 -44.25 14.13
C ASP D 843 7.58 -43.09 13.15
N GLY D 844 8.51 -42.14 13.16
CA GLY D 844 8.47 -41.03 12.24
C GLY D 844 7.62 -39.86 12.68
N LEU D 845 6.83 -40.06 13.60
CA LEU D 845 6.17 -38.94 14.24
C LEU D 845 7.06 -38.41 15.35
N PRO D 846 7.06 -37.11 15.61
CA PRO D 846 7.92 -36.58 16.66
C PRO D 846 7.38 -36.85 18.05
N TYR D 847 7.98 -36.21 19.02
CA TYR D 847 7.69 -36.45 20.43
C TYR D 847 6.42 -35.70 20.81
N ILE D 848 6.18 -35.50 22.09
CA ILE D 848 5.25 -34.49 22.54
C ILE D 848 5.99 -33.57 23.51
N GLY D 849 5.95 -32.28 23.24
CA GLY D 849 6.62 -31.31 24.08
C GLY D 849 8.14 -31.31 23.93
N THR D 850 8.63 -30.92 22.76
CA THR D 850 10.03 -30.58 22.59
C THR D 850 10.12 -29.29 21.79
N TYR D 851 11.30 -28.68 21.84
CA TYR D 851 11.47 -27.31 21.36
C TYR D 851 11.93 -27.34 19.91
N VAL D 852 10.99 -27.09 19.00
CA VAL D 852 11.29 -27.04 17.59
C VAL D 852 11.92 -25.68 17.27
N GLU D 853 12.82 -25.68 16.29
CA GLU D 853 13.48 -24.47 15.85
C GLU D 853 13.34 -24.49 14.34
N GLU D 854 14.13 -23.68 13.65
CA GLU D 854 14.32 -23.84 12.22
C GLU D 854 15.68 -24.49 12.00
N GLY D 855 15.67 -25.68 11.39
CA GLY D 855 16.83 -26.55 11.39
C GLY D 855 16.54 -27.81 12.19
N ASP D 856 15.32 -28.30 12.09
CA ASP D 856 14.83 -29.38 12.94
C ASP D 856 13.75 -30.15 12.19
N PRO D 857 13.88 -31.46 12.06
CA PRO D 857 12.84 -32.26 11.40
C PRO D 857 11.55 -32.30 12.19
N ILE D 858 10.49 -32.68 11.49
CA ILE D 858 9.18 -32.89 12.12
C ILE D 858 8.69 -34.29 11.81
N CYS D 859 8.53 -34.61 10.54
CA CYS D 859 7.97 -35.89 10.12
C CYS D 859 8.94 -36.52 9.15
N ALA D 860 9.96 -37.18 9.68
CA ALA D 860 10.93 -37.85 8.83
C ALA D 860 10.34 -39.18 8.38
N TYR D 861 9.89 -39.24 7.12
CA TYR D 861 9.15 -40.41 6.69
C TYR D 861 9.88 -41.11 5.55
N PHE D 862 9.50 -42.37 5.35
CA PHE D 862 10.21 -43.30 4.46
C PHE D 862 9.52 -43.34 3.11
N ASP D 863 10.28 -43.03 2.06
CA ASP D 863 9.72 -42.92 0.72
C ASP D 863 9.46 -44.30 0.13
N ASP D 864 9.09 -44.30 -1.13
CA ASP D 864 8.95 -45.52 -1.90
C ASP D 864 9.64 -45.44 -3.25
N THR D 865 9.79 -44.23 -3.82
CA THR D 865 10.37 -44.09 -5.14
C THR D 865 11.88 -44.32 -5.17
N LEU D 866 12.55 -44.18 -4.02
CA LEU D 866 13.93 -44.59 -3.89
C LEU D 866 14.10 -45.52 -2.69
N ASN D 867 13.02 -45.73 -1.94
CA ASN D 867 13.02 -46.38 -0.63
C ASN D 867 14.04 -45.71 0.28
N LYS D 868 13.87 -44.41 0.44
CA LYS D 868 14.71 -43.61 1.30
C LYS D 868 13.84 -42.93 2.36
N THR D 869 14.49 -42.30 3.32
CA THR D 869 13.81 -41.51 4.34
C THR D 869 13.99 -40.04 4.02
N LYS D 870 12.91 -39.35 3.66
CA LYS D 870 13.01 -37.92 3.54
C LYS D 870 12.61 -37.27 4.86
N ILE D 871 12.98 -36.01 4.98
CA ILE D 871 12.93 -35.26 6.24
C ILE D 871 12.17 -33.97 5.97
N LYS D 872 11.19 -33.65 6.80
CA LYS D 872 10.39 -32.45 6.61
C LYS D 872 10.69 -31.47 7.74
N THR D 873 11.54 -30.48 7.45
CA THR D 873 11.96 -29.51 8.46
C THR D 873 10.90 -28.42 8.62
N TYR D 874 11.27 -27.35 9.32
CA TYR D 874 10.31 -26.37 9.82
C TYR D 874 10.34 -25.10 9.01
N HIS D 875 9.21 -24.77 8.38
CA HIS D 875 9.12 -23.64 7.45
C HIS D 875 8.27 -22.54 8.09
N SER D 876 8.92 -21.78 8.97
CA SER D 876 8.43 -20.63 9.74
C SER D 876 9.59 -20.18 10.62
N SER D 877 9.46 -18.98 11.18
CA SER D 877 10.53 -18.53 12.08
C SER D 877 10.30 -19.06 13.50
N GLU D 878 9.31 -18.49 14.22
CA GLU D 878 8.50 -19.02 15.33
C GLU D 878 9.07 -20.15 16.17
N PRO D 879 10.14 -19.93 16.94
CA PRO D 879 10.72 -21.05 17.71
C PRO D 879 9.80 -21.49 18.83
N ALA D 880 9.12 -22.62 18.63
CA ALA D 880 7.98 -23.00 19.44
C ALA D 880 8.17 -24.41 19.98
N TYR D 881 7.10 -24.93 20.58
CA TYR D 881 7.06 -26.29 21.08
C TYR D 881 6.03 -27.06 20.27
N ILE D 882 6.02 -28.38 20.46
CA ILE D 882 5.23 -29.30 19.64
C ILE D 882 4.27 -30.06 20.54
N GLU D 883 2.99 -30.12 20.15
CA GLU D 883 1.95 -30.49 21.10
C GLU D 883 1.19 -31.76 20.76
N GLU D 884 0.45 -31.81 19.66
CA GLU D 884 -0.56 -32.83 19.45
C GLU D 884 -0.26 -33.61 18.18
N VAL D 885 -0.69 -34.86 18.12
CA VAL D 885 -0.52 -35.67 16.91
C VAL D 885 -1.84 -36.38 16.64
N ASN D 886 -2.49 -36.03 15.55
CA ASN D 886 -3.70 -36.70 15.08
C ASN D 886 -3.37 -37.52 13.83
N LEU D 887 -4.08 -38.62 13.65
CA LEU D 887 -3.82 -39.55 12.56
C LEU D 887 -5.10 -39.73 11.75
N ILE D 888 -5.11 -39.21 10.52
CA ILE D 888 -6.29 -39.18 9.68
C ILE D 888 -6.06 -40.11 8.49
N GLY D 889 -7.06 -40.94 8.18
CA GLY D 889 -7.04 -41.72 6.97
C GLY D 889 -8.41 -41.81 6.35
N ASP D 890 -8.70 -42.89 5.65
CA ASP D 890 -10.02 -43.08 5.04
C ASP D 890 -10.68 -44.33 5.57
N GLU D 891 -11.86 -44.15 6.18
CA GLU D 891 -12.85 -45.20 6.34
C GLU D 891 -13.17 -45.71 4.94
N SER D 892 -12.69 -46.91 4.63
CA SER D 892 -12.81 -47.47 3.30
C SER D 892 -12.76 -48.97 3.44
N ASN D 893 -13.66 -49.66 2.74
CA ASN D 893 -13.72 -51.12 2.84
C ASN D 893 -12.49 -51.76 2.24
N LYS D 894 -11.88 -51.13 1.24
CA LYS D 894 -10.55 -51.50 0.78
C LYS D 894 -9.59 -50.54 1.50
N PHE D 895 -9.31 -50.89 2.75
CA PHE D 895 -8.75 -49.94 3.70
C PHE D 895 -7.27 -49.71 3.44
N GLN D 896 -6.86 -48.46 3.56
CA GLN D 896 -5.50 -48.05 3.26
C GLN D 896 -4.75 -47.72 4.54
N GLU D 897 -3.43 -47.74 4.45
CA GLU D 897 -2.60 -47.27 5.55
C GLU D 897 -2.76 -45.75 5.66
N LEU D 898 -2.74 -45.24 6.90
CA LEU D 898 -3.10 -43.85 7.14
C LEU D 898 -2.03 -42.91 6.60
N GLN D 899 -2.47 -41.85 5.92
CA GLN D 899 -1.59 -41.02 5.11
C GLN D 899 -1.73 -39.52 5.42
N THR D 900 -2.43 -39.15 6.48
CA THR D 900 -2.64 -37.74 6.82
C THR D 900 -2.47 -37.54 8.32
N VAL D 901 -1.54 -36.66 8.69
CA VAL D 901 -1.29 -36.30 10.08
C VAL D 901 -1.55 -34.81 10.23
N SER D 902 -2.35 -34.44 11.22
CA SER D 902 -2.62 -33.03 11.51
C SER D 902 -2.03 -32.71 12.87
N ILE D 903 -0.84 -32.14 12.87
CA ILE D 903 -0.08 -31.86 14.08
C ILE D 903 -0.32 -30.42 14.53
N LYS D 904 -0.62 -30.26 15.81
CA LYS D 904 -0.93 -28.97 16.41
C LYS D 904 0.28 -28.39 17.11
N TYR D 905 0.55 -27.11 16.87
CA TYR D 905 1.53 -26.38 17.65
C TYR D 905 0.83 -25.44 18.61
N ARG D 906 1.61 -24.99 19.58
CA ARG D 906 1.23 -23.94 20.51
C ARG D 906 2.44 -23.06 20.69
N ILE D 907 2.31 -21.78 20.34
CA ILE D 907 3.44 -20.87 20.34
C ILE D 907 3.29 -19.93 21.51
N ARG D 908 4.37 -19.79 22.26
CA ARG D 908 4.37 -19.24 23.62
C ARG D 908 4.68 -17.75 23.51
N ARG D 909 3.63 -16.93 23.52
CA ARG D 909 3.72 -15.52 23.15
C ARG D 909 3.76 -14.64 24.40
N THR D 910 4.97 -14.27 24.82
CA THR D 910 5.17 -13.34 25.93
C THR D 910 4.75 -11.93 25.49
N PRO D 911 4.11 -11.15 26.38
CA PRO D 911 3.85 -9.74 26.02
C PRO D 911 5.13 -8.92 26.00
N GLN D 912 5.63 -8.62 24.81
CA GLN D 912 6.80 -7.78 24.60
C GLN D 912 6.37 -6.41 24.12
N ILE D 913 7.30 -5.45 24.17
CA ILE D 913 6.95 -4.07 23.85
C ILE D 913 6.64 -3.95 22.36
N GLY D 914 5.63 -3.17 22.07
CA GLY D 914 5.02 -3.21 20.76
C GLY D 914 3.82 -4.11 20.67
N ASP D 915 3.32 -4.63 21.78
CA ASP D 915 2.05 -5.35 21.74
C ASP D 915 0.89 -4.36 21.87
N LYS D 916 -0.34 -4.85 21.90
CA LYS D 916 -1.50 -3.97 21.95
C LYS D 916 -2.41 -4.33 23.10
N PHE D 917 -2.72 -3.34 23.94
CA PHE D 917 -3.73 -3.43 24.97
C PHE D 917 -4.89 -2.49 24.64
N SER D 918 -6.01 -2.72 25.30
CA SER D 918 -7.17 -1.86 25.14
C SER D 918 -8.05 -1.98 26.37
N SER D 919 -8.37 -0.85 26.97
CA SER D 919 -9.37 -0.86 28.00
C SER D 919 -10.74 -1.03 27.37
N ARG D 920 -11.70 -1.40 28.20
CA ARG D 920 -13.05 -1.69 27.74
C ARG D 920 -13.92 -0.47 27.59
N HIS D 921 -13.34 0.74 27.50
CA HIS D 921 -14.16 1.94 27.51
C HIS D 921 -14.01 2.81 26.27
N GLY D 922 -13.06 2.52 25.38
CA GLY D 922 -12.95 3.32 24.18
C GLY D 922 -11.57 3.54 23.59
N GLN D 923 -10.51 3.20 24.31
CA GLN D 923 -9.18 3.56 23.87
C GLN D 923 -8.33 2.33 23.66
N LYS D 924 -7.38 2.47 22.75
CA LYS D 924 -6.40 1.46 22.37
C LYS D 924 -5.05 1.85 22.94
N GLY D 925 -4.01 1.16 22.52
CA GLY D 925 -2.70 1.60 22.94
C GLY D 925 -1.60 0.66 22.52
N VAL D 926 -0.45 0.85 23.16
CA VAL D 926 0.73 0.04 22.94
C VAL D 926 1.63 0.16 24.16
N CYS D 927 2.19 -0.95 24.62
CA CYS D 927 3.21 -0.87 25.64
C CYS D 927 4.50 -0.34 25.03
N SER D 928 5.20 0.50 25.77
CA SER D 928 6.38 1.15 25.22
C SER D 928 7.67 0.61 25.82
N ARG D 929 7.86 0.70 27.13
CA ARG D 929 9.05 0.20 27.78
C ARG D 929 8.59 -0.72 28.90
N LYS D 930 9.49 -1.54 29.40
CA LYS D 930 9.14 -2.54 30.39
C LYS D 930 10.02 -2.29 31.61
N TRP D 931 9.55 -1.40 32.50
CA TRP D 931 10.34 -1.10 33.68
C TRP D 931 9.64 -1.62 34.93
N PRO D 932 10.38 -2.17 35.88
CA PRO D 932 9.75 -2.72 37.09
C PRO D 932 9.18 -1.70 38.06
N THR D 933 8.83 -2.18 39.26
CA THR D 933 8.34 -1.36 40.37
C THR D 933 9.41 -0.46 40.98
N ILE D 934 10.62 -0.51 40.43
CA ILE D 934 11.72 0.33 40.86
C ILE D 934 11.38 1.81 40.72
N ASP D 935 10.93 2.20 39.53
CA ASP D 935 10.69 3.60 39.25
C ASP D 935 9.26 3.83 38.79
N MET D 936 8.37 3.03 39.22
CA MET D 936 6.99 3.47 39.17
C MET D 936 6.66 4.15 40.49
N PRO D 937 5.61 4.99 40.54
CA PRO D 937 5.33 5.71 41.80
C PRO D 937 4.84 4.79 42.90
N PHE D 938 5.75 4.51 43.84
CA PHE D 938 5.42 3.66 44.96
C PHE D 938 4.58 4.43 45.95
N SER D 939 3.57 3.78 46.48
CA SER D 939 2.57 4.48 47.25
C SER D 939 2.99 4.65 48.71
N GLU D 940 2.21 5.45 49.41
CA GLU D 940 2.28 5.49 50.86
C GLU D 940 1.87 4.15 51.46
N THR D 941 0.89 3.48 50.84
CA THR D 941 0.38 2.22 51.38
C THR D 941 1.37 1.09 51.15
N GLY D 942 1.88 0.99 49.94
CA GLY D 942 2.74 -0.11 49.57
C GLY D 942 2.57 -0.49 48.11
N ILE D 943 1.41 -0.16 47.55
CA ILE D 943 1.07 -0.63 46.23
C ILE D 943 1.88 0.11 45.17
N GLN D 944 2.04 -0.53 44.03
CA GLN D 944 2.73 0.03 42.90
C GLN D 944 1.68 0.24 41.83
N PRO D 945 2.01 0.85 40.70
CA PRO D 945 1.19 0.65 39.51
C PRO D 945 1.57 -0.69 38.89
N ASP D 946 0.93 -1.00 37.79
CA ASP D 946 1.47 -1.98 36.88
C ASP D 946 1.41 -1.55 35.44
N ILE D 947 0.47 -0.69 35.08
CA ILE D 947 0.44 -0.01 33.81
C ILE D 947 0.39 1.48 34.13
N ILE D 948 0.76 2.30 33.16
CA ILE D 948 0.59 3.75 33.23
C ILE D 948 -0.13 4.20 31.97
N ILE D 949 -1.23 4.91 32.14
CA ILE D 949 -2.06 5.30 31.02
C ILE D 949 -1.98 6.81 30.88
N ASN D 950 -2.22 7.31 29.68
CA ASN D 950 -2.13 8.73 29.40
C ASN D 950 -3.22 9.53 30.09
N PRO D 951 -2.89 10.69 30.67
CA PRO D 951 -3.87 11.77 30.76
C PRO D 951 -4.14 12.38 29.40
N HIS D 952 -3.24 12.20 28.45
CA HIS D 952 -3.25 12.82 27.14
C HIS D 952 -4.10 12.07 26.13
N ALA D 953 -5.10 11.33 26.56
CA ALA D 953 -6.15 10.90 25.65
C ALA D 953 -7.47 11.60 25.89
N PHE D 954 -7.76 11.92 27.14
CA PHE D 954 -9.03 12.46 27.58
C PHE D 954 -9.37 13.84 27.03
N PRO D 955 -8.42 14.73 26.71
CA PRO D 955 -8.81 15.85 25.86
C PRO D 955 -9.20 15.42 24.46
N SER D 956 -8.40 14.54 23.83
CA SER D 956 -8.69 14.14 22.46
C SER D 956 -9.87 13.19 22.41
N ARG D 957 -9.76 12.04 23.09
CA ARG D 957 -10.82 10.99 23.07
C ARG D 957 -12.12 11.38 23.81
N MET D 958 -12.01 12.08 24.93
CA MET D 958 -13.10 12.30 25.89
C MET D 958 -13.86 10.99 26.16
N THR D 959 -13.17 10.13 26.87
CA THR D 959 -13.75 8.96 27.52
C THR D 959 -13.69 9.22 29.01
N ILE D 960 -14.83 9.57 29.62
CA ILE D 960 -14.84 9.83 31.05
C ILE D 960 -15.31 8.63 31.83
N GLY D 961 -15.75 7.57 31.15
CA GLY D 961 -16.04 6.34 31.84
C GLY D 961 -14.82 5.75 32.49
N MET D 962 -13.68 5.84 31.82
CA MET D 962 -12.44 5.33 32.38
C MET D 962 -11.89 6.23 33.47
N PHE D 963 -12.28 7.50 33.50
CA PHE D 963 -12.12 8.27 34.73
C PHE D 963 -12.95 7.65 35.84
N VAL D 964 -14.25 7.58 35.63
CA VAL D 964 -15.16 7.40 36.75
C VAL D 964 -15.16 5.95 37.23
N GLU D 965 -14.68 5.01 36.42
CA GLU D 965 -14.69 3.63 36.85
C GLU D 965 -13.40 3.21 37.54
N SER D 966 -12.33 3.98 37.43
CA SER D 966 -11.21 3.71 38.31
C SER D 966 -11.48 4.17 39.74
N LEU D 967 -12.49 5.02 39.95
CA LEU D 967 -13.03 5.18 41.29
C LEU D 967 -13.60 3.86 41.80
N ALA D 968 -14.28 3.13 40.92
CA ALA D 968 -15.21 2.11 41.38
C ALA D 968 -14.49 0.90 41.94
N GLY D 969 -13.23 0.70 41.61
CA GLY D 969 -12.51 -0.38 42.24
C GLY D 969 -12.23 -0.17 43.70
N LYS D 970 -12.15 1.09 44.14
CA LYS D 970 -12.16 1.32 45.57
C LYS D 970 -13.51 0.94 46.17
N ALA D 971 -14.60 1.09 45.42
CA ALA D 971 -15.91 0.69 45.88
C ALA D 971 -16.31 -0.68 45.37
N GLY D 972 -15.40 -1.42 44.75
CA GLY D 972 -15.78 -2.74 44.30
C GLY D 972 -14.73 -3.80 44.53
N ALA D 973 -13.55 -3.40 44.96
CA ALA D 973 -12.48 -4.35 45.25
C ALA D 973 -11.80 -4.12 46.57
N LEU D 974 -11.78 -2.90 47.08
CA LEU D 974 -11.34 -2.72 48.46
C LEU D 974 -12.32 -3.37 49.41
N HIS D 975 -13.59 -2.99 49.31
CA HIS D 975 -14.65 -3.72 49.99
C HIS D 975 -14.99 -5.02 49.27
N GLY D 976 -14.68 -5.11 47.98
CA GLY D 976 -14.92 -6.33 47.24
C GLY D 976 -16.34 -6.56 46.81
N ILE D 977 -17.30 -5.80 47.34
CA ILE D 977 -18.69 -6.03 47.02
C ILE D 977 -18.99 -5.60 45.58
N ALA D 978 -19.91 -6.32 44.95
CA ALA D 978 -20.11 -6.23 43.51
C ALA D 978 -20.82 -4.95 43.13
N GLN D 979 -20.38 -4.35 42.04
CA GLN D 979 -20.97 -3.13 41.51
C GLN D 979 -21.25 -3.31 40.03
N ASP D 980 -22.30 -2.64 39.56
CA ASP D 980 -22.96 -3.00 38.32
C ASP D 980 -23.11 -1.74 37.49
N SER D 981 -22.49 -1.70 36.31
CA SER D 981 -22.56 -0.51 35.48
C SER D 981 -23.97 -0.32 34.94
N THR D 982 -24.41 -1.23 34.03
CA THR D 982 -25.69 -1.37 33.33
C THR D 982 -26.34 -0.01 33.07
N PRO D 983 -25.70 0.84 32.24
CA PRO D 983 -25.92 2.29 32.29
C PRO D 983 -27.34 2.68 31.95
N TRP D 984 -27.63 3.97 32.19
CA TRP D 984 -28.93 4.57 32.49
C TRP D 984 -29.46 4.08 33.84
N ILE D 985 -28.65 4.25 34.88
CA ILE D 985 -29.13 4.06 36.25
C ILE D 985 -28.80 5.29 37.08
N PHE D 986 -27.97 6.16 36.53
CA PHE D 986 -27.54 7.39 37.18
C PHE D 986 -28.22 8.57 36.51
N ASN D 987 -28.58 9.57 37.30
CA ASN D 987 -29.00 10.84 36.74
C ASN D 987 -28.33 11.94 37.55
N GLU D 988 -28.81 13.16 37.35
CA GLU D 988 -28.28 14.33 38.04
C GLU D 988 -28.61 14.34 39.53
N ASP D 989 -29.51 13.49 40.00
CA ASP D 989 -29.70 13.29 41.42
C ASP D 989 -28.74 12.27 42.00
N ASP D 990 -28.09 11.46 41.17
CA ASP D 990 -27.16 10.47 41.70
C ASP D 990 -26.03 10.28 40.67
N THR D 991 -25.06 11.12 40.76
CA THR D 991 -23.94 10.96 39.86
C THR D 991 -22.94 10.00 40.48
N PRO D 992 -22.19 9.27 39.65
CA PRO D 992 -21.20 8.34 40.19
C PRO D 992 -19.98 8.98 40.84
N ALA D 993 -19.86 10.30 40.82
CA ALA D 993 -18.97 10.93 41.77
C ALA D 993 -19.55 10.85 43.17
N ASP D 994 -20.86 11.10 43.28
CA ASP D 994 -21.53 11.00 44.57
C ASP D 994 -21.66 9.55 45.01
N TYR D 995 -22.22 8.71 44.14
CA TYR D 995 -22.62 7.38 44.56
C TYR D 995 -21.42 6.48 44.82
N PHE D 996 -20.34 6.67 44.10
CA PHE D 996 -19.12 5.98 44.44
C PHE D 996 -18.29 6.79 45.41
N GLY D 997 -18.72 7.99 45.77
CA GLY D 997 -18.04 8.75 46.79
C GLY D 997 -18.71 8.57 48.13
N GLU D 998 -20.05 8.44 48.13
CA GLU D 998 -20.75 8.23 49.39
C GLU D 998 -20.52 6.83 49.93
N GLN D 999 -20.21 5.87 49.06
CA GLN D 999 -19.71 4.60 49.53
C GLN D 999 -18.28 4.74 49.99
N LEU D 1000 -17.48 5.51 49.25
CA LEU D 1000 -16.13 5.84 49.66
C LEU D 1000 -16.11 6.76 50.86
N ALA D 1001 -17.21 7.45 51.14
CA ALA D 1001 -17.36 8.13 52.41
C ALA D 1001 -17.37 7.12 53.56
N LYS D 1002 -18.12 6.03 53.40
CA LYS D 1002 -18.09 5.03 54.47
C LYS D 1002 -16.84 4.16 54.36
N ALA D 1003 -16.29 4.01 53.15
CA ALA D 1003 -14.94 3.47 53.05
C ALA D 1003 -13.90 4.46 53.53
N GLY D 1004 -14.27 5.72 53.72
CA GLY D 1004 -13.44 6.69 54.39
C GLY D 1004 -12.50 7.40 53.46
N TYR D 1005 -12.31 6.74 52.29
CA TYR D 1005 -11.37 7.06 51.19
C TYR D 1005 -11.75 8.36 50.48
N ASN D 1006 -10.80 8.92 49.72
CA ASN D 1006 -11.04 10.23 49.12
C ASN D 1006 -12.19 10.25 48.12
N TYR D 1007 -13.00 11.29 48.21
CA TYR D 1007 -14.09 11.48 47.29
C TYR D 1007 -13.61 11.70 45.86
N HIS D 1008 -12.41 12.22 45.69
CA HIS D 1008 -11.74 12.25 44.40
C HIS D 1008 -11.03 10.93 44.11
N GLY D 1009 -10.76 10.13 45.12
CA GLY D 1009 -10.18 8.83 44.94
C GLY D 1009 -8.69 8.83 44.71
N ASN D 1010 -8.06 9.99 44.64
CA ASN D 1010 -6.66 10.04 44.29
C ASN D 1010 -5.79 9.62 45.47
N GLU D 1011 -4.63 9.07 45.16
CA GLU D 1011 -3.70 8.61 46.17
C GLU D 1011 -2.40 9.36 46.04
N PRO D 1012 -1.92 9.95 47.12
CA PRO D 1012 -0.64 10.66 47.05
C PRO D 1012 0.55 9.73 46.94
N MET D 1013 1.10 9.63 45.74
CA MET D 1013 2.25 8.78 45.55
C MET D 1013 3.52 9.50 45.95
N TYR D 1014 4.61 8.78 45.86
CA TYR D 1014 5.94 9.36 45.91
C TYR D 1014 6.55 9.24 44.51
N SER D 1015 7.81 9.61 44.38
CA SER D 1015 8.51 9.53 43.11
C SER D 1015 9.34 8.26 43.07
N GLY D 1016 9.15 7.46 42.03
CA GLY D 1016 9.84 6.18 41.93
C GLY D 1016 11.33 6.30 41.77
N ALA D 1017 11.80 7.42 41.21
CA ALA D 1017 13.22 7.64 41.01
C ALA D 1017 13.84 8.57 42.06
N THR D 1018 13.07 9.52 42.57
CA THR D 1018 13.60 10.51 43.49
C THR D 1018 13.22 10.23 44.93
N GLY D 1019 12.11 9.53 45.16
CA GLY D 1019 11.62 9.30 46.51
C GLY D 1019 10.75 10.40 47.04
N GLU D 1020 10.76 11.55 46.37
CA GLU D 1020 10.05 12.71 46.85
C GLU D 1020 8.56 12.57 46.61
N GLU D 1021 7.77 13.11 47.54
CA GLU D 1021 6.37 13.43 47.36
C GLU D 1021 6.11 14.12 46.04
N LEU D 1022 5.08 13.67 45.34
CA LEU D 1022 4.64 14.39 44.16
C LEU D 1022 3.78 15.57 44.59
N ARG D 1023 3.89 16.67 43.82
CA ARG D 1023 3.23 17.91 44.16
C ARG D 1023 1.71 17.82 44.06
N ALA D 1024 1.20 16.91 43.23
CA ALA D 1024 -0.22 16.65 43.16
C ALA D 1024 -0.53 15.29 43.77
N ASP D 1025 -1.73 15.15 44.31
CA ASP D 1025 -2.23 13.86 44.78
C ASP D 1025 -2.86 13.18 43.58
N ILE D 1026 -2.22 12.15 43.08
CA ILE D 1026 -2.50 11.69 41.74
C ILE D 1026 -3.57 10.61 41.77
N TYR D 1027 -4.32 10.55 40.69
CA TYR D 1027 -5.43 9.65 40.54
C TYR D 1027 -4.94 8.24 40.21
N VAL D 1028 -5.72 7.24 40.63
CA VAL D 1028 -5.35 5.84 40.47
C VAL D 1028 -6.63 5.00 40.46
N GLY D 1029 -6.52 3.74 40.10
CA GLY D 1029 -7.67 2.85 40.17
C GLY D 1029 -7.44 1.55 39.43
N VAL D 1030 -8.54 0.80 39.27
CA VAL D 1030 -8.51 -0.53 38.65
C VAL D 1030 -9.69 -0.71 37.72
N VAL D 1031 -9.42 -0.80 36.41
CA VAL D 1031 -10.44 -1.02 35.37
C VAL D 1031 -9.96 -2.16 34.47
N TYR D 1032 -10.88 -3.02 34.09
CA TYR D 1032 -10.60 -4.25 33.35
C TYR D 1032 -10.04 -3.95 31.97
N TYR D 1033 -8.79 -4.34 31.76
CA TYR D 1033 -8.16 -4.28 30.45
C TYR D 1033 -8.55 -5.47 29.58
N GLN D 1034 -7.96 -5.51 28.40
CA GLN D 1034 -8.03 -6.67 27.52
C GLN D 1034 -6.64 -6.93 26.98
N ARG D 1035 -6.51 -7.79 25.98
CA ARG D 1035 -5.28 -7.93 25.21
C ARG D 1035 -5.66 -8.49 23.86
N LEU D 1036 -4.93 -8.09 22.82
CA LEU D 1036 -5.48 -8.12 21.48
C LEU D 1036 -4.74 -9.07 20.56
N ARG D 1037 -5.38 -9.32 19.42
CA ARG D 1037 -4.93 -10.34 18.47
C ARG D 1037 -3.62 -9.94 17.80
N HIS D 1038 -3.31 -8.65 17.77
CA HIS D 1038 -2.26 -8.14 16.90
C HIS D 1038 -0.84 -8.38 17.38
N MET D 1039 0.06 -7.64 16.76
CA MET D 1039 1.49 -7.89 16.74
C MET D 1039 2.09 -7.88 18.13
N VAL D 1040 3.07 -8.76 18.33
CA VAL D 1040 4.01 -8.63 19.42
C VAL D 1040 5.39 -8.56 18.80
N ASN D 1041 5.72 -9.56 17.99
CA ASN D 1041 6.81 -9.51 17.02
C ASN D 1041 6.32 -10.14 15.73
N ASP D 1042 5.07 -9.86 15.39
CA ASP D 1042 4.41 -10.49 14.28
C ASP D 1042 4.70 -9.81 12.95
N LYS D 1043 4.90 -8.50 12.91
CA LYS D 1043 5.09 -7.82 11.62
C LYS D 1043 6.54 -7.92 11.15
N PHE D 1044 7.45 -7.21 11.84
CA PHE D 1044 8.88 -7.51 12.01
C PHE D 1044 9.60 -8.17 10.83
N GLN D 1045 9.81 -7.45 9.73
CA GLN D 1045 10.49 -8.07 8.60
C GLN D 1045 11.73 -7.30 8.20
N VAL D 1046 12.69 -8.03 7.63
CA VAL D 1046 13.94 -7.46 7.15
C VAL D 1046 14.41 -8.30 5.97
N ARG D 1047 15.08 -7.67 5.01
CA ARG D 1047 15.50 -8.35 3.80
C ARG D 1047 16.73 -7.63 3.25
N SER D 1048 17.91 -8.18 3.54
CA SER D 1048 19.11 -7.58 2.98
C SER D 1048 19.29 -8.02 1.55
N THR D 1049 19.59 -9.29 1.33
CA THR D 1049 19.61 -9.86 0.00
C THR D 1049 18.50 -10.90 -0.08
N GLY D 1050 17.79 -10.94 -1.20
CA GLY D 1050 16.55 -11.67 -1.22
C GLY D 1050 16.34 -12.61 -2.38
N PRO D 1051 15.40 -13.53 -2.22
CA PRO D 1051 14.97 -14.38 -3.35
C PRO D 1051 14.08 -13.59 -4.30
N VAL D 1052 14.64 -13.22 -5.45
CA VAL D 1052 14.00 -12.33 -6.40
C VAL D 1052 12.84 -13.02 -7.11
N ASN D 1053 12.03 -12.25 -7.81
CA ASN D 1053 11.20 -12.86 -8.84
C ASN D 1053 12.05 -13.04 -10.09
N SER D 1054 11.50 -13.71 -11.10
CA SER D 1054 12.24 -13.89 -12.34
C SER D 1054 11.55 -13.28 -13.56
N LEU D 1055 10.24 -13.07 -13.50
CA LEU D 1055 9.54 -12.34 -14.56
C LEU D 1055 9.94 -10.87 -14.58
N THR D 1056 10.38 -10.34 -13.44
CA THR D 1056 10.68 -8.93 -13.31
C THR D 1056 11.93 -8.63 -12.50
N MET D 1057 12.48 -9.62 -11.77
CA MET D 1057 13.52 -9.44 -10.75
C MET D 1057 13.12 -8.35 -9.76
N GLN D 1058 12.06 -8.65 -9.01
CA GLN D 1058 11.59 -7.82 -7.92
C GLN D 1058 11.35 -8.71 -6.72
N PRO D 1059 11.52 -8.18 -5.50
CA PRO D 1059 11.17 -8.95 -4.30
C PRO D 1059 9.69 -9.34 -4.24
N VAL D 1060 9.42 -10.29 -3.35
CA VAL D 1060 8.19 -11.07 -3.37
C VAL D 1060 7.14 -10.40 -2.50
N LYS D 1061 5.90 -10.35 -3.00
CA LYS D 1061 4.75 -9.92 -2.22
C LYS D 1061 4.54 -10.84 -1.01
N GLY D 1062 4.29 -10.24 0.14
CA GLY D 1062 3.93 -11.04 1.30
C GLY D 1062 5.12 -11.34 2.18
N ARG D 1063 4.84 -11.38 3.49
CA ARG D 1063 5.91 -11.45 4.48
C ARG D 1063 6.30 -12.87 4.84
N LYS D 1064 5.47 -13.87 4.51
CA LYS D 1064 5.82 -15.25 4.80
C LYS D 1064 6.97 -15.72 3.93
N ARG D 1065 7.01 -15.29 2.67
CA ARG D 1065 8.01 -15.76 1.73
C ARG D 1065 9.29 -14.94 1.81
N HIS D 1066 9.55 -14.32 2.96
CA HIS D 1066 10.69 -13.44 3.24
C HIS D 1066 10.69 -12.26 2.26
N GLY D 1067 9.60 -11.49 2.32
CA GLY D 1067 9.26 -10.55 1.28
C GLY D 1067 9.87 -9.17 1.46
N GLY D 1068 9.52 -8.29 0.51
CA GLY D 1068 10.00 -6.92 0.53
C GLY D 1068 8.85 -5.94 0.47
N ILE D 1069 9.19 -4.66 0.57
CA ILE D 1069 8.19 -3.62 0.76
C ILE D 1069 8.27 -2.63 -0.41
N ARG D 1070 7.17 -1.92 -0.64
CA ARG D 1070 6.89 -1.27 -1.92
C ARG D 1070 6.86 0.24 -1.78
N VAL D 1071 7.78 0.90 -2.48
CA VAL D 1071 7.64 2.32 -2.82
C VAL D 1071 6.39 2.49 -3.68
N GLY D 1072 5.51 3.40 -3.30
CA GLY D 1072 4.29 3.62 -4.02
C GLY D 1072 4.31 4.85 -4.90
N GLU D 1073 3.11 5.27 -5.33
CA GLU D 1073 2.96 6.54 -6.03
C GLU D 1073 3.34 7.72 -5.13
N MET D 1074 3.08 7.62 -3.83
CA MET D 1074 3.37 8.71 -2.90
C MET D 1074 4.66 8.50 -2.13
N GLU D 1075 5.40 7.43 -2.41
CA GLU D 1075 6.74 7.23 -1.87
C GLU D 1075 7.81 7.55 -2.90
N ARG D 1076 7.46 7.48 -4.19
CA ARG D 1076 8.23 8.16 -5.22
C ARG D 1076 8.25 9.66 -4.98
N ASP D 1077 7.18 10.19 -4.41
CA ASP D 1077 6.82 11.60 -4.37
C ASP D 1077 7.84 12.46 -3.65
N ALA D 1078 7.97 12.30 -2.33
CA ALA D 1078 8.84 13.14 -1.53
C ALA D 1078 10.29 12.76 -1.64
N LEU D 1079 10.59 11.68 -2.33
CA LEU D 1079 11.95 11.34 -2.70
C LEU D 1079 12.55 12.36 -3.65
N ILE D 1080 11.71 12.99 -4.48
CA ILE D 1080 12.15 14.03 -5.38
C ILE D 1080 11.55 15.38 -5.01
N GLY D 1081 10.77 15.45 -3.95
CA GLY D 1081 10.43 16.72 -3.34
C GLY D 1081 11.62 17.27 -2.58
N HIS D 1082 12.28 16.41 -1.82
CA HIS D 1082 13.63 16.71 -1.33
C HIS D 1082 14.59 16.83 -2.50
N GLY D 1083 14.29 16.16 -3.60
CA GLY D 1083 14.96 16.40 -4.83
C GLY D 1083 16.20 15.56 -5.04
N THR D 1084 16.70 14.94 -3.99
CA THR D 1084 17.98 14.26 -4.08
C THR D 1084 17.90 13.04 -4.99
N SER D 1085 18.86 12.95 -5.90
CA SER D 1085 18.82 12.01 -7.00
C SER D 1085 19.61 10.74 -6.76
N PHE D 1086 20.75 10.85 -6.09
CA PHE D 1086 21.49 9.64 -5.79
C PHE D 1086 20.79 8.80 -4.74
N LEU D 1087 19.94 9.40 -3.91
CA LEU D 1087 19.12 8.65 -2.98
C LEU D 1087 18.20 7.68 -3.70
N LEU D 1088 17.67 8.09 -4.85
CA LEU D 1088 16.81 7.21 -5.63
C LEU D 1088 17.59 6.44 -6.68
N GLN D 1089 18.83 6.85 -6.97
CA GLN D 1089 19.74 5.98 -7.70
C GLN D 1089 20.08 4.75 -6.88
N ASP D 1090 20.29 4.92 -5.59
CA ASP D 1090 20.51 3.79 -4.70
C ASP D 1090 19.20 3.07 -4.39
N ARG D 1091 18.07 3.70 -4.62
CA ARG D 1091 16.79 3.10 -4.24
C ARG D 1091 16.13 2.42 -5.42
N LEU D 1092 15.84 3.14 -6.49
CA LEU D 1092 14.90 2.61 -7.48
C LEU D 1092 15.63 1.84 -8.57
N LEU D 1093 16.95 2.05 -8.71
CA LEU D 1093 17.76 1.25 -9.61
C LEU D 1093 18.60 0.21 -8.90
N ASN D 1094 19.09 0.51 -7.70
CA ASN D 1094 19.99 -0.40 -6.99
C ASN D 1094 19.22 -1.25 -6.00
N SER D 1095 17.96 -1.56 -6.29
CA SER D 1095 17.22 -2.46 -5.44
C SER D 1095 17.74 -3.87 -5.65
N SER D 1096 17.48 -4.42 -6.84
CA SER D 1096 18.28 -5.55 -7.32
C SER D 1096 18.43 -5.49 -8.84
N ASP D 1097 18.11 -4.36 -9.46
CA ASP D 1097 17.79 -4.32 -10.87
C ASP D 1097 18.93 -3.77 -11.72
N TYR D 1098 20.03 -3.36 -11.11
CA TYR D 1098 21.21 -3.03 -11.90
C TYR D 1098 21.74 -4.29 -12.56
N THR D 1099 22.17 -4.14 -13.80
CA THR D 1099 22.98 -5.18 -14.45
C THR D 1099 23.82 -4.54 -15.53
N GLN D 1100 24.73 -5.35 -16.08
CA GLN D 1100 25.47 -4.98 -17.27
C GLN D 1100 24.82 -5.65 -18.48
N ALA D 1101 23.60 -5.23 -18.78
CA ALA D 1101 22.93 -5.71 -19.97
C ALA D 1101 23.61 -5.16 -21.22
N SER D 1102 23.41 -5.85 -22.33
CA SER D 1102 24.14 -5.58 -23.56
C SER D 1102 23.19 -5.20 -24.67
N VAL D 1103 23.56 -4.17 -25.42
CA VAL D 1103 22.67 -3.53 -26.39
C VAL D 1103 23.35 -3.51 -27.74
N CYS D 1104 22.74 -4.14 -28.73
CA CYS D 1104 23.17 -3.91 -30.11
C CYS D 1104 22.80 -2.49 -30.50
N ARG D 1105 23.78 -1.74 -30.97
CA ARG D 1105 23.60 -0.31 -31.20
C ARG D 1105 22.67 -0.07 -32.39
N GLU D 1106 23.11 -0.50 -33.56
CA GLU D 1106 22.57 -0.09 -34.85
C GLU D 1106 21.19 -0.70 -35.16
N CYS D 1107 20.64 -1.50 -34.26
CA CYS D 1107 19.20 -1.75 -34.26
C CYS D 1107 18.53 -1.33 -32.97
N GLY D 1108 19.27 -1.19 -31.86
CA GLY D 1108 18.70 -0.68 -30.63
C GLY D 1108 17.80 -1.64 -29.89
N SER D 1109 18.36 -2.74 -29.40
CA SER D 1109 17.57 -3.69 -28.61
C SER D 1109 18.49 -4.35 -27.59
N ILE D 1110 17.87 -5.02 -26.63
CA ILE D 1110 18.64 -5.72 -25.59
C ILE D 1110 18.31 -7.21 -25.69
N LEU D 1111 17.07 -7.52 -26.07
CA LEU D 1111 16.61 -8.89 -26.15
C LEU D 1111 17.16 -9.65 -27.35
N THR D 1112 17.91 -9.00 -28.22
CA THR D 1112 18.26 -9.62 -29.49
C THR D 1112 19.63 -10.28 -29.44
N THR D 1113 20.58 -9.66 -28.75
CA THR D 1113 21.97 -10.13 -28.77
C THR D 1113 22.14 -11.44 -28.01
N GLN D 1114 23.36 -11.96 -28.04
CA GLN D 1114 23.69 -13.21 -27.36
C GLN D 1114 25.06 -13.12 -26.72
N GLN D 1115 25.34 -14.10 -25.87
CA GLN D 1115 26.68 -14.52 -25.50
C GLN D 1115 26.80 -15.89 -26.13
N SER D 1116 27.27 -15.93 -27.37
CA SER D 1116 27.15 -17.12 -28.19
C SER D 1116 28.08 -18.22 -27.69
N VAL D 1117 27.60 -19.45 -27.77
CA VAL D 1117 28.41 -20.64 -27.51
C VAL D 1117 29.47 -20.74 -28.58
N PRO D 1118 30.73 -20.69 -28.19
CA PRO D 1118 31.78 -20.29 -29.12
C PRO D 1118 32.20 -21.38 -30.09
N ARG D 1119 33.28 -21.10 -30.81
CA ARG D 1119 33.97 -22.08 -31.64
C ARG D 1119 34.92 -22.85 -30.71
N ILE D 1120 35.81 -23.65 -31.30
CA ILE D 1120 36.64 -24.57 -30.52
C ILE D 1120 37.63 -23.81 -29.63
N GLY D 1121 38.31 -22.81 -30.16
CA GLY D 1121 39.24 -22.05 -29.35
C GLY D 1121 38.64 -20.74 -28.88
N SER D 1122 37.46 -20.40 -29.39
CA SER D 1122 36.91 -19.06 -29.23
C SER D 1122 36.46 -18.79 -27.80
N ILE D 1123 36.67 -17.54 -27.38
CA ILE D 1123 36.43 -17.09 -26.02
C ILE D 1123 35.65 -15.79 -26.12
N SER D 1124 34.60 -15.65 -25.31
CA SER D 1124 33.81 -14.43 -25.16
C SER D 1124 33.13 -14.04 -26.46
N THR D 1125 32.52 -15.01 -27.10
CA THR D 1125 31.80 -14.77 -28.35
C THR D 1125 30.47 -14.12 -28.04
N VAL D 1126 30.42 -12.80 -28.13
CA VAL D 1126 29.22 -12.00 -27.90
C VAL D 1126 28.87 -11.25 -29.18
N CYS D 1127 27.64 -11.45 -29.66
CA CYS D 1127 27.21 -10.87 -30.93
C CYS D 1127 25.69 -10.64 -30.89
N CYS D 1128 25.15 -10.20 -32.02
CA CYS D 1128 23.72 -9.97 -32.19
C CYS D 1128 23.21 -10.78 -33.36
N ARG D 1129 21.90 -11.00 -33.41
CA ARG D 1129 21.36 -11.75 -34.53
C ARG D 1129 20.58 -10.91 -35.53
N ARG D 1130 20.07 -9.75 -35.15
CA ARG D 1130 19.23 -8.98 -36.07
C ARG D 1130 20.06 -8.26 -37.12
N CYS D 1131 21.16 -7.66 -36.70
CA CYS D 1131 22.05 -6.96 -37.62
C CYS D 1131 22.99 -7.88 -38.35
N SER D 1132 22.90 -9.18 -38.10
CA SER D 1132 23.67 -10.19 -38.80
C SER D 1132 22.85 -10.74 -39.95
N MET D 1133 23.48 -11.60 -40.74
CA MET D 1133 22.76 -12.28 -41.81
C MET D 1133 23.39 -13.65 -42.04
N ARG D 1134 22.68 -14.48 -42.77
CA ARG D 1134 23.03 -15.87 -42.88
C ARG D 1134 24.16 -16.07 -43.89
N PHE D 1135 25.05 -17.02 -43.57
CA PHE D 1135 26.19 -17.31 -44.43
C PHE D 1135 25.78 -18.02 -45.72
N GLU D 1136 24.55 -18.51 -45.79
CA GLU D 1136 24.01 -18.96 -47.07
C GLU D 1136 23.77 -17.80 -48.04
N ASP D 1137 23.72 -16.56 -47.55
CA ASP D 1137 23.66 -15.40 -48.42
C ASP D 1137 25.02 -14.78 -48.66
N ALA D 1138 26.11 -15.55 -48.52
CA ALA D 1138 27.45 -15.04 -48.80
C ALA D 1138 27.68 -15.16 -50.30
N LYS D 1139 27.28 -14.14 -51.03
CA LYS D 1139 27.43 -14.11 -52.49
C LYS D 1139 27.53 -12.65 -52.94
N LYS D 1140 27.59 -12.47 -54.24
CA LYS D 1140 27.73 -11.14 -54.83
C LYS D 1140 27.02 -11.04 -56.17
N GLY D 1148 32.68 -6.58 -59.08
CA GLY D 1148 33.33 -6.73 -57.79
C GLY D 1148 33.40 -8.18 -57.36
N GLU D 1149 34.59 -8.63 -56.98
CA GLU D 1149 34.71 -10.03 -56.61
C GLU D 1149 34.18 -10.26 -55.21
N LYS D 1150 34.03 -11.54 -54.86
CA LYS D 1150 33.63 -11.91 -53.52
C LYS D 1150 34.79 -11.65 -52.56
N ILE D 1151 34.50 -10.96 -51.46
CA ILE D 1151 35.53 -10.50 -50.54
C ILE D 1151 35.78 -11.60 -49.51
N PHE D 1152 37.05 -11.76 -49.14
CA PHE D 1152 37.45 -12.77 -48.19
C PHE D 1152 37.08 -12.30 -46.79
N ILE D 1153 36.28 -13.10 -46.08
CA ILE D 1153 35.85 -12.75 -44.73
C ILE D 1153 37.04 -12.91 -43.78
N ASP D 1154 37.07 -12.09 -42.72
CA ASP D 1154 38.29 -11.82 -41.97
C ASP D 1154 38.37 -12.55 -40.63
N ASP D 1155 37.55 -13.59 -40.41
CA ASP D 1155 37.53 -14.51 -39.27
C ASP D 1155 37.04 -13.87 -37.96
N SER D 1156 36.85 -12.55 -37.93
CA SER D 1156 36.20 -11.92 -36.80
C SER D 1156 34.69 -11.90 -36.95
N GLN D 1157 34.17 -12.62 -37.93
CA GLN D 1157 32.74 -12.61 -38.18
C GLN D 1157 32.28 -14.02 -38.53
N ILE D 1158 33.17 -15.01 -38.39
CA ILE D 1158 32.80 -16.41 -38.36
C ILE D 1158 32.70 -16.81 -36.89
N TRP D 1159 31.54 -17.31 -36.49
CA TRP D 1159 31.25 -17.52 -35.07
C TRP D 1159 30.07 -18.47 -34.92
N GLU D 1160 30.22 -19.47 -34.06
CA GLU D 1160 29.22 -20.52 -33.92
C GLU D 1160 28.05 -20.04 -33.07
N ASP D 1161 26.82 -20.36 -33.52
CA ASP D 1161 25.62 -20.04 -32.76
C ASP D 1161 25.23 -21.23 -31.89
N GLY D 1162 23.99 -21.23 -31.38
CA GLY D 1162 23.50 -22.30 -30.54
C GLY D 1162 22.99 -23.55 -31.24
N GLN D 1163 22.15 -23.39 -32.28
CA GLN D 1163 21.58 -24.54 -32.96
C GLN D 1163 22.60 -25.33 -33.76
N GLY D 1164 23.73 -24.74 -34.11
CA GLY D 1164 24.78 -25.46 -34.79
C GLY D 1164 25.15 -24.82 -36.11
N ASN D 1165 24.43 -23.77 -36.49
CA ASN D 1165 24.67 -23.13 -37.77
C ASN D 1165 25.89 -22.22 -37.76
N LYS D 1166 25.98 -21.36 -38.76
CA LYS D 1166 27.10 -20.44 -38.89
C LYS D 1166 26.58 -19.26 -39.68
N PHE D 1167 26.53 -18.08 -39.05
CA PHE D 1167 26.12 -16.90 -39.78
C PHE D 1167 26.96 -15.71 -39.34
N VAL D 1168 26.81 -14.62 -40.09
CA VAL D 1168 27.87 -13.64 -40.27
C VAL D 1168 27.31 -12.21 -40.21
N GLY D 1169 27.80 -11.42 -39.26
CA GLY D 1169 27.40 -10.03 -39.13
C GLY D 1169 27.08 -9.57 -37.72
N GLY D 1170 26.90 -8.27 -37.53
CA GLY D 1170 26.40 -7.68 -36.30
C GLY D 1170 27.25 -7.86 -35.05
N ASN D 1171 28.47 -7.36 -35.06
CA ASN D 1171 29.46 -7.80 -34.07
C ASN D 1171 29.38 -7.01 -32.76
N GLU D 1172 29.67 -5.70 -32.81
CA GLU D 1172 30.10 -4.98 -31.61
C GLU D 1172 28.93 -4.53 -30.74
N THR D 1173 29.10 -4.71 -29.42
CA THR D 1173 28.08 -4.44 -28.43
C THR D 1173 28.74 -4.36 -27.06
N THR D 1174 28.44 -3.32 -26.29
CA THR D 1174 29.01 -3.16 -24.97
C THR D 1174 27.97 -3.36 -23.87
N THR D 1175 28.39 -3.17 -22.63
CA THR D 1175 27.57 -3.40 -21.45
C THR D 1175 26.96 -2.08 -21.01
N VAL D 1176 25.64 -2.05 -20.86
CA VAL D 1176 24.90 -0.82 -20.61
C VAL D 1176 24.13 -0.98 -19.30
N ALA D 1177 24.15 0.06 -18.47
CA ALA D 1177 23.51 0.05 -17.15
C ALA D 1177 22.00 0.11 -17.32
N ILE D 1178 21.34 -1.05 -17.28
CA ILE D 1178 19.93 -1.18 -17.64
C ILE D 1178 19.19 -1.94 -16.53
N PRO D 1179 17.95 -1.55 -16.21
CA PRO D 1179 17.10 -2.42 -15.40
C PRO D 1179 16.55 -3.59 -16.21
N PHE D 1180 16.38 -4.73 -15.52
CA PHE D 1180 15.80 -5.92 -16.18
C PHE D 1180 14.36 -5.70 -16.59
N VAL D 1181 13.65 -4.79 -15.92
CA VAL D 1181 12.24 -4.59 -16.20
C VAL D 1181 12.06 -3.94 -17.57
N LEU D 1182 12.97 -3.05 -17.92
CA LEU D 1182 13.02 -2.55 -19.29
C LEU D 1182 13.37 -3.66 -20.27
N LYS D 1183 14.30 -4.55 -19.88
CA LYS D 1183 14.63 -5.69 -20.73
C LYS D 1183 13.45 -6.64 -20.86
N TYR D 1184 12.61 -6.70 -19.83
CA TYR D 1184 11.32 -7.36 -19.98
C TYR D 1184 10.41 -6.58 -20.93
N LEU D 1185 10.50 -5.25 -20.93
CA LEU D 1185 9.42 -4.47 -21.50
C LEU D 1185 9.47 -4.44 -23.02
N ASP D 1186 10.66 -4.28 -23.60
CA ASP D 1186 10.78 -4.16 -25.05
C ASP D 1186 10.51 -5.46 -25.79
N SER D 1187 10.36 -6.57 -25.08
CA SER D 1187 9.77 -7.77 -25.66
C SER D 1187 8.31 -7.91 -25.31
N GLU D 1188 7.84 -7.28 -24.23
CA GLU D 1188 6.41 -7.25 -23.97
C GLU D 1188 5.68 -6.43 -25.00
N LEU D 1189 6.25 -5.29 -25.38
CA LEU D 1189 5.64 -4.43 -26.39
C LEU D 1189 5.99 -4.82 -27.81
N SER D 1190 7.02 -5.65 -28.00
CA SER D 1190 7.25 -6.14 -29.35
C SER D 1190 6.16 -7.11 -29.75
N ALA D 1191 5.62 -7.85 -28.79
CA ALA D 1191 4.63 -8.87 -29.10
C ALA D 1191 3.29 -8.26 -29.46
N MET D 1192 2.94 -7.13 -28.86
CA MET D 1192 1.64 -6.54 -29.12
C MET D 1192 1.56 -5.86 -30.48
N GLY D 1193 2.71 -5.58 -31.10
CA GLY D 1193 2.68 -4.98 -32.43
C GLY D 1193 3.33 -3.62 -32.52
N ILE D 1194 4.38 -3.36 -31.74
CA ILE D 1194 5.16 -2.13 -31.86
C ILE D 1194 6.64 -2.51 -31.89
N ARG D 1195 7.32 -2.13 -32.95
CA ARG D 1195 8.75 -2.38 -33.06
C ARG D 1195 9.48 -1.28 -32.29
N LEU D 1196 10.59 -1.63 -31.65
CA LEU D 1196 11.26 -0.64 -30.76
C LEU D 1196 12.76 -0.53 -31.08
N ARG D 1197 13.29 0.67 -30.89
CA ARG D 1197 14.70 0.98 -31.11
C ARG D 1197 15.20 1.89 -29.99
N TYR D 1198 16.43 1.63 -29.55
CA TYR D 1198 17.15 2.45 -28.59
C TYR D 1198 18.43 2.94 -29.25
N ASN D 1199 19.21 3.73 -28.51
CA ASN D 1199 20.54 4.13 -28.93
C ASN D 1199 21.35 4.53 -27.71
N VAL D 1200 22.64 4.76 -27.91
CA VAL D 1200 23.56 5.11 -26.84
C VAL D 1200 24.24 6.42 -27.18
N GLU D 1201 24.98 6.95 -26.20
CA GLU D 1201 25.76 8.16 -26.41
C GLU D 1201 27.12 7.90 -27.07
N PRO D 1202 27.95 6.89 -26.66
CA PRO D 1202 29.18 6.68 -27.44
C PRO D 1202 28.89 6.07 -28.79
N LYS D 1203 28.53 6.93 -29.74
CA LYS D 1203 27.88 6.59 -31.00
C LYS D 1203 26.64 5.75 -30.77
N GLU E 30 29.65 23.90 56.89
CA GLU E 30 30.56 22.76 57.10
C GLU E 30 29.76 21.50 57.34
N TRP E 31 30.22 20.38 56.79
CA TRP E 31 29.66 19.08 57.09
C TRP E 31 30.49 18.36 58.15
N ASN E 32 29.81 17.67 59.06
CA ASN E 32 30.48 16.79 60.00
C ASN E 32 29.59 15.58 60.21
N VAL E 33 30.23 14.42 60.42
CA VAL E 33 29.46 13.21 60.59
C VAL E 33 28.83 13.13 61.97
N GLU E 34 29.50 13.64 63.00
CA GLU E 34 28.86 13.69 64.30
C GLU E 34 27.88 14.85 64.42
N LYS E 35 27.84 15.73 63.43
CA LYS E 35 26.73 16.65 63.21
C LYS E 35 25.63 15.98 62.41
N PHE E 36 25.79 14.69 62.12
CA PHE E 36 24.71 13.83 61.67
C PHE E 36 24.43 12.67 62.63
N LYS E 37 25.39 12.29 63.48
CA LYS E 37 25.17 11.20 64.43
C LYS E 37 24.06 11.54 65.41
N LYS E 38 24.17 12.70 66.06
CA LYS E 38 23.12 13.14 66.97
C LYS E 38 21.87 13.53 66.20
N ASP E 39 22.01 13.88 64.92
CA ASP E 39 20.85 14.04 64.07
C ASP E 39 20.11 12.72 63.88
N PHE E 40 20.80 11.71 63.35
CA PHE E 40 20.14 10.50 62.87
C PHE E 40 19.57 9.69 64.04
N GLU E 41 18.26 9.51 64.03
CA GLU E 41 17.50 9.01 65.16
C GLU E 41 16.70 7.79 64.73
N VAL E 42 16.72 6.74 65.54
CA VAL E 42 16.15 5.45 65.20
C VAL E 42 15.10 5.09 66.24
N ASN E 43 13.89 4.74 65.79
CA ASN E 43 12.92 4.08 66.64
C ASN E 43 12.34 2.90 65.88
N ILE E 44 11.81 1.94 66.63
CA ILE E 44 11.26 0.73 66.06
C ILE E 44 9.83 0.57 66.55
N SER E 45 8.88 0.58 65.63
CA SER E 45 7.47 0.74 66.00
C SER E 45 6.81 -0.60 66.33
N SER E 46 6.78 -1.53 65.38
CA SER E 46 6.16 -2.82 65.61
C SER E 46 6.84 -3.84 64.72
N LEU E 47 7.81 -4.56 65.28
CA LEU E 47 8.56 -5.57 64.52
C LEU E 47 8.04 -6.96 64.82
N ASP E 48 7.81 -7.72 63.76
CA ASP E 48 7.58 -9.15 63.80
C ASP E 48 8.65 -9.84 62.96
N ALA E 49 8.47 -11.13 62.72
CA ALA E 49 9.17 -11.80 61.63
C ALA E 49 8.45 -11.65 60.31
N ARG E 50 7.29 -10.98 60.31
CA ARG E 50 6.58 -10.66 59.08
C ARG E 50 6.69 -9.19 58.71
N GLU E 51 6.33 -8.28 59.62
CA GLU E 51 6.30 -6.85 59.34
C GLU E 51 7.09 -6.11 60.41
N ALA E 52 7.77 -5.03 59.99
CA ALA E 52 8.51 -4.18 60.92
C ALA E 52 8.22 -2.72 60.57
N ASN E 53 7.33 -2.14 61.40
CA ASN E 53 6.96 -0.71 61.41
C ASN E 53 8.30 -0.12 61.79
N PHE E 54 8.73 0.96 61.15
CA PHE E 54 10.16 1.20 61.31
C PHE E 54 10.42 2.70 61.25
N ASP E 55 10.57 3.32 62.42
CA ASP E 55 10.76 4.77 62.52
C ASP E 55 12.25 5.09 62.33
N LEU E 56 12.65 5.15 61.06
CA LEU E 56 14.00 5.58 60.70
C LEU E 56 13.93 7.07 60.40
N ILE E 57 14.45 7.88 61.33
CA ILE E 57 14.17 9.31 61.36
C ILE E 57 15.48 10.04 61.10
N ASN E 58 15.36 11.30 60.64
CA ASN E 58 16.47 12.20 60.30
C ASN E 58 17.33 11.65 59.17
N ILE E 59 16.69 11.56 58.00
CA ILE E 59 17.34 11.18 56.75
C ILE E 59 16.56 11.79 55.60
N ASP E 60 17.20 11.90 54.45
CA ASP E 60 16.64 12.59 53.29
C ASP E 60 16.02 11.60 52.31
N THR E 61 15.07 12.11 51.49
CA THR E 61 14.41 11.31 50.44
C THR E 61 15.36 10.85 49.36
N SER E 62 16.53 11.45 49.27
CA SER E 62 17.60 10.87 48.47
C SER E 62 17.99 9.49 49.00
N ILE E 63 18.13 9.36 50.32
CA ILE E 63 18.51 8.07 50.91
C ILE E 63 17.28 7.23 51.21
N ALA E 64 16.09 7.73 50.92
CA ALA E 64 14.87 6.92 50.98
C ALA E 64 14.63 6.15 49.69
N ASN E 65 15.67 5.92 48.88
CA ASN E 65 15.61 4.94 47.82
C ASN E 65 16.77 3.97 47.89
N ALA E 66 17.94 4.41 48.34
CA ALA E 66 19.10 3.54 48.46
C ALA E 66 18.96 2.56 49.61
N PHE E 67 18.02 2.80 50.51
CA PHE E 67 17.56 1.80 51.46
C PHE E 67 16.16 1.32 51.14
N ARG E 68 15.56 1.80 50.05
CA ARG E 68 14.31 1.24 49.59
C ARG E 68 14.48 0.32 48.41
N ARG E 69 15.41 0.63 47.52
CA ARG E 69 15.60 -0.19 46.34
C ARG E 69 16.50 -1.38 46.60
N ILE E 70 17.50 -1.23 47.47
CA ILE E 70 18.33 -2.38 47.83
C ILE E 70 17.63 -3.28 48.83
N MET E 71 16.44 -2.90 49.29
CA MET E 71 15.56 -3.86 49.92
C MET E 71 14.80 -4.71 48.91
N ILE E 72 14.58 -4.25 47.67
CA ILE E 72 13.57 -4.83 46.80
C ILE E 72 14.17 -5.61 45.63
N SER E 73 15.29 -5.17 45.07
CA SER E 73 15.76 -5.87 43.87
C SER E 73 17.25 -6.12 43.79
N GLU E 74 18.10 -5.41 44.50
CA GLU E 74 19.54 -5.66 44.50
C GLU E 74 20.00 -6.31 45.79
N VAL E 75 19.18 -7.23 46.28
CA VAL E 75 19.43 -7.96 47.52
C VAL E 75 19.36 -9.45 47.21
N PRO E 76 20.35 -10.24 47.62
CA PRO E 76 20.45 -11.63 47.15
C PRO E 76 19.33 -12.55 47.58
N SER E 77 18.50 -12.96 46.63
CA SER E 77 17.42 -13.90 46.86
C SER E 77 17.69 -15.19 46.12
N VAL E 78 17.00 -16.26 46.53
CA VAL E 78 17.25 -17.61 46.03
C VAL E 78 15.94 -18.22 45.57
N ALA E 79 15.88 -18.63 44.31
CA ALA E 79 14.69 -19.26 43.77
C ALA E 79 15.11 -20.21 42.67
N ALA E 80 14.22 -21.13 42.34
CA ALA E 80 14.51 -22.09 41.29
C ALA E 80 14.40 -21.41 39.93
N GLU E 81 15.30 -21.76 39.01
CA GLU E 81 15.17 -21.22 37.66
C GLU E 81 15.06 -22.29 36.58
N TYR E 82 16.00 -23.24 36.53
CA TYR E 82 16.05 -24.21 35.44
C TYR E 82 15.20 -25.43 35.78
N VAL E 83 14.16 -25.66 34.99
CA VAL E 83 13.17 -26.69 35.24
C VAL E 83 13.38 -27.84 34.26
N TYR E 84 14.08 -28.88 34.69
CA TYR E 84 14.29 -30.03 33.82
C TYR E 84 13.05 -30.90 33.93
N PHE E 85 12.13 -30.70 32.99
CA PHE E 85 10.96 -31.54 32.89
C PHE E 85 11.32 -32.94 32.41
N PHE E 86 10.45 -33.88 32.74
CA PHE E 86 10.42 -35.17 32.09
C PHE E 86 9.10 -35.44 31.39
N ASN E 87 7.99 -35.24 32.08
CA ASN E 87 6.70 -35.48 31.46
C ASN E 87 5.68 -34.55 32.09
N ASN E 88 4.74 -34.08 31.26
CA ASN E 88 3.74 -33.12 31.70
C ASN E 88 2.44 -33.57 31.06
N THR E 89 1.75 -34.49 31.74
CA THR E 89 0.64 -35.16 31.08
C THR E 89 -0.65 -34.40 31.23
N SER E 90 -0.70 -33.39 32.09
CA SER E 90 -1.94 -32.77 32.51
C SER E 90 -2.56 -31.95 31.38
N VAL E 91 -3.75 -31.43 31.66
CA VAL E 91 -4.31 -30.43 30.76
C VAL E 91 -3.68 -29.08 31.00
N ILE E 92 -3.00 -28.89 32.13
CA ILE E 92 -2.28 -27.66 32.36
C ILE E 92 -0.98 -27.70 31.58
N GLN E 93 -0.82 -26.76 30.67
CA GLN E 93 0.24 -26.84 29.68
C GLN E 93 1.56 -26.42 30.30
N ASP E 94 2.61 -27.15 29.91
CA ASP E 94 3.93 -27.08 30.55
C ASP E 94 4.68 -25.79 30.29
N GLU E 95 4.16 -24.78 29.62
CA GLU E 95 4.80 -23.47 29.71
C GLU E 95 4.48 -22.81 31.03
N VAL E 96 3.20 -22.66 31.33
CA VAL E 96 2.79 -21.78 32.40
C VAL E 96 3.06 -22.38 33.76
N LEU E 97 3.09 -23.70 33.86
CA LEU E 97 3.43 -24.36 35.10
C LEU E 97 4.93 -24.39 35.33
N ALA E 98 5.72 -24.22 34.28
CA ALA E 98 7.17 -24.29 34.41
C ALA E 98 7.70 -23.10 35.17
N HIS E 99 7.20 -21.89 34.89
CA HIS E 99 7.63 -20.77 35.72
C HIS E 99 6.66 -20.52 36.87
N ARG E 100 6.28 -21.58 37.55
CA ARG E 100 5.56 -21.44 38.81
C ARG E 100 6.26 -22.29 39.85
N ILE E 101 6.90 -23.36 39.38
CA ILE E 101 7.74 -24.15 40.27
C ILE E 101 9.08 -23.46 40.49
N GLY E 102 9.40 -22.46 39.68
CA GLY E 102 10.57 -21.66 39.97
C GLY E 102 10.17 -20.41 40.71
N LEU E 103 8.89 -20.07 40.61
CA LEU E 103 8.35 -18.83 41.14
C LEU E 103 8.04 -18.90 42.62
N VAL E 104 7.95 -20.12 43.17
CA VAL E 104 7.52 -20.38 44.54
C VAL E 104 8.53 -19.81 45.53
N PRO E 105 8.07 -19.20 46.63
CA PRO E 105 8.99 -18.75 47.68
C PRO E 105 9.69 -19.93 48.34
N LEU E 106 11.00 -19.92 48.29
CA LEU E 106 11.80 -20.99 48.86
C LEU E 106 12.30 -20.56 50.22
N LYS E 107 11.87 -21.26 51.26
CA LYS E 107 12.28 -20.97 52.63
C LYS E 107 13.72 -21.47 52.78
N VAL E 108 14.65 -20.63 52.32
CA VAL E 108 16.06 -20.98 52.27
C VAL E 108 16.87 -19.72 52.57
N ASP E 109 17.96 -19.90 53.30
CA ASP E 109 18.75 -18.77 53.76
C ASP E 109 19.91 -18.54 52.80
N PRO E 110 20.04 -17.35 52.21
CA PRO E 110 21.24 -17.03 51.43
C PRO E 110 22.46 -16.90 52.32
N ASP E 111 23.62 -16.77 51.65
CA ASP E 111 24.98 -16.95 52.15
C ASP E 111 25.27 -18.38 52.61
N MET E 112 24.37 -19.31 52.35
CA MET E 112 24.68 -20.72 52.34
C MET E 112 25.02 -21.18 50.94
N LEU E 113 24.72 -20.38 49.92
CA LEU E 113 24.91 -20.72 48.53
C LEU E 113 25.60 -19.54 47.83
N THR E 114 26.73 -19.79 47.20
CA THR E 114 27.52 -18.72 46.60
C THR E 114 26.97 -18.37 45.21
N TRP E 115 27.67 -17.50 44.48
CA TRP E 115 27.23 -17.10 43.15
C TRP E 115 27.38 -18.24 42.16
N VAL E 116 26.83 -18.05 40.97
CA VAL E 116 26.74 -19.09 39.96
C VAL E 116 27.34 -18.58 38.67
N ASP E 117 28.27 -19.34 38.10
CA ASP E 117 28.82 -19.01 36.79
C ASP E 117 27.73 -19.18 35.74
N SER E 118 27.82 -18.41 34.66
CA SER E 118 26.67 -18.25 33.79
C SER E 118 26.80 -18.93 32.43
N ASN E 119 28.00 -19.03 31.88
CA ASN E 119 28.16 -19.32 30.46
C ASN E 119 29.00 -20.55 30.15
N LEU E 120 29.55 -21.22 31.16
CA LEU E 120 30.15 -22.53 30.97
C LEU E 120 29.05 -23.57 30.80
N PRO E 121 29.36 -24.74 30.27
CA PRO E 121 28.37 -25.83 30.30
C PRO E 121 28.07 -26.26 31.73
N ASP E 122 26.96 -26.97 31.87
CA ASP E 122 26.35 -27.23 33.17
C ASP E 122 27.12 -28.21 34.04
N ASP E 123 28.23 -28.76 33.56
CA ASP E 123 29.00 -29.70 34.38
C ASP E 123 29.74 -28.99 35.51
N GLU E 124 30.48 -27.94 35.20
CA GLU E 124 31.12 -27.12 36.23
C GLU E 124 30.31 -25.88 36.57
N LYS E 125 29.08 -25.81 36.09
CA LYS E 125 28.18 -24.70 36.39
C LYS E 125 27.22 -25.03 37.52
N PHE E 126 26.71 -26.24 37.59
CA PHE E 126 25.84 -26.65 38.68
C PHE E 126 26.59 -27.69 39.51
N THR E 127 27.36 -27.21 40.49
CA THR E 127 27.95 -28.11 41.47
C THR E 127 26.98 -28.24 42.63
N ASP E 128 27.45 -28.81 43.74
CA ASP E 128 26.64 -28.80 44.95
C ASP E 128 26.57 -27.40 45.55
N GLU E 129 27.58 -26.57 45.27
CA GLU E 129 27.62 -25.21 45.77
C GLU E 129 26.61 -24.30 45.09
N ASN E 130 26.06 -24.72 43.97
CA ASN E 130 25.24 -23.83 43.17
C ASN E 130 23.77 -24.12 43.35
N THR E 131 23.40 -25.39 43.33
CA THR E 131 22.04 -25.81 43.06
C THR E 131 21.46 -26.51 44.27
N ILE E 132 20.24 -26.11 44.64
CA ILE E 132 19.43 -26.88 45.57
C ILE E 132 18.58 -27.80 44.70
N VAL E 133 18.99 -29.05 44.59
CA VAL E 133 18.40 -30.00 43.66
C VAL E 133 17.01 -30.40 44.15
N LEU E 134 15.98 -29.97 43.45
CA LEU E 134 14.60 -30.20 43.87
C LEU E 134 13.88 -31.10 42.88
N SER E 135 12.81 -31.73 43.35
CA SER E 135 12.09 -32.69 42.53
C SER E 135 10.64 -32.77 42.96
N LEU E 136 9.78 -33.05 41.99
CA LEU E 136 8.34 -33.13 42.16
C LEU E 136 7.85 -34.32 41.36
N ASN E 137 6.96 -35.12 41.94
CA ASN E 137 6.52 -36.34 41.29
C ASN E 137 5.18 -36.75 41.88
N VAL E 138 4.11 -36.63 41.11
CA VAL E 138 2.76 -37.02 41.54
C VAL E 138 2.11 -37.80 40.41
N LYS E 139 1.62 -38.99 40.73
CA LYS E 139 0.91 -39.83 39.77
C LYS E 139 -0.48 -40.12 40.34
N CYS E 140 -1.46 -39.32 39.94
CA CYS E 140 -2.79 -39.44 40.51
C CYS E 140 -3.53 -40.61 39.87
N THR E 141 -4.65 -40.99 40.48
CA THR E 141 -5.39 -42.18 40.06
C THR E 141 -6.84 -42.04 40.49
N ARG E 142 -7.64 -43.03 40.09
CA ARG E 142 -9.04 -43.09 40.45
C ARG E 142 -9.20 -43.82 41.78
N ASN E 143 -10.06 -43.28 42.64
CA ASN E 143 -10.43 -43.91 43.91
C ASN E 143 -11.93 -44.15 43.89
N PRO E 144 -12.40 -45.38 44.02
CA PRO E 144 -13.86 -45.61 44.06
C PRO E 144 -14.46 -45.13 45.37
N ASP E 145 -15.58 -44.42 45.27
CA ASP E 145 -16.19 -43.79 46.42
C ASP E 145 -17.64 -43.45 46.11
N ALA E 146 -18.46 -43.42 47.16
CA ALA E 146 -19.86 -43.06 47.01
C ALA E 146 -20.00 -41.55 46.86
N PRO E 147 -21.06 -41.10 46.15
CA PRO E 147 -21.32 -39.66 46.07
C PRO E 147 -21.89 -39.12 47.36
N SER E 150 -22.16 -32.68 43.33
CA SER E 150 -21.05 -31.85 43.79
C SER E 150 -20.07 -32.68 44.59
N THR E 151 -19.66 -33.81 43.99
CA THR E 151 -18.75 -34.72 44.65
C THR E 151 -17.35 -34.13 44.67
N ASP E 152 -16.75 -34.10 45.84
CA ASP E 152 -15.52 -33.35 46.03
C ASP E 152 -14.32 -34.12 45.47
N PRO E 153 -13.38 -33.40 44.85
CA PRO E 153 -12.30 -34.11 44.13
C PRO E 153 -11.27 -34.74 45.04
N LYS E 154 -10.87 -34.08 46.13
CA LYS E 154 -10.01 -34.73 47.11
C LYS E 154 -10.71 -35.88 47.81
N GLU E 155 -12.02 -35.85 47.86
CA GLU E 155 -12.87 -36.94 48.30
C GLU E 155 -13.07 -37.97 47.20
N LEU E 156 -12.55 -37.73 45.99
CA LEU E 156 -12.77 -38.64 44.88
C LEU E 156 -11.49 -39.24 44.30
N TYR E 157 -10.32 -38.62 44.48
CA TYR E 157 -9.11 -39.13 43.86
C TYR E 157 -7.94 -39.16 44.82
N ASN E 158 -7.03 -40.08 44.59
CA ASN E 158 -5.74 -40.07 45.24
C ASN E 158 -4.83 -39.10 44.51
N ASN E 159 -4.05 -38.34 45.29
CA ASN E 159 -3.00 -37.43 44.78
C ASN E 159 -3.57 -36.39 43.82
N ALA E 160 -4.77 -35.90 44.13
CA ALA E 160 -5.53 -35.12 43.16
C ALA E 160 -4.99 -33.71 43.02
N HIS E 161 -4.70 -33.04 44.13
CA HIS E 161 -4.31 -31.63 44.10
C HIS E 161 -2.89 -31.51 44.60
N VAL E 162 -1.93 -31.53 43.67
CA VAL E 162 -0.53 -31.41 44.03
C VAL E 162 -0.26 -30.01 44.54
N TYR E 163 0.39 -29.92 45.68
CA TYR E 163 0.64 -28.67 46.37
C TYR E 163 2.13 -28.45 46.45
N ALA E 164 2.51 -27.38 47.13
CA ALA E 164 3.94 -27.08 47.28
C ALA E 164 4.63 -28.11 48.15
N ARG E 165 3.93 -28.65 49.16
CA ARG E 165 4.55 -29.65 50.03
C ARG E 165 4.75 -30.99 49.38
N ASP E 166 4.38 -31.21 48.12
CA ASP E 166 4.86 -32.38 47.41
C ASP E 166 6.25 -32.18 46.82
N LEU E 167 6.65 -30.94 46.59
CA LEU E 167 8.01 -30.64 46.16
C LEU E 167 8.96 -30.98 47.29
N LYS E 168 10.03 -31.68 46.99
CA LYS E 168 10.92 -32.21 48.00
C LYS E 168 12.37 -31.93 47.65
N PHE E 169 13.24 -32.10 48.64
CA PHE E 169 14.65 -31.83 48.52
C PHE E 169 15.46 -33.11 48.52
N GLU E 170 16.46 -33.15 47.67
CA GLU E 170 17.46 -34.21 47.70
C GLU E 170 18.79 -33.64 47.24
N PRO E 171 19.82 -33.66 48.08
CA PRO E 171 21.10 -33.08 47.71
C PRO E 171 21.85 -33.95 46.72
N GLN E 172 22.68 -33.29 45.91
CA GLN E 172 23.64 -33.98 45.06
C GLN E 172 24.98 -33.29 45.20
N GLY E 173 25.96 -34.02 45.74
CA GLY E 173 27.31 -33.50 45.81
C GLY E 173 27.97 -33.71 47.15
N ARG E 174 28.37 -32.62 47.79
CA ARG E 174 29.21 -32.69 48.99
C ARG E 174 28.59 -31.99 50.19
N GLN E 175 27.30 -31.65 50.15
CA GLN E 175 26.60 -31.24 51.34
C GLN E 175 25.49 -32.22 51.65
N SER E 176 25.44 -32.65 52.90
CA SER E 176 24.25 -33.27 53.46
C SER E 176 23.97 -32.79 54.87
N THR E 177 24.94 -32.16 55.52
CA THR E 177 24.80 -31.77 56.92
C THR E 177 24.39 -30.32 57.10
N THR E 178 24.58 -29.48 56.08
CA THR E 178 24.23 -28.08 56.20
C THR E 178 22.73 -27.85 56.20
N PHE E 179 21.95 -28.86 55.79
CA PHE E 179 20.50 -28.79 55.84
C PHE E 179 19.93 -29.79 56.84
N ALA E 180 20.78 -30.36 57.69
CA ALA E 180 20.29 -31.24 58.75
C ALA E 180 19.53 -30.43 59.78
N ASP E 181 20.01 -29.23 60.08
CA ASP E 181 19.29 -28.30 60.94
C ASP E 181 18.03 -27.74 60.29
N CYS E 182 17.99 -27.63 58.96
CA CYS E 182 16.79 -27.16 58.28
C CYS E 182 16.68 -27.73 56.88
N PRO E 183 15.77 -28.66 56.67
CA PRO E 183 15.44 -29.07 55.31
C PRO E 183 14.80 -27.90 54.58
N VAL E 184 15.15 -27.76 53.31
CA VAL E 184 14.80 -26.55 52.56
C VAL E 184 13.38 -26.77 52.04
N VAL E 185 12.43 -26.51 52.92
CA VAL E 185 11.00 -26.72 52.70
C VAL E 185 10.50 -25.58 51.82
N PRO E 186 9.53 -25.81 50.93
CA PRO E 186 8.81 -24.69 50.31
C PRO E 186 8.08 -23.88 51.37
N ALA E 187 8.14 -22.56 51.23
CA ALA E 187 7.86 -21.66 52.36
C ALA E 187 6.39 -21.69 52.77
N ASP E 188 5.49 -21.72 51.81
CA ASP E 188 4.08 -21.97 52.10
C ASP E 188 3.64 -23.22 51.36
N PRO E 189 3.32 -24.29 52.08
CA PRO E 189 3.02 -25.56 51.42
C PRO E 189 1.71 -25.58 50.65
N ASP E 190 0.78 -24.67 50.94
CA ASP E 190 -0.50 -24.63 50.23
C ASP E 190 -0.38 -23.66 49.06
N ILE E 191 0.08 -24.16 47.93
CA ILE E 191 0.04 -23.42 46.69
C ILE E 191 -0.53 -24.36 45.65
N LEU E 192 -1.63 -23.96 45.03
CA LEU E 192 -2.35 -24.81 44.09
C LEU E 192 -1.54 -24.91 42.82
N LEU E 193 -0.57 -25.82 42.79
CA LEU E 193 0.27 -25.97 41.61
C LEU E 193 -0.51 -26.55 40.44
N ALA E 194 -1.19 -27.67 40.65
CA ALA E 194 -1.99 -28.27 39.60
C ALA E 194 -3.10 -29.09 40.19
N LYS E 195 -4.21 -29.20 39.46
CA LYS E 195 -5.29 -30.10 39.78
C LYS E 195 -5.42 -31.12 38.66
N LEU E 196 -5.60 -32.38 39.00
CA LEU E 196 -5.47 -33.48 38.06
C LEU E 196 -6.76 -34.27 37.95
N ARG E 197 -6.76 -35.22 37.02
CA ARG E 197 -7.81 -36.19 36.77
C ARG E 197 -7.12 -37.52 36.51
N PRO E 198 -7.77 -38.65 36.84
CA PRO E 198 -7.05 -39.93 36.85
C PRO E 198 -6.64 -40.38 35.46
N GLY E 199 -5.41 -40.85 35.38
CA GLY E 199 -4.78 -41.15 34.11
C GLY E 199 -3.57 -40.26 33.89
N GLN E 200 -3.73 -38.96 34.16
CA GLN E 200 -2.60 -38.05 34.06
C GLN E 200 -1.65 -38.22 35.23
N GLU E 201 -0.44 -37.69 35.05
CA GLU E 201 0.56 -37.71 36.10
C GLU E 201 1.54 -36.58 35.82
N ILE E 202 2.50 -36.43 36.72
CA ILE E 202 3.49 -35.36 36.63
C ILE E 202 4.75 -35.79 37.38
N SER E 203 5.91 -35.52 36.79
CA SER E 203 7.18 -35.86 37.40
C SER E 203 8.24 -34.95 36.82
N LEU E 204 8.79 -34.06 37.64
CA LEU E 204 9.69 -33.04 37.15
C LEU E 204 10.82 -32.85 38.13
N LYS E 205 11.80 -32.06 37.72
CA LYS E 205 13.01 -31.90 38.51
C LYS E 205 13.60 -30.52 38.18
N ALA E 206 13.24 -29.53 39.01
CA ALA E 206 13.70 -28.17 38.81
C ALA E 206 15.03 -27.96 39.52
N HIS E 207 15.74 -26.91 39.10
CA HIS E 207 17.05 -26.56 39.67
C HIS E 207 17.04 -25.15 40.22
N CYS E 208 17.81 -24.95 41.29
CA CYS E 208 17.71 -23.77 42.11
C CYS E 208 19.02 -22.98 42.10
N ILE E 209 18.90 -21.68 42.38
CA ILE E 209 19.96 -20.73 42.04
C ILE E 209 19.70 -19.46 42.85
N LEU E 210 20.71 -18.60 42.96
CA LEU E 210 20.52 -17.26 43.52
C LEU E 210 19.94 -16.33 42.46
N GLY E 211 19.93 -15.05 42.76
CA GLY E 211 19.46 -14.08 41.80
C GLY E 211 18.94 -12.83 42.47
N ILE E 212 19.13 -11.70 41.81
CA ILE E 212 18.69 -10.42 42.34
C ILE E 212 17.40 -10.04 41.64
N GLY E 213 16.62 -9.19 42.30
CA GLY E 213 15.31 -8.85 41.80
C GLY E 213 15.30 -8.01 40.55
N GLY E 214 16.45 -7.43 40.18
CA GLY E 214 16.53 -6.77 38.90
C GLY E 214 16.40 -7.71 37.73
N ASP E 215 16.73 -8.98 37.93
CA ASP E 215 16.47 -9.96 36.89
C ASP E 215 14.99 -10.32 36.86
N HIS E 216 14.50 -10.94 37.93
CA HIS E 216 13.12 -11.39 37.97
C HIS E 216 12.45 -10.88 39.24
N ALA E 217 11.12 -10.87 39.22
CA ALA E 217 10.38 -10.57 40.44
C ALA E 217 10.35 -11.75 41.39
N LYS E 218 10.69 -12.96 40.92
CA LYS E 218 10.84 -14.06 41.87
C LYS E 218 12.03 -13.88 42.77
N PHE E 219 13.01 -13.08 42.35
CA PHE E 219 14.17 -12.82 43.18
C PHE E 219 14.03 -11.55 44.00
N SER E 220 12.81 -11.14 44.28
CA SER E 220 12.57 -10.09 45.25
C SER E 220 12.31 -10.76 46.58
N PRO E 221 13.25 -10.73 47.53
CA PRO E 221 13.02 -11.39 48.82
C PRO E 221 12.10 -10.62 49.74
N VAL E 222 11.58 -9.49 49.28
CA VAL E 222 10.55 -8.72 49.97
C VAL E 222 9.35 -8.62 49.02
N SER E 223 8.15 -8.83 49.57
CA SER E 223 6.94 -8.55 48.80
C SER E 223 6.84 -7.07 48.48
N THR E 224 6.95 -6.22 49.50
CA THR E 224 6.76 -4.79 49.35
C THR E 224 7.56 -4.01 50.39
N ALA E 225 8.40 -3.08 49.97
CA ALA E 225 9.19 -2.26 50.88
C ALA E 225 8.94 -0.77 50.67
N SER E 226 7.71 -0.40 50.34
CA SER E 226 7.37 0.99 50.07
C SER E 226 7.26 1.80 51.36
N TYR E 227 7.37 3.12 51.22
CA TYR E 227 7.53 4.02 52.37
C TYR E 227 6.28 4.87 52.58
N ARG E 228 6.37 5.71 53.61
CA ARG E 228 5.36 6.72 53.92
C ARG E 228 6.01 7.71 54.86
N LEU E 229 5.93 9.00 54.52
CA LEU E 229 6.41 10.04 55.42
C LEU E 229 5.50 10.18 56.63
N LEU E 230 5.98 10.90 57.63
CA LEU E 230 5.10 11.30 58.72
C LEU E 230 4.23 12.47 58.28
N PRO E 231 2.90 12.35 58.31
CA PRO E 231 2.06 13.50 57.99
C PRO E 231 2.15 14.54 59.09
N GLN E 232 2.26 15.80 58.67
CA GLN E 232 2.37 16.90 59.61
C GLN E 232 1.07 17.68 59.49
N ILE E 233 0.09 17.32 60.31
CA ILE E 233 -1.16 18.05 60.34
C ILE E 233 -0.94 19.39 61.02
N ASN E 234 -1.68 20.41 60.58
CA ASN E 234 -1.60 21.74 61.16
C ASN E 234 -2.97 22.19 61.62
N ILE E 235 -3.02 22.82 62.79
CA ILE E 235 -4.16 23.59 63.18
C ILE E 235 -3.75 25.05 63.19
N LEU E 236 -4.74 25.92 63.25
CA LEU E 236 -4.49 27.34 63.44
C LEU E 236 -5.38 27.94 64.51
N GLN E 237 -6.52 27.35 64.79
CA GLN E 237 -7.53 27.87 65.70
C GLN E 237 -7.93 26.75 66.65
N PRO E 238 -8.50 27.07 67.81
CA PRO E 238 -9.11 26.02 68.63
C PRO E 238 -10.39 25.52 67.99
N ILE E 239 -10.54 24.20 67.93
CA ILE E 239 -11.72 23.60 67.35
C ILE E 239 -12.69 23.13 68.42
N LYS E 240 -12.61 23.73 69.60
CA LYS E 240 -13.44 23.33 70.72
C LYS E 240 -14.89 23.76 70.53
N GLY E 241 -15.79 22.92 71.03
CA GLY E 241 -17.20 23.21 70.89
C GLY E 241 -17.89 22.21 70.00
N GLU E 242 -18.42 22.69 68.87
CA GLU E 242 -19.18 21.84 67.97
C GLU E 242 -18.39 21.39 66.75
N SER E 243 -17.29 22.06 66.43
CA SER E 243 -16.39 21.49 65.44
C SER E 243 -15.59 20.33 65.99
N ALA E 244 -15.44 20.25 67.31
CA ALA E 244 -14.73 19.13 67.94
C ALA E 244 -15.44 17.80 67.74
N ARG E 245 -16.75 17.82 67.54
CA ARG E 245 -17.49 16.65 67.08
C ARG E 245 -17.67 16.65 65.57
N ARG E 246 -16.98 17.54 64.85
CA ARG E 246 -16.97 17.50 63.39
C ARG E 246 -15.57 17.42 62.80
N PHE E 247 -14.54 17.72 63.57
CA PHE E 247 -13.16 17.56 63.17
C PHE E 247 -12.68 16.14 63.42
N GLN E 248 -13.57 15.27 63.85
CA GLN E 248 -13.20 13.94 64.29
C GLN E 248 -14.08 12.86 63.66
N LYS E 249 -15.25 13.20 63.12
CA LYS E 249 -16.07 12.23 62.40
C LYS E 249 -15.40 11.77 61.11
N CYS E 250 -14.99 12.73 60.28
CA CYS E 250 -14.45 12.44 58.96
C CYS E 250 -13.01 11.95 59.02
N PHE E 251 -12.21 12.49 59.93
CA PHE E 251 -10.90 11.92 60.21
C PHE E 251 -11.03 10.55 60.88
N PRO E 252 -9.98 9.74 60.82
CA PRO E 252 -9.94 8.51 61.64
C PRO E 252 -10.03 8.84 63.11
N PRO E 253 -10.76 8.02 63.89
CA PRO E 253 -11.10 8.42 65.26
C PRO E 253 -9.92 8.49 66.22
N GLY E 254 -8.88 7.70 65.99
CA GLY E 254 -7.76 7.73 66.90
C GLY E 254 -6.69 8.73 66.54
N VAL E 255 -7.08 9.84 65.89
CA VAL E 255 -6.14 10.87 65.49
C VAL E 255 -6.42 12.13 66.31
N ILE E 256 -7.70 12.48 66.42
CA ILE E 256 -8.10 13.79 66.90
C ILE E 256 -8.45 13.65 68.36
N GLY E 257 -7.57 14.12 69.23
CA GLY E 257 -7.85 14.06 70.65
C GLY E 257 -8.64 15.26 71.12
N ILE E 258 -9.96 15.11 71.16
CA ILE E 258 -10.78 16.13 71.81
C ILE E 258 -10.65 15.95 73.31
N ASP E 259 -10.46 17.05 74.01
CA ASP E 259 -10.06 17.01 75.40
C ASP E 259 -11.22 17.26 76.35
N GLU E 260 -11.89 18.40 76.19
CA GLU E 260 -13.08 18.79 76.92
C GLU E 260 -13.93 19.62 75.97
N GLY E 261 -14.81 20.44 76.52
CA GLY E 261 -15.19 21.66 75.81
C GLY E 261 -14.12 22.72 75.84
N SER E 262 -13.16 22.62 76.77
CA SER E 262 -12.03 23.53 76.91
C SER E 262 -10.73 22.74 76.83
N ASP E 263 -9.61 23.45 77.10
CA ASP E 263 -8.25 22.91 77.04
C ASP E 263 -7.95 22.34 75.66
N GLU E 264 -7.73 23.22 74.68
CA GLU E 264 -7.75 23.03 73.23
C GLU E 264 -7.32 21.67 72.69
N ALA E 265 -8.17 21.10 71.84
CA ALA E 265 -8.10 19.68 71.45
C ALA E 265 -6.89 19.43 70.58
N TYR E 266 -5.86 18.86 71.17
CA TYR E 266 -4.68 18.51 70.41
C TYR E 266 -4.93 17.21 69.66
N VAL E 267 -4.63 17.21 68.37
CA VAL E 267 -4.56 15.99 67.59
C VAL E 267 -3.47 15.10 68.18
N LYS E 268 -3.86 13.91 68.60
CA LYS E 268 -3.04 13.18 69.57
C LYS E 268 -2.12 12.14 68.96
N ASP E 269 -2.45 11.59 67.80
CA ASP E 269 -1.65 10.51 67.22
C ASP E 269 -1.45 10.81 65.74
N ALA E 270 -0.19 11.00 65.35
CA ALA E 270 0.14 11.51 64.02
C ALA E 270 0.16 10.40 62.96
N ARG E 271 0.98 9.37 63.17
CA ARG E 271 1.10 8.32 62.17
C ARG E 271 -0.08 7.36 62.14
N LYS E 272 -1.09 7.56 63.01
CA LYS E 272 -2.30 6.75 62.99
C LYS E 272 -3.30 7.26 61.96
N ASP E 273 -2.84 7.54 60.76
CA ASP E 273 -3.62 8.37 59.84
C ASP E 273 -2.97 8.33 58.48
N THR E 274 -3.79 8.26 57.45
CA THR E 274 -3.29 8.41 56.10
C THR E 274 -3.54 9.84 55.62
N VAL E 275 -2.80 10.25 54.60
CA VAL E 275 -2.98 11.58 54.05
C VAL E 275 -4.12 11.53 53.03
N SER E 276 -5.34 11.49 53.54
CA SER E 276 -6.52 11.38 52.71
C SER E 276 -7.21 12.72 52.51
N ARG E 277 -6.90 13.69 53.39
CA ARG E 277 -7.31 15.09 53.40
C ARG E 277 -8.77 15.34 53.00
N GLU E 278 -9.65 14.49 53.50
CA GLU E 278 -11.08 14.61 53.34
C GLU E 278 -11.65 15.85 54.00
N VAL E 279 -10.93 16.41 54.98
CA VAL E 279 -11.32 17.68 55.60
C VAL E 279 -11.25 18.85 54.62
N LEU E 280 -10.53 18.72 53.51
CA LEU E 280 -10.48 19.75 52.50
C LEU E 280 -11.68 19.73 51.58
N ARG E 281 -12.49 18.69 51.63
CA ARG E 281 -13.77 18.68 50.93
C ARG E 281 -14.80 19.51 51.67
N TYR E 282 -14.62 19.68 52.98
CA TYR E 282 -15.45 20.60 53.73
C TYR E 282 -15.10 22.03 53.36
N GLU E 283 -16.04 22.93 53.58
CA GLU E 283 -15.91 24.32 53.16
C GLU E 283 -15.64 25.25 54.33
N GLU E 284 -15.29 24.70 55.49
CA GLU E 284 -15.07 25.53 56.67
C GLU E 284 -13.80 25.13 57.40
N PHE E 285 -13.31 23.93 57.13
CA PHE E 285 -11.99 23.54 57.63
C PHE E 285 -10.95 23.74 56.55
N ALA E 286 -11.20 24.68 55.65
CA ALA E 286 -10.27 24.95 54.57
C ALA E 286 -9.17 25.90 54.97
N ASP E 287 -9.37 26.70 56.00
CA ASP E 287 -8.33 27.59 56.46
C ASP E 287 -8.06 27.44 57.95
N LYS E 288 -9.00 26.89 58.71
CA LYS E 288 -8.82 26.67 60.14
C LYS E 288 -7.73 25.67 60.42
N VAL E 289 -7.53 24.71 59.51
CA VAL E 289 -6.52 23.67 59.64
C VAL E 289 -5.80 23.50 58.31
N LYS E 290 -4.51 23.21 58.39
CA LYS E 290 -3.67 22.89 57.25
C LYS E 290 -3.06 21.50 57.45
N LEU E 291 -2.27 21.06 56.49
CA LEU E 291 -1.59 19.78 56.62
C LEU E 291 -0.37 19.76 55.73
N GLY E 292 0.73 19.24 56.26
CA GLY E 292 1.95 19.11 55.51
C GLY E 292 2.60 17.79 55.84
N ARG E 293 3.89 17.66 55.58
CA ARG E 293 4.62 16.43 55.84
C ARG E 293 5.92 16.81 56.52
N VAL E 294 6.32 16.06 57.54
CA VAL E 294 7.69 16.17 58.03
C VAL E 294 8.57 15.39 57.09
N ARG E 295 9.47 16.07 56.40
CA ARG E 295 10.34 15.44 55.44
C ARG E 295 11.59 14.85 56.04
N ASN E 296 11.59 14.56 57.33
CA ASN E 296 12.78 13.98 57.94
C ASN E 296 12.40 12.81 58.85
N HIS E 297 11.19 12.30 58.76
CA HIS E 297 10.60 11.36 59.70
C HIS E 297 9.91 10.28 58.88
N PHE E 298 10.46 9.07 58.87
CA PHE E 298 10.01 8.03 57.96
C PHE E 298 9.53 6.81 58.72
N ILE E 299 8.45 6.20 58.25
CA ILE E 299 8.00 4.90 58.72
C ILE E 299 8.11 3.94 57.54
N PHE E 300 8.55 2.71 57.81
CA PHE E 300 8.69 1.71 56.76
C PHE E 300 7.68 0.61 56.99
N ASN E 301 7.45 -0.20 55.96
CA ASN E 301 6.62 -1.41 56.08
C ASN E 301 7.23 -2.48 55.17
N VAL E 302 8.03 -3.36 55.77
CA VAL E 302 8.75 -4.39 55.02
C VAL E 302 8.20 -5.76 55.40
N GLU E 303 7.66 -6.46 54.39
CA GLU E 303 7.06 -7.77 54.60
C GLU E 303 7.45 -8.69 53.46
N SER E 304 7.47 -9.99 53.74
CA SER E 304 7.92 -10.95 52.76
C SER E 304 6.98 -12.14 52.76
N ALA E 305 7.18 -13.05 51.82
CA ALA E 305 6.32 -14.20 51.64
C ALA E 305 6.62 -15.33 52.63
N GLY E 306 7.59 -15.13 53.53
CA GLY E 306 8.00 -16.13 54.49
C GLY E 306 9.46 -16.53 54.35
N ALA E 307 10.02 -16.38 53.16
CA ALA E 307 11.39 -16.81 52.92
C ALA E 307 12.38 -15.94 53.66
N MET E 308 12.10 -14.65 53.73
CA MET E 308 12.93 -13.70 54.44
C MET E 308 12.07 -12.98 55.47
N THR E 309 12.73 -12.34 56.42
CA THR E 309 12.04 -11.62 57.47
C THR E 309 12.56 -10.19 57.52
N PRO E 310 11.73 -9.24 57.96
CA PRO E 310 12.22 -7.86 58.11
C PRO E 310 13.29 -7.71 59.19
N GLU E 311 13.42 -8.66 60.11
CA GLU E 311 14.50 -8.67 61.09
C GLU E 311 15.80 -9.22 60.55
N GLU E 312 15.90 -9.39 59.24
CA GLU E 312 17.02 -10.09 58.63
C GLU E 312 17.70 -9.27 57.55
N ILE E 313 16.91 -8.50 56.81
CA ILE E 313 17.31 -8.02 55.49
C ILE E 313 17.87 -6.61 55.54
N PHE E 314 17.83 -5.95 56.69
CA PHE E 314 18.47 -4.64 56.81
C PHE E 314 19.97 -4.74 56.68
N PHE E 315 20.57 -5.82 57.16
CA PHE E 315 21.98 -6.09 56.90
C PHE E 315 22.19 -6.82 55.59
N LYS E 316 21.25 -6.70 54.66
CA LYS E 316 21.47 -7.10 53.28
C LYS E 316 21.25 -5.94 52.32
N SER E 317 20.49 -4.93 52.71
CA SER E 317 20.37 -3.73 51.90
C SER E 317 21.46 -2.73 52.21
N VAL E 318 22.03 -2.81 53.40
CA VAL E 318 23.10 -1.94 53.82
C VAL E 318 24.47 -2.55 53.56
N ARG E 319 24.66 -3.81 53.97
CA ARG E 319 25.97 -4.43 54.00
C ARG E 319 26.58 -4.70 52.64
N ILE E 320 25.80 -4.65 51.55
CA ILE E 320 26.38 -4.67 50.22
C ILE E 320 26.36 -3.29 49.58
N LEU E 321 25.48 -2.40 50.00
CA LEU E 321 25.66 -1.01 49.65
C LEU E 321 26.87 -0.44 50.34
N LYS E 322 27.18 -0.93 51.54
CA LYS E 322 28.49 -0.71 52.16
C LYS E 322 29.60 -1.25 51.28
N ASN E 323 29.40 -2.41 50.68
CA ASN E 323 30.37 -3.00 49.79
C ASN E 323 30.18 -2.57 48.33
N LYS E 324 29.14 -1.77 48.07
CA LYS E 324 29.06 -1.08 46.80
C LYS E 324 30.10 0.02 46.72
N ALA E 325 30.25 0.79 47.80
CA ALA E 325 31.02 2.02 47.75
C ALA E 325 32.52 1.78 47.80
N GLU E 326 32.97 0.93 48.74
CA GLU E 326 34.42 0.77 48.94
C GLU E 326 35.09 0.05 47.78
N TYR E 327 34.32 -0.66 46.97
CA TYR E 327 34.86 -1.21 45.72
C TYR E 327 35.13 -0.10 44.71
N LEU E 328 34.34 0.97 44.75
CA LEU E 328 34.47 1.99 43.72
C LEU E 328 35.72 2.83 43.93
N LYS E 329 36.10 3.06 45.19
CA LYS E 329 37.17 4.00 45.46
C LYS E 329 38.53 3.44 45.08
N ASN E 330 38.73 2.14 45.30
CA ASN E 330 40.04 1.54 45.10
C ASN E 330 40.17 0.87 43.73
N CYS E 331 39.81 1.60 42.68
CA CYS E 331 39.85 1.06 41.34
C CYS E 331 40.74 1.95 40.49
N PRO E 332 41.68 1.39 39.72
CA PRO E 332 42.64 2.22 38.99
C PRO E 332 41.98 2.96 37.83
N ILE E 333 42.17 4.28 37.81
CA ILE E 333 41.48 5.13 36.85
C ILE E 333 42.10 4.93 35.47
N THR E 334 41.29 4.98 34.43
CA THR E 334 41.72 4.54 33.11
C THR E 334 41.82 5.70 32.13
N GLN E 335 42.51 5.42 31.03
CA GLN E 335 42.59 6.27 29.83
C GLN E 335 43.12 7.67 30.08
N THR F 12 37.53 -12.50 -17.67
CA THR F 12 37.88 -11.09 -17.71
C THR F 12 37.00 -10.34 -18.72
N ALA F 13 37.61 -9.36 -19.40
CA ALA F 13 37.02 -8.60 -20.51
C ALA F 13 35.75 -7.84 -20.08
N THR F 14 35.97 -6.85 -19.22
CA THR F 14 34.91 -5.92 -18.85
C THR F 14 35.35 -4.49 -19.07
N THR F 15 34.56 -3.52 -18.60
CA THR F 15 34.87 -2.11 -18.82
C THR F 15 36.12 -1.69 -18.07
N LEU F 16 36.42 -2.33 -16.95
CA LEU F 16 37.67 -2.07 -16.25
C LEU F 16 38.83 -2.84 -16.86
N ASN F 17 38.57 -3.87 -17.65
CA ASN F 17 39.63 -4.63 -18.28
C ASN F 17 39.83 -4.30 -19.76
N THR F 18 38.79 -3.78 -20.42
CA THR F 18 38.80 -3.51 -21.84
C THR F 18 38.21 -2.12 -22.07
N PRO F 19 38.82 -1.29 -22.92
CA PRO F 19 38.20 -0.01 -23.26
C PRO F 19 36.92 -0.23 -24.02
N VAL F 20 35.95 0.65 -23.78
CA VAL F 20 34.57 0.34 -24.14
C VAL F 20 34.35 0.48 -25.65
N VAL F 21 34.79 1.58 -26.26
CA VAL F 21 34.53 1.86 -27.67
C VAL F 21 35.84 2.25 -28.32
N ILE F 22 36.17 1.59 -29.43
CA ILE F 22 37.40 1.86 -30.16
C ILE F 22 37.07 2.10 -31.64
N HIS F 23 37.70 3.12 -32.22
CA HIS F 23 37.55 3.43 -33.63
C HIS F 23 38.87 3.98 -34.15
N ALA F 24 38.98 3.99 -35.48
CA ALA F 24 40.19 4.41 -36.16
C ALA F 24 40.09 5.86 -36.57
N THR F 25 41.20 6.59 -36.41
CA THR F 25 41.23 7.98 -36.80
C THR F 25 41.24 8.11 -38.31
N GLN F 26 42.25 7.54 -38.95
CA GLN F 26 42.47 7.78 -40.36
C GLN F 26 43.11 6.57 -41.03
N LEU F 27 43.65 6.79 -42.21
CA LEU F 27 44.27 5.77 -43.01
C LEU F 27 45.56 5.29 -42.36
N PRO F 28 45.91 4.02 -42.53
CA PRO F 28 47.13 3.48 -41.93
C PRO F 28 48.40 3.96 -42.60
N GLN F 29 48.95 5.06 -42.08
CA GLN F 29 50.26 5.58 -42.47
C GLN F 29 51.32 4.48 -42.37
N HIS F 30 51.87 4.10 -43.50
CA HIS F 30 52.69 2.91 -43.57
C HIS F 30 54.17 3.24 -43.42
N VAL F 31 54.89 2.37 -42.73
CA VAL F 31 56.34 2.43 -42.70
C VAL F 31 56.89 1.14 -43.26
N SER F 32 58.15 1.20 -43.69
CA SER F 32 58.82 0.02 -44.18
C SER F 32 59.21 -0.87 -43.00
N THR F 33 59.72 -2.06 -43.32
CA THR F 33 60.07 -3.02 -42.29
C THR F 33 61.31 -2.56 -41.52
N ASP F 34 62.25 -1.92 -42.19
CA ASP F 34 63.46 -1.38 -41.57
C ASP F 34 63.23 0.00 -40.95
N GLU F 35 62.08 0.62 -41.21
CA GLU F 35 61.83 1.94 -40.65
C GLU F 35 61.57 1.88 -39.16
N VAL F 36 60.85 0.85 -38.70
CA VAL F 36 60.51 0.73 -37.29
C VAL F 36 61.69 0.26 -36.45
N LEU F 37 62.79 -0.18 -37.09
CA LEU F 37 64.00 -0.55 -36.37
C LEU F 37 64.69 0.63 -35.70
N GLN F 38 64.42 1.84 -36.15
CA GLN F 38 64.89 3.03 -35.46
C GLN F 38 63.91 3.50 -34.40
N PHE F 39 62.64 3.10 -34.48
CA PHE F 39 61.59 3.68 -33.67
C PHE F 39 60.91 2.73 -32.70
N LEU F 40 61.45 1.53 -32.50
CA LEU F 40 60.99 0.69 -31.40
C LEU F 40 61.77 0.93 -30.12
N GLU F 41 62.97 1.53 -30.21
CA GLU F 41 63.82 1.70 -29.04
C GLU F 41 63.23 2.67 -28.02
N SER F 42 62.45 3.66 -28.46
CA SER F 42 61.78 4.56 -27.54
C SER F 42 60.56 3.92 -26.89
N PHE F 43 60.06 2.81 -27.43
CA PHE F 43 59.01 2.05 -26.80
C PHE F 43 59.53 1.17 -25.67
N ILE F 44 60.82 0.85 -25.70
CA ILE F 44 61.42 -0.13 -24.81
C ILE F 44 62.26 0.51 -23.72
N ASP F 45 63.06 1.52 -24.08
CA ASP F 45 64.04 2.07 -23.16
C ASP F 45 63.44 2.99 -22.11
N GLU F 46 62.15 3.32 -22.21
CA GLU F 46 61.48 4.12 -21.20
C GLU F 46 60.84 3.27 -20.10
N LYS F 47 61.35 2.07 -19.87
CA LYS F 47 60.67 1.11 -19.02
C LYS F 47 61.13 1.16 -17.57
N GLU F 48 62.44 1.34 -17.34
CA GLU F 48 63.02 1.18 -16.02
C GLU F 48 63.65 2.47 -15.48
N ASN F 49 63.25 3.62 -16.02
CA ASN F 49 63.64 4.89 -15.43
C ASN F 49 62.71 5.27 -14.30
N THR F 80 54.44 -9.15 -14.29
CA THR F 80 53.74 -10.23 -14.96
C THR F 80 53.69 -9.98 -16.47
N ASN F 81 53.00 -8.91 -16.87
CA ASN F 81 52.93 -8.51 -18.26
C ASN F 81 54.04 -7.53 -18.65
N LEU F 82 54.39 -6.61 -17.75
CA LEU F 82 55.56 -5.76 -17.97
C LEU F 82 56.87 -6.51 -17.73
N SER F 83 56.82 -7.72 -17.16
CA SER F 83 57.96 -8.61 -17.19
C SER F 83 58.12 -9.24 -18.58
N SER F 84 57.00 -9.75 -19.12
CA SER F 84 56.97 -10.32 -20.46
C SER F 84 56.72 -9.27 -21.54
N SER F 85 56.99 -8.00 -21.25
CA SER F 85 57.05 -6.96 -22.25
C SER F 85 58.48 -6.56 -22.57
N ILE F 86 59.45 -7.13 -21.86
CA ILE F 86 60.85 -6.75 -21.99
C ILE F 86 61.66 -7.84 -22.68
N SER F 87 61.55 -9.08 -22.20
CA SER F 87 62.44 -10.14 -22.65
C SER F 87 62.07 -10.66 -24.03
N GLN F 88 60.77 -10.83 -24.30
CA GLN F 88 60.39 -11.36 -25.60
C GLN F 88 60.52 -10.34 -26.72
N LEU F 89 60.44 -9.05 -26.41
CA LEU F 89 60.60 -8.02 -27.44
C LEU F 89 62.04 -7.62 -27.66
N LYS F 90 62.96 -8.01 -26.78
CA LYS F 90 64.37 -7.80 -27.06
C LYS F 90 64.97 -8.97 -27.81
N ARG F 91 64.19 -10.03 -28.04
CA ARG F 91 64.61 -11.15 -28.86
C ARG F 91 64.06 -11.08 -30.28
N ILE F 92 63.13 -10.16 -30.55
CA ILE F 92 62.76 -9.82 -31.91
C ILE F 92 63.55 -8.63 -32.43
N GLN F 93 64.53 -8.15 -31.66
CA GLN F 93 65.51 -7.22 -32.18
C GLN F 93 66.26 -7.82 -33.36
N ARG F 94 66.58 -9.10 -33.27
CA ARG F 94 67.46 -9.79 -34.20
C ARG F 94 66.73 -10.32 -35.43
N ASP F 95 65.57 -9.77 -35.76
CA ASP F 95 64.93 -10.11 -37.02
C ASP F 95 65.68 -9.52 -38.19
N PHE F 96 66.06 -8.24 -38.08
CA PHE F 96 66.72 -7.53 -39.15
C PHE F 96 67.90 -6.71 -38.65
N LYS F 97 68.25 -6.83 -37.38
CA LYS F 97 69.35 -6.08 -36.81
C LYS F 97 70.46 -6.95 -36.26
N GLY F 98 70.13 -8.00 -35.50
CA GLY F 98 71.16 -8.80 -34.86
C GLY F 98 71.16 -10.25 -35.28
N LEU F 99 71.84 -11.09 -34.48
CA LEU F 99 71.96 -12.51 -34.78
C LEU F 99 72.30 -13.23 -33.49
N PRO F 100 71.61 -14.33 -33.15
CA PRO F 100 71.93 -15.15 -31.98
C PRO F 100 73.04 -16.15 -32.25
N ASP G 2 -38.25 60.59 -28.11
CA ASP G 2 -37.02 59.82 -28.11
C ASP G 2 -37.12 58.62 -27.20
N GLN G 3 -37.61 57.50 -27.74
CA GLN G 3 -37.72 56.28 -26.95
C GLN G 3 -36.36 55.63 -26.74
N GLU G 4 -35.47 55.73 -27.72
CA GLU G 4 -34.22 55.01 -27.72
C GLU G 4 -33.06 55.89 -28.12
N ASN G 5 -33.31 57.15 -28.49
CA ASN G 5 -32.26 58.05 -28.96
C ASN G 5 -31.24 58.31 -27.88
N GLU G 6 -31.69 58.40 -26.62
CA GLU G 6 -30.76 58.45 -25.50
C GLU G 6 -30.00 57.14 -25.37
N ARG G 7 -30.69 56.01 -25.61
CA ARG G 7 -30.07 54.70 -25.41
C ARG G 7 -29.04 54.42 -26.48
N ASN G 8 -29.43 54.50 -27.74
CA ASN G 8 -28.52 54.10 -28.80
C ASN G 8 -27.46 55.16 -29.10
N ILE G 9 -27.51 56.30 -28.43
CA ILE G 9 -26.34 57.15 -28.39
C ILE G 9 -25.49 56.79 -27.17
N SER G 10 -26.11 56.23 -26.12
CA SER G 10 -25.35 55.88 -24.93
C SER G 10 -24.48 54.67 -25.18
N ARG G 11 -25.03 53.68 -25.88
CA ARG G 11 -24.19 52.56 -26.25
C ARG G 11 -23.17 52.97 -27.30
N LEU G 12 -23.51 53.92 -28.16
CA LEU G 12 -22.63 54.20 -29.29
C LEU G 12 -21.51 55.13 -28.89
N TRP G 13 -21.80 56.10 -28.02
CA TRP G 13 -20.74 56.93 -27.49
C TRP G 13 -19.77 56.10 -26.67
N ARG G 14 -20.30 55.14 -25.92
CA ARG G 14 -19.45 54.12 -25.35
C ARG G 14 -18.76 53.29 -26.43
N ALA G 15 -19.48 52.97 -27.51
CA ALA G 15 -18.85 52.23 -28.58
C ALA G 15 -17.83 53.07 -29.32
N PHE G 16 -18.07 54.37 -29.46
CA PHE G 16 -17.08 55.23 -30.05
C PHE G 16 -15.88 55.42 -29.15
N ARG G 17 -16.05 55.19 -27.85
CA ARG G 17 -15.09 55.67 -26.86
C ARG G 17 -13.77 54.92 -26.94
N THR G 18 -13.82 53.60 -26.84
CA THR G 18 -12.57 52.85 -26.82
C THR G 18 -11.91 52.76 -28.18
N VAL G 19 -12.60 53.19 -29.24
CA VAL G 19 -11.96 53.25 -30.56
C VAL G 19 -10.80 54.23 -30.51
N LYS G 20 -11.02 55.40 -29.93
CA LYS G 20 -9.92 56.33 -29.72
C LYS G 20 -8.94 55.86 -28.67
N GLU G 21 -9.32 54.92 -27.82
CA GLU G 21 -8.35 54.37 -26.87
C GLU G 21 -7.34 53.49 -27.57
N MET G 22 -7.80 52.67 -28.51
CA MET G 22 -6.96 51.64 -29.12
C MET G 22 -5.84 52.23 -29.95
N VAL G 23 -6.20 53.21 -30.79
CA VAL G 23 -5.24 53.93 -31.60
C VAL G 23 -4.24 54.68 -30.72
N LYS G 24 -4.68 55.13 -29.54
CA LYS G 24 -3.74 55.64 -28.54
C LYS G 24 -2.96 54.51 -27.91
N ASP G 25 -3.60 53.35 -27.69
CA ASP G 25 -2.95 52.25 -27.00
C ASP G 25 -1.84 51.64 -27.83
N ARG G 26 -2.01 51.58 -29.15
CA ARG G 26 -1.01 50.94 -29.97
C ARG G 26 0.21 51.84 -30.14
N GLY G 27 0.02 53.15 -30.14
CA GLY G 27 1.13 54.07 -30.23
C GLY G 27 1.05 55.03 -31.41
N TYR G 28 -0.16 55.29 -31.88
CA TYR G 28 -0.36 56.22 -32.97
C TYR G 28 -0.50 57.64 -32.41
N PHE G 29 -0.84 58.61 -33.27
CA PHE G 29 -0.89 60.03 -32.88
C PHE G 29 -2.31 60.44 -32.52
N ILE G 30 -2.63 60.37 -31.22
CA ILE G 30 -3.90 60.79 -30.65
C ILE G 30 -3.61 61.44 -29.29
N THR G 31 -4.11 62.65 -29.08
CA THR G 31 -3.89 63.37 -27.84
C THR G 31 -5.08 63.25 -26.89
N GLN G 32 -4.83 63.64 -25.63
CA GLN G 32 -5.79 63.37 -24.55
C GLN G 32 -6.97 64.32 -24.56
N GLU G 33 -6.77 65.57 -24.98
CA GLU G 33 -7.93 66.42 -25.20
C GLU G 33 -8.70 65.93 -26.42
N GLU G 34 -8.01 65.34 -27.38
CA GLU G 34 -8.69 64.66 -28.47
C GLU G 34 -9.31 63.35 -27.99
N VAL G 35 -8.79 62.77 -26.91
CA VAL G 35 -9.51 61.70 -26.24
C VAL G 35 -10.74 62.25 -25.53
N GLU G 36 -10.56 63.25 -24.66
CA GLU G 36 -11.61 63.77 -23.79
C GLU G 36 -12.79 64.36 -24.55
N LEU G 37 -13.92 63.67 -24.50
CA LEU G 37 -15.04 64.03 -25.36
C LEU G 37 -16.35 63.50 -24.79
N PRO G 38 -17.08 64.30 -24.01
CA PRO G 38 -18.39 63.87 -23.50
C PRO G 38 -19.49 63.89 -24.54
N LEU G 39 -20.74 63.70 -24.07
CA LEU G 39 -21.87 63.44 -24.96
C LEU G 39 -22.20 64.66 -25.82
N GLU G 40 -22.20 65.84 -25.25
CA GLU G 40 -22.44 67.03 -26.05
C GLU G 40 -21.21 67.44 -26.85
N ASP G 41 -20.03 66.93 -26.47
CA ASP G 41 -18.91 66.91 -27.39
C ASP G 41 -19.00 65.77 -28.39
N PHE G 42 -20.02 64.91 -28.28
CA PHE G 42 -20.23 63.81 -29.21
C PHE G 42 -21.53 63.94 -29.98
N LYS G 43 -22.67 63.96 -29.28
CA LYS G 43 -23.94 63.90 -29.98
C LYS G 43 -24.36 65.26 -30.50
N ALA G 44 -23.90 66.34 -29.89
CA ALA G 44 -24.15 67.65 -30.46
C ALA G 44 -23.11 67.99 -31.51
N LYS G 45 -21.93 67.38 -31.41
CA LYS G 45 -20.86 67.68 -32.35
C LYS G 45 -21.12 67.05 -33.72
N TYR G 46 -21.82 65.92 -33.77
CA TYR G 46 -21.91 65.21 -35.03
C TYR G 46 -23.33 65.00 -35.53
N CYS G 47 -24.26 64.65 -34.65
CA CYS G 47 -25.53 64.07 -35.08
C CYS G 47 -26.42 65.10 -35.77
N ASP G 48 -27.39 64.60 -36.52
CA ASP G 48 -28.21 65.44 -37.38
C ASP G 48 -29.46 65.90 -36.65
N SER G 49 -30.40 66.51 -37.39
CA SER G 49 -31.67 66.94 -36.82
C SER G 49 -32.62 65.78 -36.59
N MET G 50 -32.43 64.65 -37.28
CA MET G 50 -33.12 63.44 -36.87
C MET G 50 -32.61 62.96 -35.52
N GLY G 51 -31.31 63.09 -35.29
CA GLY G 51 -30.71 62.66 -34.04
C GLY G 51 -29.82 61.44 -34.23
N ARG G 52 -29.31 61.26 -35.44
CA ARG G 52 -28.52 60.07 -35.73
C ARG G 52 -27.09 60.41 -36.03
N PRO G 53 -26.13 59.71 -35.43
CA PRO G 53 -24.77 59.75 -35.94
C PRO G 53 -24.62 58.83 -37.15
N GLN G 54 -24.62 59.40 -38.35
CA GLN G 54 -24.54 58.57 -39.53
C GLN G 54 -23.09 58.09 -39.71
N ARG G 55 -22.95 56.93 -40.34
CA ARG G 55 -21.68 56.24 -40.26
C ARG G 55 -20.71 56.64 -41.34
N LYS G 56 -21.18 57.23 -42.43
CA LYS G 56 -20.32 57.53 -43.57
C LYS G 56 -19.38 58.69 -43.31
N MET G 57 -19.56 59.46 -42.23
CA MET G 57 -18.64 60.53 -41.91
C MET G 57 -18.19 60.44 -40.45
N MET G 58 -18.27 59.24 -39.88
CA MET G 58 -17.61 58.92 -38.61
C MET G 58 -16.28 58.22 -38.84
N SER G 59 -15.66 58.45 -39.98
CA SER G 59 -14.43 57.78 -40.34
C SER G 59 -13.26 58.41 -39.59
N PHE G 60 -12.07 57.86 -39.82
CA PHE G 60 -10.90 58.25 -39.05
C PHE G 60 -9.66 57.75 -39.78
N GLN G 61 -8.60 58.55 -39.69
CA GLN G 61 -7.27 58.15 -40.12
C GLN G 61 -6.30 58.33 -38.96
N ALA G 62 -5.43 57.37 -38.77
CA ALA G 62 -4.40 57.47 -37.75
C ALA G 62 -3.05 57.73 -38.39
N ASN G 63 -2.02 57.78 -37.55
CA ASN G 63 -0.64 58.05 -37.93
C ASN G 63 0.22 57.71 -36.72
N PRO G 64 1.29 56.94 -36.86
CA PRO G 64 2.13 56.65 -35.69
C PRO G 64 2.96 57.85 -35.28
N THR G 65 3.21 57.93 -33.98
CA THR G 65 4.01 59.01 -33.42
C THR G 65 5.48 58.82 -33.78
N GLU G 66 6.25 59.90 -33.61
CA GLU G 66 7.69 59.89 -33.80
C GLU G 66 8.41 59.09 -32.73
N GLU G 67 7.77 58.87 -31.59
CA GLU G 67 8.33 57.99 -30.58
C GLU G 67 8.18 56.54 -30.98
N SER G 68 7.02 56.19 -31.54
CA SER G 68 6.72 54.82 -31.91
C SER G 68 7.48 54.37 -33.15
N ILE G 69 7.61 55.24 -34.15
CA ILE G 69 8.34 54.92 -35.37
C ILE G 69 9.83 54.77 -35.07
N SER G 70 10.33 55.48 -34.05
CA SER G 70 11.74 55.42 -33.69
C SER G 70 12.18 54.05 -33.19
N LYS G 71 11.23 53.19 -32.78
CA LYS G 71 11.55 51.81 -32.44
C LYS G 71 10.76 50.80 -33.25
N PHE G 72 9.90 51.24 -34.17
CA PHE G 72 9.09 50.35 -34.98
C PHE G 72 8.96 50.96 -36.38
N PRO G 73 9.96 50.76 -37.24
CA PRO G 73 10.05 51.53 -38.48
C PRO G 73 9.11 51.09 -39.59
N ASP G 74 8.22 50.13 -39.38
CA ASP G 74 7.22 49.82 -40.38
C ASP G 74 5.82 50.05 -39.86
N MET G 75 5.69 50.60 -38.66
CA MET G 75 4.41 50.98 -38.10
C MET G 75 3.83 52.12 -38.92
N GLY G 76 2.68 51.88 -39.55
CA GLY G 76 2.10 52.80 -40.49
C GLY G 76 0.68 53.20 -40.15
N SER G 77 -0.04 53.67 -41.16
CA SER G 77 -1.31 54.35 -40.97
C SER G 77 -2.41 53.37 -40.58
N LEU G 78 -3.62 53.90 -40.41
CA LEU G 78 -4.76 53.11 -40.00
C LEU G 78 -6.03 53.81 -40.44
N TRP G 79 -6.95 53.05 -41.02
CA TRP G 79 -8.25 53.58 -41.43
C TRP G 79 -9.33 52.84 -40.67
N VAL G 80 -10.28 53.59 -40.12
CA VAL G 80 -11.37 53.05 -39.32
C VAL G 80 -12.67 53.61 -39.85
N GLU G 81 -13.68 52.76 -40.02
CA GLU G 81 -14.96 53.24 -40.53
C GLU G 81 -16.09 52.31 -40.09
N PHE G 82 -17.25 52.90 -39.81
CA PHE G 82 -18.45 52.17 -39.42
C PHE G 82 -19.25 51.79 -40.66
N CYS G 83 -20.51 51.40 -40.46
CA CYS G 83 -21.36 51.01 -41.58
C CYS G 83 -22.81 51.41 -41.30
N ASP G 84 -23.49 51.97 -42.31
CA ASP G 84 -24.88 52.36 -42.15
C ASP G 84 -25.83 51.18 -42.13
N GLU G 85 -25.69 50.28 -43.11
CA GLU G 85 -26.60 49.17 -43.21
C GLU G 85 -26.28 48.15 -42.12
N PRO G 86 -27.31 47.62 -41.41
CA PRO G 86 -27.06 46.72 -40.27
C PRO G 86 -26.41 45.39 -40.64
N SER G 87 -27.04 44.61 -41.50
CA SER G 87 -26.38 43.47 -42.12
C SER G 87 -25.42 44.01 -43.17
N VAL G 88 -24.13 43.73 -43.00
CA VAL G 88 -23.11 44.28 -43.88
C VAL G 88 -23.28 43.66 -45.28
N GLY G 89 -23.48 44.53 -46.27
CA GLY G 89 -23.69 44.05 -47.61
C GLY G 89 -22.42 43.50 -48.24
N VAL G 90 -22.60 42.53 -49.13
CA VAL G 90 -21.47 41.89 -49.78
C VAL G 90 -20.83 42.83 -50.80
N LYS G 91 -21.59 43.81 -51.31
CA LYS G 91 -21.09 44.72 -52.32
C LYS G 91 -20.04 45.67 -51.74
N THR G 92 -20.34 46.25 -50.58
CA THR G 92 -19.45 47.24 -50.00
C THR G 92 -18.18 46.63 -49.40
N MET G 93 -18.14 45.32 -49.25
CA MET G 93 -16.90 44.64 -48.92
C MET G 93 -15.87 44.84 -50.02
N LYS G 94 -16.31 44.73 -51.27
CA LYS G 94 -15.39 44.77 -52.41
C LYS G 94 -14.80 46.16 -52.58
N THR G 95 -15.64 47.19 -52.50
CA THR G 95 -15.19 48.55 -52.71
C THR G 95 -14.36 49.08 -51.55
N PHE G 96 -14.43 48.47 -50.37
CA PHE G 96 -13.73 49.07 -49.24
C PHE G 96 -12.34 48.51 -49.05
N VAL G 97 -12.08 47.28 -49.50
CA VAL G 97 -10.71 46.78 -49.56
C VAL G 97 -9.87 47.66 -50.47
N ILE G 98 -10.48 48.19 -51.53
CA ILE G 98 -9.83 49.09 -52.47
C ILE G 98 -9.31 50.37 -51.79
N HIS G 99 -9.98 50.87 -50.76
CA HIS G 99 -9.53 52.09 -50.08
C HIS G 99 -8.20 51.88 -49.38
N ILE G 100 -7.98 50.70 -48.84
CA ILE G 100 -6.68 50.35 -48.27
C ILE G 100 -5.61 50.28 -49.35
N GLN G 101 -5.95 49.75 -50.52
CA GLN G 101 -4.99 49.55 -51.59
C GLN G 101 -4.52 50.84 -52.22
N GLU G 102 -5.30 51.91 -52.10
CA GLU G 102 -4.94 53.18 -52.73
C GLU G 102 -3.72 53.79 -52.08
N LYS G 103 -3.84 54.15 -50.81
CA LYS G 103 -2.76 54.82 -50.11
C LYS G 103 -1.73 53.84 -49.61
N ASN G 104 -1.98 52.55 -49.83
CA ASN G 104 -1.20 51.43 -49.32
C ASN G 104 -1.05 51.55 -47.80
N PHE G 105 -2.20 51.46 -47.14
CA PHE G 105 -2.26 51.47 -45.69
C PHE G 105 -1.51 50.27 -45.10
N GLN G 106 -1.27 50.35 -43.80
CA GLN G 106 -0.49 49.37 -43.10
C GLN G 106 -1.33 48.59 -42.09
N THR G 107 -2.53 49.08 -41.78
CA THR G 107 -3.49 48.37 -40.94
C THR G 107 -4.88 48.89 -41.29
N GLY G 108 -5.88 48.02 -41.29
CA GLY G 108 -7.26 48.44 -41.39
C GLY G 108 -8.11 47.84 -40.29
N ILE G 109 -9.06 48.64 -39.82
CA ILE G 109 -10.06 48.21 -38.85
C ILE G 109 -11.42 48.32 -39.53
N PHE G 110 -12.09 47.19 -39.70
CA PHE G 110 -13.46 47.24 -40.19
C PHE G 110 -14.37 47.27 -38.97
N VAL G 111 -15.61 47.69 -39.18
CA VAL G 111 -16.63 47.62 -38.12
C VAL G 111 -17.91 47.09 -38.74
N TYR G 112 -18.50 46.08 -38.10
CA TYR G 112 -19.83 45.63 -38.44
C TYR G 112 -20.79 45.94 -37.30
N GLN G 113 -22.08 45.86 -37.61
CA GLN G 113 -23.12 46.12 -36.64
C GLN G 113 -23.55 44.84 -35.94
N ASN G 114 -23.84 43.82 -36.70
CA ASN G 114 -24.23 42.56 -36.07
C ASN G 114 -23.53 41.34 -36.65
N ASN G 115 -23.22 41.33 -37.95
CA ASN G 115 -22.52 40.19 -38.53
C ASN G 115 -21.73 40.61 -39.75
N ILE G 116 -20.96 39.66 -40.28
CA ILE G 116 -20.35 39.77 -41.59
C ILE G 116 -20.80 38.56 -42.38
N THR G 117 -21.05 38.74 -43.68
CA THR G 117 -21.51 37.62 -44.49
C THR G 117 -20.36 36.65 -44.73
N PRO G 118 -20.65 35.34 -44.79
CA PRO G 118 -19.63 34.38 -45.22
C PRO G 118 -19.24 34.52 -46.67
N SER G 119 -20.04 35.23 -47.47
CA SER G 119 -19.63 35.62 -48.82
C SER G 119 -18.66 36.78 -48.81
N ALA G 120 -18.39 37.40 -47.66
CA ALA G 120 -17.39 38.45 -47.56
C ALA G 120 -16.07 37.94 -47.00
N MET G 121 -16.13 37.04 -46.03
CA MET G 121 -14.94 36.63 -45.29
C MET G 121 -14.36 35.35 -45.89
N LYS G 122 -13.92 35.45 -47.14
CA LYS G 122 -13.25 34.34 -47.79
C LYS G 122 -11.93 34.72 -48.46
N LEU G 123 -11.84 35.95 -48.94
CA LEU G 123 -10.58 36.41 -49.59
C LEU G 123 -10.26 37.82 -49.10
N VAL G 124 -10.42 38.07 -47.78
CA VAL G 124 -10.18 39.45 -47.35
C VAL G 124 -8.77 39.71 -46.83
N PRO G 125 -8.10 38.81 -46.03
CA PRO G 125 -6.69 39.13 -45.75
C PRO G 125 -5.87 38.88 -46.99
N SER G 126 -5.60 39.94 -47.72
CA SER G 126 -5.03 39.80 -49.05
C SER G 126 -3.70 40.51 -49.15
N ILE G 127 -3.70 41.80 -48.81
CA ILE G 127 -2.49 42.61 -48.95
C ILE G 127 -1.58 42.26 -47.78
N PRO G 128 -0.32 41.95 -48.05
CA PRO G 128 0.57 41.44 -47.00
C PRO G 128 0.94 42.48 -45.94
N PRO G 129 1.29 43.75 -46.26
CA PRO G 129 1.64 44.65 -45.14
C PRO G 129 0.45 45.11 -44.31
N ALA G 130 -0.76 45.13 -44.86
CA ALA G 130 -1.92 45.65 -44.14
C ALA G 130 -2.78 44.49 -43.64
N THR G 131 -2.75 44.26 -42.33
CA THR G 131 -3.64 43.30 -41.73
C THR G 131 -5.03 43.91 -41.54
N ILE G 132 -5.99 43.04 -41.29
CA ILE G 132 -7.39 43.42 -41.16
C ILE G 132 -7.95 42.75 -39.91
N GLU G 133 -8.70 43.49 -39.09
CA GLU G 133 -9.60 42.86 -38.15
C GLU G 133 -10.84 43.72 -37.98
N THR G 134 -11.99 43.05 -37.80
CA THR G 134 -13.25 43.73 -37.59
C THR G 134 -13.76 43.43 -36.19
N PHE G 135 -14.53 44.36 -35.64
CA PHE G 135 -15.04 44.28 -34.29
C PHE G 135 -16.55 44.36 -34.34
N ASN G 136 -17.22 43.73 -33.38
CA ASN G 136 -18.62 44.09 -33.22
C ASN G 136 -18.69 45.41 -32.49
N GLU G 137 -19.69 46.21 -32.86
CA GLU G 137 -19.89 47.51 -32.23
C GLU G 137 -20.36 47.38 -30.79
N ALA G 138 -21.10 46.33 -30.47
CA ALA G 138 -21.56 46.14 -29.10
C ALA G 138 -20.54 45.41 -28.25
N ALA G 139 -19.47 44.90 -28.85
CA ALA G 139 -18.38 44.26 -28.13
C ALA G 139 -17.33 45.25 -27.67
N LEU G 140 -17.61 46.54 -27.77
CA LEU G 140 -16.66 47.59 -27.40
C LEU G 140 -17.24 48.61 -26.43
N VAL G 141 -18.45 48.38 -25.90
CA VAL G 141 -19.08 49.36 -25.02
C VAL G 141 -18.46 49.39 -23.64
N VAL G 142 -17.53 48.50 -23.34
CA VAL G 142 -16.62 48.66 -22.22
C VAL G 142 -15.22 48.69 -22.81
N ASN G 143 -14.23 48.93 -21.95
CA ASN G 143 -12.86 48.68 -22.34
C ASN G 143 -12.44 47.39 -21.67
N ILE G 144 -11.27 46.90 -22.05
CA ILE G 144 -10.72 45.67 -21.53
C ILE G 144 -9.56 45.94 -20.59
N THR G 145 -8.61 46.76 -21.02
CA THR G 145 -7.49 47.08 -20.15
C THR G 145 -7.85 48.09 -19.07
N HIS G 146 -9.11 48.53 -19.01
CA HIS G 146 -9.64 49.31 -17.89
C HIS G 146 -10.19 48.43 -16.77
N HIS G 147 -9.67 47.22 -16.63
CA HIS G 147 -10.04 46.32 -15.55
C HIS G 147 -8.90 46.25 -14.54
N GLU G 148 -9.22 45.85 -13.32
CA GLU G 148 -8.20 45.67 -12.30
C GLU G 148 -7.39 44.42 -12.55
N LEU G 149 -8.00 43.38 -13.13
CA LEU G 149 -7.33 42.09 -13.19
C LEU G 149 -6.31 42.03 -14.31
N VAL G 150 -6.57 42.69 -15.43
CA VAL G 150 -5.66 42.58 -16.57
C VAL G 150 -4.39 43.39 -16.30
N PRO G 151 -3.24 42.83 -16.53
CA PRO G 151 -2.00 43.59 -16.36
C PRO G 151 -1.71 44.45 -17.57
N LYS G 152 -0.64 45.21 -17.53
CA LYS G 152 -0.33 46.11 -18.62
C LYS G 152 0.42 45.35 -19.70
N HIS G 153 0.08 45.63 -20.96
CA HIS G 153 0.64 44.92 -22.09
C HIS G 153 1.53 45.86 -22.88
N ILE G 154 2.69 45.38 -23.28
CA ILE G 154 3.59 46.15 -24.14
C ILE G 154 4.09 45.22 -25.23
N ARG G 155 3.80 45.54 -26.48
CA ARG G 155 4.44 44.84 -27.57
C ARG G 155 5.91 45.23 -27.64
N LEU G 156 6.75 44.24 -27.86
CA LEU G 156 8.19 44.46 -27.72
C LEU G 156 8.83 44.60 -29.10
N SER G 157 9.99 45.25 -29.14
CA SER G 157 10.64 45.60 -30.39
C SER G 157 11.41 44.41 -30.94
N SER G 158 12.29 44.68 -31.91
CA SER G 158 13.01 43.62 -32.59
C SER G 158 14.40 43.37 -32.02
N ASP G 159 15.07 44.40 -31.51
CA ASP G 159 16.44 44.25 -31.05
C ASP G 159 16.52 44.04 -29.55
N GLU G 160 15.38 43.91 -28.87
CA GLU G 160 15.36 43.32 -27.54
C GLU G 160 14.83 41.90 -27.54
N LYS G 161 14.09 41.50 -28.58
CA LYS G 161 13.82 40.09 -28.80
C LYS G 161 15.11 39.31 -28.96
N ARG G 162 16.09 39.88 -29.67
CA ARG G 162 17.42 39.32 -29.70
C ARG G 162 18.06 39.34 -28.31
N GLU G 163 17.80 40.37 -27.53
CA GLU G 163 18.39 40.46 -26.19
C GLU G 163 17.63 39.66 -25.16
N LEU G 164 16.31 39.52 -25.30
CA LEU G 164 15.55 38.61 -24.45
C LEU G 164 15.98 37.18 -24.69
N LEU G 165 16.18 36.82 -25.95
CA LEU G 165 16.64 35.48 -26.29
C LEU G 165 18.12 35.30 -26.00
N LYS G 166 18.89 36.38 -25.95
CA LYS G 166 20.29 36.26 -25.56
C LYS G 166 20.40 35.93 -24.07
N ARG G 167 19.59 36.58 -23.25
CA ARG G 167 19.70 36.37 -21.81
C ARG G 167 19.17 35.01 -21.40
N TYR G 168 18.38 34.36 -22.25
CA TYR G 168 17.71 33.11 -21.90
C TYR G 168 18.07 31.93 -22.76
N ARG G 169 18.70 32.15 -23.93
CA ARG G 169 19.48 31.15 -24.64
C ARG G 169 18.59 30.00 -25.13
N LEU G 170 17.51 30.36 -25.82
CA LEU G 170 16.47 29.37 -26.09
C LEU G 170 15.80 29.71 -27.41
N LYS G 171 14.60 29.18 -27.62
CA LYS G 171 13.87 29.28 -28.87
C LYS G 171 12.50 29.91 -28.65
N GLU G 172 11.82 30.17 -29.75
CA GLU G 172 10.62 30.97 -29.76
C GLU G 172 9.36 30.19 -29.42
N SER G 173 9.27 28.92 -29.81
CA SER G 173 8.03 28.16 -29.70
C SER G 173 7.87 27.50 -28.34
N GLN G 174 8.40 28.13 -27.34
CA GLN G 174 8.82 27.59 -26.07
C GLN G 174 8.21 28.31 -24.88
N LEU G 175 8.05 29.63 -24.97
CA LEU G 175 7.41 30.41 -23.92
C LEU G 175 5.90 30.30 -24.05
N PRO G 176 5.14 30.60 -22.99
CA PRO G 176 3.68 30.48 -23.06
C PRO G 176 3.06 31.43 -24.07
N ARG G 177 1.79 31.19 -24.35
CA ARG G 177 1.19 31.81 -25.51
C ARG G 177 -0.20 32.34 -25.21
N ILE G 178 -0.67 33.18 -26.13
CA ILE G 178 -2.02 33.74 -26.12
C ILE G 178 -2.63 33.51 -27.49
N GLN G 179 -3.91 33.13 -27.50
CA GLN G 179 -4.59 32.74 -28.72
C GLN G 179 -4.94 33.98 -29.55
N ARG G 180 -5.01 33.78 -30.87
CA ARG G 180 -5.46 34.81 -31.80
C ARG G 180 -6.91 35.20 -31.51
N ALA G 181 -7.72 34.26 -31.07
CA ALA G 181 -9.12 34.55 -30.77
C ALA G 181 -9.33 35.21 -29.41
N ASP G 182 -8.28 35.36 -28.62
CA ASP G 182 -8.39 36.04 -27.34
C ASP G 182 -8.57 37.55 -27.59
N PRO G 183 -9.43 38.23 -26.80
CA PRO G 183 -9.72 39.65 -27.07
C PRO G 183 -8.56 40.61 -26.81
N VAL G 184 -7.43 40.12 -26.33
CA VAL G 184 -6.22 40.93 -26.26
C VAL G 184 -5.53 41.02 -27.62
N ALA G 185 -5.44 39.90 -28.33
CA ALA G 185 -4.91 39.91 -29.69
C ALA G 185 -5.82 40.66 -30.65
N LEU G 186 -7.07 40.85 -30.24
CA LEU G 186 -8.03 41.64 -31.05
C LEU G 186 -7.95 43.10 -30.59
N TYR G 187 -7.04 43.39 -29.65
CA TYR G 187 -6.97 44.74 -29.10
C TYR G 187 -5.67 45.43 -29.51
N LEU G 188 -4.53 44.84 -29.17
CA LEU G 188 -3.26 45.48 -29.47
C LEU G 188 -2.85 45.37 -30.92
N GLY G 189 -3.57 44.59 -31.72
CA GLY G 189 -3.11 44.31 -33.08
C GLY G 189 -1.92 43.39 -33.03
N LEU G 190 -2.14 42.13 -32.67
CA LEU G 190 -1.07 41.18 -32.45
C LEU G 190 -1.01 40.17 -33.59
N LYS G 191 0.22 39.81 -33.98
CA LYS G 191 0.41 38.79 -35.01
C LYS G 191 1.43 37.75 -34.53
N ARG G 192 1.83 36.84 -35.42
CA ARG G 192 2.69 35.73 -35.06
C ARG G 192 4.08 36.20 -34.64
N GLY G 193 4.70 35.43 -33.76
CA GLY G 193 6.12 35.49 -33.52
C GLY G 193 6.65 36.74 -32.87
N GLU G 194 5.81 37.52 -32.19
CA GLU G 194 6.27 38.73 -31.55
C GLU G 194 6.10 38.61 -30.04
N VAL G 195 6.94 39.33 -29.32
CA VAL G 195 7.02 39.22 -27.87
C VAL G 195 6.14 40.30 -27.26
N VAL G 196 5.30 39.91 -26.31
CA VAL G 196 4.37 40.82 -25.65
C VAL G 196 4.80 40.89 -24.19
N LYS G 197 5.47 41.96 -23.81
CA LYS G 197 5.94 42.11 -22.44
C LYS G 197 4.79 42.52 -21.54
N ILE G 198 4.66 41.84 -20.39
CA ILE G 198 3.61 42.13 -19.43
C ILE G 198 4.22 42.30 -18.06
N ILE G 199 3.68 43.23 -17.28
CA ILE G 199 4.05 43.41 -15.87
C ILE G 199 2.79 43.23 -15.05
N ARG G 200 2.78 42.25 -14.16
CA ARG G 200 1.54 41.77 -13.59
C ARG G 200 1.47 42.00 -12.08
N LYS G 201 0.31 41.67 -11.54
CA LYS G 201 -0.08 42.02 -10.19
C LYS G 201 0.34 40.94 -9.22
N SER G 202 1.07 41.34 -8.18
CA SER G 202 1.41 40.43 -7.11
C SER G 202 1.45 41.24 -5.83
N GLU G 203 0.67 40.81 -4.84
CA GLU G 203 0.76 41.43 -3.54
C GLU G 203 1.74 40.68 -2.64
N THR G 204 2.49 39.75 -3.21
CA THR G 204 3.64 39.16 -2.56
C THR G 204 4.93 39.36 -3.33
N SER G 205 4.88 39.95 -4.53
CA SER G 205 6.12 40.27 -5.23
C SER G 205 6.16 41.71 -5.70
N GLY G 206 5.00 42.24 -6.08
CA GLY G 206 4.92 43.55 -6.66
C GLY G 206 4.87 43.51 -8.16
N ARG G 207 5.24 44.62 -8.76
CA ARG G 207 5.33 44.72 -10.21
C ARG G 207 6.56 43.95 -10.67
N TYR G 208 6.36 42.96 -11.54
CA TYR G 208 7.47 42.24 -12.14
C TYR G 208 7.02 41.71 -13.49
N ALA G 209 7.98 41.37 -14.34
CA ALA G 209 7.71 41.16 -15.75
C ALA G 209 7.79 39.69 -16.15
N SER G 210 6.89 39.30 -17.05
CA SER G 210 6.97 38.03 -17.77
C SER G 210 6.57 38.29 -19.22
N TYR G 211 6.41 37.23 -20.02
CA TYR G 211 6.27 37.40 -21.47
C TYR G 211 5.27 36.41 -22.02
N ARG G 212 4.68 36.76 -23.18
CA ARG G 212 3.76 35.89 -23.91
C ARG G 212 4.07 36.01 -25.41
N ILE G 213 3.40 35.18 -26.21
CA ILE G 213 3.48 35.21 -27.68
C ILE G 213 2.08 34.95 -28.24
N CYS G 214 1.65 35.77 -29.20
CA CYS G 214 0.41 35.50 -29.93
C CYS G 214 0.72 34.64 -31.15
N MET G 215 0.60 33.33 -30.99
CA MET G 215 0.77 32.42 -32.11
C MET G 215 -0.25 31.30 -32.04
N PRO H 55 37.32 6.29 -40.62
CA PRO H 55 38.23 7.33 -41.09
C PRO H 55 37.55 8.32 -42.02
N GLU H 56 36.55 7.84 -42.78
CA GLU H 56 35.84 8.71 -43.70
C GLU H 56 34.83 9.58 -42.95
N ASP H 57 33.83 8.95 -42.35
CA ASP H 57 32.89 9.65 -41.49
C ASP H 57 33.16 9.38 -40.01
N PHE H 58 34.37 8.91 -39.69
CA PHE H 58 34.87 9.06 -38.33
C PHE H 58 35.12 10.54 -38.04
N GLN H 59 35.83 11.21 -38.92
CA GLN H 59 36.14 12.63 -38.74
C GLN H 59 34.94 13.53 -38.99
N GLN H 60 33.87 12.99 -39.55
CA GLN H 60 32.58 13.66 -39.48
C GLN H 60 32.04 13.66 -38.05
N HIS H 61 32.43 12.69 -37.23
CA HIS H 61 32.09 12.69 -35.80
C HIS H 61 33.28 13.01 -34.92
N GLU H 62 34.33 13.60 -35.48
CA GLU H 62 35.44 14.09 -34.68
C GLU H 62 35.49 15.60 -34.62
N GLN H 63 35.18 16.29 -35.70
CA GLN H 63 35.11 17.75 -35.69
C GLN H 63 33.68 18.26 -35.78
N ILE H 64 32.69 17.40 -35.49
CA ILE H 64 31.35 17.90 -35.19
C ILE H 64 31.20 18.06 -33.69
N ARG H 65 32.11 17.53 -32.90
CA ARG H 65 32.06 17.69 -31.46
C ARG H 65 33.06 18.72 -30.95
N ARG H 66 34.15 18.94 -31.68
CA ARG H 66 35.08 19.97 -31.28
C ARG H 66 34.61 21.37 -31.69
N LYS H 67 33.54 21.47 -32.48
CA LYS H 67 32.91 22.76 -32.75
C LYS H 67 31.59 22.94 -32.03
N THR H 68 30.85 21.86 -31.75
CA THR H 68 29.70 21.95 -30.88
C THR H 68 30.07 21.86 -29.41
N LEU H 69 31.36 21.91 -29.09
CA LEU H 69 31.82 22.23 -27.75
C LEU H 69 32.28 23.66 -27.63
N LYS H 70 32.77 24.26 -28.71
CA LYS H 70 32.96 25.71 -28.74
C LYS H 70 31.61 26.41 -28.65
N GLU H 71 30.67 25.97 -29.48
CA GLU H 71 29.37 26.64 -29.65
C GLU H 71 28.49 26.49 -28.42
N LYS H 72 28.69 25.45 -27.63
CA LYS H 72 27.87 25.20 -26.47
C LYS H 72 28.52 25.67 -25.18
N ALA H 73 29.81 26.00 -25.21
CA ALA H 73 30.48 26.48 -24.01
C ALA H 73 30.13 27.92 -23.72
N ILE H 74 30.38 28.31 -22.48
CA ILE H 74 30.39 29.70 -22.03
C ILE H 74 31.61 29.85 -21.13
N PRO H 75 32.53 30.76 -21.41
CA PRO H 75 33.66 30.94 -20.50
C PRO H 75 33.27 31.72 -19.26
N LYS H 76 34.24 32.01 -18.41
CA LYS H 76 33.97 32.70 -17.15
C LYS H 76 33.59 34.16 -17.36
N ASP H 77 33.89 34.74 -18.52
CA ASP H 77 33.57 36.14 -18.75
C ASP H 77 32.07 36.34 -18.90
N GLN H 78 31.40 35.44 -19.59
CA GLN H 78 29.94 35.51 -19.75
C GLN H 78 29.22 34.66 -18.71
N ARG H 79 29.80 34.51 -17.53
CA ARG H 79 29.16 33.85 -16.41
C ARG H 79 27.87 34.58 -16.02
N ALA H 80 26.79 33.83 -15.84
CA ALA H 80 25.53 34.44 -15.49
C ALA H 80 24.81 33.74 -14.36
N THR H 81 25.41 32.73 -13.73
CA THR H 81 24.73 31.93 -12.72
C THR H 81 25.20 32.32 -11.32
N THR H 82 24.49 31.82 -10.31
CA THR H 82 24.71 32.23 -8.92
C THR H 82 26.06 31.76 -8.38
N PRO H 83 26.92 32.66 -7.92
CA PRO H 83 28.31 32.30 -7.60
C PRO H 83 28.50 31.84 -6.16
N TYR H 84 27.66 30.90 -5.71
CA TYR H 84 27.80 30.30 -4.39
C TYR H 84 28.00 28.80 -4.47
N MET H 85 28.71 28.29 -3.48
CA MET H 85 28.81 26.86 -3.20
C MET H 85 27.53 26.46 -2.48
N THR H 86 26.55 25.98 -3.24
CA THR H 86 25.22 25.76 -2.71
C THR H 86 25.05 24.32 -2.25
N LYS H 87 23.85 23.96 -1.78
CA LYS H 87 23.72 22.72 -1.01
C LYS H 87 23.62 21.48 -1.89
N TYR H 88 23.01 21.59 -3.07
CA TYR H 88 23.04 20.46 -4.00
C TYR H 88 24.45 20.20 -4.49
N GLU H 89 25.23 21.27 -4.67
CA GLU H 89 26.66 21.15 -4.91
C GLU H 89 27.31 20.48 -3.72
N ARG H 90 26.93 20.91 -2.53
CA ARG H 90 27.45 20.32 -1.30
C ARG H 90 26.89 18.93 -1.07
N ALA H 91 25.74 18.62 -1.65
CA ALA H 91 25.25 17.25 -1.72
C ALA H 91 25.79 16.51 -2.93
N ARG H 92 26.82 17.05 -3.58
CA ARG H 92 27.42 16.35 -4.71
C ARG H 92 28.90 16.10 -4.54
N ILE H 93 29.70 17.15 -4.35
CA ILE H 93 31.13 17.01 -4.56
C ILE H 93 31.84 16.41 -3.37
N LEU H 94 31.19 16.40 -2.20
CA LEU H 94 31.67 15.57 -1.11
C LEU H 94 31.65 14.11 -1.52
N GLY H 95 30.46 13.59 -1.77
CA GLY H 95 30.30 12.18 -2.06
C GLY H 95 30.85 11.78 -3.40
N THR H 96 31.04 12.74 -4.30
CA THR H 96 31.74 12.40 -5.52
C THR H 96 33.23 12.21 -5.26
N ARG H 97 33.82 12.98 -4.35
CA ARG H 97 35.16 12.65 -3.90
C ARG H 97 35.16 11.52 -2.86
N ALA H 98 34.08 11.34 -2.11
CA ALA H 98 34.13 10.40 -0.99
C ALA H 98 34.23 8.96 -1.48
N LEU H 99 33.46 8.57 -2.49
CA LEU H 99 33.74 7.27 -3.10
C LEU H 99 35.01 7.30 -3.93
N GLN H 100 35.41 8.47 -4.42
CA GLN H 100 36.69 8.57 -5.10
C GLN H 100 37.84 8.45 -4.11
N ILE H 101 37.71 9.04 -2.93
CA ILE H 101 38.79 8.89 -1.95
C ILE H 101 38.73 7.52 -1.29
N SER H 102 37.60 6.81 -1.40
CA SER H 102 37.50 5.46 -0.91
C SER H 102 38.33 4.48 -1.71
N MET H 103 38.70 4.84 -2.94
CA MET H 103 39.43 3.96 -3.85
C MET H 103 40.92 4.25 -3.79
N ASN H 104 41.40 4.51 -2.57
CA ASN H 104 42.82 4.69 -2.25
C ASN H 104 43.39 5.90 -2.97
N ALA H 105 42.56 6.92 -3.18
CA ALA H 105 43.02 8.17 -3.75
C ALA H 105 43.91 8.89 -2.76
N PRO H 106 44.82 9.74 -3.23
CA PRO H 106 45.70 10.44 -2.29
C PRO H 106 44.98 11.51 -1.49
N VAL H 107 45.48 11.74 -0.28
CA VAL H 107 44.97 12.76 0.63
C VAL H 107 46.09 13.75 0.92
N PHE H 108 45.71 15.01 1.09
CA PHE H 108 46.65 16.09 1.36
C PHE H 108 46.74 16.44 2.85
N VAL H 109 45.62 16.45 3.54
CA VAL H 109 45.57 16.90 4.93
C VAL H 109 45.48 15.68 5.83
N ASP H 110 46.25 15.69 6.92
CA ASP H 110 46.29 14.59 7.87
C ASP H 110 44.92 14.43 8.55
N LEU H 111 44.25 13.34 8.24
CA LEU H 111 42.99 13.01 8.89
C LEU H 111 43.25 12.56 10.33
N GLU H 112 42.25 12.77 11.19
CA GLU H 112 42.41 12.50 12.62
C GLU H 112 41.98 11.06 12.94
N GLY H 113 42.49 10.12 12.14
CA GLY H 113 42.08 8.72 12.20
C GLY H 113 40.62 8.48 11.95
N GLU H 114 39.91 9.43 11.35
CA GLU H 114 38.45 9.40 11.32
C GLU H 114 38.03 8.48 10.18
N THR H 115 37.88 7.21 10.51
CA THR H 115 37.66 6.15 9.51
C THR H 115 36.21 6.18 9.02
N ASP H 116 35.88 7.24 8.30
CA ASP H 116 34.67 7.38 7.50
C ASP H 116 35.08 8.01 6.18
N PRO H 117 34.64 7.48 5.05
CA PRO H 117 35.00 8.10 3.77
C PRO H 117 34.33 9.45 3.56
N LEU H 118 33.16 9.66 4.16
CA LEU H 118 32.47 10.93 3.99
C LEU H 118 33.13 12.04 4.78
N ARG H 119 33.56 11.74 6.01
CA ARG H 119 34.02 12.77 6.92
C ARG H 119 35.38 13.34 6.56
N ILE H 120 36.11 12.75 5.63
CA ILE H 120 37.38 13.36 5.27
C ILE H 120 37.15 14.56 4.36
N ALA H 121 36.13 14.46 3.50
CA ALA H 121 35.95 15.48 2.46
C ALA H 121 35.39 16.77 3.02
N MET H 122 34.57 16.70 4.07
CA MET H 122 34.18 17.91 4.77
C MET H 122 35.31 18.51 5.59
N LYS H 123 36.32 17.71 5.95
CA LYS H 123 37.55 18.25 6.48
C LYS H 123 38.43 18.85 5.39
N GLU H 124 38.14 18.54 4.12
CA GLU H 124 38.80 19.19 3.00
C GLU H 124 38.00 20.39 2.47
N LEU H 125 36.67 20.29 2.49
CA LEU H 125 35.81 21.31 1.89
C LEU H 125 35.94 22.65 2.60
N ALA H 126 36.03 22.63 3.93
CA ALA H 126 36.30 23.82 4.71
C ALA H 126 37.78 24.11 4.82
N GLU H 127 38.60 23.46 4.02
CA GLU H 127 40.03 23.69 3.99
C GLU H 127 40.56 23.88 2.57
N LYS H 128 39.81 23.44 1.55
CA LYS H 128 40.06 23.67 0.13
C LYS H 128 41.41 23.11 -0.34
N LYS H 129 41.50 21.78 -0.26
CA LYS H 129 42.44 20.99 -1.05
C LYS H 129 41.66 19.93 -1.81
N ILE H 130 40.60 20.38 -2.47
CA ILE H 130 39.57 19.58 -3.11
C ILE H 130 39.74 19.67 -4.63
N PRO H 131 40.36 18.69 -5.28
CA PRO H 131 40.62 18.82 -6.72
C PRO H 131 39.47 18.39 -7.63
N LEU H 132 38.38 19.14 -7.59
CA LEU H 132 37.25 18.83 -8.46
C LEU H 132 36.77 20.11 -9.14
N VAL H 133 36.05 19.92 -10.25
CA VAL H 133 35.59 21.01 -11.11
C VAL H 133 34.14 20.72 -11.50
N ILE H 134 33.28 21.72 -11.33
CA ILE H 134 31.83 21.55 -11.48
C ILE H 134 31.39 22.15 -12.81
N ARG H 135 30.60 21.38 -13.56
CA ARG H 135 29.89 21.87 -14.73
C ARG H 135 28.46 22.22 -14.31
N ARG H 136 27.80 23.05 -15.10
CA ARG H 136 26.46 23.50 -14.74
C ARG H 136 25.68 23.74 -16.01
N TYR H 137 24.53 23.07 -16.15
CA TYR H 137 23.78 23.12 -17.40
C TYR H 137 22.71 24.20 -17.42
N LEU H 138 22.77 25.06 -18.43
CA LEU H 138 21.65 25.92 -18.76
C LEU H 138 20.81 25.15 -19.78
N PRO H 139 19.60 24.75 -19.44
CA PRO H 139 19.01 23.57 -20.07
C PRO H 139 18.49 23.70 -21.50
N ASP H 140 18.88 24.72 -22.24
CA ASP H 140 18.60 24.68 -23.67
C ASP H 140 19.86 24.74 -24.50
N GLY H 141 20.84 23.92 -24.13
CA GLY H 141 21.95 23.71 -25.04
C GLY H 141 23.10 24.67 -24.83
N SER H 142 23.50 24.84 -23.58
CA SER H 142 24.66 25.62 -23.21
C SER H 142 25.01 25.27 -21.77
N PHE H 143 26.28 25.06 -21.52
CA PHE H 143 26.69 24.81 -20.14
C PHE H 143 27.46 26.00 -19.62
N GLU H 144 27.87 25.89 -18.36
CA GLU H 144 28.71 26.91 -17.75
C GLU H 144 29.67 26.20 -16.82
N ASP H 145 30.89 26.72 -16.73
CA ASP H 145 31.96 26.06 -16.01
C ASP H 145 32.23 26.77 -14.69
N TRP H 146 32.78 26.03 -13.74
CA TRP H 146 33.24 26.60 -12.49
C TRP H 146 34.51 25.90 -12.08
N SER H 147 34.96 26.22 -10.86
CA SER H 147 35.89 25.38 -10.13
C SER H 147 35.63 25.66 -8.65
N VAL H 148 36.41 25.01 -7.79
CA VAL H 148 36.19 25.14 -6.36
C VAL H 148 37.06 26.24 -5.76
N GLU H 149 38.11 26.66 -6.46
CA GLU H 149 39.00 27.69 -5.93
C GLU H 149 38.33 29.06 -5.98
N GLU H 150 37.51 29.30 -7.00
CA GLU H 150 36.76 30.56 -7.12
C GLU H 150 35.29 30.38 -6.78
N LEU H 151 34.97 29.45 -5.89
CA LEU H 151 33.61 29.32 -5.39
C LEU H 151 33.66 29.29 -3.87
N ILE H 152 32.74 30.03 -3.24
CA ILE H 152 32.80 30.21 -1.79
C ILE H 152 31.52 29.69 -1.14
N VAL H 153 31.68 29.19 0.08
CA VAL H 153 30.69 28.36 0.77
C VAL H 153 29.72 29.24 1.53
N ASP H 154 28.43 28.88 1.46
CA ASP H 154 27.38 29.53 2.25
C ASP H 154 27.61 29.36 3.75
N ASN I 8 14.18 -3.19 -54.86
CA ASN I 8 15.08 -3.06 -53.71
C ASN I 8 16.11 -4.16 -53.76
N GLU I 9 16.96 -4.13 -54.79
CA GLU I 9 17.96 -5.17 -54.99
C GLU I 9 19.39 -4.63 -54.95
N ASN I 10 19.69 -3.58 -55.73
CA ASN I 10 21.07 -3.15 -55.92
C ASN I 10 21.51 -2.08 -54.93
N ARG I 11 20.56 -1.41 -54.28
CA ARG I 11 20.90 -0.32 -53.37
C ARG I 11 21.55 -0.83 -52.09
N GLU I 12 21.05 -1.96 -51.58
CA GLU I 12 21.56 -2.53 -50.34
C GLU I 12 22.97 -3.08 -50.51
N THR I 13 23.30 -3.55 -51.71
CA THR I 13 24.52 -4.29 -51.98
C THR I 13 25.79 -3.45 -51.93
N ALA I 14 25.69 -2.13 -51.76
CA ALA I 14 26.89 -1.30 -51.68
C ALA I 14 27.64 -1.48 -50.37
N ARG I 15 26.94 -1.86 -49.30
CA ARG I 15 27.59 -1.97 -47.99
C ARG I 15 28.41 -3.23 -47.85
N PHE I 16 28.40 -4.10 -48.85
CA PHE I 16 29.16 -5.34 -48.82
C PHE I 16 30.67 -5.08 -48.75
N ILE I 17 31.12 -3.93 -49.25
CA ILE I 17 32.54 -3.68 -49.35
C ILE I 17 33.04 -2.63 -48.36
N LYS I 18 32.24 -1.62 -48.00
CA LYS I 18 32.78 -0.53 -47.18
C LYS I 18 33.04 -0.97 -45.75
N LYS I 19 32.35 -2.01 -45.28
CA LYS I 19 32.70 -2.68 -44.04
C LYS I 19 33.46 -3.98 -44.29
N HIS I 20 33.96 -4.18 -45.50
CA HIS I 20 34.85 -5.31 -45.78
C HIS I 20 36.00 -4.94 -46.69
N LYS I 21 36.23 -3.64 -46.93
CA LYS I 21 37.38 -3.21 -47.70
C LYS I 21 38.66 -3.51 -46.96
N LYS I 22 39.64 -4.07 -47.67
CA LYS I 22 40.99 -4.13 -47.14
C LYS I 22 41.52 -2.72 -47.01
N GLN I 23 41.79 -2.31 -45.77
CA GLN I 23 42.12 -0.93 -45.47
C GLN I 23 43.45 -0.53 -46.09
N VAL I 24 44.46 -1.40 -45.96
CA VAL I 24 45.73 -1.26 -46.68
C VAL I 24 46.12 -2.63 -47.19
N THR I 25 46.26 -2.76 -48.51
CA THR I 25 46.96 -3.89 -49.11
C THR I 25 48.39 -3.47 -49.41
N ASN I 26 49.30 -4.46 -49.44
CA ASN I 26 50.74 -4.18 -49.54
C ASN I 26 51.36 -5.04 -50.64
N PRO I 27 52.14 -4.45 -51.55
CA PRO I 27 52.92 -5.24 -52.51
C PRO I 27 54.22 -5.75 -51.90
N ILE I 28 55.10 -6.31 -52.74
CA ILE I 28 56.37 -6.85 -52.24
C ILE I 28 57.27 -5.72 -51.76
N ASP I 29 58.26 -6.08 -50.94
CA ASP I 29 59.11 -5.12 -50.24
C ASP I 29 60.55 -5.44 -50.54
N GLU I 30 61.24 -4.49 -51.21
CA GLU I 30 62.70 -4.42 -51.33
C GLU I 30 63.34 -5.54 -52.14
N LYS I 31 62.55 -6.54 -52.55
CA LYS I 31 63.04 -7.82 -53.07
C LYS I 31 64.10 -8.41 -52.15
N ASN I 32 63.65 -8.78 -50.95
CA ASN I 32 64.57 -9.38 -49.99
C ASN I 32 63.97 -10.56 -49.24
N GLY I 33 62.83 -11.09 -49.68
CA GLY I 33 62.19 -12.23 -49.08
C GLY I 33 61.02 -11.88 -48.17
N THR I 34 61.09 -10.74 -47.48
CA THR I 34 60.06 -10.35 -46.52
C THR I 34 58.99 -9.51 -47.21
N SER I 35 58.10 -8.93 -46.41
CA SER I 35 57.09 -8.02 -46.91
C SER I 35 56.69 -7.09 -45.77
N ASN I 36 56.05 -5.97 -46.14
CA ASN I 36 55.82 -4.87 -45.22
C ASN I 36 54.38 -4.89 -44.71
N CYS I 37 54.21 -5.27 -43.45
CA CYS I 37 52.92 -5.20 -42.77
C CYS I 37 53.12 -4.69 -41.35
N ILE I 38 53.97 -3.69 -41.21
CA ILE I 38 54.18 -2.95 -39.97
C ILE I 38 53.92 -1.49 -40.27
N VAL I 39 53.05 -0.85 -39.49
CA VAL I 39 52.32 0.32 -39.94
C VAL I 39 51.78 1.05 -38.71
N ARG I 40 51.62 2.37 -38.83
CA ARG I 40 51.16 3.21 -37.73
C ARG I 40 49.73 3.65 -37.97
N VAL I 41 48.90 3.51 -36.94
CA VAL I 41 47.49 3.94 -37.00
C VAL I 41 47.14 4.72 -35.73
N PRO I 42 46.70 5.96 -35.84
CA PRO I 42 46.08 6.63 -34.69
C PRO I 42 44.64 6.16 -34.50
N ILE I 43 44.26 6.02 -33.23
CA ILE I 43 42.95 5.49 -32.88
C ILE I 43 42.42 6.22 -31.66
N ALA I 44 41.09 6.39 -31.63
CA ALA I 44 40.41 7.08 -30.53
C ALA I 44 40.01 6.07 -29.48
N LEU I 45 40.92 5.86 -28.52
CA LEU I 45 40.76 4.81 -27.53
C LEU I 45 39.94 5.39 -26.38
N TYR I 46 38.63 5.11 -26.37
CA TYR I 46 37.78 5.63 -25.31
C TYR I 46 38.04 4.84 -24.03
N VAL I 47 38.92 5.34 -23.21
CA VAL I 47 39.47 4.59 -22.11
C VAL I 47 38.71 4.97 -20.86
N SER I 48 38.87 4.18 -19.80
CA SER I 48 38.36 4.52 -18.48
C SER I 48 39.55 4.76 -17.53
N LEU I 49 39.30 5.53 -16.49
CA LEU I 49 40.39 6.09 -15.69
C LEU I 49 40.92 5.12 -14.64
N ALA I 50 41.82 5.63 -13.82
CA ALA I 50 42.35 4.92 -12.66
C ALA I 50 42.20 5.85 -11.46
N PRO I 51 41.21 5.60 -10.60
CA PRO I 51 40.97 6.50 -9.46
C PRO I 51 42.06 6.49 -8.43
N MET I 52 42.88 5.43 -8.38
CA MET I 52 44.10 5.49 -7.60
C MET I 52 45.08 6.50 -8.18
N TYR I 53 45.15 6.58 -9.51
CA TYR I 53 46.22 7.26 -10.22
C TYR I 53 45.80 8.61 -10.78
N LEU I 54 45.03 9.40 -10.04
CA LEU I 54 44.75 10.77 -10.46
C LEU I 54 45.84 11.76 -10.10
N GLU I 55 47.06 11.28 -9.82
CA GLU I 55 48.24 12.12 -9.73
C GLU I 55 49.23 11.89 -10.86
N ASN I 56 49.03 10.85 -11.66
CA ASN I 56 49.82 10.63 -12.87
C ASN I 56 49.07 9.86 -13.95
N PRO I 57 48.09 10.45 -14.64
CA PRO I 57 47.40 9.72 -15.70
C PRO I 57 48.22 9.51 -16.95
N LEU I 58 49.41 10.13 -17.06
CA LEU I 58 50.33 9.82 -18.13
C LEU I 58 50.85 8.39 -18.03
N GLN I 59 50.88 7.85 -16.82
CA GLN I 59 51.21 6.47 -16.55
C GLN I 59 50.01 5.67 -16.08
N GLY I 60 49.12 6.32 -15.32
CA GLY I 60 48.07 5.60 -14.62
C GLY I 60 46.97 5.04 -15.49
N VAL I 61 46.74 5.64 -16.65
CA VAL I 61 45.81 5.04 -17.60
C VAL I 61 46.56 4.21 -18.63
N MET I 62 47.88 4.37 -18.72
CA MET I 62 48.70 3.49 -19.54
C MET I 62 48.71 2.07 -18.99
N LYS I 63 48.66 1.94 -17.67
CA LYS I 63 48.56 0.63 -17.04
C LYS I 63 47.11 0.15 -16.92
N GLN I 64 46.18 0.81 -17.58
CA GLN I 64 44.76 0.54 -17.40
C GLN I 64 44.11 -0.18 -18.56
N HIS I 65 44.35 0.28 -19.80
CA HIS I 65 43.87 -0.44 -20.96
C HIS I 65 44.89 -0.46 -22.08
N LEU I 66 46.16 -0.34 -21.74
CA LEU I 66 47.13 -0.19 -22.81
C LEU I 66 48.30 -1.17 -22.73
N ASN I 67 48.91 -1.37 -21.57
CA ASN I 67 49.89 -2.45 -21.45
C ASN I 67 49.26 -3.84 -21.48
N PRO I 68 48.03 -4.08 -20.94
CA PRO I 68 47.35 -5.34 -21.27
C PRO I 68 46.59 -5.31 -22.59
N LEU I 69 46.92 -4.38 -23.47
CA LEU I 69 46.39 -4.37 -24.83
C LEU I 69 47.39 -4.90 -25.86
N VAL I 70 48.66 -5.08 -25.45
CA VAL I 70 49.73 -5.39 -26.40
C VAL I 70 49.61 -6.83 -26.91
N MET I 71 50.31 -7.08 -28.03
CA MET I 71 50.65 -8.43 -28.52
C MET I 71 49.43 -9.31 -28.81
N LYS I 72 48.36 -8.71 -29.32
CA LYS I 72 47.15 -9.48 -29.57
C LYS I 72 46.33 -8.82 -30.67
N TYR I 73 45.21 -9.44 -30.99
CA TYR I 73 44.30 -9.03 -32.06
C TYR I 73 43.00 -8.56 -31.41
N ASN I 74 42.21 -7.82 -32.18
CA ASN I 74 41.00 -7.22 -31.65
C ASN I 74 39.89 -7.38 -32.67
N ASN I 75 38.83 -6.58 -32.52
CA ASN I 75 37.73 -6.59 -33.48
C ASN I 75 37.80 -5.44 -34.47
N LYS I 76 38.14 -4.23 -34.01
CA LYS I 76 37.87 -3.04 -34.81
C LYS I 76 39.06 -2.52 -35.61
N VAL I 77 40.30 -2.72 -35.17
CA VAL I 77 41.40 -2.22 -36.00
C VAL I 77 41.72 -3.20 -37.12
N GLY I 78 41.21 -4.43 -37.03
CA GLY I 78 41.43 -5.40 -38.09
C GLY I 78 42.84 -5.89 -38.19
N GLY I 79 43.61 -5.78 -37.10
CA GLY I 79 45.00 -6.18 -37.13
C GLY I 79 45.49 -6.53 -35.74
N VAL I 80 46.60 -7.25 -35.70
CA VAL I 80 47.18 -7.68 -34.44
C VAL I 80 48.00 -6.52 -33.90
N VAL I 81 47.51 -5.88 -32.83
CA VAL I 81 48.15 -4.67 -32.34
C VAL I 81 49.44 -5.01 -31.62
N LEU I 82 50.40 -4.09 -31.68
CA LEU I 82 51.75 -4.40 -31.25
C LEU I 82 52.35 -3.36 -30.32
N GLY I 83 51.97 -2.09 -30.46
CA GLY I 83 52.61 -1.05 -29.67
C GLY I 83 52.11 0.37 -29.87
N TYR I 84 52.15 1.14 -28.78
CA TYR I 84 51.57 2.48 -28.72
C TYR I 84 52.66 3.55 -28.79
N GLU I 85 52.26 4.74 -29.21
CA GLU I 85 53.14 5.91 -29.17
C GLU I 85 52.29 7.18 -29.22
N GLY I 86 52.84 8.25 -28.66
CA GLY I 86 52.18 9.55 -28.71
C GLY I 86 50.93 9.61 -27.87
N LEU I 87 51.09 9.59 -26.55
CA LEU I 87 49.94 9.58 -25.65
C LEU I 87 49.28 10.95 -25.61
N LYS I 88 48.18 11.09 -26.34
CA LYS I 88 47.32 12.24 -26.20
C LYS I 88 46.22 11.94 -25.19
N ILE I 89 45.76 12.98 -24.52
CA ILE I 89 44.58 12.90 -23.67
C ILE I 89 43.77 14.15 -23.92
N LEU I 90 42.45 13.99 -23.92
CA LEU I 90 41.56 15.02 -24.43
C LEU I 90 40.63 15.52 -23.34
N ASP I 91 40.05 16.69 -23.57
CA ASP I 91 39.31 17.39 -22.52
C ASP I 91 37.93 17.75 -23.01
N ALA I 92 37.23 18.59 -22.24
CA ALA I 92 35.89 19.04 -22.60
C ALA I 92 35.75 20.54 -22.38
N ASP I 93 36.71 21.32 -22.86
CA ASP I 93 36.70 22.76 -22.66
C ASP I 93 37.29 23.48 -23.84
N PRO I 94 36.88 24.71 -24.08
CA PRO I 94 37.77 25.65 -24.78
C PRO I 94 38.83 26.14 -23.82
N LEU I 95 40.04 25.59 -23.93
CA LEU I 95 41.09 25.75 -22.92
C LEU I 95 41.58 27.18 -22.76
N ASP I 99 47.23 21.46 -24.73
CA ASP I 99 48.00 22.67 -24.57
C ASP I 99 48.32 22.89 -23.10
N THR I 100 47.26 22.88 -22.30
CA THR I 100 47.37 23.16 -20.88
C THR I 100 48.02 21.99 -20.14
N SER I 101 48.79 22.33 -19.11
CA SER I 101 49.49 21.31 -18.32
C SER I 101 48.49 20.52 -17.47
N GLU I 102 47.84 21.20 -16.54
CA GLU I 102 46.75 20.58 -15.83
C GLU I 102 45.47 20.69 -16.65
N LYS I 103 44.61 19.69 -16.52
CA LYS I 103 43.43 19.62 -17.37
C LYS I 103 42.34 18.83 -16.66
N LEU I 104 41.16 18.81 -17.28
CA LEU I 104 39.97 18.22 -16.67
C LEU I 104 39.72 16.84 -17.23
N ILE I 105 39.20 15.97 -16.36
CA ILE I 105 38.73 14.63 -16.72
C ILE I 105 37.27 14.54 -16.31
N LYS I 106 36.42 14.16 -17.25
CA LYS I 106 35.02 13.91 -16.87
C LYS I 106 34.94 12.68 -16.01
N ILE I 107 34.52 12.84 -14.77
CA ILE I 107 34.30 11.68 -13.91
C ILE I 107 32.91 11.14 -14.19
N THR I 108 32.75 9.83 -13.99
CA THR I 108 31.47 9.20 -14.16
C THR I 108 30.53 9.69 -13.06
N PRO I 109 29.27 9.94 -13.36
CA PRO I 109 28.32 10.32 -12.32
C PRO I 109 27.85 9.17 -11.42
N ASP I 110 28.55 8.04 -11.42
CA ASP I 110 28.09 6.89 -10.65
C ASP I 110 29.27 6.23 -9.95
N THR I 111 30.48 6.51 -10.39
CA THR I 111 31.63 5.74 -9.93
C THR I 111 32.87 6.60 -10.11
N PRO I 112 33.97 6.33 -9.38
CA PRO I 112 35.19 7.10 -9.59
C PRO I 112 35.90 6.78 -10.88
N PHE I 113 35.50 5.73 -11.56
CA PHE I 113 36.13 5.35 -12.82
C PHE I 113 35.65 6.31 -13.90
N GLY I 114 36.44 7.36 -14.15
CA GLY I 114 36.10 8.38 -15.10
C GLY I 114 36.35 7.95 -16.53
N PHE I 115 36.09 8.87 -17.45
CA PHE I 115 36.27 8.68 -18.87
C PHE I 115 37.23 9.73 -19.41
N THR I 116 37.77 9.45 -20.60
CA THR I 116 38.34 10.48 -21.47
C THR I 116 38.32 9.94 -22.89
N TRP I 117 37.87 10.74 -23.86
CA TRP I 117 37.83 10.27 -25.23
C TRP I 117 39.08 10.77 -25.94
N CYS I 118 40.18 10.10 -25.65
CA CYS I 118 41.49 10.44 -26.16
C CYS I 118 41.79 9.64 -27.42
N HIS I 119 42.63 10.20 -28.28
CA HIS I 119 43.09 9.49 -29.47
C HIS I 119 44.62 9.41 -29.48
N VAL I 120 45.13 8.18 -29.52
CA VAL I 120 46.56 7.92 -29.50
C VAL I 120 46.92 7.05 -30.68
N ASN I 121 48.22 6.89 -30.89
CA ASN I 121 48.78 6.45 -32.16
C ASN I 121 49.43 5.08 -31.97
N LEU I 122 48.96 4.08 -32.71
CA LEU I 122 49.33 2.69 -32.49
C LEU I 122 50.05 2.10 -33.70
N TYR I 123 51.10 1.33 -33.41
CA TYR I 123 51.57 0.34 -34.36
C TYR I 123 50.53 -0.78 -34.45
N VAL I 124 50.54 -1.53 -35.56
CA VAL I 124 49.71 -2.72 -35.67
C VAL I 124 50.34 -3.64 -36.72
N TRP I 125 50.23 -4.94 -36.50
CA TRP I 125 50.52 -5.93 -37.53
C TRP I 125 49.20 -6.36 -38.14
N GLN I 126 49.19 -6.55 -39.46
CA GLN I 126 47.96 -6.97 -40.08
C GLN I 126 48.22 -8.13 -41.02
N PRO I 127 47.30 -9.07 -41.09
CA PRO I 127 47.41 -10.12 -42.11
C PRO I 127 46.66 -9.75 -43.37
N GLN I 128 47.35 -9.87 -44.51
CA GLN I 128 46.72 -9.68 -45.81
C GLN I 128 46.66 -11.03 -46.52
N VAL I 129 46.00 -11.06 -47.68
CA VAL I 129 45.71 -12.31 -48.37
C VAL I 129 46.57 -12.41 -49.62
N GLY I 130 47.01 -13.63 -49.94
CA GLY I 130 47.76 -13.91 -51.14
C GLY I 130 49.14 -13.29 -51.21
N ASP I 131 49.69 -12.88 -50.07
CA ASP I 131 50.96 -12.18 -50.05
C ASP I 131 52.04 -13.06 -49.43
N VAL I 132 53.25 -12.91 -49.94
CA VAL I 132 54.39 -13.71 -49.48
C VAL I 132 54.82 -13.20 -48.10
N LEU I 133 55.47 -14.08 -47.33
CA LEU I 133 55.97 -13.72 -46.02
C LEU I 133 57.12 -14.64 -45.62
N GLU I 134 57.96 -14.13 -44.73
CA GLU I 134 59.25 -14.73 -44.41
C GLU I 134 59.10 -15.97 -43.55
N GLY I 135 60.01 -16.92 -43.73
CA GLY I 135 60.10 -18.07 -42.86
C GLY I 135 61.52 -18.37 -42.41
N TYR I 136 61.70 -18.73 -41.15
CA TYR I 136 63.01 -19.11 -40.62
C TYR I 136 62.99 -20.54 -40.13
N ILE I 137 64.02 -21.31 -40.49
CA ILE I 137 64.22 -22.60 -39.85
C ILE I 137 64.65 -22.30 -38.42
N PHE I 138 63.71 -22.52 -37.52
CA PHE I 138 63.83 -22.18 -36.11
C PHE I 138 63.83 -23.45 -35.28
N ILE I 139 62.77 -24.24 -35.40
CA ILE I 139 62.76 -25.65 -35.06
C ILE I 139 61.61 -26.24 -35.87
N GLN I 140 61.79 -27.46 -36.38
CA GLN I 140 60.84 -28.02 -37.33
C GLN I 140 59.93 -29.03 -36.66
N SER I 141 58.67 -29.04 -37.08
CA SER I 141 57.60 -29.75 -36.40
C SER I 141 57.27 -31.04 -37.14
N ALA I 142 56.22 -31.71 -36.66
CA ALA I 142 55.76 -32.95 -37.28
C ALA I 142 54.85 -32.66 -38.47
N SER I 143 53.68 -32.08 -38.22
CA SER I 143 52.76 -31.66 -39.27
C SER I 143 52.77 -30.14 -39.38
N HIS I 144 53.96 -29.58 -39.32
CA HIS I 144 54.22 -28.19 -39.63
C HIS I 144 55.69 -28.07 -40.01
N ILE I 145 55.99 -27.14 -40.89
CA ILE I 145 57.36 -26.71 -41.11
C ILE I 145 57.60 -25.49 -40.24
N GLY I 146 58.76 -25.44 -39.60
CA GLY I 146 59.06 -24.38 -38.66
C GLY I 146 59.15 -23.02 -39.33
N LEU I 147 58.17 -22.16 -39.04
CA LEU I 147 58.02 -20.89 -39.73
C LEU I 147 57.72 -19.82 -38.69
N LEU I 148 58.77 -19.22 -38.15
CA LEU I 148 58.65 -18.17 -37.15
C LEU I 148 58.69 -16.81 -37.84
N ILE I 149 57.52 -16.26 -38.10
CA ILE I 149 57.39 -14.93 -38.70
C ILE I 149 57.94 -13.89 -37.72
N HIS I 150 59.01 -13.20 -38.15
CA HIS I 150 59.79 -12.24 -37.36
C HIS I 150 60.33 -12.86 -36.06
N ASP I 151 60.52 -14.18 -36.08
CA ASP I 151 60.85 -15.01 -34.90
C ASP I 151 59.93 -14.77 -33.70
N ALA I 152 58.70 -14.36 -33.97
CA ALA I 152 57.82 -13.91 -32.90
C ALA I 152 56.60 -14.81 -32.81
N PHE I 153 55.86 -14.90 -33.91
CA PHE I 153 54.63 -15.68 -33.91
C PHE I 153 54.78 -16.89 -34.80
N ASN I 154 53.81 -17.78 -34.71
CA ASN I 154 53.92 -19.06 -35.39
C ASN I 154 53.13 -19.04 -36.69
N ALA I 155 53.29 -20.09 -37.48
CA ALA I 155 52.52 -20.22 -38.71
C ALA I 155 51.77 -21.54 -38.69
N SER I 156 51.18 -21.91 -39.82
CA SER I 156 50.49 -23.20 -39.91
C SER I 156 50.43 -23.62 -41.38
N ILE I 157 50.35 -24.93 -41.58
CA ILE I 157 50.15 -25.53 -42.90
C ILE I 157 49.05 -26.56 -42.75
N LYS I 158 48.83 -27.35 -43.80
CA LYS I 158 48.02 -28.56 -43.76
C LYS I 158 48.75 -29.66 -44.51
N LYS I 159 48.17 -30.85 -44.50
CA LYS I 159 48.66 -31.91 -45.39
C LYS I 159 48.32 -31.61 -46.83
N ASN I 160 47.14 -31.04 -47.07
CA ASN I 160 46.60 -30.92 -48.42
C ASN I 160 47.27 -29.82 -49.24
N ASN I 161 48.26 -29.11 -48.70
CA ASN I 161 48.93 -28.03 -49.42
C ASN I 161 50.44 -28.13 -49.26
N ILE I 162 51.00 -29.31 -49.48
CA ILE I 162 52.45 -29.46 -49.56
C ILE I 162 52.80 -29.93 -50.97
N PRO I 163 53.94 -29.53 -51.52
CA PRO I 163 54.31 -29.95 -52.88
C PRO I 163 54.76 -31.42 -52.91
N VAL I 164 55.04 -31.88 -54.12
CA VAL I 164 55.44 -33.27 -54.33
C VAL I 164 56.91 -33.46 -54.02
N ASP I 165 57.77 -32.57 -54.52
CA ASP I 165 59.20 -32.64 -54.27
C ASP I 165 59.56 -32.37 -52.81
N TRP I 166 58.65 -31.75 -52.07
CA TRP I 166 58.74 -31.69 -50.62
C TRP I 166 58.60 -33.10 -50.06
N THR I 167 59.66 -33.61 -49.43
CA THR I 167 59.65 -34.98 -48.93
C THR I 167 60.51 -35.08 -47.68
N PHE I 168 60.32 -36.18 -46.93
CA PHE I 168 60.80 -36.29 -45.55
C PHE I 168 61.57 -37.58 -45.31
N VAL I 169 62.47 -37.53 -44.32
CA VAL I 169 63.23 -38.67 -43.82
C VAL I 169 63.24 -38.58 -42.30
N HIS I 170 62.93 -39.68 -41.61
CA HIS I 170 63.06 -39.71 -40.17
C HIS I 170 64.43 -40.23 -39.77
N ASN I 171 64.77 -40.04 -38.49
CA ASN I 171 66.11 -40.29 -37.99
C ASN I 171 66.46 -41.77 -38.01
N ASP I 172 67.76 -42.05 -38.04
CA ASP I 172 68.24 -43.43 -38.11
C ASP I 172 69.26 -43.77 -37.03
N VAL I 173 70.17 -42.86 -36.69
CA VAL I 173 71.23 -43.14 -35.73
C VAL I 173 70.90 -42.57 -34.36
N GLU I 174 70.70 -41.26 -34.26
CA GLU I 174 70.25 -40.64 -33.02
C GLU I 174 69.48 -39.35 -33.31
N LEU I 214 62.50 -31.20 -34.35
CA LEU I 214 63.59 -31.68 -35.18
C LEU I 214 63.12 -32.80 -36.10
N GLY I 215 63.59 -32.81 -37.33
CA GLY I 215 63.26 -33.85 -38.27
C GLY I 215 63.88 -33.57 -39.63
N HIS I 216 64.46 -34.58 -40.26
CA HIS I 216 65.11 -34.37 -41.54
C HIS I 216 64.07 -34.16 -42.62
N TRP I 217 64.26 -33.12 -43.43
CA TRP I 217 63.44 -32.86 -44.59
C TRP I 217 64.34 -32.93 -45.82
N VAL I 218 63.77 -33.37 -46.93
CA VAL I 218 64.53 -33.52 -48.17
C VAL I 218 63.87 -32.68 -49.23
N ASP I 219 64.66 -31.84 -49.90
CA ASP I 219 64.16 -31.02 -50.99
C ASP I 219 64.02 -31.82 -52.28
N SER I 220 63.92 -31.11 -53.41
CA SER I 220 63.72 -31.75 -54.70
C SER I 220 64.89 -32.63 -55.14
N ASN I 221 66.06 -32.49 -54.52
CA ASN I 221 67.23 -33.29 -54.90
C ASN I 221 67.97 -33.95 -53.73
N GLY I 222 67.90 -33.42 -52.51
CA GLY I 222 68.49 -34.11 -51.37
C GLY I 222 69.56 -33.41 -50.55
N GLU I 223 69.49 -32.08 -50.41
CA GLU I 223 70.44 -31.36 -49.54
C GLU I 223 69.71 -30.34 -48.67
N PRO I 224 69.96 -30.33 -47.37
CA PRO I 224 69.38 -29.29 -46.51
C PRO I 224 70.01 -27.93 -46.76
N ILE I 225 69.31 -26.90 -46.27
CA ILE I 225 69.72 -25.50 -46.49
C ILE I 225 69.79 -24.77 -45.17
N ASP I 226 70.02 -23.46 -45.22
CA ASP I 226 70.13 -22.62 -44.03
C ASP I 226 68.72 -22.13 -43.68
N GLY I 227 68.63 -21.09 -42.82
CA GLY I 227 67.39 -20.83 -42.08
C GLY I 227 66.21 -20.34 -42.90
N LYS I 228 66.47 -19.58 -43.98
CA LYS I 228 65.41 -18.83 -44.65
C LYS I 228 64.43 -19.74 -45.40
N LEU I 229 63.14 -19.58 -45.11
CA LEU I 229 62.08 -20.39 -45.70
C LEU I 229 61.01 -19.52 -46.34
N ARG I 230 60.09 -20.17 -47.04
CA ARG I 230 58.99 -19.52 -47.74
C ARG I 230 57.63 -20.02 -47.26
N PHE I 231 56.64 -19.15 -47.37
CA PHE I 231 55.28 -19.41 -46.92
C PHE I 231 54.33 -18.38 -47.50
N THR I 232 53.22 -18.83 -48.08
CA THR I 232 52.17 -17.93 -48.53
C THR I 232 50.95 -18.10 -47.64
N VAL I 233 50.02 -17.14 -47.74
CA VAL I 233 48.89 -17.02 -46.83
C VAL I 233 47.61 -17.39 -47.57
N ARG I 234 46.79 -18.24 -46.95
CA ARG I 234 45.47 -18.59 -47.46
C ARG I 234 44.37 -18.19 -46.48
N ASN I 235 44.46 -18.61 -45.23
CA ASN I 235 43.46 -18.33 -44.22
C ASN I 235 44.14 -17.79 -42.97
N VAL I 236 43.32 -17.37 -42.02
CA VAL I 236 43.81 -16.99 -40.69
C VAL I 236 42.97 -17.72 -39.66
N HIS I 237 43.57 -17.92 -38.49
CA HIS I 237 42.82 -18.41 -37.34
C HIS I 237 43.08 -17.47 -36.18
N THR I 238 42.02 -16.86 -35.70
CA THR I 238 42.03 -15.74 -34.77
C THR I 238 42.14 -16.19 -33.33
N THR I 239 41.28 -17.13 -32.93
CA THR I 239 40.85 -17.25 -31.54
C THR I 239 41.62 -18.28 -30.75
N GLY I 240 42.92 -18.45 -31.00
CA GLY I 240 43.69 -19.33 -30.15
C GLY I 240 44.05 -18.68 -28.83
N ARG I 241 45.27 -18.92 -28.35
CA ARG I 241 45.79 -18.11 -27.26
C ARG I 241 46.70 -17.02 -27.81
N VAL I 242 47.76 -17.42 -28.50
CA VAL I 242 48.56 -16.51 -29.31
C VAL I 242 48.18 -16.75 -30.77
N VAL I 243 47.92 -15.66 -31.50
CA VAL I 243 47.33 -15.79 -32.82
C VAL I 243 48.37 -16.26 -33.83
N SER I 244 47.89 -16.87 -34.91
CA SER I 244 48.75 -17.34 -35.99
C SER I 244 47.95 -17.43 -37.28
N VAL I 245 48.66 -17.60 -38.38
CA VAL I 245 48.07 -17.63 -39.72
C VAL I 245 48.20 -19.03 -40.30
N ASP I 246 47.44 -19.29 -41.36
CA ASP I 246 47.26 -20.64 -41.89
C ASP I 246 47.19 -20.59 -43.41
N GLY I 247 48.25 -21.02 -44.09
CA GLY I 247 48.32 -20.83 -45.54
C GLY I 247 48.72 -22.01 -46.41
N THR I 248 49.06 -21.73 -47.66
CA THR I 248 49.45 -22.73 -48.66
C THR I 248 50.86 -22.44 -49.16
N LEU I 249 51.30 -23.20 -50.18
CA LEU I 249 52.62 -23.01 -50.76
C LEU I 249 52.61 -23.04 -52.29
N ILE I 250 51.49 -22.74 -52.93
CA ILE I 250 51.41 -22.64 -54.39
C ILE I 250 51.48 -21.16 -54.75
N SER I 251 52.58 -20.73 -55.36
CA SER I 251 52.75 -19.32 -55.71
C SER I 251 53.32 -19.15 -57.12
N ASN J 3 27.98 50.09 46.45
CA ASN J 3 27.41 51.30 47.03
C ASN J 3 25.88 51.29 46.82
N THR J 4 25.18 52.05 47.65
CA THR J 4 23.73 52.12 47.58
C THR J 4 23.32 53.08 46.46
N LEU J 5 22.25 52.73 45.75
CA LEU J 5 21.75 53.58 44.69
C LEU J 5 20.31 54.06 44.90
N PHE J 6 19.64 53.59 45.94
CA PHE J 6 18.24 53.87 46.15
C PHE J 6 17.93 53.53 47.61
N ASP J 7 17.18 54.38 48.30
CA ASP J 7 17.11 54.27 49.76
C ASP J 7 15.88 55.02 50.27
N ASP J 8 14.88 54.28 50.77
CA ASP J 8 13.66 54.86 51.32
C ASP J 8 12.87 53.82 52.10
N ILE J 9 11.71 54.21 52.58
CA ILE J 9 10.84 53.41 53.44
C ILE J 9 9.45 53.38 52.84
N PHE J 10 8.89 52.19 52.66
CA PHE J 10 7.64 52.03 51.92
C PHE J 10 6.51 51.54 52.80
N GLN J 11 5.33 51.50 52.20
CA GLN J 11 4.08 51.20 52.89
C GLN J 11 3.28 50.24 52.05
N VAL J 12 3.00 49.06 52.62
CA VAL J 12 2.21 48.06 51.90
C VAL J 12 0.76 48.52 51.82
N SER J 13 0.26 48.68 50.61
CA SER J 13 -1.13 49.11 50.47
C SER J 13 -2.08 47.93 50.59
N GLU J 14 -2.00 46.98 49.66
CA GLU J 14 -2.96 45.89 49.63
C GLU J 14 -2.28 44.62 49.11
N VAL J 15 -2.84 43.48 49.50
CA VAL J 15 -2.27 42.15 49.24
C VAL J 15 -3.31 41.34 48.48
N ASP J 16 -2.88 40.66 47.42
CA ASP J 16 -3.75 39.72 46.72
C ASP J 16 -2.96 38.50 46.27
N PRO J 17 -3.59 37.32 46.33
CA PRO J 17 -2.82 36.09 46.06
C PRO J 17 -2.50 35.89 44.60
N GLY J 18 -3.46 36.14 43.71
CA GLY J 18 -3.34 35.76 42.33
C GLY J 18 -3.60 34.30 42.05
N ARG J 19 -4.08 33.56 43.05
CA ARG J 19 -4.25 32.10 43.02
C ARG J 19 -2.95 31.40 42.66
N TYR J 20 -1.84 31.97 43.10
CA TYR J 20 -0.54 31.33 43.08
C TYR J 20 -0.38 30.55 44.39
N ASN J 21 0.83 30.12 44.68
CA ASN J 21 1.09 29.42 45.92
C ASN J 21 2.04 30.17 46.84
N LYS J 22 3.23 30.55 46.35
CA LYS J 22 4.24 31.20 47.18
C LYS J 22 4.47 32.64 46.78
N VAL J 23 3.57 33.22 46.00
CA VAL J 23 3.76 34.55 45.42
C VAL J 23 2.45 35.32 45.59
N CYS J 24 2.54 36.51 46.18
CA CYS J 24 1.41 37.41 46.26
C CYS J 24 1.86 38.79 45.82
N ARG J 25 0.98 39.49 45.11
CA ARG J 25 1.31 40.81 44.58
C ARG J 25 1.11 41.89 45.65
N ILE J 26 2.09 42.78 45.80
CA ILE J 26 2.09 43.80 46.83
C ILE J 26 2.23 45.16 46.16
N GLU J 27 1.39 46.11 46.54
CA GLU J 27 1.56 47.50 46.17
C GLU J 27 2.34 48.22 47.27
N ALA J 28 3.15 49.20 46.88
CA ALA J 28 4.02 49.86 47.85
C ALA J 28 4.17 51.32 47.50
N ALA J 29 3.44 52.18 48.22
CA ALA J 29 3.67 53.62 48.17
C ALA J 29 4.82 53.94 49.13
N SER J 30 5.16 55.22 49.28
CA SER J 30 6.28 55.59 50.11
C SER J 30 5.82 56.39 51.32
N THR J 31 6.77 56.62 52.22
CA THR J 31 6.57 57.41 53.42
C THR J 31 7.26 58.75 53.36
N THR J 32 7.86 59.10 52.21
CA THR J 32 8.61 60.34 52.10
C THR J 32 8.34 61.12 50.82
N GLN J 33 7.69 60.53 49.83
CA GLN J 33 7.36 61.22 48.59
C GLN J 33 6.07 60.59 48.10
N ASP J 34 5.05 61.40 47.88
CA ASP J 34 3.68 60.90 47.75
C ASP J 34 3.35 60.35 46.37
N GLN J 35 4.34 59.96 45.59
CA GLN J 35 4.10 59.49 44.23
C GLN J 35 4.84 58.21 43.89
N CYS J 36 5.88 57.84 44.62
CA CYS J 36 6.63 56.61 44.37
C CYS J 36 5.78 55.40 44.73
N LYS J 37 5.38 54.63 43.73
CA LYS J 37 4.46 53.51 43.89
C LYS J 37 5.14 52.23 43.41
N LEU J 38 5.85 51.56 44.31
CA LEU J 38 6.51 50.32 43.94
C LEU J 38 5.50 49.19 43.80
N THR J 39 5.72 48.36 42.78
CA THR J 39 4.94 47.14 42.58
C THR J 39 5.81 45.96 42.98
N LEU J 40 5.26 45.06 43.80
CA LEU J 40 6.06 44.01 44.43
C LEU J 40 5.36 42.67 44.27
N ASP J 41 5.97 41.77 43.52
CA ASP J 41 5.57 40.37 43.55
C ASP J 41 6.45 39.68 44.59
N ILE J 42 6.01 39.69 45.83
CA ILE J 42 6.82 39.16 46.90
C ILE J 42 6.79 37.64 46.86
N ASN J 43 7.87 37.02 47.32
CA ASN J 43 7.81 35.62 47.69
C ASN J 43 7.40 35.56 49.16
N VAL J 44 6.28 34.90 49.44
CA VAL J 44 5.65 35.09 50.74
C VAL J 44 6.37 34.30 51.84
N GLU J 45 7.03 33.20 51.50
CA GLU J 45 7.48 32.29 52.55
C GLU J 45 8.78 32.75 53.21
N LEU J 46 9.66 33.42 52.50
CA LEU J 46 10.85 33.96 53.15
C LEU J 46 10.60 35.30 53.79
N PHE J 47 9.46 35.90 53.52
CA PHE J 47 9.22 37.24 54.00
C PHE J 47 7.72 37.42 54.11
N PRO J 48 7.13 37.14 55.25
CA PRO J 48 5.69 37.31 55.41
C PRO J 48 5.26 38.76 55.37
N VAL J 49 4.49 39.11 54.35
CA VAL J 49 3.99 40.45 54.18
C VAL J 49 2.55 40.50 54.66
N ALA J 50 2.10 41.71 55.00
CA ALA J 50 0.72 41.95 55.38
C ALA J 50 0.42 43.41 55.05
N ALA J 51 -0.86 43.76 55.09
CA ALA J 51 -1.28 45.10 54.77
C ALA J 51 -0.76 46.08 55.80
N GLN J 52 -0.14 47.16 55.31
CA GLN J 52 0.51 48.21 56.11
C GLN J 52 1.59 47.64 57.02
N ASP J 53 2.63 47.13 56.37
CA ASP J 53 3.90 46.84 57.03
C ASP J 53 4.85 48.00 56.80
N SER J 54 6.07 47.88 57.33
CA SER J 54 7.05 48.97 57.25
C SER J 54 8.31 48.44 56.55
N LEU J 55 8.32 48.57 55.23
CA LEU J 55 9.45 48.11 54.44
C LEU J 55 10.60 49.11 54.52
N THR J 56 11.72 48.71 53.94
CA THR J 56 12.81 49.65 53.64
C THR J 56 13.48 49.09 52.38
N VAL J 57 13.07 49.59 51.23
CA VAL J 57 13.43 49.00 49.95
C VAL J 57 14.63 49.77 49.41
N THR J 58 15.79 49.12 49.45
CA THR J 58 17.05 49.72 49.03
C THR J 58 17.63 48.91 47.88
N ILE J 59 17.97 49.60 46.80
CA ILE J 59 18.55 48.96 45.63
C ILE J 59 19.99 49.44 45.54
N ALA J 60 20.92 48.59 45.99
CA ALA J 60 22.34 48.81 45.77
C ALA J 60 22.73 48.06 44.50
N SER J 61 24.01 47.96 44.22
CA SER J 61 24.41 47.23 43.03
C SER J 61 25.40 46.12 43.34
N SER J 62 26.36 46.37 44.22
CA SER J 62 27.47 45.46 44.43
C SER J 62 27.64 45.21 45.93
N LEU J 63 28.67 44.45 46.26
CA LEU J 63 28.98 44.14 47.65
C LEU J 63 30.49 44.29 47.82
N ASN J 64 30.92 45.25 48.61
CA ASN J 64 32.34 45.45 48.81
C ASN J 64 32.87 44.40 49.77
N ALA J 75 39.36 39.57 41.24
CA ALA J 75 38.12 40.22 40.83
C ALA J 75 36.90 39.46 41.33
N THR J 76 35.79 40.16 41.47
CA THR J 76 34.54 39.54 41.88
C THR J 76 34.00 38.70 40.73
N ARG J 77 34.25 37.39 40.77
CA ARG J 77 33.93 36.55 39.61
C ARG J 77 32.45 36.22 39.53
N SER J 78 31.95 35.44 40.48
CA SER J 78 30.58 34.97 40.44
C SER J 78 30.18 34.56 41.85
N TRP J 79 29.07 33.83 41.95
CA TRP J 79 28.53 33.47 43.24
C TRP J 79 29.30 32.31 43.84
N ARG J 80 30.32 32.63 44.62
CA ARG J 80 30.83 31.68 45.59
C ARG J 80 29.72 31.39 46.61
N PRO J 81 29.58 30.15 47.06
CA PRO J 81 28.65 29.89 48.16
C PRO J 81 29.11 30.59 49.42
N PRO J 82 28.17 31.07 50.24
CA PRO J 82 28.54 31.95 51.36
C PRO J 82 29.29 31.25 52.47
N GLN J 83 30.58 31.54 52.60
CA GLN J 83 31.44 30.85 53.54
C GLN J 83 31.52 31.60 54.85
N ALA J 84 32.30 31.06 55.78
CA ALA J 84 32.29 31.51 57.17
C ALA J 84 33.07 32.80 57.33
N GLY J 85 32.45 33.76 58.00
CA GLY J 85 33.08 35.02 58.35
C GLY J 85 33.42 35.89 57.16
N ASP J 86 32.46 36.06 56.25
CA ASP J 86 32.66 36.89 55.09
C ASP J 86 32.21 38.31 55.37
N ARG J 87 32.41 39.19 54.39
CA ARG J 87 32.01 40.59 54.50
C ARG J 87 31.04 40.84 53.34
N SER J 88 29.75 40.81 53.62
CA SER J 88 28.75 41.29 52.69
C SER J 88 28.11 42.54 53.25
N LEU J 89 27.88 43.51 52.37
CA LEU J 89 27.09 44.65 52.75
C LEU J 89 25.63 44.26 52.95
N ALA J 90 25.20 43.16 52.33
CA ALA J 90 23.89 42.57 52.54
C ALA J 90 23.88 41.55 53.67
N ASP J 91 24.88 41.58 54.56
CA ASP J 91 24.85 40.66 55.70
C ASP J 91 23.71 41.00 56.65
N ASP J 92 23.46 42.27 56.89
CA ASP J 92 22.45 42.67 57.84
C ASP J 92 21.03 42.47 57.34
N TYR J 93 20.86 42.24 56.04
CA TYR J 93 19.54 42.25 55.43
C TYR J 93 19.27 40.88 54.79
N ASP J 94 18.00 40.56 54.68
CA ASP J 94 17.56 39.17 54.64
C ASP J 94 16.99 38.74 53.29
N TYR J 95 15.92 39.38 52.81
CA TYR J 95 15.25 38.99 51.59
C TYR J 95 15.93 39.74 50.46
N VAL J 96 16.98 39.15 49.89
CA VAL J 96 17.85 39.86 48.97
C VAL J 96 17.61 39.32 47.57
N MET J 97 17.18 40.20 46.67
CA MET J 97 16.81 39.82 45.31
C MET J 97 17.94 40.15 44.33
N TYR J 98 17.77 39.67 43.10
CA TYR J 98 18.74 39.89 42.04
C TYR J 98 18.03 39.85 40.70
N GLY J 99 18.27 40.85 39.87
CA GLY J 99 17.62 40.91 38.59
C GLY J 99 18.23 41.97 37.71
N THR J 100 17.55 42.26 36.61
CA THR J 100 18.00 43.25 35.65
C THR J 100 16.89 44.26 35.39
N ALA J 101 17.27 45.34 34.72
CA ALA J 101 16.33 46.33 34.21
C ALA J 101 16.19 46.17 32.72
N TYR J 102 14.96 46.23 32.26
CA TYR J 102 14.69 45.91 30.87
C TYR J 102 13.89 46.94 30.11
N LYS J 103 13.09 47.78 30.77
CA LYS J 103 12.23 48.70 30.03
C LYS J 103 11.99 49.95 30.86
N PHE J 104 12.29 51.11 30.28
CA PHE J 104 11.88 52.36 30.89
C PHE J 104 10.62 52.86 30.20
N GLU J 105 10.02 53.88 30.78
CA GLU J 105 8.83 54.48 30.24
C GLU J 105 8.77 55.92 30.70
N GLU J 106 7.63 56.57 30.49
CA GLU J 106 7.47 57.94 30.94
C GLU J 106 6.02 58.17 31.32
N VAL J 107 5.83 58.96 32.37
CA VAL J 107 4.56 59.30 33.00
C VAL J 107 4.62 60.82 32.92
N SER J 108 3.81 61.53 33.71
CA SER J 108 3.90 62.98 33.91
C SER J 108 5.32 63.50 34.10
N LYS J 109 5.54 64.76 33.76
CA LYS J 109 6.87 65.36 33.72
C LYS J 109 7.53 65.32 35.09
N ASP J 110 8.87 65.24 35.07
CA ASP J 110 9.74 65.08 36.24
C ASP J 110 9.45 63.78 37.00
N LEU J 111 8.90 62.78 36.32
CA LEU J 111 8.71 61.44 36.86
C LEU J 111 9.17 60.45 35.81
N ILE J 112 10.00 59.51 36.21
CA ILE J 112 10.57 58.54 35.28
C ILE J 112 10.30 57.16 35.86
N ALA J 113 9.38 56.43 35.26
CA ALA J 113 9.02 55.10 35.74
C ALA J 113 9.78 54.03 34.96
N VAL J 114 10.09 52.93 35.63
CA VAL J 114 10.83 51.84 35.04
C VAL J 114 10.01 50.57 35.15
N TYR J 115 10.36 49.59 34.33
CA TYR J 115 9.91 48.22 34.50
C TYR J 115 11.12 47.37 34.86
N TYR J 116 10.89 46.36 35.68
CA TYR J 116 12.01 45.79 36.41
C TYR J 116 11.62 44.40 36.90
N SER J 117 12.42 43.37 36.62
CA SER J 117 12.01 42.02 36.93
C SER J 117 13.15 41.17 37.48
N PHE J 118 12.77 40.05 38.09
CA PHE J 118 13.61 39.18 38.88
C PHE J 118 13.33 37.71 38.57
N GLY J 119 13.35 37.36 37.30
CA GLY J 119 12.94 36.01 36.94
C GLY J 119 11.43 35.93 36.96
N GLY J 120 10.79 36.70 36.09
CA GLY J 120 9.35 36.71 36.03
C GLY J 120 8.67 37.38 37.20
N LEU J 121 9.31 38.39 37.78
CA LEU J 121 8.87 38.94 39.07
C LEU J 121 8.84 40.46 38.93
N LEU J 122 7.65 40.99 38.60
CA LEU J 122 7.51 42.34 38.09
C LEU J 122 7.71 43.38 39.19
N MET J 123 8.40 44.47 38.84
CA MET J 123 8.38 45.71 39.59
C MET J 123 7.77 46.80 38.75
N ARG J 124 7.51 47.95 39.39
CA ARG J 124 7.16 49.17 38.68
C ARG J 124 7.51 50.33 39.60
N LEU J 125 8.42 51.20 39.17
CA LEU J 125 8.98 52.23 40.03
C LEU J 125 8.71 53.62 39.50
N GLU J 126 7.56 54.18 39.85
CA GLU J 126 7.34 55.61 39.67
C GLU J 126 8.24 56.38 40.64
N GLY J 127 8.72 57.53 40.19
CA GLY J 127 9.55 58.33 41.06
C GLY J 127 10.35 59.35 40.30
N ASN J 128 11.11 60.12 41.05
CA ASN J 128 11.91 61.18 40.45
C ASN J 128 13.39 61.05 40.70
N TYR J 129 13.81 60.81 41.95
CA TYR J 129 15.21 60.97 42.35
C TYR J 129 16.09 59.80 41.97
N ARG J 130 15.64 58.96 41.04
CA ARG J 130 16.44 57.87 40.51
C ARG J 130 16.87 58.18 39.08
N ASN J 131 16.75 59.44 38.67
CA ASN J 131 17.19 59.85 37.34
C ASN J 131 18.59 60.46 37.38
N LEU J 132 19.31 60.33 38.51
CA LEU J 132 20.69 60.79 38.60
C LEU J 132 21.64 59.71 39.11
N ASN J 133 21.14 58.53 39.49
CA ASN J 133 22.00 57.48 40.00
C ASN J 133 21.64 56.10 39.44
N ASN J 134 20.41 55.94 38.97
CA ASN J 134 19.91 54.67 38.47
C ASN J 134 19.70 54.71 36.96
N LEU J 135 19.84 53.54 36.33
CA LEU J 135 19.54 53.39 34.91
C LEU J 135 19.22 51.92 34.63
N LYS J 136 19.20 51.54 33.35
CA LYS J 136 18.96 50.16 32.94
C LYS J 136 20.14 49.31 33.35
N GLN J 137 19.97 48.55 34.43
CA GLN J 137 21.07 47.91 35.12
C GLN J 137 21.08 46.42 34.81
N GLU J 138 22.03 45.73 35.44
CA GLU J 138 22.18 44.29 35.29
C GLU J 138 22.38 43.53 36.59
N ASN J 139 22.89 44.16 37.64
CA ASN J 139 23.30 43.47 38.86
C ASN J 139 22.95 44.37 40.05
N ALA J 140 21.79 44.13 40.67
CA ALA J 140 21.33 44.96 41.78
C ALA J 140 20.77 44.10 42.89
N TYR J 141 21.13 44.42 44.12
CA TYR J 141 20.79 43.60 45.27
C TYR J 141 19.81 44.38 46.14
N LEU J 142 18.69 43.76 46.45
CA LEU J 142 17.59 44.42 47.15
C LEU J 142 17.71 44.14 48.64
N LEU J 143 18.24 45.11 49.38
CA LEU J 143 18.58 44.91 50.79
C LEU J 143 17.40 45.37 51.64
N ILE J 144 16.49 44.46 51.88
CA ILE J 144 15.25 44.73 52.61
C ILE J 144 15.47 44.48 54.10
N ARG J 145 14.95 45.38 54.94
CA ARG J 145 14.93 45.23 56.39
C ARG J 145 13.81 44.31 56.85
N ARG J 146 13.45 44.42 58.13
CA ARG J 146 12.34 43.71 58.80
C ARG J 146 12.59 42.21 58.84
N SER K 2 -74.53 3.68 -20.51
CA SER K 2 -74.13 4.49 -19.36
C SER K 2 -72.90 5.31 -19.71
N VAL K 3 -72.65 6.38 -18.96
CA VAL K 3 -71.59 7.33 -19.28
C VAL K 3 -70.85 7.71 -18.00
N VAL K 4 -69.52 7.63 -18.04
CA VAL K 4 -68.68 8.20 -16.99
C VAL K 4 -67.58 9.02 -17.66
N GLY K 5 -67.24 10.14 -17.03
CA GLY K 5 -66.21 11.04 -17.53
C GLY K 5 -66.51 11.61 -18.90
N SER K 6 -65.76 11.16 -19.89
CA SER K 6 -65.92 11.57 -21.27
C SER K 6 -66.15 10.36 -22.17
N LEU K 7 -66.85 9.34 -21.67
CA LEU K 7 -66.87 8.05 -22.34
C LEU K 7 -68.13 7.30 -21.95
N ILE K 8 -68.57 6.43 -22.87
CA ILE K 8 -69.88 5.80 -22.80
C ILE K 8 -69.72 4.29 -22.62
N PHE K 9 -70.39 3.74 -21.61
CA PHE K 9 -70.55 2.31 -21.40
C PHE K 9 -71.96 1.92 -21.85
N CYS K 10 -72.35 0.65 -21.64
CA CYS K 10 -73.67 0.22 -22.09
C CYS K 10 -74.26 -0.71 -21.04
N LEU K 11 -75.35 -1.37 -21.44
CA LEU K 11 -76.19 -2.18 -20.55
C LEU K 11 -76.24 -3.64 -20.95
N ASP K 12 -76.48 -3.91 -22.24
CA ASP K 12 -76.48 -5.28 -22.73
C ASP K 12 -75.09 -5.89 -22.57
N CYS K 13 -74.11 -5.32 -23.26
CA CYS K 13 -72.74 -5.80 -23.20
C CYS K 13 -72.01 -5.43 -21.93
N GLY K 14 -72.57 -4.54 -21.12
CA GLY K 14 -71.98 -4.20 -19.84
C GLY K 14 -70.70 -3.40 -19.89
N ASP K 15 -70.23 -3.01 -21.07
CA ASP K 15 -68.93 -2.35 -21.18
C ASP K 15 -69.04 -1.21 -22.18
N LEU K 16 -67.88 -0.72 -22.59
CA LEU K 16 -67.70 0.54 -23.30
C LEU K 16 -67.74 0.33 -24.80
N LEU K 17 -67.34 1.39 -25.53
CA LEU K 17 -66.85 1.26 -26.88
C LEU K 17 -65.72 2.27 -27.04
N GLU K 18 -65.10 2.31 -28.21
CA GLU K 18 -63.90 3.12 -28.41
C GLU K 18 -64.26 4.59 -28.61
N ASN K 19 -63.30 5.37 -29.10
CA ASN K 19 -63.50 6.76 -29.47
C ASN K 19 -64.59 6.84 -30.52
N PRO K 20 -65.74 7.48 -30.23
CA PRO K 20 -66.87 7.44 -31.18
C PRO K 20 -66.65 8.22 -32.46
N ASN K 21 -65.59 9.03 -32.53
CA ASN K 21 -65.28 9.81 -33.73
C ASN K 21 -64.11 9.24 -34.51
N ALA K 22 -63.29 8.38 -33.90
CA ALA K 22 -62.29 7.63 -34.65
C ALA K 22 -62.91 6.49 -35.43
N VAL K 23 -64.09 6.03 -35.03
CA VAL K 23 -64.94 5.15 -35.81
C VAL K 23 -66.16 5.96 -36.18
N LEU K 24 -67.12 5.34 -36.87
CA LEU K 24 -68.26 6.05 -37.42
C LEU K 24 -69.13 6.65 -36.33
N GLY K 25 -69.25 7.98 -36.36
CA GLY K 25 -70.32 8.63 -35.65
C GLY K 25 -71.66 8.22 -36.21
N SER K 26 -72.67 8.24 -35.34
CA SER K 26 -74.05 7.75 -35.48
C SER K 26 -74.14 6.23 -35.63
N ASN K 27 -73.02 5.50 -35.67
CA ASN K 27 -73.03 4.07 -35.97
C ASN K 27 -71.96 3.42 -35.10
N VAL K 28 -72.32 3.05 -33.87
CA VAL K 28 -71.41 2.40 -32.93
C VAL K 28 -72.16 1.33 -32.15
N GLU K 29 -71.40 0.35 -31.66
CA GLU K 29 -71.92 -0.73 -30.80
C GLU K 29 -70.79 -1.19 -29.90
N CYS K 30 -70.99 -2.32 -29.24
CA CYS K 30 -69.95 -2.98 -28.47
C CYS K 30 -68.81 -3.42 -29.36
N SER K 31 -67.64 -3.58 -28.76
CA SER K 31 -66.47 -3.98 -29.53
C SER K 31 -66.40 -5.47 -29.78
N GLN K 32 -67.25 -6.27 -29.14
CA GLN K 32 -67.17 -7.72 -29.33
C GLN K 32 -68.49 -8.44 -29.50
N CYS K 33 -69.63 -7.84 -29.19
CA CYS K 33 -70.89 -8.52 -29.38
C CYS K 33 -71.91 -7.58 -30.01
N LYS K 34 -72.79 -8.17 -30.83
CA LYS K 34 -73.73 -7.41 -31.66
C LYS K 34 -74.91 -6.99 -30.78
N ALA K 35 -74.63 -6.01 -29.93
CA ALA K 35 -75.47 -5.64 -28.80
C ALA K 35 -75.69 -4.14 -28.82
N ILE K 36 -76.19 -3.63 -29.94
CA ILE K 36 -76.10 -2.21 -30.26
C ILE K 36 -77.03 -1.45 -29.33
N TYR K 37 -76.48 -1.02 -28.21
CA TYR K 37 -77.17 -0.19 -27.22
C TYR K 37 -77.18 1.30 -27.58
N PRO K 38 -76.09 1.94 -28.05
CA PRO K 38 -76.22 3.34 -28.46
C PRO K 38 -77.10 3.51 -29.69
N LYS K 39 -78.14 4.34 -29.53
CA LYS K 39 -79.12 4.66 -30.55
C LYS K 39 -78.83 6.02 -31.20
N SER K 40 -77.53 6.38 -31.26
CA SER K 40 -77.02 7.64 -31.82
C SER K 40 -77.55 8.84 -31.04
N GLN K 41 -77.40 8.77 -29.72
CA GLN K 41 -77.70 9.88 -28.81
C GLN K 41 -76.56 10.01 -27.80
N PHE K 42 -75.33 10.10 -28.31
CA PHE K 42 -74.10 9.64 -27.67
C PHE K 42 -73.83 10.15 -26.26
N SER K 43 -73.55 11.45 -26.15
CA SER K 43 -73.11 12.05 -24.90
C SER K 43 -73.00 13.55 -25.09
N ASN K 44 -72.91 14.25 -23.97
CA ASN K 44 -72.41 15.61 -23.92
C ASN K 44 -71.02 15.55 -23.31
N LEU K 45 -70.01 15.68 -24.15
CA LEU K 45 -68.63 15.41 -23.73
C LEU K 45 -68.12 16.62 -22.97
N LYS K 46 -68.25 16.61 -21.65
CA LYS K 46 -67.81 17.72 -20.81
C LYS K 46 -66.96 17.17 -19.68
N VAL K 47 -65.64 17.27 -19.83
CA VAL K 47 -64.69 16.95 -18.77
C VAL K 47 -63.99 18.25 -18.39
N VAL K 48 -63.66 18.40 -17.12
CA VAL K 48 -62.97 19.58 -16.62
C VAL K 48 -61.88 19.14 -15.64
N THR K 49 -60.63 19.33 -16.03
CA THR K 49 -59.49 18.92 -15.23
C THR K 49 -58.86 20.15 -14.62
N THR K 50 -57.80 19.93 -13.84
CA THR K 50 -57.16 21.02 -13.09
C THR K 50 -55.73 20.66 -12.76
N THR K 51 -54.78 21.47 -13.21
CA THR K 51 -53.45 21.43 -12.65
C THR K 51 -53.47 22.17 -11.32
N ALA K 52 -53.00 21.50 -10.27
CA ALA K 52 -53.27 21.95 -8.91
C ALA K 52 -52.24 22.93 -8.36
N ASP K 53 -51.38 23.50 -9.22
CA ASP K 53 -50.36 24.50 -8.86
C ASP K 53 -49.43 23.94 -7.78
N ASP K 54 -48.68 22.93 -8.16
CA ASP K 54 -47.87 22.24 -7.18
C ASP K 54 -46.38 22.26 -7.50
N ALA K 55 -46.00 22.27 -8.77
CA ALA K 55 -44.59 22.37 -9.13
C ALA K 55 -44.34 23.66 -9.90
N PHE K 56 -44.92 24.76 -9.41
CA PHE K 56 -44.72 26.09 -9.97
C PHE K 56 -43.98 26.94 -8.95
N PRO K 57 -42.69 26.75 -8.76
CA PRO K 57 -42.00 27.41 -7.64
C PRO K 57 -41.77 28.89 -7.92
N SER K 58 -41.67 29.64 -6.84
CA SER K 58 -41.57 31.10 -6.92
C SER K 58 -41.01 31.63 -5.62
N SER K 59 -41.02 32.95 -5.48
CA SER K 59 -40.97 33.57 -4.17
C SER K 59 -42.33 34.05 -3.72
N LEU K 60 -43.34 33.97 -4.59
CA LEU K 60 -44.69 34.42 -4.27
C LEU K 60 -45.70 33.29 -4.21
N ARG K 61 -45.24 32.04 -4.22
CA ARG K 61 -46.04 30.94 -3.72
C ARG K 61 -45.53 30.46 -2.36
N ALA K 62 -44.36 30.93 -1.94
CA ALA K 62 -43.90 30.70 -0.58
C ALA K 62 -44.66 31.56 0.42
N LYS K 63 -45.31 32.63 -0.04
CA LYS K 63 -46.10 33.47 0.85
C LYS K 63 -47.47 32.90 1.14
N LYS K 64 -48.06 32.18 0.18
CA LYS K 64 -49.36 31.57 0.42
C LYS K 64 -49.24 30.38 1.35
N SER K 65 -48.08 29.74 1.37
CA SER K 65 -47.78 28.65 2.30
C SER K 65 -47.48 29.19 3.69
N MET L 1 -8.49 -19.56 36.25
CA MET L 1 -8.02 -20.91 35.98
C MET L 1 -7.29 -21.38 37.21
N ILE L 2 -5.97 -21.22 37.21
CA ILE L 2 -5.16 -21.57 38.34
C ILE L 2 -4.76 -20.28 39.01
N VAL L 3 -4.66 -20.34 40.33
CA VAL L 3 -4.40 -19.15 41.15
C VAL L 3 -2.99 -18.64 40.87
N PRO L 4 -2.84 -17.39 40.51
CA PRO L 4 -1.52 -16.82 40.27
C PRO L 4 -0.67 -16.77 41.52
N VAL L 5 0.47 -17.45 41.45
CA VAL L 5 1.41 -17.44 42.57
C VAL L 5 2.08 -16.08 42.63
N ARG L 6 2.13 -15.50 43.83
CA ARG L 6 2.80 -14.23 44.13
C ARG L 6 2.23 -13.08 43.31
N CYS L 7 1.07 -12.56 43.76
CA CYS L 7 0.20 -11.61 43.05
C CYS L 7 0.94 -10.50 42.32
N PHE L 8 0.25 -10.01 41.26
CA PHE L 8 0.75 -9.29 40.08
C PHE L 8 1.83 -8.28 40.44
N SER L 9 1.49 -7.40 41.38
CA SER L 9 2.36 -6.32 41.80
C SER L 9 2.67 -6.35 43.29
N CYS L 10 1.90 -7.09 44.08
CA CYS L 10 1.98 -6.99 45.53
C CYS L 10 3.20 -7.69 46.08
N GLY L 11 3.43 -8.92 45.63
CA GLY L 11 4.53 -9.73 46.13
C GLY L 11 4.11 -10.79 47.11
N LYS L 12 2.84 -10.86 47.49
CA LYS L 12 2.37 -11.86 48.40
C LYS L 12 1.78 -13.04 47.62
N VAL L 13 2.05 -14.24 48.13
CA VAL L 13 1.63 -15.47 47.45
C VAL L 13 0.21 -15.75 47.91
N VAL L 14 -0.76 -15.22 47.18
CA VAL L 14 -2.15 -15.41 47.58
C VAL L 14 -2.76 -16.64 46.90
N GLY L 15 -2.36 -17.83 47.34
CA GLY L 15 -2.97 -19.06 46.85
C GLY L 15 -3.42 -19.96 47.96
N ASP L 16 -2.71 -19.89 49.08
CA ASP L 16 -3.12 -20.59 50.28
C ASP L 16 -4.40 -20.05 50.86
N LYS L 17 -4.75 -18.81 50.53
CA LYS L 17 -6.02 -18.27 50.95
C LYS L 17 -7.16 -18.73 50.06
N TRP L 18 -6.87 -19.21 48.85
CA TRP L 18 -7.91 -19.50 47.87
C TRP L 18 -8.76 -20.68 48.27
N GLU L 19 -8.14 -21.84 48.53
CA GLU L 19 -8.90 -22.94 49.07
C GLU L 19 -9.41 -22.62 50.46
N SER L 20 -8.69 -21.80 51.20
CA SER L 20 -9.19 -21.30 52.46
C SER L 20 -10.38 -20.38 52.23
N TYR L 21 -10.38 -19.59 51.15
CA TYR L 21 -11.56 -18.81 50.79
C TYR L 21 -12.71 -19.72 50.39
N LEU L 22 -12.41 -20.78 49.64
CA LEU L 22 -13.47 -21.66 49.20
C LEU L 22 -14.07 -22.44 50.35
N ASN L 23 -13.32 -22.63 51.43
CA ASN L 23 -13.89 -23.21 52.62
C ASN L 23 -14.75 -22.23 53.39
N LEU L 24 -14.66 -20.93 53.10
CA LEU L 24 -15.44 -19.96 53.83
C LEU L 24 -16.85 -19.80 53.24
N LEU L 25 -16.95 -19.69 51.93
CA LEU L 25 -18.24 -19.53 51.27
C LEU L 25 -19.02 -20.82 51.19
N GLN L 26 -18.42 -21.94 51.59
CA GLN L 26 -19.06 -23.24 51.40
C GLN L 26 -19.94 -23.59 52.58
N GLU L 27 -19.36 -23.67 53.77
CA GLU L 27 -20.08 -24.09 54.97
C GLU L 27 -19.96 -23.10 56.11
N ASP L 28 -18.86 -22.35 56.19
CA ASP L 28 -18.59 -21.46 57.31
C ASP L 28 -19.57 -20.30 57.39
N GLU L 29 -20.33 -20.02 56.32
CA GLU L 29 -21.37 -19.00 56.27
C GLU L 29 -20.81 -17.63 56.61
N LEU L 30 -19.87 -17.20 55.77
CA LEU L 30 -19.21 -15.92 55.90
C LEU L 30 -19.62 -15.04 54.74
N ASP L 31 -19.20 -13.78 54.79
CA ASP L 31 -19.57 -12.84 53.75
C ASP L 31 -18.64 -13.00 52.55
N GLU L 32 -18.65 -12.00 51.68
CA GLU L 32 -17.64 -11.97 50.64
C GLU L 32 -16.49 -11.06 51.03
N GLY L 33 -16.77 -10.00 51.78
CA GLY L 33 -15.73 -9.06 52.14
C GLY L 33 -14.84 -9.43 53.31
N THR L 34 -15.40 -9.45 54.52
CA THR L 34 -14.56 -9.66 55.70
C THR L 34 -14.19 -11.11 55.88
N ALA L 35 -14.82 -12.03 55.15
CA ALA L 35 -14.24 -13.35 54.98
C ALA L 35 -12.91 -13.23 54.26
N LEU L 36 -12.91 -12.50 53.15
CA LEU L 36 -11.69 -12.28 52.40
C LEU L 36 -10.72 -11.41 53.17
N SER L 37 -11.24 -10.54 54.03
CA SER L 37 -10.40 -9.63 54.79
C SER L 37 -9.94 -10.21 56.12
N ARG L 38 -10.16 -11.50 56.35
CA ARG L 38 -9.74 -12.12 57.61
C ARG L 38 -8.63 -13.10 57.26
N LEU L 39 -7.75 -12.67 56.39
CA LEU L 39 -6.81 -13.62 55.81
C LEU L 39 -5.38 -13.11 55.77
N GLY L 40 -5.11 -11.89 56.25
CA GLY L 40 -3.79 -11.32 56.13
C GLY L 40 -3.65 -10.56 54.83
N LEU L 41 -4.62 -9.71 54.52
CA LEU L 41 -4.63 -8.94 53.29
C LEU L 41 -4.58 -7.45 53.66
N LYS L 42 -3.37 -6.91 53.67
CA LYS L 42 -3.18 -5.51 54.06
C LYS L 42 -3.52 -4.53 52.92
N ARG L 43 -3.30 -4.92 51.68
CA ARG L 43 -3.40 -4.02 50.54
C ARG L 43 -4.70 -4.28 49.79
N TYR L 44 -4.91 -3.58 48.68
CA TYR L 44 -6.09 -3.86 47.88
C TYR L 44 -5.78 -4.29 46.46
N CYS L 45 -4.51 -4.36 46.08
CA CYS L 45 -4.20 -5.04 44.84
C CYS L 45 -4.02 -6.52 45.05
N CYS L 46 -4.00 -6.98 46.31
CA CYS L 46 -4.17 -8.40 46.55
C CYS L 46 -5.63 -8.80 46.39
N ARG L 47 -6.56 -7.93 46.80
CA ARG L 47 -7.93 -8.33 47.10
C ARG L 47 -8.69 -8.84 45.90
N ARG L 48 -8.36 -8.41 44.70
CA ARG L 48 -9.08 -8.92 43.53
C ARG L 48 -8.72 -10.37 43.23
N MET L 49 -7.47 -10.79 43.46
CA MET L 49 -6.92 -12.07 43.07
C MET L 49 -7.69 -13.27 43.58
N ILE L 50 -8.49 -13.09 44.63
CA ILE L 50 -9.46 -14.08 45.06
C ILE L 50 -10.89 -13.62 44.86
N LEU L 51 -11.15 -12.31 44.93
CA LEU L 51 -12.46 -11.77 44.60
C LEU L 51 -12.82 -11.92 43.13
N THR L 52 -11.82 -12.07 42.27
CA THR L 52 -12.07 -12.09 40.84
C THR L 52 -11.89 -13.47 40.22
N HIS L 53 -11.06 -14.32 40.83
CA HIS L 53 -10.50 -15.48 40.15
C HIS L 53 -11.56 -16.52 39.83
N VAL L 54 -11.51 -17.02 38.60
CA VAL L 54 -12.67 -17.67 38.00
C VAL L 54 -12.64 -19.18 38.23
N ASP L 55 -11.44 -19.75 38.40
CA ASP L 55 -11.20 -21.17 38.62
C ASP L 55 -11.78 -22.00 37.46
N LEU L 56 -11.18 -21.82 36.29
CA LEU L 56 -11.64 -22.41 35.04
C LEU L 56 -10.80 -23.63 34.63
N ILE L 57 -10.16 -24.31 35.58
CA ILE L 57 -9.57 -25.61 35.28
C ILE L 57 -10.68 -26.62 35.08
N GLU L 58 -11.86 -26.31 35.63
CA GLU L 58 -13.01 -27.19 35.59
C GLU L 58 -13.49 -27.46 34.19
N LYS L 59 -13.35 -26.51 33.28
CA LYS L 59 -13.69 -26.79 31.90
C LYS L 59 -12.51 -27.31 31.11
N PHE L 60 -11.35 -27.47 31.75
CA PHE L 60 -10.25 -28.23 31.19
C PHE L 60 -10.00 -29.55 31.88
N LEU L 61 -10.51 -29.74 33.10
CA LEU L 61 -10.44 -31.04 33.74
C LEU L 61 -11.71 -31.85 33.57
N ARG L 62 -12.55 -31.50 32.60
CA ARG L 62 -13.67 -32.35 32.21
C ARG L 62 -13.57 -32.82 30.77
N TYR L 63 -12.39 -32.73 30.16
CA TYR L 63 -12.14 -33.34 28.87
C TYR L 63 -10.82 -34.09 28.98
N ASN L 64 -10.91 -35.33 29.43
CA ASN L 64 -9.74 -36.13 29.77
C ASN L 64 -9.60 -37.28 28.80
N PRO L 65 -8.63 -37.25 27.88
CA PRO L 65 -8.41 -38.38 27.00
C PRO L 65 -7.65 -39.52 27.64
N LEU L 66 -7.13 -39.35 28.84
CA LEU L 66 -6.36 -40.42 29.46
C LEU L 66 -7.24 -41.35 30.30
N GLU L 67 -8.55 -41.21 30.19
CA GLU L 67 -9.49 -42.11 30.84
C GLU L 67 -10.77 -42.08 30.03
N LYS L 68 -11.55 -43.15 30.12
CA LYS L 68 -12.77 -43.31 29.32
C LYS L 68 -13.78 -42.23 29.71
N ARG L 69 -14.65 -41.89 28.75
CA ARG L 69 -15.67 -40.84 28.86
C ARG L 69 -14.97 -39.51 29.07
N ASP M 43 39.92 -5.52 37.22
CA ASP M 43 38.62 -5.10 36.72
C ASP M 43 38.58 -3.60 36.48
N ARG M 44 38.97 -3.19 35.26
CA ARG M 44 39.06 -1.80 34.89
C ARG M 44 37.92 -1.38 33.97
N GLU M 45 36.73 -1.93 34.20
CA GLU M 45 35.53 -1.48 33.51
C GLU M 45 34.70 -0.53 34.35
N LYS M 46 35.15 -0.21 35.56
CA LYS M 46 34.31 0.58 36.44
C LYS M 46 34.60 2.07 36.32
N ILE M 47 35.78 2.50 36.74
CA ILE M 47 36.15 3.91 36.63
C ILE M 47 36.72 4.17 35.24
N LYS M 48 36.23 5.24 34.61
CA LYS M 48 36.69 5.54 33.26
C LYS M 48 36.67 7.06 33.14
N LEU M 49 37.85 7.66 33.17
CA LEU M 49 37.99 9.11 32.98
C LEU M 49 37.68 9.47 31.54
N LEU M 50 36.48 9.97 31.32
CA LEU M 50 36.04 10.30 29.97
C LEU M 50 36.59 11.68 29.64
N THR M 51 37.81 11.71 29.10
CA THR M 51 38.64 12.90 28.91
C THR M 51 38.11 13.86 27.85
N GLN M 52 37.01 13.52 27.17
CA GLN M 52 36.45 14.37 26.14
C GLN M 52 35.54 15.44 26.69
N ALA M 53 35.56 15.68 28.00
CA ALA M 53 34.86 16.81 28.59
C ALA M 53 35.68 17.44 29.71
N THR M 54 36.99 17.25 29.70
CA THR M 54 37.84 17.65 30.80
C THR M 54 38.68 18.86 30.44
N SER M 55 39.38 19.38 31.43
CA SER M 55 40.36 20.44 31.28
C SER M 55 41.76 19.84 31.28
N GLU M 56 42.78 20.70 31.35
CA GLU M 56 44.15 20.21 31.38
C GLU M 56 44.52 19.68 32.76
N ASP M 57 44.40 20.51 33.78
CA ASP M 57 44.68 20.07 35.15
C ASP M 57 43.48 19.43 35.82
N GLY M 58 42.40 19.18 35.07
CA GLY M 58 41.32 18.34 35.52
C GLY M 58 40.54 18.91 36.69
N THR M 59 40.02 20.12 36.52
CA THR M 59 39.12 20.64 37.54
C THR M 59 37.82 19.85 37.54
N SER M 60 37.27 19.59 36.37
CA SER M 60 36.01 18.87 36.27
C SER M 60 36.18 17.73 35.28
N ALA M 61 35.36 16.70 35.46
CA ALA M 61 35.46 15.51 34.63
C ALA M 61 34.14 14.74 34.70
N SER M 62 33.70 14.27 33.54
CA SER M 62 32.47 13.49 33.44
C SER M 62 32.83 12.03 33.70
N PHE M 63 32.52 11.57 34.90
CA PHE M 63 32.92 10.24 35.31
C PHE M 63 32.02 9.18 34.69
N GLN M 64 32.65 8.15 34.14
CA GLN M 64 31.94 7.04 33.52
C GLN M 64 32.08 5.82 34.42
N ILE M 65 30.94 5.35 34.94
CA ILE M 65 30.84 4.10 35.68
C ILE M 65 29.62 3.34 35.16
N VAL M 66 29.70 2.01 35.17
CA VAL M 66 28.77 1.17 34.44
C VAL M 66 27.72 0.59 35.37
N GLU M 67 26.61 0.14 34.77
CA GLU M 67 25.58 -0.79 35.27
C GLU M 67 24.92 -0.38 36.59
N GLU M 68 25.16 0.82 37.10
CA GLU M 68 24.51 1.24 38.34
C GLU M 68 23.15 1.84 37.99
N ASP M 69 22.52 2.48 38.95
CA ASP M 69 21.29 3.24 38.69
C ASP M 69 21.22 4.36 39.73
N HIS M 70 20.01 4.86 40.03
CA HIS M 70 19.81 5.92 41.02
C HIS M 70 20.39 5.61 42.40
N THR M 71 20.70 4.34 42.68
CA THR M 71 21.28 3.93 43.96
C THR M 71 22.63 4.56 44.25
N LEU M 72 23.29 5.16 43.28
CA LEU M 72 24.45 6.01 43.53
C LEU M 72 24.16 7.47 43.30
N GLY M 73 23.50 7.79 42.17
CA GLY M 73 23.34 9.17 41.78
C GLY M 73 22.42 9.94 42.71
N ASN M 74 21.36 9.29 43.19
CA ASN M 74 20.51 9.89 44.19
C ASN M 74 21.00 9.56 45.60
N ALA M 75 22.25 9.15 45.72
CA ALA M 75 22.87 9.03 47.04
C ALA M 75 24.24 9.67 47.13
N LEU M 76 25.03 9.69 46.06
CA LEU M 76 26.32 10.34 46.11
C LEU M 76 26.21 11.85 45.94
N ARG M 77 25.28 12.29 45.09
CA ARG M 77 24.98 13.71 44.96
C ARG M 77 24.55 14.33 46.29
N TYR M 78 23.86 13.55 47.12
CA TYR M 78 23.48 14.02 48.44
C TYR M 78 24.68 14.28 49.35
N VAL M 79 25.83 13.66 49.08
CA VAL M 79 27.00 13.90 49.92
C VAL M 79 28.09 14.67 49.19
N ILE M 80 28.02 14.79 47.86
CA ILE M 80 29.00 15.59 47.14
C ILE M 80 28.84 17.06 47.50
N MET M 81 27.60 17.52 47.68
CA MET M 81 27.38 18.89 48.09
C MET M 81 27.79 19.15 49.53
N LYS M 82 27.97 18.10 50.34
CA LYS M 82 28.48 18.29 51.69
C LYS M 82 29.96 18.65 51.69
N ASN M 83 30.68 18.29 50.65
CA ASN M 83 32.03 18.78 50.46
C ASN M 83 31.95 20.27 50.14
N PRO M 84 32.52 21.15 50.95
CA PRO M 84 32.34 22.59 50.73
C PRO M 84 33.14 23.17 49.57
N ASP M 85 34.00 22.41 48.90
CA ASP M 85 34.69 22.91 47.72
C ASP M 85 34.02 22.37 46.46
N VAL M 86 32.71 22.30 46.45
CA VAL M 86 31.97 21.80 45.30
C VAL M 86 31.07 22.91 44.80
N GLU M 87 31.21 23.25 43.53
CA GLU M 87 30.40 24.28 42.93
C GLU M 87 29.35 23.75 41.96
N PHE M 88 29.52 22.54 41.42
CA PHE M 88 28.49 21.92 40.62
C PHE M 88 28.67 20.41 40.60
N CYS M 89 27.56 19.68 40.63
CA CYS M 89 27.52 18.25 40.38
C CYS M 89 26.08 17.82 40.08
N GLY M 90 25.96 16.61 39.54
CA GLY M 90 24.66 16.05 39.18
C GLY M 90 24.87 14.76 38.41
N TYR M 91 23.82 13.97 38.31
CA TYR M 91 23.92 12.71 37.59
C TYR M 91 23.10 12.76 36.32
N SER M 92 23.20 11.68 35.55
CA SER M 92 22.63 11.60 34.22
C SER M 92 22.53 10.15 33.79
N ILE M 93 21.72 9.92 32.76
CA ILE M 93 21.46 8.59 32.23
C ILE M 93 21.84 8.60 30.76
N PRO M 94 22.79 7.78 30.31
CA PRO M 94 23.09 7.73 28.87
C PRO M 94 21.98 7.13 28.04
N HIS M 95 21.29 6.12 28.55
CA HIS M 95 20.05 5.70 27.93
C HIS M 95 19.22 5.05 29.04
N PRO M 96 17.92 5.34 29.10
CA PRO M 96 17.13 4.88 30.26
C PRO M 96 16.88 3.39 30.29
N SER M 97 17.00 2.70 29.16
CA SER M 97 16.70 1.27 29.15
C SER M 97 17.85 0.46 29.74
N GLU M 98 19.04 0.62 29.19
CA GLU M 98 20.19 -0.13 29.65
C GLU M 98 20.81 0.56 30.86
N ASN M 99 21.38 -0.23 31.76
CA ASN M 99 21.98 0.31 32.96
C ASN M 99 23.35 0.89 32.64
N LEU M 100 23.46 2.21 32.74
CA LEU M 100 24.70 2.93 32.57
C LEU M 100 24.52 4.27 33.24
N LEU M 101 25.60 4.81 33.81
CA LEU M 101 25.56 6.12 34.41
C LEU M 101 26.72 6.98 33.94
N ASN M 102 26.55 8.28 34.19
CA ASN M 102 27.63 9.24 33.98
C ASN M 102 27.37 10.45 34.87
N ILE M 103 28.31 10.72 35.77
CA ILE M 103 28.23 11.85 36.69
C ILE M 103 29.41 12.76 36.41
N ARG M 104 29.28 14.00 36.89
CA ARG M 104 30.33 15.01 36.74
C ARG M 104 30.28 15.92 37.93
N ILE M 105 31.45 16.28 38.45
CA ILE M 105 31.56 17.20 39.58
C ILE M 105 32.30 18.45 39.13
N GLN M 106 32.10 19.55 39.87
CA GLN M 106 32.90 20.75 39.71
C GLN M 106 33.32 21.29 41.07
N THR M 107 34.39 22.07 41.04
CA THR M 107 35.13 22.38 42.25
C THR M 107 36.00 23.60 42.02
N TYR M 108 36.42 24.17 43.14
CA TYR M 108 37.32 25.31 43.13
C TYR M 108 38.76 24.80 43.13
N GLY M 109 39.69 25.70 43.38
CA GLY M 109 41.10 25.35 43.36
C GLY M 109 41.48 24.45 44.51
N GLU M 110 42.69 23.89 44.37
CA GLU M 110 43.33 22.96 45.30
C GLU M 110 42.48 21.71 45.56
N THR M 111 41.67 21.34 44.57
CA THR M 111 40.82 20.16 44.64
C THR M 111 40.55 19.74 43.21
N THR M 112 40.96 18.53 42.85
CA THR M 112 40.87 18.08 41.47
C THR M 112 39.50 17.44 41.23
N ALA M 113 39.36 16.71 40.14
CA ALA M 113 38.09 16.05 39.87
C ALA M 113 37.97 14.75 40.65
N VAL M 114 38.97 13.87 40.54
CA VAL M 114 38.89 12.55 41.16
C VAL M 114 39.08 12.59 42.67
N ASP M 115 39.63 13.68 43.21
CA ASP M 115 39.81 13.79 44.65
C ASP M 115 38.53 14.23 45.35
N ALA M 116 37.58 14.80 44.62
CA ALA M 116 36.27 15.10 45.16
C ALA M 116 35.33 13.92 45.06
N LEU M 117 35.72 12.89 44.33
CA LEU M 117 35.03 11.61 44.36
C LEU M 117 35.51 10.76 45.52
N GLN M 118 36.72 11.03 46.01
CA GLN M 118 37.27 10.36 47.18
C GLN M 118 36.40 10.60 48.40
N LYS M 119 36.32 11.85 48.84
CA LYS M 119 35.58 12.22 50.03
C LYS M 119 34.08 12.09 49.87
N GLY M 120 33.57 11.94 48.65
CA GLY M 120 32.17 11.65 48.47
C GLY M 120 31.91 10.20 48.84
N LEU M 121 32.75 9.31 48.34
CA LEU M 121 32.55 7.90 48.62
C LEU M 121 33.22 7.42 49.89
N LYS M 122 34.09 8.23 50.50
CA LYS M 122 34.49 7.95 51.87
C LYS M 122 33.36 8.18 52.85
N ASP M 123 32.32 8.91 52.45
CA ASP M 123 31.25 9.23 53.37
C ASP M 123 30.02 8.36 53.15
N LEU M 124 29.85 7.79 51.95
CA LEU M 124 28.89 6.70 51.82
C LEU M 124 29.32 5.49 52.64
N MET M 125 30.62 5.31 52.84
CA MET M 125 31.15 4.33 53.79
C MET M 125 30.70 4.63 55.21
N ASP M 126 30.38 5.89 55.52
CA ASP M 126 29.90 6.23 56.84
C ASP M 126 28.42 6.58 56.86
N LEU M 127 27.80 6.82 55.70
CA LEU M 127 26.37 7.10 55.66
C LEU M 127 25.54 5.85 55.92
N CYS M 128 26.08 4.68 55.59
CA CYS M 128 25.45 3.44 55.99
C CYS M 128 26.02 2.88 57.29
N ASP M 129 27.17 3.39 57.73
CA ASP M 129 27.74 2.96 59.01
C ASP M 129 26.90 3.43 60.18
N VAL M 130 26.29 4.62 60.05
CA VAL M 130 25.47 5.16 61.13
C VAL M 130 24.15 4.39 61.27
N VAL M 131 23.71 3.73 60.20
CA VAL M 131 22.48 2.96 60.26
C VAL M 131 22.89 1.52 60.55
N GLU M 132 24.13 1.34 61.00
CA GLU M 132 24.61 0.11 61.61
C GLU M 132 25.11 0.30 63.03
N SER M 133 25.94 1.32 63.26
CA SER M 133 26.59 1.49 64.56
C SER M 133 25.58 1.93 65.62
N LYS M 134 24.87 3.01 65.36
CA LYS M 134 23.81 3.42 66.28
C LYS M 134 22.61 2.48 66.22
N PHE M 135 22.32 1.93 65.04
CA PHE M 135 21.12 1.12 64.84
C PHE M 135 21.18 -0.26 65.49
N THR M 136 22.38 -0.80 65.70
CA THR M 136 22.52 -2.08 66.40
C THR M 136 22.02 -1.98 67.84
N GLU M 137 22.04 -0.78 68.44
CA GLU M 137 21.42 -0.56 69.73
C GLU M 137 19.90 -0.77 69.68
N LYS M 138 19.24 -0.09 68.75
CA LYS M 138 17.78 -0.07 68.77
C LYS M 138 17.17 -1.41 68.40
N ILE M 139 17.83 -2.17 67.53
CA ILE M 139 17.36 -3.51 67.22
C ILE M 139 17.63 -4.46 68.37
N LYS M 140 18.56 -4.12 69.26
CA LYS M 140 18.91 -5.00 70.36
C LYS M 140 17.83 -5.04 71.44
N SER M 141 17.17 -3.91 71.70
CA SER M 141 16.31 -3.74 72.85
C SER M 141 14.95 -3.19 72.42
N MET M 142 14.32 -3.84 71.45
CA MET M 142 12.99 -3.44 71.00
C MET M 142 11.93 -3.63 72.08
N LYS N 28 1.47 -46.91 22.37
CA LYS N 28 1.38 -45.58 22.96
C LYS N 28 0.44 -44.67 22.18
N TYR N 29 -0.51 -45.26 21.46
CA TYR N 29 -1.43 -44.53 20.61
C TYR N 29 -2.84 -44.65 21.18
N ILE N 30 -3.23 -43.69 21.99
CA ILE N 30 -4.53 -43.73 22.65
C ILE N 30 -5.59 -43.29 21.65
N CYS N 31 -6.64 -44.09 21.52
CA CYS N 31 -7.73 -43.78 20.61
C CYS N 31 -8.49 -42.55 21.06
N ALA N 32 -9.28 -42.01 20.13
CA ALA N 32 -10.09 -40.84 20.39
C ALA N 32 -11.55 -41.17 20.58
N GLU N 33 -11.93 -42.44 20.55
CA GLU N 33 -13.32 -42.77 20.82
C GLU N 33 -13.60 -42.84 22.31
N CYS N 34 -12.95 -43.77 22.99
CA CYS N 34 -13.23 -44.02 24.39
C CYS N 34 -11.96 -44.25 25.19
N SER N 35 -10.85 -43.64 24.74
CA SER N 35 -9.50 -43.80 25.30
C SER N 35 -9.07 -45.26 25.31
N SER N 36 -9.51 -46.03 24.32
CA SER N 36 -9.10 -47.42 24.23
C SER N 36 -7.65 -47.48 23.82
N LYS N 37 -6.77 -47.73 24.78
CA LYS N 37 -5.34 -47.62 24.59
C LYS N 37 -4.84 -48.78 23.72
N LEU N 38 -4.14 -48.45 22.65
CA LEU N 38 -3.50 -49.42 21.78
C LEU N 38 -2.07 -48.97 21.48
N SER N 39 -1.21 -49.93 21.18
CA SER N 39 0.19 -49.66 20.86
C SER N 39 0.46 -50.31 19.50
N LEU N 40 0.06 -49.61 18.44
CA LEU N 40 0.10 -50.15 17.08
C LEU N 40 1.37 -49.76 16.35
N SER N 41 1.75 -50.62 15.43
CA SER N 41 2.90 -50.47 14.56
C SER N 41 2.44 -50.03 13.18
N ARG N 42 3.37 -50.03 12.23
CA ARG N 42 3.04 -49.87 10.83
C ARG N 42 2.31 -51.10 10.31
N THR N 43 1.68 -50.93 9.14
CA THR N 43 0.95 -51.98 8.41
C THR N 43 -0.16 -52.61 9.27
N ASP N 44 -0.96 -51.75 9.89
CA ASP N 44 -2.03 -52.20 10.75
C ASP N 44 -3.37 -51.71 10.21
N ALA N 45 -4.41 -52.51 10.48
CA ALA N 45 -5.78 -52.19 10.09
C ALA N 45 -6.34 -51.27 11.16
N VAL N 46 -6.40 -49.97 10.85
CA VAL N 46 -6.74 -48.95 11.83
C VAL N 46 -8.24 -48.97 12.08
N ARG N 47 -8.61 -49.14 13.35
CA ARG N 47 -9.96 -49.05 13.90
C ARG N 47 -9.78 -49.04 15.40
N CYS N 48 -10.70 -48.39 16.10
CA CYS N 48 -10.75 -48.58 17.54
C CYS N 48 -11.14 -50.01 17.86
N LYS N 49 -10.75 -50.46 19.04
CA LYS N 49 -10.82 -51.88 19.37
C LYS N 49 -12.00 -52.22 20.27
N ASP N 50 -13.07 -51.44 20.17
CA ASP N 50 -14.39 -51.93 20.58
C ASP N 50 -15.43 -51.58 19.53
N CYS N 51 -15.20 -50.49 18.79
CA CYS N 51 -16.14 -50.02 17.78
C CYS N 51 -15.37 -49.30 16.68
N GLY N 52 -16.10 -48.78 15.70
CA GLY N 52 -15.47 -48.35 14.47
C GLY N 52 -14.96 -46.92 14.39
N HIS N 53 -13.94 -46.58 15.17
CA HIS N 53 -13.40 -45.23 15.16
C HIS N 53 -11.90 -45.28 14.86
N ARG N 54 -11.42 -44.24 14.19
CA ARG N 54 -10.12 -44.26 13.54
C ARG N 54 -9.04 -43.46 14.25
N ILE N 55 -9.38 -42.35 14.90
CA ILE N 55 -8.40 -41.32 15.20
C ILE N 55 -7.57 -41.71 16.41
N LEU N 56 -6.25 -41.54 16.31
CA LEU N 56 -5.30 -42.00 17.30
C LEU N 56 -4.39 -40.85 17.73
N LEU N 57 -4.24 -40.66 19.04
CA LEU N 57 -3.37 -39.64 19.59
C LEU N 57 -2.00 -40.26 19.86
N LYS N 58 -1.15 -39.57 20.62
CA LYS N 58 0.16 -40.09 20.98
C LYS N 58 0.52 -39.59 22.38
N ALA N 59 1.22 -40.41 23.14
CA ALA N 59 1.48 -40.12 24.55
C ALA N 59 2.90 -39.63 24.78
N ARG N 60 3.14 -39.19 26.01
CA ARG N 60 4.39 -38.55 26.40
C ARG N 60 5.40 -39.58 26.87
N THR N 61 6.68 -39.28 26.64
CA THR N 61 7.78 -40.13 27.07
C THR N 61 8.81 -39.25 27.75
N LYS N 62 9.36 -39.74 28.86
CA LYS N 62 10.24 -38.92 29.71
C LYS N 62 11.57 -38.68 28.99
N ARG N 63 11.98 -37.42 28.93
CA ARG N 63 13.21 -37.01 28.27
C ARG N 63 13.86 -35.91 29.10
N LEU N 64 15.18 -35.99 29.27
CA LEU N 64 15.90 -35.00 30.08
C LEU N 64 16.09 -33.74 29.25
N VAL N 65 15.00 -33.00 29.11
CA VAL N 65 14.92 -31.86 28.22
C VAL N 65 14.72 -30.58 29.05
N GLN N 66 15.54 -29.58 28.76
CA GLN N 66 15.61 -28.35 29.54
C GLN N 66 14.56 -27.37 29.07
N PHE N 67 13.71 -26.92 29.98
CA PHE N 67 12.57 -26.12 29.61
C PHE N 67 12.58 -24.78 30.34
N GLU N 68 11.68 -23.90 29.91
CA GLU N 68 11.83 -22.47 30.14
C GLU N 68 11.02 -22.01 31.34
N ALA N 69 11.65 -21.18 32.17
CA ALA N 69 10.97 -20.66 33.37
C ALA N 69 11.61 -19.34 33.77
N ARG N 70 10.88 -18.25 33.59
CA ARG N 70 11.27 -16.95 34.11
C ARG N 70 10.13 -16.33 34.91
N SER O 8 -85.16 5.94 18.15
CA SER O 8 -86.04 5.10 18.96
C SER O 8 -85.66 3.63 18.82
N GLU O 9 -86.56 2.76 19.25
CA GLU O 9 -86.36 1.31 19.20
C GLU O 9 -87.42 0.67 18.31
N ILE O 10 -87.08 -0.49 17.75
CA ILE O 10 -88.00 -1.28 16.95
C ILE O 10 -87.59 -2.74 17.08
N GLU O 11 -88.51 -3.64 16.73
CA GLU O 11 -88.36 -5.04 17.02
C GLU O 11 -88.26 -5.88 15.74
N ILE O 12 -87.51 -6.98 15.83
CA ILE O 12 -87.47 -7.97 14.77
C ILE O 12 -88.78 -8.74 14.79
N GLU O 13 -89.55 -8.64 13.70
CA GLU O 13 -90.79 -9.40 13.64
C GLU O 13 -90.54 -10.86 13.25
N SER O 14 -90.05 -11.07 12.03
CA SER O 14 -90.14 -12.38 11.38
C SER O 14 -88.75 -12.88 11.03
N VAL O 15 -88.30 -13.90 11.74
CA VAL O 15 -87.19 -14.72 11.30
C VAL O 15 -87.77 -15.96 10.64
N GLN O 16 -86.93 -16.71 9.94
CA GLN O 16 -87.42 -17.84 9.15
C GLN O 16 -86.34 -18.92 9.18
N ASP O 17 -86.43 -19.88 8.26
CA ASP O 17 -85.42 -20.90 8.10
C ASP O 17 -84.61 -20.74 6.81
N GLN O 18 -85.26 -20.74 5.64
CA GLN O 18 -84.51 -20.64 4.41
C GLN O 18 -84.49 -19.21 3.91
N PRO O 19 -83.32 -18.63 3.68
CA PRO O 19 -83.26 -17.39 2.92
C PRO O 19 -83.51 -17.67 1.44
N SER O 20 -84.37 -16.86 0.85
CA SER O 20 -84.78 -17.04 -0.54
C SER O 20 -84.67 -15.71 -1.28
N VAL O 21 -83.50 -15.07 -1.16
CA VAL O 21 -83.18 -13.87 -1.91
C VAL O 21 -81.67 -13.88 -2.19
N ALA O 22 -81.24 -13.02 -3.10
CA ALA O 22 -79.83 -12.78 -3.33
C ALA O 22 -79.67 -11.32 -3.76
N VAL O 23 -78.46 -10.96 -4.17
CA VAL O 23 -78.18 -9.63 -4.67
C VAL O 23 -77.68 -9.77 -6.10
N GLY O 24 -77.54 -8.63 -6.77
CA GLY O 24 -76.71 -8.63 -7.95
C GLY O 24 -75.59 -7.62 -7.78
N SER O 25 -74.37 -8.10 -7.60
CA SER O 25 -73.22 -7.22 -7.38
C SER O 25 -72.46 -7.03 -8.69
N PHE O 26 -73.16 -6.48 -9.68
CA PHE O 26 -72.56 -6.36 -11.02
C PHE O 26 -71.56 -5.21 -11.03
N PHE O 27 -72.06 -3.99 -10.92
CA PHE O 27 -71.30 -2.75 -11.00
C PHE O 27 -72.25 -1.60 -10.71
N LYS O 28 -71.68 -0.42 -10.55
CA LYS O 28 -72.49 0.78 -10.38
C LYS O 28 -73.23 1.08 -11.68
N GLY O 29 -74.56 1.09 -11.61
CA GLY O 29 -75.36 1.41 -12.76
C GLY O 29 -75.51 0.32 -13.79
N PHE O 30 -76.00 -0.84 -13.38
CA PHE O 30 -76.56 -1.81 -14.31
C PHE O 30 -78.05 -1.51 -14.33
N ARG O 31 -78.51 -0.91 -15.42
CA ARG O 31 -79.86 -0.39 -15.50
C ARG O 31 -80.91 -1.44 -15.86
N ALA O 32 -80.58 -2.74 -15.71
CA ALA O 32 -81.53 -3.85 -15.62
C ALA O 32 -82.50 -3.95 -16.80
N PRO O 33 -82.08 -4.50 -17.94
CA PRO O 33 -82.98 -4.59 -19.10
C PRO O 33 -84.20 -5.46 -18.85
N SER O 34 -84.07 -6.49 -18.00
CA SER O 34 -85.17 -7.40 -17.59
C SER O 34 -85.84 -8.06 -18.78
N ASP O 35 -85.08 -8.21 -19.87
CA ASP O 35 -85.55 -8.84 -21.09
C ASP O 35 -85.61 -10.35 -20.98
N THR O 36 -84.92 -10.93 -20.01
CA THR O 36 -85.03 -12.36 -19.70
C THR O 36 -84.77 -12.54 -18.22
N THR O 37 -85.80 -12.91 -17.47
CA THR O 37 -85.69 -13.13 -16.04
C THR O 37 -85.28 -14.58 -15.78
N PHE O 38 -84.20 -14.74 -15.03
CA PHE O 38 -83.48 -16.01 -14.95
C PHE O 38 -83.75 -16.72 -13.64
N ASP O 39 -83.17 -17.92 -13.50
CA ASP O 39 -83.47 -18.80 -12.38
C ASP O 39 -82.29 -18.95 -11.42
N LEU O 40 -82.58 -19.66 -10.33
CA LEU O 40 -81.64 -19.87 -9.24
C LEU O 40 -81.43 -21.36 -9.03
N TYR O 41 -80.19 -21.72 -8.72
CA TYR O 41 -79.79 -23.10 -8.54
C TYR O 41 -79.27 -23.17 -7.11
N LYS O 42 -79.84 -24.05 -6.30
CA LYS O 42 -79.65 -23.93 -4.86
C LYS O 42 -78.30 -24.49 -4.43
N LYS O 43 -78.10 -24.58 -3.13
CA LYS O 43 -77.14 -25.50 -2.52
C LYS O 43 -77.90 -26.33 -1.49
N LYS O 44 -77.15 -27.05 -0.67
CA LYS O 44 -77.66 -27.96 0.38
C LYS O 44 -78.60 -29.02 -0.17
N GLU O 47 -71.56 -27.61 4.57
CA GLU O 47 -71.87 -26.27 4.07
C GLU O 47 -73.32 -25.89 4.37
N LYS O 48 -73.62 -24.60 4.25
CA LYS O 48 -74.96 -24.07 4.49
C LYS O 48 -75.10 -22.69 3.85
N ASP O 49 -76.29 -22.42 3.33
CA ASP O 49 -76.77 -21.09 2.94
C ASP O 49 -75.93 -20.47 1.82
N GLU O 50 -75.91 -21.15 0.68
CA GLU O 50 -75.29 -20.62 -0.53
C GLU O 50 -76.21 -20.91 -1.71
N PHE O 51 -76.00 -20.16 -2.80
CA PHE O 51 -76.79 -20.33 -4.01
C PHE O 51 -75.92 -20.05 -5.21
N VAL O 52 -76.49 -20.26 -6.40
CA VAL O 52 -75.78 -20.08 -7.67
C VAL O 52 -76.84 -19.94 -8.76
N LEU O 53 -76.47 -19.35 -9.89
CA LEU O 53 -77.50 -18.98 -10.86
C LEU O 53 -77.02 -19.15 -12.29
N HIS O 54 -77.99 -19.34 -13.17
CA HIS O 54 -77.76 -19.30 -14.61
C HIS O 54 -78.87 -18.51 -15.27
N GLY O 55 -78.65 -18.11 -16.51
CA GLY O 55 -79.65 -17.42 -17.29
C GLY O 55 -79.28 -17.19 -18.73
N GLU O 56 -80.17 -17.56 -19.64
CA GLU O 56 -79.84 -17.66 -21.04
C GLU O 56 -80.31 -16.45 -21.81
N ASN O 57 -79.46 -16.01 -22.74
CA ASN O 57 -79.90 -15.23 -23.89
C ASN O 57 -79.35 -15.94 -25.11
N GLU O 58 -79.49 -15.31 -26.27
CA GLU O 58 -78.92 -15.91 -27.46
C GLU O 58 -77.42 -15.71 -27.56
N ARG O 59 -76.86 -14.76 -26.81
CA ARG O 59 -75.44 -14.47 -26.94
C ARG O 59 -74.86 -14.14 -25.57
N LEU O 60 -75.55 -14.53 -24.52
CA LEU O 60 -75.22 -13.96 -23.22
C LEU O 60 -75.72 -14.85 -22.08
N GLU O 61 -74.84 -15.16 -21.14
CA GLU O 61 -75.15 -16.08 -20.06
C GLU O 61 -74.85 -15.44 -18.71
N TYR O 62 -75.78 -15.62 -17.77
CA TYR O 62 -75.67 -15.08 -16.42
C TYR O 62 -74.93 -16.08 -15.55
N GLU O 63 -73.72 -15.72 -15.12
CA GLU O 63 -72.87 -16.63 -14.37
C GLU O 63 -72.63 -16.01 -12.99
N GLY O 64 -73.23 -16.58 -11.96
CA GLY O 64 -73.07 -16.02 -10.63
C GLY O 64 -73.15 -17.02 -9.50
N TYR O 65 -72.13 -17.03 -8.64
CA TYR O 65 -72.00 -17.92 -7.51
C TYR O 65 -71.76 -17.11 -6.24
N THR O 66 -71.52 -17.80 -5.13
CA THR O 66 -71.28 -17.15 -3.84
C THR O 66 -69.84 -17.33 -3.39
N ASP O 67 -69.31 -16.28 -2.75
CA ASP O 67 -67.97 -16.25 -2.16
C ASP O 67 -67.84 -17.24 -1.03
N SER O 68 -67.04 -18.30 -1.19
CA SER O 68 -66.94 -19.30 -0.15
C SER O 68 -66.11 -18.85 1.04
N SER O 69 -65.42 -17.70 0.94
CA SER O 69 -64.60 -17.22 2.03
C SER O 69 -65.44 -16.80 3.22
N SER O 70 -66.45 -15.96 2.99
CA SER O 70 -67.39 -15.58 4.04
C SER O 70 -68.72 -15.23 3.39
N GLN O 71 -69.63 -16.20 3.35
CA GLN O 71 -70.97 -15.96 2.81
C GLN O 71 -72.05 -16.11 3.89
N ALA O 72 -72.18 -17.28 4.48
CA ALA O 72 -73.11 -17.49 5.57
C ALA O 72 -72.50 -17.12 6.91
N SER O 73 -71.18 -16.98 6.97
CA SER O 73 -70.51 -16.54 8.18
C SER O 73 -70.57 -15.03 8.38
N ASN O 74 -71.04 -14.29 7.38
CA ASN O 74 -71.28 -12.85 7.52
C ASN O 74 -72.56 -12.59 6.74
N GLN O 75 -73.69 -12.81 7.39
CA GLN O 75 -74.96 -12.93 6.69
C GLN O 75 -75.72 -11.61 6.80
N TYR O 76 -75.97 -10.99 5.66
CA TYR O 76 -76.85 -9.84 5.64
C TYR O 76 -78.27 -10.30 5.88
N VAL O 77 -79.10 -9.40 6.37
CA VAL O 77 -80.52 -9.54 6.22
C VAL O 77 -81.06 -8.28 5.57
N VAL O 78 -82.32 -8.33 5.17
CA VAL O 78 -83.00 -7.16 4.65
C VAL O 78 -84.27 -6.94 5.46
N GLY O 79 -84.65 -5.67 5.64
CA GLY O 79 -85.80 -5.31 6.42
C GLY O 79 -86.82 -4.54 5.59
N LEU O 80 -88.01 -4.40 6.18
CA LEU O 80 -89.15 -3.78 5.51
C LEU O 80 -90.04 -3.16 6.57
N PHE O 81 -90.39 -1.88 6.39
CA PHE O 81 -91.26 -1.20 7.33
C PHE O 81 -92.01 -0.10 6.60
N ASN O 82 -93.07 0.37 7.22
CA ASN O 82 -93.93 1.38 6.63
C ASN O 82 -93.20 2.73 6.56
N LYS O 85 -97.49 1.35 10.31
CA LYS O 85 -96.93 0.12 10.86
C LYS O 85 -95.59 0.40 11.53
N LYS O 86 -94.59 0.71 10.69
CA LYS O 86 -93.27 1.18 11.11
C LYS O 86 -92.52 0.18 11.98
N SER O 87 -92.82 -1.11 11.86
CA SER O 87 -92.09 -2.13 12.60
C SER O 87 -91.45 -3.10 11.62
N ILE O 88 -90.14 -3.25 11.71
CA ILE O 88 -89.37 -3.95 10.69
C ILE O 88 -89.51 -5.45 10.88
N GLN O 89 -89.35 -6.19 9.80
CA GLN O 89 -89.22 -7.64 9.86
C GLN O 89 -87.90 -8.05 9.21
N LEU O 90 -87.23 -9.01 9.83
CA LEU O 90 -85.99 -9.54 9.28
C LEU O 90 -86.29 -10.35 8.04
N TYR O 91 -85.30 -10.44 7.14
CA TYR O 91 -85.36 -11.36 6.02
C TYR O 91 -83.93 -11.65 5.59
N LYS O 92 -83.49 -12.91 5.76
CA LYS O 92 -82.09 -13.26 5.62
C LYS O 92 -81.63 -13.16 4.17
N ALA O 93 -80.42 -12.62 3.98
CA ALA O 93 -79.96 -12.15 2.69
C ALA O 93 -78.60 -12.73 2.32
N PRO O 94 -78.55 -13.75 1.46
CA PRO O 94 -77.27 -14.21 0.91
C PRO O 94 -76.75 -13.28 -0.17
N VAL O 95 -75.57 -12.74 0.02
CA VAL O 95 -74.93 -11.90 -0.97
C VAL O 95 -74.36 -12.81 -2.05
N LEU O 96 -74.06 -12.25 -3.22
CA LEU O 96 -73.66 -13.06 -4.36
C LEU O 96 -72.80 -12.23 -5.29
N VAL O 97 -71.68 -12.82 -5.73
CA VAL O 97 -70.77 -12.16 -6.67
C VAL O 97 -71.12 -12.66 -8.08
N SER O 98 -70.94 -11.79 -9.07
CA SER O 98 -71.38 -12.14 -10.41
C SER O 98 -70.49 -11.50 -11.45
N LYS O 99 -70.25 -12.25 -12.54
CA LYS O 99 -69.42 -11.84 -13.67
C LYS O 99 -70.08 -12.43 -14.92
N VAL O 100 -70.87 -11.61 -15.60
CA VAL O 100 -71.70 -12.06 -16.72
C VAL O 100 -70.80 -12.34 -17.93
N VAL O 101 -71.11 -13.40 -18.66
CA VAL O 101 -70.32 -13.83 -19.80
C VAL O 101 -71.15 -13.68 -21.07
N SER O 102 -70.46 -13.79 -22.23
CA SER O 102 -71.12 -13.70 -23.52
C SER O 102 -70.48 -14.70 -24.48
N LYS O 103 -71.03 -14.77 -25.69
CA LYS O 103 -70.53 -15.67 -26.73
C LYS O 103 -69.18 -15.16 -27.24
N SER O 104 -68.10 -15.75 -26.75
CA SER O 104 -66.78 -15.50 -27.31
C SER O 104 -65.94 -16.77 -27.35
N SER O 105 -66.55 -17.86 -27.78
CA SER O 105 -65.86 -19.15 -27.81
C SER O 105 -65.10 -19.29 -29.13
N LYS O 106 -64.73 -20.53 -29.47
CA LYS O 106 -64.28 -21.04 -30.77
C LYS O 106 -62.92 -20.50 -31.23
N ASN O 107 -62.13 -19.91 -30.34
CA ASN O 107 -60.77 -19.56 -30.72
C ASN O 107 -59.87 -20.78 -30.82
N LEU O 108 -60.24 -21.86 -30.15
CA LEU O 108 -59.36 -23.02 -29.94
C LEU O 108 -59.12 -23.84 -31.20
N ARG O 109 -59.81 -23.57 -32.29
CA ARG O 109 -59.56 -24.28 -33.54
C ARG O 109 -58.39 -23.59 -34.23
N GLY O 110 -57.23 -24.22 -34.16
CA GLY O 110 -55.98 -23.60 -34.55
C GLY O 110 -55.42 -22.58 -33.58
N PRO O 111 -54.90 -23.02 -32.41
CA PRO O 111 -54.14 -22.08 -31.56
C PRO O 111 -52.67 -21.94 -31.97
N LYS O 112 -52.06 -23.03 -32.41
CA LYS O 112 -50.63 -23.08 -32.67
C LYS O 112 -50.36 -22.74 -34.14
N ILE O 113 -49.19 -23.15 -34.62
CA ILE O 113 -48.67 -22.86 -35.95
C ILE O 113 -48.78 -24.17 -36.75
N LYS O 114 -49.86 -24.91 -36.49
CA LYS O 114 -50.18 -26.24 -37.03
C LYS O 114 -49.98 -26.49 -38.52
N SER O 115 -49.97 -25.41 -39.32
CA SER O 115 -49.69 -25.49 -40.75
C SER O 115 -48.32 -26.12 -41.01
N LYS O 116 -47.26 -25.49 -40.52
CA LYS O 116 -45.95 -26.14 -40.54
C LYS O 116 -45.68 -26.82 -39.20
N SER O 117 -45.62 -26.04 -38.12
CA SER O 117 -45.45 -26.48 -36.73
C SER O 117 -44.22 -27.34 -36.49
N ASP O 118 -43.26 -27.36 -37.41
CA ASP O 118 -42.04 -28.14 -37.27
C ASP O 118 -40.92 -27.09 -37.20
N THR O 119 -40.77 -26.52 -36.00
CA THR O 119 -39.91 -25.37 -35.80
C THR O 119 -39.06 -25.66 -34.56
N ARG O 120 -38.05 -26.50 -34.71
CA ARG O 120 -37.18 -26.69 -33.57
C ARG O 120 -36.03 -25.66 -33.52
N PRO O 121 -35.16 -25.49 -34.58
CA PRO O 121 -34.10 -24.47 -34.41
C PRO O 121 -34.48 -23.11 -34.98
N SER O 122 -35.50 -23.05 -35.82
CA SER O 122 -35.87 -21.79 -36.50
C SER O 122 -36.93 -21.02 -35.74
N ALA O 123 -36.76 -20.92 -34.41
CA ALA O 123 -37.55 -20.05 -33.57
C ALA O 123 -36.65 -19.33 -32.59
N LEU O 124 -35.37 -19.22 -32.93
CA LEU O 124 -34.46 -18.34 -32.22
C LEU O 124 -34.66 -16.88 -32.61
N ARG O 125 -35.40 -16.64 -33.69
CA ARG O 125 -35.93 -15.30 -33.95
C ARG O 125 -37.21 -15.02 -33.18
N ASN O 126 -37.73 -16.01 -32.44
CA ASN O 126 -38.89 -15.81 -31.58
C ASN O 126 -38.46 -15.36 -30.17
N ALA O 127 -37.35 -14.67 -30.05
CA ALA O 127 -36.83 -14.13 -28.80
C ALA O 127 -36.61 -12.62 -28.93
N LEU O 128 -37.58 -11.92 -29.51
CA LEU O 128 -37.41 -10.50 -29.84
C LEU O 128 -38.59 -9.60 -29.50
N GLY O 129 -39.82 -10.10 -29.41
CA GLY O 129 -41.01 -9.26 -29.37
C GLY O 129 -41.20 -8.36 -28.16
N GLU O 130 -41.51 -8.92 -27.00
CA GLU O 130 -41.74 -8.15 -25.79
C GLU O 130 -40.47 -8.01 -24.94
N ALA O 131 -39.32 -7.95 -25.59
CA ALA O 131 -38.05 -8.19 -24.93
C ALA O 131 -37.47 -6.98 -24.23
N PHE O 132 -36.20 -7.11 -23.86
CA PHE O 132 -35.46 -6.10 -23.12
C PHE O 132 -35.26 -4.84 -23.98
N GLY O 133 -34.93 -3.73 -23.32
CA GLY O 133 -34.65 -2.51 -24.03
C GLY O 133 -33.29 -2.42 -24.69
N THR O 134 -32.22 -2.27 -23.91
CA THR O 134 -30.92 -1.90 -24.47
C THR O 134 -30.06 -3.09 -24.84
N LYS O 135 -30.64 -4.28 -24.90
CA LYS O 135 -29.96 -5.44 -25.48
C LYS O 135 -30.76 -6.03 -26.63
N LYS O 136 -31.90 -5.42 -26.97
CA LYS O 136 -32.58 -5.67 -28.23
C LYS O 136 -31.86 -4.99 -29.39
N ALA O 137 -31.03 -4.00 -29.08
CA ALA O 137 -30.14 -3.37 -30.05
C ALA O 137 -28.70 -3.85 -29.92
N LYS O 138 -28.41 -4.76 -28.99
CA LYS O 138 -27.11 -5.41 -29.01
C LYS O 138 -27.06 -6.51 -30.06
N LYS O 139 -28.19 -7.15 -30.34
CA LYS O 139 -28.31 -8.07 -31.46
C LYS O 139 -28.64 -7.35 -32.77
N ALA O 140 -28.50 -6.02 -32.80
CA ALA O 140 -28.38 -5.32 -34.07
C ALA O 140 -26.99 -5.48 -34.66
N ILE O 141 -25.97 -5.69 -33.81
CA ILE O 141 -24.65 -6.06 -34.32
C ILE O 141 -24.69 -7.45 -34.92
N ALA O 142 -25.15 -8.43 -34.15
CA ALA O 142 -25.11 -9.84 -34.53
C ALA O 142 -26.06 -10.21 -35.66
N ASP O 143 -26.89 -9.29 -36.14
CA ASP O 143 -27.61 -9.46 -37.39
C ASP O 143 -26.96 -8.71 -38.54
N LEU O 144 -26.33 -7.58 -38.25
CA LEU O 144 -25.67 -6.81 -39.29
C LEU O 144 -24.31 -7.41 -39.64
N GLU O 145 -23.70 -8.12 -38.69
CA GLU O 145 -22.35 -8.63 -38.83
C GLU O 145 -22.30 -10.10 -39.25
N ARG O 146 -23.43 -10.84 -39.17
CA ARG O 146 -23.38 -12.29 -39.29
C ARG O 146 -22.97 -12.84 -40.66
N ASN O 147 -23.84 -12.79 -41.69
CA ASN O 147 -23.59 -13.18 -43.08
C ASN O 147 -24.89 -13.02 -43.86
N ARG O 148 -24.77 -13.05 -45.18
CA ARG O 148 -25.84 -13.35 -46.12
C ARG O 148 -25.79 -14.85 -46.47
N ILE O 149 -26.46 -15.24 -47.57
CA ILE O 149 -26.92 -16.59 -47.95
C ILE O 149 -25.90 -17.72 -47.80
N ASP O 150 -24.59 -17.41 -47.89
CA ASP O 150 -23.41 -18.21 -47.55
C ASP O 150 -23.11 -19.33 -48.59
N SER O 151 -24.03 -19.63 -49.50
CA SER O 151 -23.75 -20.63 -50.52
C SER O 151 -24.54 -20.28 -51.77
N ASP O 152 -23.87 -20.39 -52.92
CA ASP O 152 -24.41 -20.07 -54.25
C ASP O 152 -24.90 -18.61 -54.31
N LYS O 153 -23.95 -17.70 -54.12
CA LYS O 153 -24.20 -16.26 -54.29
C LYS O 153 -24.17 -15.82 -55.75
N LEU O 154 -23.84 -16.75 -56.66
CA LEU O 154 -23.58 -16.62 -58.10
C LEU O 154 -22.29 -15.87 -58.42
N THR O 155 -21.58 -15.37 -57.41
CA THR O 155 -20.20 -14.94 -57.53
C THR O 155 -19.30 -15.73 -56.60
N ASP O 156 -19.87 -16.34 -55.56
CA ASP O 156 -19.10 -17.02 -54.52
C ASP O 156 -18.47 -18.31 -55.01
N SER O 157 -19.00 -18.91 -56.09
CA SER O 157 -18.49 -20.19 -56.56
C SER O 157 -17.13 -20.08 -57.24
N ALA O 158 -16.78 -18.88 -57.73
CA ALA O 158 -15.54 -18.71 -58.47
C ALA O 158 -14.46 -17.94 -57.72
N ILE O 159 -14.82 -17.19 -56.68
CA ILE O 159 -13.81 -16.49 -55.90
C ILE O 159 -13.13 -17.39 -54.87
N ASP O 160 -13.52 -18.67 -54.82
CA ASP O 160 -12.84 -19.62 -53.94
C ASP O 160 -11.43 -19.93 -54.43
N ILE O 161 -11.17 -19.80 -55.72
CA ILE O 161 -9.83 -19.94 -56.26
C ILE O 161 -9.17 -18.56 -56.44
N VAL O 162 -9.63 -17.57 -55.69
CA VAL O 162 -8.94 -16.29 -55.58
C VAL O 162 -8.20 -16.20 -54.26
N ASP O 163 -8.87 -16.56 -53.16
CA ASP O 163 -8.28 -16.38 -51.84
C ASP O 163 -7.28 -17.48 -51.54
N SER O 164 -7.63 -18.72 -51.87
CA SER O 164 -6.82 -19.87 -51.52
C SER O 164 -5.53 -19.93 -52.32
N VAL O 165 -5.56 -19.43 -53.57
CA VAL O 165 -4.37 -19.48 -54.40
C VAL O 165 -3.33 -18.46 -54.02
N ARG O 166 -3.68 -17.51 -53.15
CA ARG O 166 -2.70 -16.57 -52.63
C ARG O 166 -1.61 -17.28 -51.85
N THR O 167 -2.03 -18.07 -50.87
CA THR O 167 -1.08 -18.76 -50.01
C THR O 167 -0.68 -20.08 -50.64
N ALA O 168 0.48 -20.56 -50.21
CA ALA O 168 1.12 -21.77 -50.71
C ALA O 168 1.34 -22.73 -49.57
N SER O 169 0.27 -22.93 -48.80
CA SER O 169 0.35 -23.57 -47.49
C SER O 169 -0.43 -24.86 -47.46
N LYS O 170 -0.18 -25.74 -48.44
CA LYS O 170 -0.92 -26.98 -48.60
C LYS O 170 -0.83 -27.87 -47.36
N ASP O 171 0.38 -28.14 -46.89
CA ASP O 171 0.57 -29.04 -45.75
C ASP O 171 1.74 -28.55 -44.92
N LEU O 172 1.44 -27.89 -43.80
CA LEU O 172 2.43 -27.53 -42.80
C LEU O 172 2.07 -28.21 -41.48
N PRO O 173 2.15 -29.55 -41.42
CA PRO O 173 1.52 -30.28 -40.32
C PRO O 173 2.41 -30.29 -39.08
N THR O 174 2.00 -31.05 -38.07
CA THR O 174 2.89 -31.46 -36.99
C THR O 174 3.42 -32.87 -37.21
N ARG O 175 3.33 -33.35 -38.46
CA ARG O 175 3.61 -34.75 -38.77
C ARG O 175 5.11 -35.05 -38.78
N ALA O 176 5.91 -34.09 -39.25
CA ALA O 176 7.30 -34.34 -39.62
C ALA O 176 8.21 -34.74 -38.46
N GLN O 177 8.43 -33.83 -37.50
CA GLN O 177 9.47 -34.03 -36.49
C GLN O 177 9.04 -33.40 -35.18
N LEU O 178 9.54 -33.98 -34.07
CA LEU O 178 9.48 -33.36 -32.74
C LEU O 178 10.49 -33.93 -31.74
N ASP O 179 11.40 -33.06 -31.28
CA ASP O 179 12.32 -33.24 -30.14
C ASP O 179 13.32 -34.36 -30.32
N GLU O 180 13.51 -34.80 -31.56
CA GLU O 180 14.18 -36.07 -31.83
C GLU O 180 14.43 -36.13 -33.32
N ILE O 181 15.61 -36.62 -33.72
CA ILE O 181 15.80 -36.82 -35.16
C ILE O 181 14.99 -38.01 -35.63
N THR O 182 14.63 -38.92 -34.71
CA THR O 182 13.62 -39.91 -35.02
C THR O 182 12.26 -39.24 -35.05
N SER O 183 11.47 -39.56 -36.08
CA SER O 183 10.19 -38.89 -36.27
C SER O 183 9.17 -39.37 -35.24
N ASN O 184 8.48 -38.40 -34.63
CA ASN O 184 7.21 -38.60 -33.93
C ASN O 184 7.35 -39.49 -32.69
N ASP O 185 8.23 -39.07 -31.77
CA ASP O 185 8.17 -39.40 -30.34
C ASP O 185 8.39 -40.86 -30.00
N ARG O 186 8.45 -41.73 -30.99
CA ARG O 186 8.64 -43.15 -30.75
C ARG O 186 10.13 -43.46 -30.76
N PRO O 187 10.67 -44.10 -29.72
CA PRO O 187 12.11 -44.36 -29.70
C PRO O 187 12.53 -45.59 -30.49
N THR O 188 11.69 -46.04 -31.41
CA THR O 188 11.97 -47.20 -32.24
C THR O 188 12.82 -46.83 -33.44
N PRO O 189 14.03 -47.38 -33.58
CA PRO O 189 14.81 -47.19 -34.81
C PRO O 189 14.31 -48.04 -35.96
N LEU O 190 15.09 -48.14 -37.04
CA LEU O 190 14.70 -49.01 -38.15
C LEU O 190 14.64 -50.47 -37.70
N ALA O 191 13.43 -50.96 -37.52
CA ALA O 191 13.16 -52.27 -36.96
C ALA O 191 12.87 -53.25 -38.09
N ASN O 192 12.64 -54.51 -37.72
CA ASN O 192 12.22 -55.49 -38.70
C ASN O 192 11.00 -56.22 -38.18
N ILE O 193 10.05 -56.47 -39.07
CA ILE O 193 8.86 -57.26 -38.78
C ILE O 193 8.68 -58.28 -39.90
N ASP O 194 9.58 -58.26 -40.88
CA ASP O 194 9.40 -59.00 -42.12
C ASP O 194 10.49 -60.04 -42.34
N ALA O 195 10.80 -60.82 -41.30
CA ALA O 195 11.75 -61.92 -41.39
C ALA O 195 11.04 -63.26 -41.19
N THR O 196 11.80 -64.34 -41.12
CA THR O 196 11.26 -65.67 -40.88
C THR O 196 11.79 -66.35 -39.62
N ASP O 197 13.03 -66.07 -39.22
CA ASP O 197 13.64 -66.73 -38.08
C ASP O 197 13.09 -66.17 -36.77
N VAL O 198 13.07 -67.04 -35.75
CA VAL O 198 12.55 -66.65 -34.44
C VAL O 198 13.49 -65.66 -33.75
N GLU O 199 14.78 -66.01 -33.65
CA GLU O 199 15.75 -65.14 -32.99
C GLU O 199 16.04 -63.87 -33.78
N GLN O 200 15.71 -63.85 -35.07
CA GLN O 200 16.00 -62.74 -35.96
C GLN O 200 14.75 -61.87 -36.21
N ILE O 201 13.78 -61.89 -35.29
CA ILE O 201 12.61 -61.03 -35.43
C ILE O 201 13.00 -59.57 -35.17
N TYR O 202 13.96 -59.32 -34.29
CA TYR O 202 14.39 -57.95 -34.05
C TYR O 202 15.91 -57.92 -33.94
N PRO O 203 16.58 -57.12 -34.75
CA PRO O 203 18.04 -57.03 -34.66
C PRO O 203 18.51 -55.98 -33.66
N ILE O 204 19.69 -56.25 -33.09
CA ILE O 204 20.37 -55.27 -32.25
C ILE O 204 21.21 -54.32 -33.09
N GLU O 205 21.31 -54.56 -34.39
CA GLU O 205 21.93 -53.59 -35.29
C GLU O 205 21.07 -52.35 -35.41
N SER O 206 19.76 -52.49 -35.20
CA SER O 206 18.88 -51.35 -34.98
C SER O 206 19.30 -50.51 -33.78
N ILE O 207 19.92 -51.12 -32.78
CA ILE O 207 20.36 -50.42 -31.57
C ILE O 207 21.86 -50.14 -31.62
N ILE O 208 22.68 -51.18 -31.63
CA ILE O 208 24.13 -51.03 -31.60
C ILE O 208 24.67 -51.32 -33.00
N PRO O 209 25.40 -50.40 -33.61
CA PRO O 209 25.84 -50.58 -35.00
C PRO O 209 26.94 -51.61 -35.16
N LYS O 210 27.35 -51.86 -36.42
CA LYS O 210 28.34 -52.89 -36.73
C LYS O 210 29.72 -52.54 -36.21
N LYS O 211 30.07 -51.25 -36.18
CA LYS O 211 31.44 -50.83 -35.92
C LYS O 211 31.83 -51.04 -34.47
N GLU O 212 31.00 -50.59 -33.55
CA GLU O 212 31.28 -50.75 -32.13
C GLU O 212 31.08 -52.18 -31.66
N LEU O 213 30.27 -52.95 -32.36
CA LEU O 213 29.92 -54.30 -31.95
C LEU O 213 31.08 -55.28 -32.11
N GLN O 214 32.00 -54.99 -33.03
CA GLN O 214 33.10 -55.89 -33.35
C GLN O 214 34.44 -55.42 -32.78
N PHE O 215 34.44 -54.45 -31.87
CA PHE O 215 35.66 -53.91 -31.29
C PHE O 215 35.73 -54.20 -29.78
N ILE O 216 35.43 -55.44 -29.41
CA ILE O 216 35.46 -55.89 -28.02
C ILE O 216 36.51 -56.98 -27.91
N ARG O 217 37.53 -56.75 -27.07
CA ARG O 217 38.48 -57.81 -26.76
C ARG O 217 37.77 -58.81 -25.85
N VAL O 218 37.07 -59.76 -26.46
CA VAL O 218 36.15 -60.63 -25.74
C VAL O 218 36.78 -61.97 -25.38
N SER O 219 38.04 -62.19 -25.79
CA SER O 219 38.73 -63.46 -25.65
C SER O 219 39.31 -63.71 -24.25
N SER O 220 38.91 -62.94 -23.25
CA SER O 220 39.41 -63.13 -21.89
C SER O 220 38.30 -63.31 -20.86
N ILE O 221 37.03 -63.30 -21.27
CA ILE O 221 35.94 -63.42 -20.30
C ILE O 221 35.81 -64.85 -19.80
N LEU O 222 35.67 -65.81 -20.71
CA LEU O 222 35.41 -67.18 -20.30
C LEU O 222 36.69 -68.00 -20.17
N LYS O 223 37.83 -67.35 -19.95
CA LYS O 223 38.97 -68.06 -19.40
C LYS O 223 38.72 -68.40 -17.94
N GLU O 224 37.97 -67.57 -17.24
CA GLU O 224 37.52 -67.81 -15.88
C GLU O 224 36.03 -68.14 -15.87
N ALA O 225 35.58 -68.75 -14.78
CA ALA O 225 34.22 -69.29 -14.70
C ALA O 225 33.43 -68.81 -13.50
N ASP O 226 34.08 -68.58 -12.36
CA ASP O 226 33.36 -68.26 -11.14
C ASP O 226 32.81 -66.84 -11.18
N LYS O 227 31.65 -66.63 -10.55
CA LYS O 227 30.97 -65.36 -10.64
C LYS O 227 31.67 -64.26 -9.83
N GLU O 228 32.46 -64.62 -8.82
CA GLU O 228 33.31 -63.63 -8.17
C GLU O 228 34.41 -63.17 -9.12
N LYS O 229 34.92 -64.07 -9.95
CA LYS O 229 35.93 -63.72 -10.94
C LYS O 229 35.34 -63.33 -12.28
N LYS O 230 34.05 -62.98 -12.33
CA LYS O 230 33.44 -62.44 -13.53
C LYS O 230 32.87 -61.05 -13.34
N LEU O 231 32.11 -60.82 -12.27
CA LEU O 231 31.59 -59.48 -12.00
C LEU O 231 32.56 -58.60 -11.21
N GLU O 232 33.87 -58.86 -11.24
CA GLU O 232 34.84 -58.02 -10.54
C GLU O 232 36.02 -57.61 -11.41
N LEU O 233 35.99 -57.88 -12.71
CA LEU O 233 36.94 -57.30 -13.64
C LEU O 233 36.27 -56.49 -14.74
N PHE O 234 34.93 -56.45 -14.78
CA PHE O 234 34.18 -55.59 -15.67
C PHE O 234 34.43 -54.12 -15.35
N PRO O 235 34.12 -53.21 -16.29
CA PRO O 235 34.19 -51.79 -15.95
C PRO O 235 33.15 -51.34 -14.93
N TYR O 236 31.98 -51.96 -14.87
CA TYR O 236 30.98 -51.52 -13.90
C TYR O 236 30.57 -52.66 -12.97
N GLN O 237 30.40 -52.32 -11.68
CA GLN O 237 29.93 -53.23 -10.66
C GLN O 237 28.68 -52.61 -10.03
N ASN O 238 27.53 -53.22 -10.24
CA ASN O 238 26.33 -52.74 -9.56
C ASN O 238 26.20 -53.35 -8.18
N ASN O 239 25.13 -52.99 -7.48
CA ASN O 239 24.87 -53.60 -6.19
C ASN O 239 23.98 -54.82 -6.34
N SER O 240 22.96 -54.74 -7.19
CA SER O 240 21.98 -55.81 -7.31
C SER O 240 22.42 -56.84 -8.34
N LYS O 241 21.61 -57.89 -8.48
CA LYS O 241 21.84 -58.96 -9.45
C LYS O 241 21.10 -58.70 -10.76
N TYR O 242 20.84 -57.44 -11.08
CA TYR O 242 20.03 -57.12 -12.25
C TYR O 242 20.80 -57.30 -13.54
N VAL O 243 22.13 -57.26 -13.48
CA VAL O 243 22.96 -57.69 -14.60
C VAL O 243 23.04 -59.21 -14.64
N ALA O 244 23.32 -59.82 -13.49
CA ALA O 244 23.65 -61.24 -13.42
C ALA O 244 22.43 -62.13 -13.25
N LYS O 245 21.23 -61.63 -13.52
CA LYS O 245 20.03 -62.43 -13.37
C LYS O 245 19.91 -63.48 -14.47
N LYS O 246 20.67 -63.34 -15.56
CA LYS O 246 20.79 -64.37 -16.58
C LYS O 246 22.24 -64.79 -16.80
N LEU O 247 23.14 -64.49 -15.85
CA LEU O 247 24.56 -64.74 -16.08
C LEU O 247 24.88 -66.22 -16.06
N ASP O 248 24.12 -67.02 -15.29
CA ASP O 248 24.36 -68.45 -15.29
C ASP O 248 23.71 -69.14 -16.50
N SER O 249 22.87 -68.43 -17.25
CA SER O 249 22.31 -68.97 -18.48
C SER O 249 23.32 -69.01 -19.61
N LEU O 250 24.43 -68.30 -19.44
CA LEU O 250 25.54 -68.34 -20.42
C LEU O 250 26.86 -68.50 -19.66
N THR O 251 27.51 -69.66 -19.77
CA THR O 251 28.82 -69.82 -19.17
C THR O 251 29.74 -70.52 -20.17
N GLN O 252 29.14 -71.38 -20.98
CA GLN O 252 29.86 -72.02 -22.08
C GLN O 252 30.26 -70.97 -23.11
N PRO O 253 31.44 -71.08 -23.71
CA PRO O 253 31.81 -70.21 -24.83
C PRO O 253 31.14 -70.54 -26.16
N SER O 254 30.10 -71.38 -26.18
CA SER O 254 29.24 -71.53 -27.35
C SER O 254 28.20 -70.41 -27.45
N GLN O 255 28.12 -69.56 -26.44
CA GLN O 255 27.06 -68.57 -26.33
C GLN O 255 27.69 -67.19 -26.21
N MET O 256 28.63 -66.88 -27.11
CA MET O 256 29.39 -65.63 -27.06
C MET O 256 28.67 -64.47 -27.73
N THR O 257 27.63 -64.75 -28.53
CA THR O 257 26.98 -63.67 -29.29
C THR O 257 26.18 -62.75 -28.39
N LYS O 258 25.57 -63.28 -27.33
CA LYS O 258 24.84 -62.46 -26.39
C LYS O 258 25.71 -61.98 -25.25
N LEU O 259 26.97 -62.44 -25.18
CA LEU O 259 27.91 -61.96 -24.18
C LEU O 259 28.43 -60.57 -24.54
N GLN O 260 28.39 -60.21 -25.82
CA GLN O 260 28.66 -58.83 -26.20
C GLN O 260 27.57 -57.88 -25.70
N LEU O 261 26.34 -58.38 -25.53
CA LEU O 261 25.28 -57.63 -24.88
C LEU O 261 25.47 -57.54 -23.37
N LEU O 262 26.28 -58.40 -22.77
CA LEU O 262 26.44 -58.38 -21.32
C LEU O 262 27.49 -57.36 -20.88
N TYR O 263 28.43 -57.01 -21.74
CA TYR O 263 29.14 -55.76 -21.54
C TYR O 263 28.20 -54.59 -21.69
N TYR O 264 27.23 -54.69 -22.59
CA TYR O 264 26.21 -53.67 -22.65
C TYR O 264 25.25 -53.76 -21.46
N LEU O 265 25.22 -54.94 -20.85
CA LEU O 265 24.48 -55.10 -19.58
C LEU O 265 25.20 -54.19 -18.58
N SER O 266 26.55 -54.22 -18.61
CA SER O 266 27.39 -53.41 -17.74
C SER O 266 27.34 -51.92 -18.08
N LEU O 267 26.64 -51.53 -19.13
CA LEU O 267 26.40 -50.12 -19.39
C LEU O 267 24.94 -49.92 -19.80
N LEU O 268 24.11 -50.92 -19.46
CA LEU O 268 22.63 -50.80 -19.58
C LEU O 268 22.23 -49.69 -18.59
N LEU O 269 22.79 -49.76 -17.37
CA LEU O 269 22.66 -48.70 -16.39
C LEU O 269 23.86 -47.75 -16.40
N GLY O 270 24.66 -47.76 -17.45
CA GLY O 270 25.87 -46.96 -17.49
C GLY O 270 25.65 -45.48 -17.66
N VAL O 271 24.43 -45.05 -17.93
CA VAL O 271 24.14 -43.63 -18.10
C VAL O 271 23.04 -43.13 -17.19
N TYR O 272 22.10 -43.98 -16.75
CA TYR O 272 20.92 -43.46 -16.06
C TYR O 272 21.10 -43.34 -14.56
N GLU O 273 21.90 -44.20 -13.93
CA GLU O 273 22.19 -43.96 -12.52
C GLU O 273 23.28 -42.93 -12.31
N ASN O 274 23.92 -42.46 -13.37
CA ASN O 274 24.70 -41.23 -13.35
C ASN O 274 24.07 -40.19 -14.28
N ARG O 275 22.73 -40.08 -14.22
CA ARG O 275 22.02 -39.10 -15.05
C ARG O 275 22.30 -37.68 -14.60
N ARG O 276 22.77 -37.47 -13.38
CA ARG O 276 22.99 -36.12 -12.89
C ARG O 276 24.24 -35.50 -13.51
N VAL O 277 25.31 -36.28 -13.63
CA VAL O 277 26.58 -35.78 -14.12
C VAL O 277 26.69 -36.09 -15.60
N ASN O 278 27.35 -35.21 -16.35
CA ASN O 278 27.45 -35.38 -17.80
C ASN O 278 28.79 -34.90 -18.37
N ASN O 279 29.91 -35.32 -17.75
CA ASN O 279 31.20 -35.29 -18.44
C ASN O 279 31.83 -36.68 -18.45
N LYS O 280 33.10 -36.78 -18.83
CA LYS O 280 33.70 -38.08 -19.12
C LYS O 280 34.92 -38.43 -18.27
N THR O 281 35.77 -37.46 -17.93
CA THR O 281 36.96 -37.77 -17.13
C THR O 281 36.61 -38.02 -15.67
N LYS O 282 35.60 -37.31 -15.16
CA LYS O 282 34.98 -37.72 -13.90
C LYS O 282 34.30 -39.07 -14.05
N LEU O 283 33.75 -39.36 -15.23
CA LEU O 283 33.13 -40.65 -15.51
C LEU O 283 34.18 -41.73 -15.76
N LEU O 284 35.45 -41.35 -15.96
CA LEU O 284 36.51 -42.34 -16.09
C LEU O 284 36.78 -43.03 -14.75
N GLU O 285 36.50 -42.36 -13.63
CA GLU O 285 36.65 -43.03 -12.35
C GLU O 285 35.45 -43.89 -12.00
N ARG O 286 34.45 -43.98 -12.87
CA ARG O 286 33.33 -44.88 -12.70
C ARG O 286 33.62 -46.24 -13.32
N LEU O 287 34.48 -46.29 -14.34
CA LEU O 287 34.78 -47.52 -15.06
C LEU O 287 36.29 -47.71 -15.12
N ASN O 288 36.79 -48.83 -14.58
CA ASN O 288 38.24 -49.05 -14.53
C ASN O 288 38.76 -49.52 -15.89
N SER O 289 39.26 -48.55 -16.67
CA SER O 289 39.88 -48.67 -17.99
C SER O 289 39.05 -49.41 -19.06
N PRO O 290 37.96 -48.84 -19.56
CA PRO O 290 37.30 -49.45 -20.73
C PRO O 290 37.77 -48.82 -22.03
N PRO O 291 37.54 -49.47 -23.17
CA PRO O 291 37.78 -48.80 -24.47
C PRO O 291 36.75 -47.70 -24.70
N GLU O 292 37.24 -46.51 -25.04
CA GLU O 292 36.35 -45.36 -25.23
C GLU O 292 35.58 -45.45 -26.55
N ILE O 293 36.02 -46.30 -27.49
CA ILE O 293 35.32 -46.47 -28.76
C ILE O 293 33.99 -47.19 -28.55
N LEU O 294 33.80 -47.84 -27.41
CA LEU O 294 32.58 -48.55 -27.10
C LEU O 294 31.48 -47.65 -26.51
N VAL O 295 31.73 -46.35 -26.42
CA VAL O 295 30.96 -45.47 -25.54
C VAL O 295 30.08 -44.53 -26.33
N ASP O 296 30.63 -43.92 -27.38
CA ASP O 296 30.06 -42.73 -27.99
C ASP O 296 29.10 -43.06 -29.14
N GLY O 297 28.43 -44.20 -29.07
CA GLY O 297 27.30 -44.44 -29.96
C GLY O 297 26.03 -44.16 -29.21
N ILE O 298 26.12 -44.23 -27.89
CA ILE O 298 24.98 -43.94 -27.03
C ILE O 298 24.93 -42.45 -26.71
N LEU O 299 26.10 -41.83 -26.56
CA LEU O 299 26.14 -40.41 -26.25
C LEU O 299 25.69 -39.55 -27.43
N SER O 300 25.99 -39.97 -28.66
CA SER O 300 25.70 -39.13 -29.81
C SER O 300 24.22 -39.12 -30.15
N ARG O 301 23.47 -40.14 -29.76
CA ARG O 301 22.05 -40.25 -30.05
C ARG O 301 21.18 -40.17 -28.81
N PHE O 302 21.43 -41.05 -27.84
CA PHE O 302 20.53 -41.20 -26.72
C PHE O 302 20.72 -40.14 -25.66
N THR O 303 21.78 -39.34 -25.75
CA THR O 303 21.92 -38.16 -24.92
C THR O 303 21.73 -36.91 -25.78
N VAL O 304 21.20 -35.87 -25.16
CA VAL O 304 21.06 -34.57 -25.80
C VAL O 304 22.23 -33.71 -25.33
N ILE O 305 23.05 -33.28 -26.26
CA ILE O 305 24.37 -32.77 -25.94
C ILE O 305 24.29 -31.35 -25.42
N LYS O 306 25.07 -31.05 -24.36
CA LYS O 306 25.47 -29.69 -24.03
C LYS O 306 26.73 -29.41 -24.83
N PRO O 307 26.68 -28.58 -25.87
CA PRO O 307 27.92 -28.22 -26.57
C PRO O 307 28.79 -27.30 -25.73
N GLY O 308 29.90 -27.84 -25.24
CA GLY O 308 30.84 -27.07 -24.47
C GLY O 308 32.28 -27.49 -24.73
N GLN O 309 33.12 -26.53 -25.15
CA GLN O 309 34.52 -26.80 -25.45
C GLN O 309 35.37 -26.97 -24.20
N PHE O 310 34.80 -26.70 -23.03
CA PHE O 310 35.47 -27.01 -21.76
C PHE O 310 35.57 -28.52 -21.54
N GLY O 311 34.70 -29.30 -22.17
CA GLY O 311 34.86 -30.73 -22.17
C GLY O 311 35.65 -31.23 -23.36
N ARG O 312 35.61 -30.51 -24.49
CA ARG O 312 36.07 -31.07 -25.77
C ARG O 312 37.58 -31.23 -25.87
N SER O 313 38.36 -30.51 -25.06
CA SER O 313 39.78 -30.83 -24.98
C SER O 313 39.99 -32.18 -24.31
N LYS O 314 39.08 -32.56 -23.41
CA LYS O 314 39.05 -33.94 -22.90
C LYS O 314 38.22 -34.83 -23.83
N ASP O 315 36.90 -34.59 -23.90
CA ASP O 315 35.99 -35.60 -24.43
C ASP O 315 34.62 -34.94 -24.68
N ARG O 316 33.59 -35.76 -24.86
CA ARG O 316 32.26 -35.28 -25.26
C ARG O 316 31.34 -35.20 -24.05
N SER O 317 31.00 -33.98 -23.63
CA SER O 317 29.98 -33.79 -22.61
C SER O 317 28.59 -33.87 -23.26
N TYR O 318 27.55 -33.88 -22.43
CA TYR O 318 26.20 -34.23 -22.87
C TYR O 318 25.22 -33.73 -21.81
N PHE O 319 23.99 -34.25 -21.88
CA PHE O 319 22.89 -34.00 -20.94
C PHE O 319 21.79 -35.01 -21.26
N ILE O 320 20.93 -35.24 -20.28
CA ILE O 320 19.76 -36.08 -20.45
C ILE O 320 18.55 -35.19 -20.18
N ASP O 321 17.75 -34.98 -21.21
CA ASP O 321 16.55 -34.15 -21.14
C ASP O 321 15.38 -34.95 -20.60
N PRO O 322 14.21 -34.30 -20.34
CA PRO O 322 13.02 -35.09 -20.01
C PRO O 322 12.33 -35.77 -21.19
N GLN O 323 13.03 -35.93 -22.31
CA GLN O 323 12.67 -36.87 -23.35
C GLN O 323 13.07 -38.31 -22.99
N ASN O 324 13.98 -38.48 -22.04
CA ASN O 324 14.72 -39.73 -21.89
C ASN O 324 14.25 -40.58 -20.72
N GLU O 325 12.95 -40.78 -20.50
CA GLU O 325 12.50 -41.66 -19.42
C GLU O 325 12.05 -43.05 -19.84
N ASP O 326 11.37 -43.20 -20.99
CA ASP O 326 10.98 -44.51 -21.49
C ASP O 326 11.76 -44.91 -22.73
N LYS O 327 12.83 -44.19 -23.05
CA LYS O 327 13.74 -44.58 -24.12
C LYS O 327 14.79 -45.58 -23.66
N ILE O 328 14.83 -45.87 -22.37
CA ILE O 328 15.97 -46.50 -21.73
C ILE O 328 15.66 -47.91 -21.22
N LEU O 329 14.66 -48.58 -21.80
CA LEU O 329 14.24 -49.90 -21.35
C LEU O 329 14.10 -50.93 -22.45
N CYS O 330 14.09 -50.53 -23.72
CA CYS O 330 13.82 -51.47 -24.80
C CYS O 330 14.97 -52.46 -25.01
N TYR O 331 16.17 -52.13 -24.54
CA TYR O 331 17.31 -53.04 -24.47
C TYR O 331 17.27 -53.94 -23.25
N ILE O 332 16.11 -54.01 -22.60
CA ILE O 332 15.73 -55.13 -21.78
C ILE O 332 14.65 -55.98 -22.45
N LEU O 333 13.72 -55.35 -23.17
CA LEU O 333 12.70 -56.07 -23.95
C LEU O 333 13.28 -56.75 -25.19
N ALA O 334 14.57 -56.60 -25.47
CA ALA O 334 15.26 -57.41 -26.47
C ALA O 334 16.50 -58.08 -25.90
N ILE O 335 16.69 -58.09 -24.57
CA ILE O 335 17.73 -58.89 -23.95
C ILE O 335 17.12 -59.81 -22.90
N ILE O 336 16.44 -59.24 -21.91
CA ILE O 336 15.79 -60.05 -20.88
C ILE O 336 14.63 -60.84 -21.49
N MET O 337 14.00 -60.30 -22.53
CA MET O 337 13.19 -61.14 -23.40
C MET O 337 14.03 -62.20 -24.11
N HIS O 338 15.22 -61.82 -24.61
CA HIS O 338 15.95 -62.65 -25.55
C HIS O 338 16.68 -63.82 -24.89
N LEU O 339 17.06 -63.71 -23.62
CA LEU O 339 17.93 -64.70 -22.98
C LEU O 339 17.18 -65.86 -22.33
N ASP O 340 15.85 -65.89 -22.43
CA ASP O 340 15.07 -66.99 -21.85
C ASP O 340 13.97 -67.45 -22.78
N ASN O 341 14.27 -67.47 -24.08
CA ASN O 341 13.38 -67.97 -25.15
C ASN O 341 12.07 -67.18 -25.23
N PHE O 342 12.19 -65.85 -25.19
CA PHE O 342 11.13 -64.89 -25.53
C PHE O 342 9.91 -64.98 -24.61
N ILE O 343 10.13 -64.70 -23.32
CA ILE O 343 9.08 -64.33 -22.38
C ILE O 343 9.56 -63.16 -21.53
N VAL O 344 8.62 -62.34 -21.08
CA VAL O 344 8.86 -61.29 -20.10
C VAL O 344 7.72 -61.31 -19.08
N GLU O 345 8.07 -61.46 -17.81
CA GLU O 345 7.13 -61.39 -16.69
C GLU O 345 7.09 -59.95 -16.16
N ILE O 346 5.92 -59.54 -15.64
CA ILE O 346 5.72 -58.14 -15.23
C ILE O 346 6.58 -57.79 -14.01
N THR O 347 6.33 -58.44 -12.87
CA THR O 347 6.89 -57.95 -11.59
C THR O 347 8.41 -58.13 -11.39
N PRO O 348 9.08 -59.15 -11.95
CA PRO O 348 10.55 -59.05 -12.04
C PRO O 348 11.05 -58.17 -13.17
N LEU O 349 10.19 -57.42 -13.85
CA LEU O 349 10.64 -56.40 -14.78
C LEU O 349 10.02 -55.04 -14.50
N ALA O 350 8.74 -54.97 -14.13
CA ALA O 350 8.15 -53.69 -13.77
C ALA O 350 8.65 -53.17 -12.44
N HIS O 351 9.21 -54.04 -11.60
CA HIS O 351 9.64 -53.63 -10.27
C HIS O 351 11.13 -53.77 -10.03
N GLU O 352 11.86 -54.57 -10.81
CA GLU O 352 13.31 -54.47 -10.71
C GLU O 352 13.79 -53.21 -11.41
N LEU O 353 13.00 -52.68 -12.34
CA LEU O 353 13.25 -51.37 -12.92
C LEU O 353 12.57 -50.26 -12.13
N ASN O 354 11.95 -50.62 -11.00
CA ASN O 354 11.25 -49.68 -10.08
C ASN O 354 10.10 -48.93 -10.78
N LEU O 355 9.21 -49.62 -11.49
CA LEU O 355 8.07 -48.91 -12.12
C LEU O 355 6.77 -49.60 -11.73
N LYS O 356 5.65 -48.87 -11.80
CA LYS O 356 4.28 -49.40 -11.52
C LYS O 356 3.79 -50.21 -12.72
N PRO O 357 3.15 -51.38 -12.55
CA PRO O 357 2.74 -52.22 -13.69
C PRO O 357 1.65 -51.64 -14.60
N SER O 358 1.24 -50.39 -14.37
CA SER O 358 0.35 -49.70 -15.30
C SER O 358 1.09 -48.70 -16.18
N LYS O 359 2.39 -48.50 -15.95
CA LYS O 359 3.20 -47.68 -16.83
C LYS O 359 3.44 -48.36 -18.17
N VAL O 360 3.35 -49.69 -18.21
CA VAL O 360 3.83 -50.47 -19.34
C VAL O 360 2.70 -50.85 -20.31
N VAL O 361 1.44 -50.81 -19.87
CA VAL O 361 0.32 -51.19 -20.73
C VAL O 361 0.13 -50.17 -21.86
N SER O 362 0.33 -48.89 -21.56
CA SER O 362 0.41 -47.85 -22.57
C SER O 362 1.79 -47.75 -23.22
N LEU O 363 2.68 -48.70 -22.86
CA LEU O 363 4.06 -48.77 -23.40
C LEU O 363 4.32 -50.11 -24.10
N PHE O 364 3.41 -51.09 -23.96
CA PHE O 364 3.60 -52.40 -24.59
C PHE O 364 3.64 -52.32 -26.11
N ARG O 365 2.80 -51.47 -26.70
CA ARG O 365 2.56 -51.49 -28.14
C ARG O 365 3.39 -50.46 -28.89
N VAL O 366 4.62 -50.21 -28.46
CA VAL O 366 5.49 -49.21 -29.06
C VAL O 366 6.35 -49.85 -30.16
N LEU O 367 6.54 -51.17 -30.09
CA LEU O 367 7.25 -51.92 -31.13
C LEU O 367 6.37 -52.88 -31.90
N GLY O 368 5.37 -53.45 -31.24
CA GLY O 368 4.61 -54.55 -31.79
C GLY O 368 4.47 -55.71 -30.81
N ALA O 369 4.72 -55.45 -29.54
CA ALA O 369 4.55 -56.47 -28.51
C ALA O 369 3.08 -56.58 -28.11
N ILE O 370 2.72 -57.76 -27.64
CA ILE O 370 1.34 -58.07 -27.27
C ILE O 370 1.31 -58.54 -25.83
N VAL O 371 0.53 -57.86 -25.00
CA VAL O 371 0.29 -58.31 -23.64
C VAL O 371 -0.87 -59.31 -23.65
N LYS O 372 -0.71 -60.42 -22.93
CA LYS O 372 -1.74 -61.45 -22.90
C LYS O 372 -1.64 -62.21 -21.58
N GLY O 373 -2.70 -62.95 -21.26
CA GLY O 373 -2.88 -63.54 -19.95
C GLY O 373 -2.11 -64.82 -19.66
N ALA O 374 -2.77 -65.79 -19.03
CA ALA O 374 -2.16 -67.06 -18.66
C ALA O 374 -2.75 -68.18 -19.52
N THR O 375 -1.87 -68.89 -20.23
CA THR O 375 -2.27 -69.95 -21.14
C THR O 375 -2.38 -71.28 -20.38
N VAL O 376 -2.41 -72.38 -21.12
CA VAL O 376 -2.61 -73.70 -20.55
C VAL O 376 -1.32 -74.48 -20.33
N ALA O 377 -0.19 -74.02 -20.88
CA ALA O 377 1.06 -74.75 -20.78
C ALA O 377 2.16 -73.97 -20.07
N GLN O 378 2.28 -72.66 -20.34
CA GLN O 378 3.38 -71.85 -19.83
C GLN O 378 3.06 -71.19 -18.47
N ALA O 379 2.19 -71.80 -17.66
CA ALA O 379 1.86 -71.23 -16.37
C ALA O 379 2.98 -71.40 -15.35
N GLU O 380 3.88 -72.34 -15.57
CA GLU O 380 4.94 -72.69 -14.62
C GLU O 380 6.18 -71.82 -14.79
N ALA O 381 6.18 -70.89 -15.75
CA ALA O 381 7.36 -70.09 -16.04
C ALA O 381 7.65 -69.01 -14.99
N PHE O 382 6.75 -68.77 -14.04
CA PHE O 382 7.05 -67.92 -12.91
C PHE O 382 6.75 -68.61 -11.59
N GLY O 383 5.71 -69.45 -11.57
CA GLY O 383 5.25 -70.01 -10.31
C GLY O 383 3.95 -69.42 -9.81
N ILE O 384 2.94 -69.35 -10.67
CA ILE O 384 1.63 -68.81 -10.31
C ILE O 384 0.54 -69.89 -10.34
N PRO O 385 -0.52 -69.75 -9.52
CA PRO O 385 -1.68 -70.64 -9.68
C PRO O 385 -2.61 -70.14 -10.79
N LYS O 386 -3.77 -70.76 -10.91
CA LYS O 386 -4.78 -70.35 -11.89
C LYS O 386 -5.77 -69.33 -11.32
N SER O 387 -5.71 -69.03 -10.02
CA SER O 387 -6.69 -68.19 -9.37
C SER O 387 -6.46 -66.70 -9.60
N THR O 388 -5.24 -66.29 -9.92
CA THR O 388 -4.93 -64.92 -10.31
C THR O 388 -4.53 -64.83 -11.77
N ALA O 389 -5.00 -65.78 -12.60
CA ALA O 389 -4.54 -65.90 -13.98
C ALA O 389 -5.06 -64.78 -14.88
N ALA O 390 -6.16 -64.12 -14.50
CA ALA O 390 -6.63 -62.97 -15.28
C ALA O 390 -5.79 -61.73 -15.02
N SER O 391 -5.15 -61.65 -13.85
CA SER O 391 -4.20 -60.58 -13.53
C SER O 391 -2.76 -61.00 -13.80
N TYR O 392 -2.52 -62.26 -14.16
CA TYR O 392 -1.19 -62.75 -14.54
C TYR O 392 -1.04 -62.52 -16.04
N LYS O 393 -0.38 -61.42 -16.41
CA LYS O 393 -0.35 -60.94 -17.78
C LYS O 393 1.07 -61.06 -18.32
N ILE O 394 1.23 -61.72 -19.46
CA ILE O 394 2.56 -61.98 -20.02
C ILE O 394 2.72 -61.21 -21.32
N ALA O 395 3.97 -61.10 -21.77
CA ALA O 395 4.31 -60.44 -23.03
C ALA O 395 5.44 -61.18 -23.70
N THR O 396 5.21 -61.58 -24.95
CA THR O 396 6.13 -62.46 -25.66
C THR O 396 6.04 -62.18 -27.15
N MET O 397 6.87 -62.88 -27.92
CA MET O 397 6.89 -62.79 -29.37
C MET O 397 7.04 -64.19 -29.95
N LYS O 398 6.13 -64.56 -30.85
CA LYS O 398 6.19 -65.83 -31.55
C LYS O 398 6.43 -65.64 -33.04
N VAL O 399 5.56 -64.87 -33.69
CA VAL O 399 5.51 -64.76 -35.14
C VAL O 399 5.85 -63.32 -35.52
N PRO O 400 6.08 -63.01 -36.80
CA PRO O 400 6.03 -61.60 -37.23
C PRO O 400 4.69 -60.96 -36.92
N PHE O 401 4.75 -59.66 -36.63
CA PHE O 401 3.62 -58.92 -36.08
C PHE O 401 2.42 -58.89 -37.02
N LYS O 402 1.22 -59.05 -36.45
CA LYS O 402 0.03 -59.34 -37.23
C LYS O 402 -0.39 -58.14 -38.06
N LEU O 403 -0.48 -58.36 -39.38
CA LEU O 403 -0.64 -57.28 -40.34
C LEU O 403 -2.06 -56.74 -40.36
N SER P 24 -73.63 -24.67 -17.21
CA SER P 24 -74.33 -25.42 -16.17
C SER P 24 -73.44 -26.52 -15.60
N ILE P 25 -72.26 -26.13 -15.13
CA ILE P 25 -71.26 -27.08 -14.64
C ILE P 25 -71.54 -27.69 -13.27
N PRO P 26 -71.68 -26.92 -12.13
CA PRO P 26 -71.40 -27.52 -10.82
C PRO P 26 -72.48 -28.42 -10.25
N ASP P 27 -72.28 -28.81 -8.99
CA ASP P 27 -73.17 -29.70 -8.24
C ASP P 27 -73.79 -28.92 -7.07
N GLY P 28 -74.85 -28.19 -7.36
CA GLY P 28 -75.52 -27.42 -6.32
C GLY P 28 -76.63 -28.20 -5.67
N PHE P 29 -76.75 -29.48 -6.04
CA PHE P 29 -77.52 -30.53 -5.36
C PHE P 29 -79.04 -30.34 -5.47
N LYS P 30 -79.49 -29.19 -5.95
CA LYS P 30 -80.89 -28.81 -5.85
C LYS P 30 -81.20 -27.79 -6.93
N LYS P 31 -82.49 -27.66 -7.22
CA LYS P 31 -83.02 -26.62 -8.09
C LYS P 31 -84.27 -26.05 -7.43
N CYS P 32 -84.39 -24.72 -7.45
CA CYS P 32 -85.29 -24.04 -6.54
C CYS P 32 -86.74 -24.15 -6.99
N LYS P 33 -87.58 -24.57 -6.07
CA LYS P 33 -89.03 -24.61 -6.22
C LYS P 33 -89.75 -23.96 -5.05
N HIS P 34 -89.23 -24.11 -3.84
CA HIS P 34 -89.85 -23.55 -2.64
C HIS P 34 -89.61 -22.05 -2.60
N LEU P 35 -90.65 -21.26 -2.84
CA LEU P 35 -90.56 -19.81 -2.81
C LEU P 35 -91.65 -19.22 -1.92
N LYS P 36 -91.45 -17.97 -1.54
CA LYS P 36 -92.39 -17.24 -0.69
C LYS P 36 -92.51 -15.80 -1.20
N ASN P 37 -93.18 -14.97 -0.40
CA ASN P 37 -93.66 -13.66 -0.83
C ASN P 37 -92.82 -12.54 -0.23
N PHE P 38 -92.73 -11.41 -0.94
CA PHE P 38 -92.15 -10.24 -0.28
C PHE P 38 -93.22 -9.22 0.04
N PRO P 39 -93.20 -8.67 1.25
CA PRO P 39 -94.06 -7.51 1.57
C PRO P 39 -93.57 -6.27 0.85
N LEU P 40 -94.32 -5.85 -0.17
CA LEU P 40 -93.98 -4.64 -0.90
C LEU P 40 -95.28 -4.02 -1.40
N ASN P 41 -95.51 -2.77 -1.03
CA ASN P 41 -96.76 -2.10 -1.37
C ASN P 41 -96.77 -1.48 -2.76
N GLY P 42 -95.64 -0.91 -3.21
CA GLY P 42 -95.61 -0.19 -4.46
C GLY P 42 -96.28 1.16 -4.41
N ASP P 43 -96.60 1.65 -3.21
CA ASP P 43 -97.14 2.99 -3.05
C ASP P 43 -95.98 3.96 -3.10
N ASN P 44 -96.02 4.90 -4.04
CA ASN P 44 -94.91 5.84 -4.24
C ASN P 44 -94.85 6.91 -3.16
N LYS P 49 -94.54 5.60 5.83
CA LYS P 49 -95.16 6.40 4.79
C LYS P 49 -95.01 5.70 3.44
N GLN P 50 -93.96 4.91 3.31
CA GLN P 50 -93.61 4.29 2.03
C GLN P 50 -92.77 3.07 2.35
N GLN P 51 -93.30 1.88 2.08
CA GLN P 51 -92.58 0.65 2.40
C GLN P 51 -91.41 0.47 1.45
N GLN P 52 -90.21 0.70 1.95
CA GLN P 52 -88.99 0.54 1.17
C GLN P 52 -88.07 -0.46 1.87
N VAL P 53 -87.10 -0.96 1.10
CA VAL P 53 -86.27 -2.07 1.57
C VAL P 53 -85.24 -1.58 2.57
N TRP P 54 -84.68 -2.51 3.35
CA TRP P 54 -83.78 -2.11 4.43
C TRP P 54 -82.75 -3.22 4.67
N LEU P 55 -81.63 -3.16 3.96
CA LEU P 55 -80.62 -4.18 4.16
C LEU P 55 -79.59 -3.70 5.16
N ILE P 56 -79.01 -4.64 5.91
CA ILE P 56 -78.02 -4.34 6.93
C ILE P 56 -76.91 -5.38 6.85
N LYS P 57 -75.78 -5.05 7.48
CA LYS P 57 -74.60 -5.92 7.55
C LYS P 57 -74.33 -6.27 9.00
N PHE P 58 -74.10 -7.56 9.26
CA PHE P 58 -73.70 -8.07 10.56
C PHE P 58 -73.20 -9.50 10.37
N PRO P 59 -72.34 -10.00 11.27
CA PRO P 59 -71.83 -11.37 11.11
C PRO P 59 -72.85 -12.47 11.39
N SER P 60 -72.38 -13.71 11.45
CA SER P 60 -73.29 -14.82 11.74
C SER P 60 -73.36 -15.19 13.21
N ASN P 61 -72.31 -14.88 13.99
CA ASN P 61 -72.28 -15.21 15.41
C ASN P 61 -73.08 -14.19 16.23
N VAL P 62 -74.36 -14.10 15.90
CA VAL P 62 -75.17 -12.95 16.26
C VAL P 62 -76.48 -13.39 16.89
N ASP P 63 -77.33 -12.40 17.14
CA ASP P 63 -78.58 -12.54 17.88
C ASP P 63 -79.80 -12.65 16.98
N ILE P 64 -79.70 -13.36 15.86
CA ILE P 64 -80.86 -13.68 15.05
C ILE P 64 -81.55 -14.91 15.63
N SER P 65 -81.02 -15.42 16.74
CA SER P 65 -81.65 -16.45 17.52
C SER P 65 -81.89 -16.07 18.98
N LYS P 66 -81.33 -14.95 19.48
CA LYS P 66 -81.43 -14.70 20.91
C LYS P 66 -81.62 -13.23 21.33
N LEU P 67 -81.82 -12.29 20.40
CA LEU P 67 -82.27 -10.95 20.76
C LEU P 67 -83.01 -10.35 19.57
N LYS P 68 -84.31 -10.15 19.73
CA LYS P 68 -85.21 -9.85 18.63
C LYS P 68 -85.51 -8.35 18.51
N SER P 69 -84.56 -7.49 18.88
CA SER P 69 -84.84 -6.06 18.89
C SER P 69 -83.55 -5.28 18.68
N LEU P 70 -83.67 -4.16 17.96
CA LEU P 70 -82.52 -3.32 17.65
C LEU P 70 -83.04 -1.93 17.31
N PRO P 71 -82.31 -0.86 17.67
CA PRO P 71 -82.91 0.47 17.69
C PRO P 71 -83.15 1.06 16.31
N VAL P 72 -83.68 2.27 16.29
CA VAL P 72 -83.71 3.11 15.10
C VAL P 72 -82.93 4.36 15.47
N ASP P 73 -81.66 4.40 15.06
CA ASP P 73 -80.76 5.42 15.57
C ASP P 73 -80.10 6.15 14.42
N PHE P 74 -79.26 7.10 14.79
CA PHE P 74 -78.55 7.98 13.87
C PHE P 74 -77.18 7.33 13.58
N GLU P 75 -76.25 8.14 13.07
CA GLU P 75 -74.87 7.77 12.83
C GLU P 75 -74.18 7.32 14.11
N SER P 76 -73.95 6.00 14.22
CA SER P 76 -73.19 5.34 15.26
C SER P 76 -73.76 5.61 16.65
N SER P 77 -74.97 5.15 16.91
CA SER P 77 -75.70 5.65 18.07
C SER P 77 -76.31 4.51 18.89
N THR P 78 -75.52 3.47 19.15
CA THR P 78 -75.97 2.35 19.97
C THR P 78 -74.78 1.59 20.52
N THR P 79 -75.07 0.69 21.46
CA THR P 79 -74.17 -0.40 21.86
C THR P 79 -75.07 -1.47 22.47
N MET P 80 -75.39 -2.52 21.72
CA MET P 80 -76.47 -3.40 22.13
C MET P 80 -76.00 -4.38 23.18
N THR P 81 -76.97 -5.11 23.76
CA THR P 81 -76.75 -5.91 24.95
C THR P 81 -77.05 -7.37 24.65
N ILE P 82 -75.99 -8.18 24.55
CA ILE P 82 -76.07 -9.63 24.62
C ILE P 82 -75.05 -10.07 25.65
N ASP P 83 -74.77 -11.37 25.71
CA ASP P 83 -73.64 -11.85 26.49
C ASP P 83 -72.30 -11.29 26.05
N LYS P 84 -72.13 -10.96 24.76
CA LYS P 84 -70.93 -10.25 24.34
C LYS P 84 -71.08 -8.75 24.55
N HIS P 85 -72.34 -8.27 24.59
CA HIS P 85 -72.72 -6.97 25.15
C HIS P 85 -72.20 -5.80 24.32
N ASP P 86 -72.18 -5.97 23.00
CA ASP P 86 -71.87 -4.87 22.07
C ASP P 86 -72.42 -5.20 20.70
N TYR P 87 -73.30 -4.34 20.18
CA TYR P 87 -73.53 -4.28 18.75
C TYR P 87 -73.62 -2.83 18.34
N LYS P 88 -73.11 -2.54 17.15
CA LYS P 88 -72.86 -1.15 16.78
C LYS P 88 -73.42 -0.90 15.39
N ILE P 89 -74.65 -0.39 15.33
CA ILE P 89 -75.21 0.06 14.08
C ILE P 89 -74.42 1.25 13.56
N MET P 90 -73.85 1.10 12.37
CA MET P 90 -73.22 2.17 11.61
C MET P 90 -74.12 2.57 10.45
N ASP P 91 -73.76 3.65 9.78
CA ASP P 91 -74.45 4.07 8.57
C ASP P 91 -73.44 4.14 7.43
N ASP P 92 -73.95 4.08 6.20
CA ASP P 92 -73.10 4.17 5.04
C ASP P 92 -73.93 4.65 3.86
N THR P 93 -73.73 5.90 3.44
CA THR P 93 -74.41 6.45 2.26
C THR P 93 -73.41 6.93 1.21
N ASP P 94 -72.38 7.65 1.61
CA ASP P 94 -71.38 8.19 0.68
C ASP P 94 -70.01 7.59 0.99
N ASN P 106 -75.36 0.52 -6.81
CA ASN P 106 -74.92 -0.31 -5.69
C ASN P 106 -75.02 -1.78 -6.04
N MET P 107 -76.21 -2.34 -5.79
CA MET P 107 -76.53 -3.71 -6.13
C MET P 107 -77.94 -3.74 -6.69
N THR P 108 -78.14 -4.48 -7.78
CA THR P 108 -79.48 -4.70 -8.28
C THR P 108 -80.22 -5.66 -7.36
N LEU P 109 -81.51 -5.41 -7.16
CA LEU P 109 -82.29 -6.16 -6.19
C LEU P 109 -83.26 -7.07 -6.90
N LEU P 110 -83.36 -8.31 -6.44
CA LEU P 110 -84.15 -9.34 -7.10
C LEU P 110 -85.38 -9.70 -6.27
N VAL P 111 -86.51 -9.89 -6.93
CA VAL P 111 -87.76 -10.22 -6.27
C VAL P 111 -88.29 -11.56 -6.81
N PRO P 112 -88.16 -12.63 -6.04
CA PRO P 112 -88.86 -13.89 -6.35
C PRO P 112 -90.32 -13.84 -5.90
N SER P 113 -91.17 -13.27 -6.75
CA SER P 113 -92.56 -13.04 -6.38
C SER P 113 -93.35 -14.34 -6.34
N GLU P 114 -93.47 -15.02 -7.48
CA GLU P 114 -94.05 -16.35 -7.53
C GLU P 114 -92.91 -17.36 -7.74
N SER P 115 -93.26 -18.64 -7.81
CA SER P 115 -92.24 -19.65 -7.55
C SER P 115 -91.38 -19.98 -8.76
N LYS P 116 -91.98 -20.16 -9.94
CA LYS P 116 -91.26 -20.71 -11.07
C LYS P 116 -90.25 -19.74 -11.69
N GLU P 117 -90.28 -18.47 -11.30
CA GLU P 117 -89.36 -17.49 -11.87
C GLU P 117 -88.00 -17.50 -11.16
N SER P 118 -87.98 -17.88 -9.88
CA SER P 118 -86.87 -17.94 -8.93
C SER P 118 -86.26 -16.60 -8.52
N LEU P 119 -86.59 -15.52 -9.23
CA LEU P 119 -86.23 -14.12 -8.94
C LEU P 119 -86.91 -13.22 -9.95
N LYS P 120 -86.58 -11.94 -9.89
CA LYS P 120 -86.79 -10.97 -10.95
C LYS P 120 -85.67 -9.94 -10.78
N ILE P 121 -85.87 -8.72 -11.27
CA ILE P 121 -85.09 -7.59 -10.78
C ILE P 121 -86.06 -6.50 -10.36
N ALA P 122 -85.94 -6.06 -9.11
CA ALA P 122 -86.87 -5.09 -8.54
C ALA P 122 -86.67 -3.72 -9.16
N SER P 123 -87.77 -3.12 -9.61
CA SER P 123 -87.75 -1.78 -10.16
C SER P 123 -89.13 -1.18 -10.03
N THR P 124 -89.17 0.08 -9.60
CA THR P 124 -90.43 0.81 -9.60
C THR P 124 -90.86 1.14 -11.03
N ALA P 125 -89.99 1.83 -11.76
CA ALA P 125 -90.25 2.14 -13.17
C ALA P 125 -89.68 1.06 -14.08
N PRO P 130 -83.33 -0.99 -12.01
CA PRO P 130 -82.73 -0.90 -10.67
C PRO P 130 -83.75 -0.51 -9.63
N LEU P 131 -83.35 -0.54 -8.36
CA LEU P 131 -84.20 -0.02 -7.29
C LEU P 131 -83.29 0.44 -6.16
N GLN P 132 -83.31 1.74 -5.87
CA GLN P 132 -82.44 2.33 -4.88
C GLN P 132 -82.99 2.11 -3.47
N PHE P 133 -82.47 2.87 -2.52
CA PHE P 133 -82.45 2.46 -1.12
C PHE P 133 -81.97 3.62 -0.26
N ASP P 134 -82.39 3.65 1.00
CA ASP P 134 -82.07 4.81 1.84
C ASP P 134 -80.81 4.68 2.69
N LYS P 135 -80.72 3.68 3.58
CA LYS P 135 -79.70 3.75 4.64
C LYS P 135 -79.34 2.37 5.16
N VAL P 136 -78.12 1.91 4.85
CA VAL P 136 -77.65 0.57 5.16
C VAL P 136 -76.93 0.61 6.50
N PHE P 137 -76.94 -0.51 7.20
CA PHE P 137 -76.25 -0.64 8.49
C PHE P 137 -75.14 -1.66 8.38
N SER P 138 -74.08 -1.44 9.16
CA SER P 138 -73.01 -2.41 9.32
C SER P 138 -72.77 -2.57 10.82
N VAL P 139 -73.08 -3.75 11.36
CA VAL P 139 -73.17 -3.97 12.79
C VAL P 139 -71.88 -4.64 13.27
N SER P 140 -71.02 -3.85 13.90
CA SER P 140 -69.80 -4.32 14.52
C SER P 140 -70.03 -4.63 16.00
N GLU P 141 -68.95 -4.86 16.73
CA GLU P 141 -68.99 -5.10 18.17
C GLU P 141 -67.89 -4.28 18.82
N THR P 142 -68.28 -3.35 19.69
CA THR P 142 -67.31 -2.45 20.33
C THR P 142 -66.54 -3.24 21.40
N ALA P 143 -65.53 -3.97 20.93
CA ALA P 143 -64.57 -4.60 21.83
C ALA P 143 -63.65 -3.51 22.34
N LYS P 144 -63.90 -3.04 23.55
CA LYS P 144 -63.35 -1.79 24.02
C LYS P 144 -61.90 -1.96 24.49
N ILE P 145 -61.37 -0.90 25.07
CA ILE P 145 -60.02 -0.87 25.62
C ILE P 145 -60.22 -0.66 27.12
N PRO P 146 -59.38 -1.22 27.99
CA PRO P 146 -59.38 -0.78 29.38
C PRO P 146 -59.00 0.68 29.47
N ALA P 147 -59.64 1.38 30.40
CA ALA P 147 -59.73 2.83 30.35
C ALA P 147 -58.48 3.54 30.83
N ILE P 148 -58.63 4.82 31.13
CA ILE P 148 -57.54 5.72 31.52
C ILE P 148 -56.95 5.25 32.85
N ASP P 149 -55.71 4.79 32.82
CA ASP P 149 -54.97 4.51 34.05
C ASP P 149 -53.54 4.99 33.88
N TYR P 150 -53.15 5.98 34.68
CA TYR P 150 -51.79 6.49 34.75
C TYR P 150 -51.28 6.42 36.18
N SER P 151 -51.85 5.54 36.99
CA SER P 151 -51.55 5.53 38.42
C SER P 151 -50.44 4.54 38.75
N LYS P 152 -50.68 3.25 38.50
CA LYS P 152 -49.64 2.26 38.77
C LYS P 152 -48.53 2.32 37.74
N VAL P 153 -48.91 2.54 36.47
CA VAL P 153 -47.95 2.50 35.38
C VAL P 153 -47.01 3.69 35.38
N ARG P 154 -47.36 4.77 36.08
CA ARG P 154 -46.44 5.89 36.27
C ARG P 154 -45.85 5.73 37.66
N VAL P 155 -44.75 4.99 37.73
CA VAL P 155 -44.03 4.79 38.98
C VAL P 155 -42.95 5.86 39.09
N PRO P 156 -42.81 6.54 40.22
CA PRO P 156 -41.66 7.42 40.41
C PRO P 156 -40.37 6.62 40.43
N ARG P 157 -39.31 7.23 39.94
CA ARG P 157 -38.05 6.53 39.72
C ARG P 157 -37.39 6.21 41.05
N LYS P 158 -37.42 4.93 41.44
CA LYS P 158 -36.56 4.49 42.53
C LYS P 158 -35.12 4.50 42.00
N ASP P 159 -34.25 5.23 42.68
CA ASP P 159 -33.05 5.68 41.98
C ASP P 159 -31.94 4.65 42.00
N VAL P 160 -31.36 4.41 43.17
CA VAL P 160 -30.16 3.56 43.24
C VAL P 160 -30.04 3.01 44.66
N PRO P 161 -29.78 1.72 44.81
CA PRO P 161 -29.64 1.15 46.16
C PRO P 161 -28.27 1.44 46.74
N LYS P 162 -28.23 2.27 47.77
CA LYS P 162 -27.02 2.45 48.55
C LYS P 162 -26.70 1.14 49.27
N VAL P 163 -25.48 0.66 49.11
CA VAL P 163 -25.11 -0.65 49.66
C VAL P 163 -24.98 -0.56 51.17
N GLU P 164 -25.46 -1.59 51.85
CA GLU P 164 -25.68 -1.55 53.29
C GLU P 164 -24.41 -1.85 54.06
N GLY P 165 -24.10 -1.01 55.04
CA GLY P 165 -23.16 -1.33 56.10
C GLY P 165 -21.73 -1.54 55.65
N LEU P 166 -21.07 -0.48 55.24
CA LEU P 166 -19.74 -0.64 54.67
C LEU P 166 -18.66 -0.48 55.73
N LYS P 167 -17.51 -1.06 55.42
CA LYS P 167 -16.40 -1.15 56.35
C LYS P 167 -15.59 0.14 56.31
N LEU P 168 -14.79 0.35 57.34
CA LEU P 168 -13.81 1.42 57.35
C LEU P 168 -12.46 0.72 57.26
N GLU P 169 -12.32 0.14 56.05
CA GLU P 169 -11.16 -0.64 55.56
C GLU P 169 -9.99 0.30 55.81
N HIS P 170 -8.86 -0.27 56.18
CA HIS P 170 -7.95 0.69 56.78
C HIS P 170 -6.64 0.76 56.02
N PHE P 171 -6.31 1.96 55.54
CA PHE P 171 -5.01 2.25 54.96
C PHE P 171 -4.04 2.60 56.09
N ALA P 172 -2.89 3.18 55.73
CA ALA P 172 -1.81 3.58 56.65
C ALA P 172 -1.34 2.38 57.48
N THR P 173 -0.72 1.47 56.77
CA THR P 173 -0.52 0.11 57.23
C THR P 173 0.53 -0.04 58.30
N GLY P 174 1.03 0.96 59.01
CA GLY P 174 2.03 0.72 60.05
C GLY P 174 1.52 0.06 61.33
N TYR P 175 0.25 -0.29 61.35
CA TYR P 175 -0.42 -0.93 62.48
C TYR P 175 -1.69 -1.56 61.94
N ASP P 176 -2.55 -2.05 62.82
CA ASP P 176 -3.78 -2.71 62.43
C ASP P 176 -5.04 -1.96 62.83
N ALA P 177 -5.16 -1.56 64.09
CA ALA P 177 -6.39 -0.95 64.60
C ALA P 177 -6.10 0.19 65.56
N SER Q 48 58.10 -61.25 -35.27
CA SER Q 48 56.86 -60.50 -35.16
C SER Q 48 57.11 -58.99 -35.16
N ALA Q 49 58.38 -58.61 -35.02
CA ALA Q 49 58.74 -57.20 -35.08
C ALA Q 49 58.54 -56.64 -36.47
N ALA Q 50 58.82 -57.44 -37.50
CA ALA Q 50 58.44 -57.08 -38.85
C ALA Q 50 56.94 -57.24 -39.08
N MET Q 51 56.26 -58.06 -38.28
CA MET Q 51 54.80 -58.14 -38.36
C MET Q 51 54.12 -56.98 -37.66
N TYR Q 52 54.79 -56.34 -36.70
CA TYR Q 52 54.21 -55.15 -36.07
C TYR Q 52 54.46 -53.90 -36.92
N SER Q 53 55.58 -53.86 -37.66
CA SER Q 53 55.92 -52.69 -38.45
C SER Q 53 54.97 -52.47 -39.62
N ARG Q 54 54.38 -53.53 -40.16
CA ARG Q 54 53.34 -53.40 -41.15
C ARG Q 54 51.96 -53.20 -40.54
N PHE Q 55 51.79 -53.52 -39.26
CA PHE Q 55 50.53 -53.23 -38.58
C PHE Q 55 50.37 -51.75 -38.27
N VAL Q 56 51.46 -51.01 -38.20
CA VAL Q 56 51.44 -49.57 -37.96
C VAL Q 56 51.75 -48.76 -39.21
N LYS Q 57 52.09 -49.41 -40.33
CA LYS Q 57 52.29 -48.73 -41.59
C LYS Q 57 51.04 -48.76 -42.46
N SER Q 58 50.20 -49.77 -42.31
CA SER Q 58 48.93 -49.89 -43.02
C SER Q 58 47.84 -48.99 -42.45
N ALA Q 59 48.13 -48.26 -41.36
CA ALA Q 59 47.16 -47.39 -40.73
C ALA Q 59 47.03 -46.06 -41.47
N LEU Q 60 48.16 -45.42 -41.77
CA LEU Q 60 48.18 -44.03 -42.25
C LEU Q 60 47.75 -43.88 -43.70
N ASP Q 61 47.49 -44.97 -44.41
CA ASP Q 61 47.24 -44.89 -45.85
C ASP Q 61 45.84 -44.36 -46.14
N ASP Q 62 44.82 -45.05 -45.63
CA ASP Q 62 43.44 -44.90 -46.07
C ASP Q 62 42.75 -43.66 -45.51
N LEU Q 63 43.45 -42.81 -44.77
CA LEU Q 63 42.91 -41.49 -44.44
C LEU Q 63 42.94 -40.59 -45.67
N ASP Q 64 43.88 -40.84 -46.58
CA ASP Q 64 43.87 -40.22 -47.90
C ASP Q 64 42.94 -40.94 -48.87
N LYS Q 65 42.51 -42.14 -48.53
CA LYS Q 65 41.39 -42.80 -49.19
C LYS Q 65 40.10 -42.67 -48.40
N ASN Q 66 40.10 -41.85 -47.35
CA ASN Q 66 38.94 -41.52 -46.51
C ASN Q 66 38.33 -42.74 -45.83
N ASP Q 67 39.11 -43.80 -45.62
CA ASP Q 67 38.67 -44.94 -44.82
C ASP Q 67 39.29 -44.91 -43.43
N SER Q 68 40.63 -44.91 -43.36
CA SER Q 68 41.42 -44.65 -42.14
C SER Q 68 41.10 -45.64 -41.02
N THR Q 69 41.29 -46.93 -41.30
CA THR Q 69 40.80 -47.98 -40.41
C THR Q 69 41.69 -48.14 -39.18
N GLN Q 70 42.96 -48.47 -39.38
CA GLN Q 70 43.83 -48.91 -38.28
C GLN Q 70 44.42 -47.78 -37.45
N ILE Q 71 43.86 -46.56 -37.51
CA ILE Q 71 44.41 -45.43 -36.76
C ILE Q 71 44.00 -45.50 -35.30
N GLY Q 72 42.69 -45.51 -35.03
CA GLY Q 72 42.19 -45.33 -33.68
C GLY Q 72 42.35 -46.53 -32.75
N ILE Q 73 42.86 -47.64 -33.27
CA ILE Q 73 42.98 -48.85 -32.45
C ILE Q 73 44.15 -48.73 -31.47
N ILE Q 74 45.24 -48.08 -31.89
CA ILE Q 74 46.43 -48.01 -31.05
C ILE Q 74 46.25 -46.98 -29.93
N ALA Q 75 45.56 -45.87 -30.22
CA ALA Q 75 45.47 -44.77 -29.26
C ALA Q 75 44.58 -45.08 -28.05
N ASN Q 76 43.81 -46.16 -28.08
CA ASN Q 76 43.15 -46.65 -26.87
C ASN Q 76 44.06 -47.52 -26.01
N GLN Q 77 45.27 -47.84 -26.49
CA GLN Q 77 46.21 -48.64 -25.71
C GLN Q 77 47.24 -47.78 -24.98
N VAL Q 78 47.44 -46.53 -25.39
CA VAL Q 78 48.49 -45.68 -24.86
C VAL Q 78 47.98 -44.82 -23.70
N ALA Q 79 46.83 -45.19 -23.14
CA ALA Q 79 46.24 -44.48 -22.02
C ALA Q 79 46.04 -45.33 -20.78
N LEU Q 80 46.37 -46.62 -20.84
CA LEU Q 80 46.32 -47.47 -19.67
C LEU Q 80 47.46 -47.12 -18.72
N PRO Q 81 47.32 -47.41 -17.42
CA PRO Q 81 48.45 -47.23 -16.50
C PRO Q 81 49.51 -48.28 -16.73
N SER Q 82 50.62 -48.12 -16.01
CA SER Q 82 51.71 -49.10 -16.02
C SER Q 82 51.43 -50.30 -15.10
N LYS Q 83 50.21 -50.40 -14.56
CA LYS Q 83 49.78 -51.53 -13.74
C LYS Q 83 49.39 -52.75 -14.57
N ASN Q 84 49.47 -52.68 -15.90
CA ASN Q 84 48.83 -53.66 -16.75
C ASN Q 84 49.79 -54.04 -17.88
N PRO Q 85 50.10 -55.33 -18.07
CA PRO Q 85 51.07 -55.71 -19.11
C PRO Q 85 50.57 -55.61 -20.54
N GLU Q 86 49.27 -55.37 -20.77
CA GLU Q 86 48.72 -55.38 -22.12
C GLU Q 86 48.70 -53.99 -22.77
N ARG Q 87 49.56 -53.08 -22.32
CA ARG Q 87 49.64 -51.74 -22.87
C ARG Q 87 50.69 -51.70 -23.98
N ILE Q 88 51.09 -50.49 -24.39
CA ILE Q 88 52.22 -50.33 -25.31
C ILE Q 88 53.52 -50.38 -24.51
N ASN Q 89 54.59 -50.85 -25.15
CA ASN Q 89 55.85 -51.11 -24.47
C ASN Q 89 57.01 -50.43 -25.22
N ASP Q 90 58.24 -50.85 -24.86
CA ASP Q 90 59.46 -50.23 -25.35
C ASP Q 90 59.60 -50.36 -26.87
N LYS Q 91 59.56 -51.60 -27.37
CA LYS Q 91 59.89 -51.86 -28.76
C LYS Q 91 58.81 -51.35 -29.70
N ASN Q 92 57.54 -51.53 -29.33
CA ASN Q 92 56.43 -51.19 -30.22
C ASN Q 92 56.19 -49.69 -30.34
N LEU Q 93 56.82 -48.86 -29.51
CA LEU Q 93 56.59 -47.43 -29.55
C LEU Q 93 57.60 -46.69 -30.43
N ASN Q 94 58.90 -46.99 -30.29
CA ASN Q 94 59.90 -46.32 -31.11
C ASN Q 94 59.83 -46.77 -32.57
N ILE Q 95 59.37 -48.00 -32.82
CA ILE Q 95 59.03 -48.42 -34.17
C ILE Q 95 57.83 -47.62 -34.68
N LEU Q 96 56.84 -47.39 -33.80
CA LEU Q 96 55.69 -46.57 -34.16
C LEU Q 96 56.08 -45.12 -34.38
N LEU Q 97 56.96 -44.58 -33.55
CA LEU Q 97 57.31 -43.16 -33.64
C LEU Q 97 58.31 -42.85 -34.75
N ASP Q 98 58.72 -43.85 -35.53
CA ASP Q 98 59.42 -43.62 -36.80
C ASP Q 98 58.57 -43.96 -38.02
N ILE Q 99 57.67 -44.93 -37.93
CA ILE Q 99 56.81 -45.26 -39.06
C ILE Q 99 55.69 -44.22 -39.22
N LEU Q 100 55.21 -43.64 -38.11
CA LEU Q 100 54.39 -42.45 -38.20
C LEU Q 100 55.16 -41.28 -38.80
N SER Q 101 56.48 -41.27 -38.65
CA SER Q 101 57.36 -40.23 -39.18
C SER Q 101 57.90 -40.54 -40.57
N SER Q 102 57.15 -41.28 -41.39
CA SER Q 102 57.57 -41.49 -42.79
C SER Q 102 57.42 -40.21 -43.59
N ASN Q 103 56.18 -39.74 -43.74
CA ASN Q 103 55.89 -38.41 -44.29
C ASN Q 103 55.04 -37.75 -43.21
N ILE Q 104 55.70 -37.01 -42.31
CA ILE Q 104 55.14 -36.69 -40.99
C ILE Q 104 54.11 -35.56 -41.04
N ASN Q 105 53.82 -35.01 -42.22
CA ASN Q 105 52.68 -34.08 -42.37
C ASN Q 105 51.35 -34.84 -42.44
N ARG Q 106 51.02 -35.59 -41.37
CA ARG Q 106 49.81 -36.40 -41.39
C ARG Q 106 49.03 -36.36 -40.08
N ILE Q 107 49.01 -35.24 -39.38
CA ILE Q 107 48.33 -35.19 -38.09
C ILE Q 107 47.04 -34.38 -38.18
N GLU Q 108 47.15 -33.15 -38.66
CA GLU Q 108 46.05 -32.18 -38.63
C GLU Q 108 44.97 -32.54 -39.66
N SER Q 109 43.91 -33.18 -39.16
CA SER Q 109 42.72 -33.46 -39.96
C SER Q 109 41.48 -33.38 -39.08
N SER Q 110 40.35 -33.91 -39.55
CA SER Q 110 39.12 -33.89 -38.76
C SER Q 110 39.04 -35.04 -37.75
N ARG Q 111 40.05 -35.90 -37.70
CA ARG Q 111 40.04 -37.09 -36.87
C ARG Q 111 41.21 -37.13 -35.89
N GLY Q 112 41.96 -36.03 -35.77
CA GLY Q 112 43.26 -36.06 -35.14
C GLY Q 112 43.39 -35.43 -33.77
N THR Q 113 42.30 -35.45 -32.98
CA THR Q 113 42.40 -35.07 -31.58
C THR Q 113 42.60 -36.28 -30.69
N PHE Q 114 42.15 -37.45 -31.13
CA PHE Q 114 42.23 -38.70 -30.39
C PHE Q 114 43.65 -39.29 -30.35
N LEU Q 115 44.57 -38.80 -31.18
CA LEU Q 115 45.92 -39.35 -31.26
C LEU Q 115 46.93 -38.64 -30.37
N ILE Q 116 46.85 -37.30 -30.27
CA ILE Q 116 47.93 -36.52 -29.66
C ILE Q 116 47.91 -36.65 -28.13
N GLN Q 117 46.72 -36.82 -27.53
CA GLN Q 117 46.55 -36.61 -26.09
C GLN Q 117 47.26 -37.69 -25.27
N SER Q 118 46.87 -38.94 -25.43
CA SER Q 118 47.35 -40.01 -24.56
C SER Q 118 48.81 -40.38 -24.79
N ILE Q 119 49.42 -39.91 -25.89
CA ILE Q 119 50.87 -40.02 -26.04
C ILE Q 119 51.57 -39.06 -25.08
N ILE Q 120 51.10 -37.80 -25.03
CA ILE Q 120 51.65 -36.86 -24.06
C ILE Q 120 51.12 -37.16 -22.65
N ASN Q 121 50.00 -37.87 -22.56
CA ASN Q 121 49.44 -38.32 -21.29
C ASN Q 121 49.91 -39.72 -20.92
N PHE Q 122 51.14 -40.05 -21.30
CA PHE Q 122 51.80 -41.28 -20.86
C PHE Q 122 52.05 -41.10 -19.37
N GLU Q 123 51.09 -41.55 -18.56
CA GLU Q 123 51.09 -41.20 -17.14
C GLU Q 123 52.24 -41.87 -16.42
N LYS Q 124 52.90 -41.11 -15.55
CA LYS Q 124 54.08 -41.50 -14.79
C LYS Q 124 55.22 -41.92 -15.74
N TRP Q 125 55.67 -40.93 -16.53
CA TRP Q 125 56.57 -41.18 -17.66
C TRP Q 125 58.05 -41.17 -17.27
N TRP Q 126 58.38 -41.47 -16.02
CA TRP Q 126 59.77 -41.61 -15.59
C TRP Q 126 60.12 -43.04 -15.21
N GLU Q 127 59.57 -44.02 -15.93
CA GLU Q 127 59.83 -45.43 -15.67
C GLU Q 127 60.54 -46.09 -16.87
N LEU Q 128 61.54 -45.40 -17.44
CA LEU Q 128 62.09 -45.84 -18.71
C LEU Q 128 63.59 -46.07 -18.62
N PRO Q 129 64.11 -47.12 -19.28
CA PRO Q 129 65.57 -47.27 -19.43
C PRO Q 129 66.11 -46.28 -20.44
N PRO Q 130 67.45 -46.02 -20.45
CA PRO Q 130 67.98 -44.96 -21.32
C PRO Q 130 68.09 -45.29 -22.81
N HIS Q 131 67.44 -46.35 -23.29
CA HIS Q 131 67.36 -46.63 -24.72
C HIS Q 131 66.02 -46.30 -25.35
N THR Q 132 64.91 -46.62 -24.69
CA THR Q 132 63.59 -46.20 -25.14
C THR Q 132 63.37 -44.72 -24.89
N LEU Q 133 64.05 -44.16 -23.89
CA LEU Q 133 63.86 -42.79 -23.45
C LEU Q 133 64.31 -41.77 -24.48
N SER Q 134 65.12 -42.18 -25.48
CA SER Q 134 65.67 -41.23 -26.45
C SER Q 134 64.61 -40.73 -27.43
N LYS Q 135 64.02 -41.65 -28.21
CA LYS Q 135 63.12 -41.24 -29.29
C LYS Q 135 61.78 -40.76 -28.80
N TYR Q 136 61.38 -41.09 -27.56
CA TYR Q 136 60.11 -40.58 -27.04
C TYR Q 136 60.23 -39.11 -26.70
N ILE Q 137 61.37 -38.70 -26.13
CA ILE Q 137 61.61 -37.29 -25.83
C ILE Q 137 61.81 -36.49 -27.11
N TYR Q 138 62.40 -37.12 -28.14
CA TYR Q 138 62.48 -36.53 -29.48
C TYR Q 138 61.10 -36.30 -30.07
N PHE Q 139 60.14 -37.16 -29.76
CA PHE Q 139 58.80 -37.03 -30.32
C PHE Q 139 58.04 -35.86 -29.71
N ILE Q 140 58.37 -35.45 -28.50
CA ILE Q 140 57.85 -34.19 -27.97
C ILE Q 140 58.47 -33.02 -28.71
N LYS Q 141 59.71 -33.17 -29.18
CA LYS Q 141 60.39 -32.12 -29.92
C LYS Q 141 59.98 -32.05 -31.38
N ILE Q 142 59.17 -32.99 -31.87
CA ILE Q 142 58.66 -32.91 -33.24
C ILE Q 142 57.16 -32.68 -33.28
N LEU Q 143 56.39 -33.16 -32.31
CA LEU Q 143 54.93 -33.08 -32.36
C LEU Q 143 54.41 -31.67 -32.10
N CYS Q 144 54.95 -30.99 -31.10
CA CYS Q 144 54.41 -29.72 -30.67
C CYS Q 144 55.47 -28.63 -30.70
N SER Q 145 56.21 -28.54 -31.80
CA SER Q 145 57.31 -27.59 -31.90
C SER Q 145 56.85 -26.19 -32.31
N SER Q 146 55.69 -26.06 -32.95
CA SER Q 146 55.23 -24.74 -33.36
C SER Q 146 53.74 -24.46 -33.16
N ILE Q 147 52.91 -25.45 -32.84
CA ILE Q 147 51.46 -25.27 -32.73
C ILE Q 147 51.13 -24.90 -31.29
N PRO Q 148 50.50 -23.72 -31.04
CA PRO Q 148 50.19 -23.27 -29.68
C PRO Q 148 48.89 -23.83 -29.11
N LYS Q 149 48.66 -25.10 -29.34
CA LYS Q 149 47.40 -25.72 -28.95
C LYS Q 149 47.61 -26.96 -28.11
N TRP Q 150 48.64 -27.75 -28.41
CA TRP Q 150 48.97 -28.91 -27.61
C TRP Q 150 50.32 -28.79 -26.93
N TRP Q 151 51.22 -27.95 -27.45
CA TRP Q 151 52.36 -27.53 -26.64
C TRP Q 151 51.89 -26.67 -25.47
N GLN Q 152 50.77 -25.98 -25.65
CA GLN Q 152 50.09 -25.34 -24.54
C GLN Q 152 49.61 -26.36 -23.52
N ASP Q 153 49.30 -27.59 -23.96
CA ASP Q 153 48.99 -28.68 -23.05
C ASP Q 153 50.22 -29.50 -22.68
N VAL Q 154 51.41 -29.08 -23.09
CA VAL Q 154 52.67 -29.69 -22.65
C VAL Q 154 53.21 -29.02 -21.40
N SER Q 155 53.27 -27.68 -21.40
CA SER Q 155 53.66 -26.97 -20.18
C SER Q 155 52.58 -27.05 -19.12
N MET Q 156 51.35 -27.38 -19.48
CA MET Q 156 50.35 -27.82 -18.51
C MET Q 156 50.82 -29.08 -17.78
N ILE Q 157 51.52 -29.97 -18.47
CA ILE Q 157 52.06 -31.16 -17.83
C ILE Q 157 53.40 -30.89 -17.15
N LEU Q 158 54.31 -30.14 -17.79
CA LEU Q 158 55.65 -29.96 -17.24
C LEU Q 158 55.70 -29.03 -16.04
N VAL Q 159 54.65 -28.24 -15.81
CA VAL Q 159 54.55 -27.48 -14.56
C VAL Q 159 53.85 -28.30 -13.48
N SER Q 160 52.81 -29.05 -13.86
CA SER Q 160 52.11 -29.93 -12.93
C SER Q 160 52.96 -31.11 -12.49
N CYS Q 161 53.96 -31.49 -13.28
CA CYS Q 161 54.90 -32.53 -12.90
C CYS Q 161 56.16 -31.97 -12.24
N PHE Q 162 56.13 -30.71 -11.82
CA PHE Q 162 57.14 -30.15 -10.95
C PHE Q 162 56.78 -30.31 -9.47
N ILE Q 163 55.71 -31.05 -9.15
CA ILE Q 163 55.33 -31.29 -7.71
C ILE Q 163 56.07 -32.54 -7.19
N LEU Q 164 56.67 -33.26 -8.14
CA LEU Q 164 57.49 -34.46 -8.14
C LEU Q 164 58.89 -34.15 -7.61
N PRO Q 165 59.57 -35.13 -7.00
CA PRO Q 165 60.90 -34.87 -6.44
C PRO Q 165 61.94 -34.55 -7.50
N ILE Q 166 63.04 -33.98 -7.04
CA ILE Q 166 64.01 -33.33 -7.93
C ILE Q 166 64.77 -34.38 -8.74
N LYS Q 167 64.99 -35.55 -8.16
CA LYS Q 167 65.64 -36.65 -8.87
C LYS Q 167 64.68 -37.38 -9.80
N GLN Q 168 63.39 -37.04 -9.79
CA GLN Q 168 62.47 -37.45 -10.85
C GLN Q 168 62.31 -36.37 -11.91
N THR Q 169 62.94 -35.21 -11.73
CA THR Q 169 62.84 -34.11 -12.67
C THR Q 169 64.20 -33.86 -13.32
N VAL Q 170 64.84 -34.92 -13.81
CA VAL Q 170 66.12 -34.77 -14.50
C VAL Q 170 65.93 -34.09 -15.85
N CYS Q 171 64.73 -34.19 -16.44
CA CYS Q 171 64.43 -33.53 -17.70
C CYS Q 171 63.10 -32.78 -17.72
N HIS Q 172 62.40 -32.71 -16.57
CA HIS Q 172 61.14 -31.97 -16.51
C HIS Q 172 61.36 -30.47 -16.68
N HIS Q 173 62.55 -29.97 -16.32
CA HIS Q 173 62.88 -28.56 -16.51
C HIS Q 173 63.92 -28.32 -17.58
N ASP Q 174 64.69 -29.35 -17.95
CA ASP Q 174 65.63 -29.18 -19.06
C ASP Q 174 64.91 -29.15 -20.40
N MET Q 175 63.74 -29.80 -20.49
CA MET Q 175 62.85 -29.57 -21.62
C MET Q 175 62.34 -28.14 -21.61
N LEU Q 176 62.13 -27.57 -20.42
CA LEU Q 176 61.59 -26.22 -20.32
C LEU Q 176 62.65 -25.17 -20.67
N LYS Q 177 63.90 -25.37 -20.23
CA LYS Q 177 64.91 -24.33 -20.35
C LYS Q 177 65.37 -24.10 -21.79
N TYR Q 178 65.11 -25.06 -22.68
CA TYR Q 178 65.61 -24.94 -24.05
C TYR Q 178 64.82 -23.93 -24.85
N PHE Q 179 63.51 -23.87 -24.64
CA PHE Q 179 62.65 -22.94 -25.34
C PHE Q 179 62.56 -21.58 -24.66
N LEU Q 180 63.09 -21.46 -23.43
CA LEU Q 180 63.27 -20.16 -22.78
C LEU Q 180 64.50 -19.43 -23.25
N ARG Q 181 65.39 -20.10 -23.99
CA ARG Q 181 66.51 -19.44 -24.65
C ARG Q 181 66.40 -19.41 -26.17
N MET Q 182 65.58 -20.28 -26.77
CA MET Q 182 65.36 -20.24 -28.22
C MET Q 182 64.12 -19.44 -28.58
N ILE Q 183 62.95 -19.85 -28.09
CA ILE Q 183 61.70 -19.18 -28.45
C ILE Q 183 61.58 -17.89 -27.65
N PRO Q 184 61.32 -16.75 -28.30
CA PRO Q 184 61.06 -15.52 -27.54
C PRO Q 184 59.69 -15.51 -26.86
N SER Q 185 58.64 -15.88 -27.58
CA SER Q 185 57.26 -15.59 -27.16
C SER Q 185 56.44 -16.84 -26.86
N SER Q 186 57.02 -17.86 -26.24
CA SER Q 186 56.19 -18.90 -25.63
C SER Q 186 55.79 -18.55 -24.21
N MET Q 187 56.07 -17.32 -23.76
CA MET Q 187 55.67 -16.83 -22.46
C MET Q 187 54.20 -16.41 -22.41
N GLY Q 188 53.47 -16.49 -23.52
CA GLY Q 188 52.11 -16.00 -23.53
C GLY Q 188 51.11 -16.95 -22.89
N PHE Q 189 51.23 -18.25 -23.15
CA PHE Q 189 50.25 -19.22 -22.68
C PHE Q 189 50.72 -20.02 -21.47
N ILE Q 190 51.87 -19.66 -20.90
CA ILE Q 190 52.23 -20.17 -19.59
C ILE Q 190 51.85 -19.19 -18.49
N ASP Q 191 51.33 -18.02 -18.85
CA ASP Q 191 51.03 -16.96 -17.91
C ASP Q 191 49.73 -17.22 -17.13
N THR Q 192 49.00 -18.29 -17.47
CA THR Q 192 47.96 -18.85 -16.61
C THR Q 192 48.33 -20.24 -16.11
N TYR Q 193 49.62 -20.53 -15.95
CA TYR Q 193 50.08 -21.85 -15.52
C TYR Q 193 50.89 -21.85 -14.23
N LEU Q 194 51.09 -20.69 -13.60
CA LEU Q 194 51.91 -20.63 -12.39
C LEU Q 194 51.08 -20.81 -11.12
N ALA Q 195 50.13 -19.91 -10.88
CA ALA Q 195 49.21 -20.03 -9.77
C ALA Q 195 48.12 -21.06 -10.01
N LYS Q 196 48.05 -21.64 -11.21
CA LYS Q 196 47.06 -22.66 -11.53
C LYS Q 196 47.36 -23.96 -10.79
N PHE Q 197 48.63 -24.36 -10.76
CA PHE Q 197 49.04 -25.64 -10.19
C PHE Q 197 49.54 -25.49 -8.76
N PHE Q 198 48.90 -24.61 -7.99
CA PHE Q 198 49.07 -24.56 -6.55
C PHE Q 198 47.88 -25.23 -5.90
N PRO Q 199 47.97 -26.48 -5.47
CA PRO Q 199 46.91 -27.04 -4.63
C PRO Q 199 47.00 -26.49 -3.21
N ASN Q 200 45.92 -26.66 -2.47
CA ASN Q 200 45.94 -26.31 -1.06
C ASN Q 200 46.38 -27.55 -0.28
N LYS Q 201 46.38 -27.47 1.05
CA LYS Q 201 46.88 -28.56 1.89
C LYS Q 201 45.91 -29.73 2.01
N ASN Q 202 44.80 -29.75 1.28
CA ASN Q 202 43.99 -30.96 1.18
C ASN Q 202 44.74 -32.10 0.50
N ASP Q 203 45.67 -31.78 -0.40
CA ASP Q 203 46.59 -32.78 -0.92
C ASP Q 203 47.62 -33.10 0.15
N THR Q 204 48.24 -34.28 0.03
CA THR Q 204 49.22 -34.76 0.98
C THR Q 204 50.51 -33.92 0.89
N ARG Q 205 51.41 -34.16 1.86
CA ARG Q 205 52.47 -33.20 2.16
C ARG Q 205 53.56 -33.17 1.10
N ARG Q 206 54.01 -34.33 0.62
CA ARG Q 206 55.23 -34.39 -0.17
C ARG Q 206 55.07 -33.89 -1.61
N LYS Q 207 53.86 -33.83 -2.14
CA LYS Q 207 53.68 -33.26 -3.47
C LYS Q 207 53.77 -31.75 -3.43
N LEU Q 208 53.28 -31.14 -2.36
CA LEU Q 208 53.11 -29.69 -2.32
C LEU Q 208 54.45 -28.97 -2.14
N VAL Q 209 55.16 -29.27 -1.05
CA VAL Q 209 56.31 -28.45 -0.71
C VAL Q 209 57.55 -28.82 -1.52
N ASN Q 210 57.53 -29.97 -2.21
CA ASN Q 210 58.60 -30.25 -3.16
C ASN Q 210 58.46 -29.41 -4.41
N TYR Q 211 57.24 -28.96 -4.72
CA TYR Q 211 57.02 -28.04 -5.84
C TYR Q 211 57.59 -26.66 -5.55
N THR Q 212 57.75 -26.31 -4.26
CA THR Q 212 58.31 -25.02 -3.88
C THR Q 212 59.80 -24.92 -4.16
N SER Q 213 60.48 -26.05 -4.33
CA SER Q 213 61.91 -26.06 -4.62
C SER Q 213 62.21 -26.34 -6.09
N ASN Q 214 61.27 -26.93 -6.83
CA ASN Q 214 61.55 -27.38 -8.18
C ASN Q 214 61.61 -26.26 -9.21
N LEU Q 215 61.28 -25.02 -8.84
CA LEU Q 215 61.27 -23.92 -9.77
C LEU Q 215 62.43 -22.95 -9.57
N LEU Q 216 63.39 -23.31 -8.71
CA LEU Q 216 64.65 -22.59 -8.58
C LEU Q 216 65.72 -23.11 -9.54
N LYS Q 217 65.62 -24.38 -9.94
CA LYS Q 217 66.29 -24.85 -11.14
C LYS Q 217 65.80 -24.08 -12.37
N LEU Q 218 64.48 -23.94 -12.50
CA LEU Q 218 63.89 -23.38 -13.70
C LEU Q 218 64.13 -21.87 -13.79
N ARG Q 219 64.12 -21.17 -12.66
CA ARG Q 219 64.39 -19.74 -12.67
C ARG Q 219 65.87 -19.44 -12.89
N GLY Q 220 66.76 -20.35 -12.45
CA GLY Q 220 68.19 -20.09 -12.50
C GLY Q 220 68.76 -19.94 -13.90
N TYR Q 221 68.09 -20.50 -14.90
CA TYR Q 221 68.45 -20.30 -16.30
C TYR Q 221 67.58 -19.26 -16.99
N CYS Q 222 66.41 -18.95 -16.43
CA CYS Q 222 65.51 -17.93 -16.96
C CYS Q 222 65.63 -16.73 -16.03
N SER Q 223 66.67 -15.92 -16.25
CA SER Q 223 67.07 -14.88 -15.31
C SER Q 223 66.57 -13.50 -15.72
N GLU Q 224 66.58 -13.20 -17.01
CA GLU Q 224 66.28 -11.86 -17.51
C GLU Q 224 64.79 -11.52 -17.42
N LEU Q 225 63.93 -12.49 -17.10
CA LEU Q 225 62.50 -12.21 -17.02
C LEU Q 225 62.17 -11.52 -15.70
N GLY Q 226 62.60 -12.10 -14.58
CA GLY Q 226 62.60 -11.41 -13.31
C GLY Q 226 61.47 -11.60 -12.31
N PHE Q 227 60.21 -11.42 -12.72
CA PHE Q 227 59.14 -11.12 -11.77
C PHE Q 227 58.01 -12.15 -11.71
N GLN Q 228 57.75 -12.91 -12.78
CA GLN Q 228 56.56 -13.78 -12.84
C GLN Q 228 56.61 -14.91 -11.83
N ILE Q 229 57.78 -15.54 -11.70
CA ILE Q 229 57.92 -16.80 -10.96
C ILE Q 229 57.69 -16.58 -9.47
N TRP Q 230 57.97 -15.36 -8.99
CA TRP Q 230 57.72 -15.03 -7.59
C TRP Q 230 56.23 -14.89 -7.31
N SER Q 231 55.44 -14.44 -8.29
CA SER Q 231 54.10 -13.86 -8.11
C SER Q 231 53.07 -14.83 -7.52
N LEU Q 232 53.35 -16.13 -7.48
CA LEU Q 232 52.60 -17.07 -6.66
C LEU Q 232 53.20 -17.25 -5.28
N LEU Q 233 54.52 -17.46 -5.21
CA LEU Q 233 55.20 -17.76 -3.96
C LEU Q 233 55.39 -16.54 -3.07
N ILE Q 234 55.07 -15.33 -3.55
CA ILE Q 234 55.00 -14.18 -2.67
C ILE Q 234 53.68 -14.17 -1.92
N GLU Q 235 52.60 -14.61 -2.58
CA GLU Q 235 51.28 -14.62 -1.96
C GLU Q 235 51.15 -15.72 -0.91
N LYS Q 236 51.79 -16.86 -1.13
CA LYS Q 236 51.50 -18.06 -0.36
C LYS Q 236 52.42 -18.24 0.84
N ILE Q 237 53.28 -17.27 1.12
CA ILE Q 237 53.91 -17.21 2.45
C ILE Q 237 52.86 -16.79 3.47
N ILE Q 238 51.89 -15.99 3.04
CA ILE Q 238 50.91 -15.40 3.95
C ILE Q 238 49.89 -16.45 4.41
N SER Q 239 49.56 -17.41 3.54
CA SER Q 239 48.43 -18.31 3.78
C SER Q 239 48.69 -19.27 4.93
N ILE Q 240 49.91 -19.78 5.06
CA ILE Q 240 50.26 -20.56 6.24
C ILE Q 240 50.46 -19.64 7.45
N ASP Q 241 50.91 -18.42 7.22
CA ASP Q 241 51.18 -17.42 8.24
C ASP Q 241 49.89 -16.84 8.84
N VAL Q 242 48.87 -16.63 7.99
CA VAL Q 242 47.55 -16.21 8.44
C VAL Q 242 46.96 -17.22 9.42
N GLU Q 243 47.10 -18.52 9.12
CA GLU Q 243 46.66 -19.59 9.99
C GLU Q 243 47.68 -19.92 11.10
N LEU Q 244 48.60 -19.00 11.42
CA LEU Q 244 49.68 -19.28 12.35
C LEU Q 244 49.70 -18.37 13.58
N GLN Q 245 49.62 -17.05 13.37
CA GLN Q 245 49.68 -16.12 14.49
C GLN Q 245 48.37 -16.07 15.27
N ASN Q 246 47.24 -16.38 14.61
CA ASN Q 246 46.00 -16.59 15.34
C ASN Q 246 45.92 -17.98 15.98
N GLU Q 247 46.89 -18.85 15.69
CA GLU Q 247 47.13 -20.08 16.44
C GLU Q 247 48.35 -19.96 17.35
N LEU Q 248 48.71 -18.74 17.72
CA LEU Q 248 49.82 -18.49 18.64
C LEU Q 248 49.27 -18.06 19.99
N GLY Q 324 46.75 -30.29 13.85
CA GLY Q 324 46.29 -29.21 12.98
C GLY Q 324 47.14 -27.96 13.10
N ILE Q 325 48.01 -27.96 14.11
CA ILE Q 325 48.95 -26.86 14.31
C ILE Q 325 50.33 -27.48 14.15
N LYS Q 326 50.43 -28.80 14.38
CA LYS Q 326 51.68 -29.51 14.18
C LYS Q 326 52.03 -29.66 12.70
N GLU Q 327 51.02 -29.60 11.81
CA GLU Q 327 51.29 -29.63 10.38
C GLU Q 327 51.94 -28.35 9.89
N LEU Q 328 51.88 -27.27 10.66
CA LEU Q 328 52.60 -26.04 10.36
C LEU Q 328 54.02 -26.05 10.89
N SER Q 329 54.45 -27.14 11.54
CA SER Q 329 55.80 -27.18 12.09
C SER Q 329 56.83 -27.61 11.05
N THR Q 330 56.70 -28.84 10.55
CA THR Q 330 57.69 -29.38 9.63
C THR Q 330 57.50 -28.84 8.21
N LYS Q 331 56.30 -28.41 7.85
CA LYS Q 331 56.11 -27.77 6.55
C LYS Q 331 56.75 -26.39 6.52
N LEU Q 332 56.69 -25.66 7.63
CA LEU Q 332 57.42 -24.39 7.73
C LEU Q 332 58.92 -24.65 7.78
N ASP Q 333 59.33 -25.78 8.37
CA ASP Q 333 60.70 -26.24 8.25
C ASP Q 333 61.02 -26.63 6.80
N SER Q 334 60.01 -27.09 6.06
CA SER Q 334 60.18 -27.42 4.66
C SER Q 334 60.10 -26.21 3.74
N ILE Q 335 59.92 -25.01 4.28
CA ILE Q 335 59.95 -23.78 3.50
C ILE Q 335 61.08 -22.86 3.95
N LEU Q 336 61.21 -22.64 5.27
CA LEU Q 336 62.13 -21.62 5.78
C LEU Q 336 63.59 -22.00 5.55
N THR Q 337 63.98 -23.20 5.95
CA THR Q 337 65.33 -23.65 5.66
C THR Q 337 65.50 -23.98 4.18
N LEU Q 338 64.42 -24.33 3.48
CA LEU Q 338 64.50 -24.64 2.06
C LEU Q 338 64.73 -23.39 1.22
N VAL Q 339 63.79 -22.45 1.27
CA VAL Q 339 63.78 -21.36 0.30
C VAL Q 339 64.85 -20.32 0.64
N SER Q 340 65.08 -20.05 1.93
CA SER Q 340 66.06 -19.05 2.32
C SER Q 340 67.50 -19.55 2.29
N THR Q 341 67.76 -20.70 1.68
CA THR Q 341 69.12 -21.18 1.44
C THR Q 341 69.46 -21.22 -0.04
N HIS Q 342 68.56 -21.75 -0.88
CA HIS Q 342 68.86 -21.83 -2.30
C HIS Q 342 68.70 -20.47 -2.99
N VAL Q 343 67.73 -19.66 -2.55
CA VAL Q 343 67.66 -18.28 -3.01
C VAL Q 343 68.82 -17.48 -2.44
N GLU Q 344 69.32 -17.86 -1.26
CA GLU Q 344 70.52 -17.25 -0.72
C GLU Q 344 71.74 -17.57 -1.57
N GLU Q 345 71.77 -18.74 -2.20
CA GLU Q 345 72.83 -19.03 -3.17
C GLU Q 345 72.59 -18.39 -4.53
N GLN Q 346 71.39 -17.84 -4.77
CA GLN Q 346 71.20 -17.05 -5.98
C GLN Q 346 71.84 -15.68 -5.83
N VAL Q 347 71.54 -14.98 -4.73
CA VAL Q 347 72.13 -13.68 -4.44
C VAL Q 347 73.52 -13.91 -3.87
N THR Q 348 74.55 -13.63 -4.65
CA THR Q 348 75.89 -14.07 -4.31
C THR Q 348 76.90 -13.02 -4.76
N PRO Q 349 78.04 -12.89 -4.06
CA PRO Q 349 79.05 -11.90 -4.47
C PRO Q 349 79.73 -12.18 -5.80
N GLU Q 350 79.62 -13.40 -6.35
CA GLU Q 350 80.21 -13.69 -7.66
C GLU Q 350 79.36 -13.15 -8.82
N SER Q 351 78.24 -12.49 -8.54
CA SER Q 351 77.38 -11.93 -9.55
C SER Q 351 76.89 -10.56 -9.12
N LEU Q 352 77.80 -9.72 -8.62
CA LEU Q 352 77.42 -8.38 -8.18
C LEU Q 352 77.20 -7.45 -9.38
N GLU Q 353 78.27 -7.20 -10.14
CA GLU Q 353 78.24 -6.22 -11.22
C GLU Q 353 78.56 -6.84 -12.58
N SER Q 354 78.64 -8.15 -12.67
CA SER Q 354 78.90 -8.83 -13.94
C SER Q 354 77.75 -9.73 -14.39
N GLY Q 355 77.03 -10.35 -13.47
CA GLY Q 355 75.93 -11.22 -13.85
C GLY Q 355 74.60 -10.51 -13.92
N GLU Q 356 73.62 -11.00 -13.16
CA GLU Q 356 72.28 -10.45 -13.11
C GLU Q 356 71.88 -10.03 -11.70
N GLY Q 357 72.85 -9.68 -10.86
CA GLY Q 357 72.56 -9.44 -9.46
C GLY Q 357 71.94 -8.11 -9.15
N VAL Q 358 72.19 -7.09 -9.98
CA VAL Q 358 71.55 -5.80 -9.77
C VAL Q 358 70.07 -5.88 -10.12
N GLY Q 359 69.71 -6.72 -11.09
CA GLY Q 359 68.31 -6.93 -11.43
C GLY Q 359 67.52 -7.66 -10.37
N VAL Q 360 68.20 -8.31 -9.42
CA VAL Q 360 67.51 -8.99 -8.32
C VAL Q 360 66.91 -7.97 -7.36
N PHE Q 361 67.69 -6.93 -7.03
CA PHE Q 361 67.28 -5.95 -6.02
C PHE Q 361 66.22 -4.99 -6.52
N ASN Q 362 66.06 -4.83 -7.84
CA ASN Q 362 65.22 -3.76 -8.40
C ASN Q 362 63.74 -3.97 -8.09
N THR Q 363 63.30 -5.21 -7.90
CA THR Q 363 61.89 -5.50 -7.67
C THR Q 363 61.67 -6.43 -6.49
N LEU Q 364 62.64 -6.58 -5.60
CA LEU Q 364 62.42 -7.22 -4.32
C LEU Q 364 62.27 -6.22 -3.17
N THR Q 365 61.96 -4.96 -3.49
CA THR Q 365 61.55 -3.98 -2.50
C THR Q 365 60.08 -3.63 -2.63
N THR Q 366 59.64 -3.28 -3.85
CA THR Q 366 58.24 -2.96 -4.09
C THR Q 366 57.36 -4.21 -3.97
N LEU Q 367 57.90 -5.38 -4.30
CA LEU Q 367 57.16 -6.62 -4.09
C LEU Q 367 57.07 -6.97 -2.60
N PHE Q 368 58.08 -6.58 -1.82
CA PHE Q 368 57.98 -6.70 -0.38
C PHE Q 368 56.99 -5.69 0.19
N LYS Q 369 56.86 -4.54 -0.49
CA LYS Q 369 56.00 -3.46 -0.01
C LYS Q 369 54.52 -3.79 -0.23
N THR Q 370 54.21 -4.66 -1.19
CA THR Q 370 52.82 -4.94 -1.53
C THR Q 370 52.34 -6.30 -1.03
N HIS Q 371 53.16 -7.03 -0.27
CA HIS Q 371 52.64 -8.26 0.35
C HIS Q 371 53.14 -8.49 1.76
N VAL Q 372 53.80 -7.51 2.39
CA VAL Q 372 54.09 -7.53 3.81
C VAL Q 372 53.45 -6.35 4.53
N LEU Q 373 53.46 -5.19 3.91
CA LEU Q 373 52.80 -4.00 4.41
C LEU Q 373 51.27 -3.99 4.33
N PRO Q 374 50.59 -4.47 3.26
CA PRO Q 374 49.11 -4.43 3.30
C PRO Q 374 48.47 -5.40 4.26
N THR Q 375 49.14 -6.48 4.65
CA THR Q 375 48.57 -7.32 5.69
C THR Q 375 49.21 -6.98 7.04
N TYR Q 376 48.42 -7.07 8.10
CA TYR Q 376 48.88 -6.75 9.44
C TYR Q 376 48.59 -7.94 10.34
N TYR Q 377 49.43 -8.08 11.38
CA TYR Q 377 49.43 -9.22 12.31
C TYR Q 377 49.51 -10.53 11.52
N THR Q 378 50.64 -10.68 10.82
CA THR Q 378 50.88 -11.85 9.98
C THR Q 378 52.40 -12.01 9.97
N ARG Q 379 52.93 -12.86 10.84
CA ARG Q 379 54.36 -12.81 11.20
C ARG Q 379 55.07 -14.12 10.89
N SER Q 380 55.40 -14.33 9.62
CA SER Q 380 56.47 -15.23 9.22
C SER Q 380 57.12 -14.75 7.92
N ILE Q 381 56.83 -13.54 7.45
CA ILE Q 381 57.12 -13.14 6.08
C ILE Q 381 58.26 -12.14 5.97
N GLN Q 382 58.60 -11.43 7.05
CA GLN Q 382 59.71 -10.46 6.98
C GLN Q 382 61.10 -11.11 7.01
N TYR Q 383 61.21 -12.42 6.74
CA TYR Q 383 62.48 -13.13 6.75
C TYR Q 383 63.00 -13.42 5.34
N ILE Q 384 62.56 -12.66 4.34
CA ILE Q 384 63.00 -12.89 2.97
C ILE Q 384 64.38 -12.28 2.74
N MET Q 385 64.49 -10.96 2.91
CA MET Q 385 65.75 -10.25 2.80
C MET Q 385 66.38 -9.97 4.16
N PHE Q 386 65.95 -10.67 5.20
CA PHE Q 386 66.49 -10.54 6.55
C PHE Q 386 67.75 -11.38 6.74
N HIS Q 387 68.12 -12.17 5.74
CA HIS Q 387 69.17 -13.17 5.90
C HIS Q 387 70.28 -13.10 4.85
N VAL Q 388 69.98 -12.69 3.62
CA VAL Q 388 70.98 -12.73 2.55
C VAL Q 388 71.81 -11.44 2.47
N SER Q 389 71.29 -10.31 2.96
CA SER Q 389 72.00 -9.04 2.92
C SER Q 389 72.56 -8.64 4.27
N GLN Q 390 72.24 -9.37 5.34
CA GLN Q 390 73.00 -9.25 6.58
C GLN Q 390 74.34 -9.96 6.51
N GLN Q 391 74.51 -10.84 5.52
CA GLN Q 391 75.78 -11.51 5.29
C GLN Q 391 76.87 -10.54 4.81
N GLN Q 392 76.48 -9.38 4.27
CA GLN Q 392 77.45 -8.44 3.74
C GLN Q 392 77.29 -7.06 4.34
N LEU Q 393 77.99 -6.08 3.77
CA LEU Q 393 77.99 -4.70 4.24
C LEU Q 393 77.17 -3.77 3.35
N GLU Q 394 77.29 -3.92 2.03
CA GLU Q 394 76.65 -2.96 1.13
C GLU Q 394 75.17 -3.26 0.92
N LEU Q 395 74.80 -4.54 0.79
CA LEU Q 395 73.42 -4.88 0.46
C LEU Q 395 72.45 -4.72 1.62
N MET Q 396 72.96 -4.67 2.86
CA MET Q 396 72.16 -4.12 3.96
C MET Q 396 71.93 -2.64 3.76
N ASP Q 397 72.98 -1.89 3.41
CA ASP Q 397 72.87 -0.46 3.21
C ASP Q 397 72.14 -0.11 1.91
N SER Q 398 72.03 -1.07 0.98
CA SER Q 398 71.08 -0.93 -0.11
C SER Q 398 69.64 -1.02 0.40
N PHE Q 399 69.41 -1.77 1.47
CA PHE Q 399 68.09 -1.79 2.08
C PHE Q 399 67.94 -0.70 3.14
N LEU Q 400 69.04 -0.05 3.54
CA LEU Q 400 68.94 1.09 4.44
C LEU Q 400 68.41 2.32 3.72
N VAL Q 401 68.64 2.44 2.41
CA VAL Q 401 67.98 3.49 1.66
C VAL Q 401 66.55 3.08 1.30
N THR Q 402 66.25 1.79 1.38
CA THR Q 402 64.90 1.31 1.07
C THR Q 402 63.91 1.76 2.13
N LEU Q 403 64.32 1.74 3.40
CA LEU Q 403 63.45 2.18 4.49
C LEU Q 403 63.28 3.69 4.54
N ILE Q 404 64.10 4.44 3.80
CA ILE Q 404 64.05 5.91 3.90
C ILE Q 404 62.85 6.46 3.15
N ASP Q 405 62.71 6.12 1.87
CA ASP Q 405 61.77 6.80 0.97
C ASP Q 405 60.30 6.53 1.25
N ILE Q 406 59.98 5.64 2.19
CA ILE Q 406 58.62 5.16 2.35
C ILE Q 406 57.75 6.20 3.02
N SER Q 407 58.04 6.52 4.27
CA SER Q 407 57.13 7.33 5.08
C SER Q 407 57.30 8.83 4.86
N PHE Q 408 58.24 9.26 4.01
CA PHE Q 408 58.65 10.66 3.96
C PHE Q 408 58.04 11.44 2.80
N ALA Q 409 56.78 11.17 2.46
CA ALA Q 409 56.07 11.98 1.47
C ALA Q 409 54.69 12.37 2.02
N VAL Q 410 53.94 13.10 1.21
CA VAL Q 410 52.71 13.76 1.66
C VAL Q 410 51.47 12.96 1.26
N ASN Q 411 51.36 12.62 -0.02
CA ASN Q 411 50.15 12.01 -0.57
C ASN Q 411 50.20 10.48 -0.54
N GLU Q 412 50.89 9.91 0.45
CA GLU Q 412 50.98 8.47 0.62
C GLU Q 412 49.80 8.00 1.47
N ALA Q 413 49.87 6.77 1.98
CA ALA Q 413 48.79 6.13 2.71
C ALA Q 413 48.61 6.74 4.10
N ALA Q 414 47.72 6.16 4.90
CA ALA Q 414 47.41 6.69 6.22
C ALA Q 414 48.42 6.24 7.27
N GLU Q 415 48.54 4.92 7.48
CA GLU Q 415 49.44 4.38 8.49
C GLU Q 415 50.82 4.01 7.95
N LYS Q 416 51.34 4.79 7.01
CA LYS Q 416 52.65 4.52 6.46
C LYS Q 416 53.79 5.10 7.32
N LYS Q 417 53.48 5.99 8.26
CA LYS Q 417 54.53 6.59 9.09
C LYS Q 417 55.01 5.66 10.21
N ILE Q 418 54.19 4.70 10.63
CA ILE Q 418 54.52 3.91 11.81
C ILE Q 418 55.42 2.74 11.45
N LYS Q 419 54.90 1.80 10.64
CA LYS Q 419 55.52 0.49 10.50
C LYS Q 419 56.83 0.54 9.74
N SER Q 420 56.93 1.42 8.74
CA SER Q 420 58.09 1.45 7.87
C SER Q 420 59.34 1.93 8.62
N LEU Q 421 59.16 2.87 9.54
CA LEU Q 421 60.25 3.24 10.43
C LEU Q 421 60.32 2.33 11.65
N GLN Q 422 59.26 1.54 11.91
CA GLN Q 422 59.43 0.42 12.82
C GLN Q 422 60.18 -0.73 12.19
N TYR Q 423 60.30 -0.76 10.86
CA TYR Q 423 61.24 -1.67 10.21
C TYR Q 423 62.70 -1.25 10.36
N LEU Q 424 62.98 -0.16 11.09
CA LEU Q 424 64.31 0.24 11.48
C LEU Q 424 64.62 -0.11 12.93
N GLY Q 425 63.64 -0.64 13.67
CA GLY Q 425 63.85 -0.88 15.09
C GLY Q 425 64.75 -2.07 15.38
N SER Q 426 64.35 -3.25 14.93
CA SER Q 426 65.12 -4.47 15.15
C SER Q 426 65.93 -4.88 13.91
N TYR Q 427 65.96 -4.03 12.89
CA TYR Q 427 66.90 -4.10 11.78
C TYR Q 427 68.25 -3.50 12.14
N ILE Q 428 68.32 -2.77 13.26
CA ILE Q 428 69.55 -2.21 13.77
C ILE Q 428 70.01 -2.93 15.03
N ALA Q 429 69.06 -3.30 15.91
CA ALA Q 429 69.38 -3.78 17.25
C ALA Q 429 69.87 -5.22 17.25
N ARG Q 430 69.03 -6.16 16.83
CA ARG Q 430 69.27 -7.59 17.02
C ARG Q 430 70.26 -8.20 16.02
N ALA Q 431 70.94 -7.39 15.20
CA ALA Q 431 71.89 -7.93 14.23
C ALA Q 431 73.32 -7.68 14.69
N LYS Q 432 74.28 -8.00 13.83
CA LYS Q 432 75.71 -7.87 14.14
C LYS Q 432 76.50 -7.13 13.07
N LYS Q 433 76.20 -7.35 11.79
CA LYS Q 433 76.94 -6.73 10.69
C LYS Q 433 76.23 -5.45 10.28
N LEU Q 434 76.67 -4.33 10.86
CA LEU Q 434 76.16 -3.01 10.50
C LEU Q 434 77.34 -2.06 10.45
N SER Q 435 77.35 -1.17 9.47
CA SER Q 435 78.29 -0.06 9.53
C SER Q 435 77.77 0.93 10.55
N ARG Q 436 78.18 0.77 11.81
CA ARG Q 436 77.60 1.55 12.91
C ARG Q 436 78.08 2.99 12.92
N THR Q 437 79.14 3.30 12.17
CA THR Q 437 79.48 4.69 11.89
C THR Q 437 78.52 5.31 10.87
N GLN Q 438 77.78 4.48 10.13
CA GLN Q 438 76.77 4.99 9.21
C GLN Q 438 75.37 4.99 9.80
N ILE Q 439 75.13 4.22 10.88
CA ILE Q 439 73.80 4.13 11.47
C ILE Q 439 73.39 5.47 12.09
N ILE Q 440 74.33 6.13 12.77
CA ILE Q 440 74.11 7.50 13.18
C ILE Q 440 74.14 8.43 11.97
N PHE Q 441 74.98 8.11 10.97
CA PHE Q 441 75.18 9.02 9.85
C PHE Q 441 74.02 9.00 8.86
N VAL Q 442 73.58 7.82 8.43
CA VAL Q 442 72.52 7.74 7.43
C VAL Q 442 71.18 8.14 8.04
N ALA Q 443 70.92 7.69 9.26
CA ALA Q 443 69.69 8.07 9.98
C ALA Q 443 69.87 9.36 10.78
N SER Q 444 70.82 10.22 10.39
CA SER Q 444 70.95 11.53 11.02
C SER Q 444 69.78 12.44 10.72
N TYR Q 445 69.11 12.22 9.59
CA TYR Q 445 67.91 12.98 9.25
C TYR Q 445 66.76 12.71 10.22
N LEU Q 446 66.72 11.51 10.82
CA LEU Q 446 65.74 11.22 11.85
C LEU Q 446 66.13 11.84 13.19
N THR Q 447 67.43 12.00 13.47
CA THR Q 447 67.84 12.84 14.58
C THR Q 447 67.76 14.32 14.22
N SER Q 448 67.89 14.64 12.93
CA SER Q 448 67.54 15.98 12.45
C SER Q 448 66.04 16.19 12.32
N TRP Q 449 65.26 15.10 12.28
CA TRP Q 449 63.83 15.23 12.44
C TRP Q 449 63.48 15.69 13.85
N LEU Q 450 64.19 15.13 14.85
CA LEU Q 450 63.95 15.47 16.26
C LEU Q 450 64.31 16.91 16.59
N ASN Q 451 65.20 17.53 15.81
CA ASN Q 451 65.40 18.97 15.89
C ASN Q 451 64.36 19.72 15.05
N ARG Q 452 63.98 19.15 13.90
CA ARG Q 452 62.97 19.80 13.06
C ARG Q 452 61.60 19.73 13.72
N TYR Q 453 61.35 18.69 14.50
CA TYR Q 453 60.06 18.54 15.15
C TYR Q 453 59.88 19.51 16.31
N VAL Q 454 60.97 20.01 16.89
CA VAL Q 454 60.89 20.89 18.06
C VAL Q 454 61.04 22.36 17.67
N ILE Q 455 61.60 22.67 16.50
CA ILE Q 455 61.70 24.06 16.07
C ILE Q 455 60.41 24.51 15.40
N GLU Q 456 60.04 23.86 14.30
CA GLU Q 456 58.94 24.35 13.47
C GLU Q 456 57.59 23.80 13.87
N ARG Q 457 57.55 22.70 14.63
CA ARG Q 457 56.31 21.95 14.83
C ARG Q 457 56.00 21.79 16.32
N GLU Q 458 56.06 22.89 17.06
CA GLU Q 458 55.51 22.95 18.42
C GLU Q 458 54.79 24.28 18.66
N GLU Q 459 53.94 24.68 17.71
CA GLU Q 459 53.08 25.86 17.83
C GLU Q 459 51.66 25.55 17.36
N GLU Q 460 51.25 24.29 17.43
CA GLU Q 460 50.03 23.82 16.81
C GLU Q 460 49.11 23.01 17.73
N VAL Q 461 49.47 22.81 18.99
CA VAL Q 461 48.77 21.81 19.81
C VAL Q 461 47.46 22.34 20.40
N ASP Q 462 47.43 23.61 20.86
CA ASP Q 462 46.20 24.22 21.41
C ASP Q 462 45.15 24.57 20.36
N GLN Q 463 45.34 24.17 19.12
CA GLN Q 463 44.39 24.41 18.04
C GLN Q 463 43.37 23.28 18.03
N ARG Q 464 42.61 23.15 16.95
CA ARG Q 464 41.59 22.12 16.82
C ARG Q 464 42.25 20.74 16.70
N GLY Q 465 42.08 19.92 17.72
CA GLY Q 465 42.62 18.58 17.65
C GLY Q 465 43.24 18.07 18.94
N GLY Q 466 43.47 16.77 19.00
CA GLY Q 466 44.04 16.10 20.15
C GLY Q 466 45.53 15.84 19.99
N MET Q 467 45.97 14.70 20.50
CA MET Q 467 47.39 14.38 20.52
C MET Q 467 47.80 13.43 19.41
N GLU Q 468 46.85 12.68 18.82
CA GLU Q 468 47.15 11.55 17.95
C GLU Q 468 47.31 11.93 16.48
N ARG Q 469 47.71 13.17 16.18
CA ARG Q 469 48.12 13.55 14.83
C ARG Q 469 49.49 13.01 14.46
N PHE Q 470 50.24 12.51 15.43
CA PHE Q 470 51.69 12.37 15.34
C PHE Q 470 52.11 10.95 15.68
N LYS Q 471 51.52 10.00 14.95
CA LYS Q 471 51.96 8.60 14.94
C LYS Q 471 53.44 8.44 14.61
N HIS Q 472 54.02 9.40 13.87
CA HIS Q 472 55.43 9.50 13.54
C HIS Q 472 56.29 9.79 14.76
N PHE Q 473 55.70 10.26 15.85
CA PHE Q 473 56.44 10.74 17.02
C PHE Q 473 56.53 9.73 18.15
N TYR Q 474 55.50 8.93 18.39
CA TYR Q 474 55.59 7.92 19.43
C TYR Q 474 56.21 6.61 18.94
N ALA Q 475 56.64 6.54 17.68
CA ALA Q 475 57.16 5.32 17.10
C ALA Q 475 58.61 5.43 16.66
N ALA Q 476 58.96 6.41 15.81
CA ALA Q 476 60.34 6.54 15.36
C ALA Q 476 61.25 7.03 16.47
N PHE Q 477 60.72 7.82 17.39
CA PHE Q 477 61.44 8.12 18.62
C PHE Q 477 61.52 6.89 19.52
N GLN Q 478 60.48 6.05 19.51
CA GLN Q 478 60.51 4.80 20.24
C GLN Q 478 61.45 3.80 19.56
N ALA Q 479 61.50 3.81 18.22
CA ALA Q 479 62.35 2.86 17.51
C ALA Q 479 63.83 3.18 17.69
N LEU Q 480 64.18 4.45 17.87
CA LEU Q 480 65.56 4.80 18.21
C LEU Q 480 65.83 4.51 19.68
N CYS Q 481 64.80 4.59 20.53
CA CYS Q 481 64.88 4.10 21.90
C CYS Q 481 64.64 2.60 22.00
N TYR Q 482 64.26 1.94 20.90
CA TYR Q 482 64.31 0.49 20.80
C TYR Q 482 65.72 0.00 20.52
N ILE Q 483 66.60 0.89 20.05
CA ILE Q 483 68.03 0.61 19.97
C ILE Q 483 68.69 0.83 21.32
N PHE Q 484 68.00 1.53 22.24
CA PHE Q 484 68.62 2.01 23.48
C PHE Q 484 68.96 0.88 24.44
N CYS Q 485 67.99 0.05 24.80
CA CYS Q 485 68.20 -0.91 25.87
C CYS Q 485 69.00 -2.14 25.47
N PHE Q 486 69.51 -2.21 24.23
CA PHE Q 486 70.11 -3.43 23.73
C PHE Q 486 71.60 -3.34 23.44
N ARG Q 487 72.12 -2.15 23.16
CA ARG Q 487 73.49 -1.97 22.67
C ARG Q 487 74.20 -0.83 23.38
N HIS Q 488 74.20 -0.86 24.72
CA HIS Q 488 74.75 0.26 25.49
C HIS Q 488 76.26 0.43 25.34
N ASN Q 489 76.99 -0.62 24.93
CA ASN Q 489 78.41 -0.45 24.65
C ASN Q 489 78.68 0.20 23.30
N ILE Q 490 77.68 0.23 22.41
CA ILE Q 490 77.78 1.06 21.22
C ILE Q 490 77.54 2.53 21.56
N PHE Q 491 76.66 2.80 22.55
CA PHE Q 491 76.33 4.16 22.94
C PHE Q 491 77.40 4.86 23.77
N ARG Q 492 78.62 4.32 23.84
CA ARG Q 492 79.74 5.00 24.47
C ARG Q 492 80.95 5.02 23.53
N ASP Q 493 81.66 6.13 23.53
CA ASP Q 493 82.90 6.29 22.79
C ASP Q 493 84.09 6.03 23.71
N THR Q 494 85.30 6.31 23.21
CA THR Q 494 86.56 6.08 23.93
C THR Q 494 86.88 7.23 24.89
N ASP Q 495 86.50 8.46 24.50
CA ASP Q 495 86.93 9.65 25.22
C ASP Q 495 86.25 9.76 26.59
N GLY Q 496 84.92 9.65 26.62
CA GLY Q 496 84.20 9.73 27.89
C GLY Q 496 82.92 10.54 27.83
N ASN Q 497 82.68 11.19 26.70
CA ASN Q 497 81.47 11.98 26.51
C ASN Q 497 80.31 11.07 26.12
N TRP Q 498 79.22 11.65 25.65
CA TRP Q 498 78.10 10.89 25.13
C TRP Q 498 78.01 11.05 23.62
N GLU Q 499 77.36 10.07 22.98
CA GLU Q 499 77.16 10.12 21.53
C GLU Q 499 76.12 11.17 21.19
N CYS Q 500 76.56 12.23 20.48
CA CYS Q 500 75.73 13.37 20.07
C CYS Q 500 75.11 14.10 21.26
N GLU Q 501 75.85 14.15 22.38
CA GLU Q 501 75.51 14.91 23.59
C GLU Q 501 74.14 14.49 24.15
N LEU Q 502 74.11 13.25 24.66
CA LEU Q 502 72.89 12.67 25.22
C LEU Q 502 72.40 13.38 26.48
N ASP Q 503 73.20 14.27 27.07
CA ASP Q 503 72.77 15.04 28.22
C ASP Q 503 71.87 16.21 27.88
N LYS Q 504 71.58 16.46 26.59
CA LYS Q 504 70.65 17.52 26.22
C LYS Q 504 69.62 17.02 25.20
N PHE Q 505 70.02 16.06 24.36
CA PHE Q 505 69.21 15.68 23.20
C PHE Q 505 67.97 14.91 23.61
N PHE Q 506 68.14 13.90 24.46
CA PHE Q 506 67.02 13.18 25.06
C PHE Q 506 66.56 13.81 26.36
N GLN Q 507 67.01 15.03 26.65
CA GLN Q 507 66.59 15.80 27.82
C GLN Q 507 65.59 16.88 27.46
N ARG Q 508 65.65 17.43 26.25
CA ARG Q 508 64.77 18.52 25.84
C ARG Q 508 63.32 18.09 25.61
N MET Q 509 63.06 16.79 25.49
CA MET Q 509 61.76 16.30 25.04
C MET Q 509 60.91 15.76 26.20
N VAL Q 510 61.06 16.30 27.41
CA VAL Q 510 60.38 15.73 28.57
C VAL Q 510 59.04 16.41 28.80
N ILE Q 511 59.04 17.71 29.05
CA ILE Q 511 57.87 18.41 29.56
C ILE Q 511 57.22 19.27 28.47
N SER Q 512 57.30 18.81 27.22
CA SER Q 512 56.76 19.55 26.09
C SER Q 512 55.24 19.34 26.00
N LYS Q 513 54.66 19.74 24.87
CA LYS Q 513 53.22 19.65 24.64
C LYS Q 513 52.75 18.27 24.16
N PHE Q 514 53.53 17.21 24.36
CA PHE Q 514 53.11 15.87 23.95
C PHE Q 514 53.24 14.83 25.04
N ASN Q 515 54.13 15.05 26.02
CA ASN Q 515 54.50 14.13 27.10
C ASN Q 515 54.88 12.76 26.53
N PRO Q 516 56.10 12.62 25.96
CA PRO Q 516 56.50 11.33 25.36
C PRO Q 516 56.76 10.21 26.36
N LEU Q 517 56.48 10.45 27.64
CA LEU Q 517 56.45 9.43 28.67
C LEU Q 517 55.03 9.20 29.19
N LYS Q 518 54.02 9.52 28.39
CA LYS Q 518 52.62 9.30 28.76
C LYS Q 518 51.96 8.22 27.90
N PHE Q 519 52.01 8.35 26.59
CA PHE Q 519 51.42 7.34 25.71
C PHE Q 519 52.56 6.50 25.14
N CYS Q 520 52.78 5.35 25.76
CA CYS Q 520 53.92 4.50 25.46
C CYS Q 520 53.49 3.04 25.33
N ASN Q 521 54.48 2.18 25.14
CA ASN Q 521 54.30 0.72 25.07
C ASN Q 521 54.52 0.12 26.46
N GLU Q 522 54.24 -1.17 26.60
CA GLU Q 522 54.45 -1.81 27.90
C GLU Q 522 55.85 -2.42 28.01
N ASN Q 523 56.19 -3.32 27.08
CA ASN Q 523 57.38 -4.16 27.24
C ASN Q 523 58.66 -3.35 27.13
N VAL Q 524 58.90 -2.75 25.96
CA VAL Q 524 60.15 -2.03 25.76
C VAL Q 524 60.10 -0.65 26.42
N MET Q 525 58.94 0.00 26.43
CA MET Q 525 58.87 1.32 27.05
C MET Q 525 58.72 1.27 28.56
N LEU Q 526 58.85 0.10 29.20
CA LEU Q 526 59.14 0.01 30.62
C LEU Q 526 60.42 -0.76 30.91
N MET Q 527 61.28 -0.93 29.89
CA MET Q 527 62.69 -1.23 30.09
C MET Q 527 63.48 0.06 30.28
N PHE Q 528 62.79 1.20 30.25
CA PHE Q 528 63.23 2.57 30.44
C PHE Q 528 63.59 2.87 31.90
N ALA Q 529 63.45 1.90 32.81
CA ALA Q 529 63.60 2.09 34.25
C ALA Q 529 64.93 1.59 34.80
N ARG Q 530 65.54 0.56 34.20
CA ARG Q 530 66.83 0.09 34.69
C ARG Q 530 67.97 1.00 34.21
N ILE Q 531 68.10 1.13 32.89
CA ILE Q 531 69.31 1.69 32.30
C ILE Q 531 69.33 3.22 32.41
N ALA Q 532 68.17 3.85 32.63
CA ALA Q 532 68.13 5.31 32.71
C ALA Q 532 68.76 5.84 33.99
N GLN Q 533 68.78 5.06 35.06
CA GLN Q 533 69.34 5.51 36.33
C GLN Q 533 70.77 5.02 36.57
N GLN Q 534 71.04 3.75 36.28
CA GLN Q 534 72.36 3.19 36.57
C GLN Q 534 73.42 3.66 35.58
N GLU Q 535 73.01 4.04 34.37
CA GLU Q 535 73.91 4.64 33.39
C GLU Q 535 73.78 6.15 33.33
N SER Q 536 72.89 6.73 34.15
CA SER Q 536 72.59 8.17 34.21
C SER Q 536 72.17 8.72 32.85
N VAL Q 537 71.06 8.19 32.34
CA VAL Q 537 70.52 8.61 31.05
C VAL Q 537 69.41 9.64 31.21
N ALA Q 538 68.40 9.32 32.00
CA ALA Q 538 67.26 10.22 32.17
C ALA Q 538 66.69 10.05 33.57
N TYR Q 539 65.62 10.78 33.83
CA TYR Q 539 64.96 10.78 35.15
C TYR Q 539 63.45 10.85 34.91
N CYS Q 540 62.76 9.74 35.18
CA CYS Q 540 61.32 9.66 34.96
C CYS Q 540 60.59 8.95 36.10
N PHE Q 541 61.21 8.84 37.28
CA PHE Q 541 60.67 8.02 38.37
C PHE Q 541 59.63 8.73 39.20
N SER Q 542 59.59 10.07 39.16
CA SER Q 542 58.52 10.84 39.78
C SER Q 542 57.44 11.23 38.78
N ILE Q 543 57.43 10.61 37.60
CA ILE Q 543 56.50 10.97 36.54
C ILE Q 543 55.56 9.78 36.29
N ILE Q 544 56.04 8.58 36.62
CA ILE Q 544 55.28 7.35 36.40
C ILE Q 544 54.02 7.33 37.27
N GLU Q 545 54.12 7.82 38.51
CA GLU Q 545 52.93 8.01 39.34
C GLU Q 545 52.05 9.12 38.79
N ASN Q 546 52.64 10.13 38.15
CA ASN Q 546 51.88 11.24 37.59
C ASN Q 546 51.28 10.91 36.23
N ASN Q 547 51.70 9.81 35.60
CA ASN Q 547 51.09 9.40 34.33
C ASN Q 547 49.64 8.98 34.53
N ASN Q 548 49.39 7.96 35.35
CA ASN Q 548 48.05 7.41 35.49
C ASN Q 548 47.18 8.17 36.50
N ASN Q 549 47.17 9.50 36.38
CA ASN Q 549 46.13 10.37 36.92
C ASN Q 549 45.44 11.15 35.81
N GLU Q 550 46.21 11.84 34.97
CA GLU Q 550 45.67 12.34 33.72
C GLU Q 550 45.35 11.20 32.76
N ARG Q 551 46.16 10.16 32.77
CA ARG Q 551 45.91 9.01 31.92
C ARG Q 551 45.15 7.96 32.72
N THR Q 581 40.27 3.81 13.89
CA THR Q 581 39.80 4.74 14.91
C THR Q 581 40.93 5.10 15.87
N ARG Q 582 40.68 4.91 17.17
CA ARG Q 582 41.68 5.06 18.20
C ARG Q 582 41.71 3.87 19.17
N GLN Q 583 40.58 3.19 19.39
CA GLN Q 583 40.56 2.04 20.26
C GLN Q 583 41.35 0.87 19.68
N GLN Q 584 41.37 0.72 18.35
CA GLN Q 584 42.22 -0.26 17.68
C GLN Q 584 43.45 0.38 17.04
N PHE Q 585 43.80 1.60 17.46
CA PHE Q 585 45.05 2.21 17.01
C PHE Q 585 46.26 1.57 17.71
N ILE Q 586 46.04 0.87 18.82
CA ILE Q 586 47.13 0.21 19.54
C ILE Q 586 47.58 -1.05 18.81
N ASP Q 587 46.72 -1.61 17.94
CA ASP Q 587 47.02 -2.86 17.22
C ASP Q 587 48.20 -2.70 16.27
N LEU Q 588 48.41 -1.50 15.72
CA LEU Q 588 49.56 -1.27 14.85
C LEU Q 588 50.79 -0.82 15.63
N GLN Q 589 50.58 -0.20 16.80
CA GLN Q 589 51.66 0.28 17.65
C GLN Q 589 51.94 -0.66 18.83
N SER Q 590 51.85 -1.97 18.63
CA SER Q 590 52.22 -2.90 19.68
C SER Q 590 53.15 -3.98 19.13
N TYR Q 591 52.99 -4.32 17.85
CA TYR Q 591 53.81 -5.34 17.21
C TYR Q 591 55.08 -4.73 16.65
N PHE Q 592 56.23 -5.33 17.00
CA PHE Q 592 57.57 -5.01 16.51
C PHE Q 592 57.97 -6.04 15.46
N PRO Q 593 58.53 -5.59 14.31
CA PRO Q 593 58.63 -6.47 13.13
C PRO Q 593 59.58 -7.65 13.26
N TYR Q 594 60.82 -7.40 13.64
CA TYR Q 594 61.81 -8.48 13.69
C TYR Q 594 61.97 -8.95 15.14
N ASP Q 595 60.97 -9.72 15.58
CA ASP Q 595 60.94 -10.26 16.93
C ASP Q 595 61.98 -11.37 17.12
N PRO Q 596 62.27 -11.76 18.37
CA PRO Q 596 63.11 -12.96 18.60
C PRO Q 596 62.54 -14.22 17.99
N LEU Q 597 63.45 -15.13 17.65
CA LEU Q 597 63.13 -16.31 16.85
C LEU Q 597 62.74 -17.47 17.76
N PHE Q 598 61.66 -18.17 17.40
CA PHE Q 598 61.09 -19.24 18.22
C PHE Q 598 61.40 -20.64 17.72
N LEU Q 599 61.56 -20.84 16.41
CA LEU Q 599 61.74 -22.17 15.85
C LEU Q 599 63.13 -22.72 16.19
N LYS Q 600 63.29 -24.02 15.97
CA LYS Q 600 64.50 -24.74 16.35
C LYS Q 600 65.36 -25.17 15.17
N ASN Q 601 64.81 -25.20 13.96
CA ASN Q 601 65.54 -25.66 12.79
C ASN Q 601 65.64 -24.63 11.68
N TYR Q 602 65.03 -23.45 11.84
CA TYR Q 602 65.44 -22.30 11.05
C TYR Q 602 66.42 -21.41 11.80
N LYS Q 603 66.56 -21.62 13.12
CA LYS Q 603 67.61 -20.97 13.91
C LYS Q 603 69.01 -21.44 13.50
N ILE Q 604 69.09 -22.55 12.76
CA ILE Q 604 70.31 -22.95 12.05
C ILE Q 604 70.83 -21.80 11.19
N LEU Q 605 69.93 -21.17 10.42
CA LEU Q 605 70.39 -20.09 9.57
C LEU Q 605 70.54 -18.77 10.32
N MET Q 606 69.63 -18.47 11.25
CA MET Q 606 69.58 -17.11 11.80
C MET Q 606 70.09 -16.97 13.23
N LYS Q 607 70.87 -17.92 13.74
CA LYS Q 607 71.62 -17.62 14.96
C LYS Q 607 72.97 -17.02 14.58
N GLU Q 608 73.19 -16.85 13.27
CA GLU Q 608 74.45 -16.34 12.75
C GLU Q 608 74.66 -14.87 13.13
N TYR Q 609 73.70 -14.02 12.78
CA TYR Q 609 73.77 -12.61 13.11
C TYR Q 609 72.69 -12.21 14.10
N TYR Q 610 72.51 -13.03 15.14
CA TYR Q 610 71.54 -12.76 16.19
C TYR Q 610 72.19 -13.02 17.55
N ILE Q 611 72.16 -12.01 18.42
CA ILE Q 611 72.87 -12.03 19.69
C ILE Q 611 71.81 -12.14 20.78
N GLU Q 612 72.24 -12.55 21.98
CA GLU Q 612 71.35 -12.61 23.13
C GLU Q 612 71.16 -11.21 23.73
N TRP Q 613 70.61 -11.16 24.95
CA TRP Q 613 70.08 -9.91 25.52
C TRP Q 613 71.15 -8.86 25.76
N SER Q 614 72.39 -9.28 26.02
CA SER Q 614 73.49 -8.33 26.19
C SER Q 614 74.35 -8.29 24.93
ZN ZN R . -11.58 8.79 -56.96
ZN ZN S . 20.00 -18.53 -25.28
ZN ZN T . 21.35 -5.90 -34.01
ZN ZN U . -72.42 -5.57 -26.87
ZN ZN V . -2.24 -6.34 47.39
ZN ZN W . -13.63 -47.15 21.47
#